data_5HXW
#
_entry.id   5HXW
#
_cell.length_a   100.314
_cell.length_b   104.575
_cell.length_c   105.419
_cell.angle_alpha   64.52
_cell.angle_beta   73.06
_cell.angle_gamma   61.17
#
_symmetry.space_group_name_H-M   'P 1'
#
loop_
_entity.id
_entity.type
_entity.pdbx_description
1 polymer 'L-amino acid deaminase'
2 non-polymer 'FLAVIN-ADENINE DINUCLEOTIDE'
3 non-polymer CETYL-TRIMETHYL-AMMONIUM
4 water water
#
_entity_poly.entity_id   1
_entity_poly.type   'polypeptide(L)'
_entity_poly.pdbx_seq_one_letter_code
;MRGSHHHHHHGSREGRFVPGTPRHGFVEGTEGALPKQADVVVVGAGILGIMTAINLVERGLSVVIVEKGNIAGEQSSRFY
GQAISYKMPDETFLLHHLGKHRWREMNAKVGIDTTYRTQGRVEVPLDEEDLVNVRKWIDERSKNVGSDIPFKTRIIEGAE
LNQRLRGATTDWKIAGFEEDSGSFDPEVATFVMAEYAKKMGVRIYTQCAARGLETQAGVISDVVTEKGAIKTSQVVVAGG
VWSRLFMQNLNVDVPTLPAYQSQQLISGSPTAPGGNVALPGGIFFREQADGTYATSPRVIVAPVVKESFTYGYKYLPLLA
LPDFPVHISLNEQLINSFMQSTHWNLDEVSPFEQFRNMTALPDLPELNASLEKLKAEFPAFKESKLIDQWSGAMAIAPDE
NPIISEVKEYPGLVINTATGWGMTESPVSAELTADLLLGKKPVLDPKPFSLYRF
;
_entity_poly.pdbx_strand_id   A,B,C,D,E,F
#
loop_
_chem_comp.id
_chem_comp.type
_chem_comp.name
_chem_comp.formula
16A non-polymer CETYL-TRIMETHYL-AMMONIUM 'C19 H42 N 1'
FAD non-polymer 'FLAVIN-ADENINE DINUCLEOTIDE' 'C27 H33 N9 O15 P2'
#
# COMPACT_ATOMS: atom_id res chain seq x y z
N PRO A 22 0.58 -5.02 -12.25
CA PRO A 22 0.62 -5.07 -13.70
C PRO A 22 0.62 -6.48 -14.27
N ARG A 23 1.57 -7.33 -13.83
CA ARG A 23 1.69 -8.72 -14.28
C ARG A 23 2.89 -9.46 -13.64
N HIS A 24 4.02 -8.77 -13.51
CA HIS A 24 5.29 -9.42 -13.15
C HIS A 24 6.09 -8.88 -11.94
N GLY A 25 6.16 -7.56 -11.80
CA GLY A 25 6.89 -6.94 -10.69
C GLY A 25 8.35 -6.71 -11.01
N PHE A 26 8.82 -5.50 -10.72
CA PHE A 26 10.14 -5.03 -11.11
C PHE A 26 10.77 -4.17 -10.02
N VAL A 27 12.08 -4.39 -9.79
CA VAL A 27 12.87 -3.54 -8.90
C VAL A 27 13.93 -2.80 -9.71
N GLU A 28 13.91 -1.48 -9.64
CA GLU A 28 14.91 -0.64 -10.28
C GLU A 28 16.26 -0.74 -9.54
N GLY A 29 17.34 -0.80 -10.31
CA GLY A 29 18.68 -0.83 -9.76
C GLY A 29 19.17 0.52 -9.24
N THR A 30 20.33 0.49 -8.57
CA THR A 30 21.02 1.67 -8.08
C THR A 30 21.51 2.50 -9.27
N GLU A 31 21.18 3.79 -9.24
CA GLU A 31 21.50 4.71 -10.34
C GLU A 31 22.85 5.42 -10.11
N GLY A 32 23.34 6.06 -11.16
CA GLY A 32 24.63 6.76 -11.11
C GLY A 32 25.79 5.90 -11.57
N ALA A 33 27.00 6.42 -11.39
CA ALA A 33 28.23 5.75 -11.83
C ALA A 33 28.51 4.49 -11.01
N LEU A 34 29.18 3.52 -11.65
CA LEU A 34 29.69 2.33 -10.99
C LEU A 34 30.82 2.75 -10.03
N PRO A 35 30.79 2.25 -8.77
CA PRO A 35 31.75 2.68 -7.74
C PRO A 35 33.18 2.19 -8.00
N LYS A 36 34.15 2.99 -7.56
CA LYS A 36 35.56 2.61 -7.61
C LYS A 36 35.86 1.41 -6.71
N GLN A 37 35.28 1.42 -5.52
CA GLN A 37 35.60 0.45 -4.47
C GLN A 37 34.35 -0.13 -3.81
N ALA A 38 34.47 -1.36 -3.32
CA ALA A 38 33.44 -2.02 -2.50
C ALA A 38 34.10 -2.99 -1.51
N ASP A 39 33.50 -3.13 -0.33
CA ASP A 39 33.99 -4.07 0.69
C ASP A 39 33.83 -5.52 0.23
N VAL A 40 32.69 -5.82 -0.38
CA VAL A 40 32.39 -7.13 -0.96
C VAL A 40 31.46 -6.97 -2.18
N VAL A 41 31.77 -7.71 -3.24
CA VAL A 41 30.99 -7.69 -4.47
C VAL A 41 30.25 -9.03 -4.64
N VAL A 42 28.94 -8.95 -4.81
CA VAL A 42 28.10 -10.11 -5.07
C VAL A 42 27.76 -10.18 -6.56
N VAL A 43 28.04 -11.33 -7.16
CA VAL A 43 27.72 -11.59 -8.57
C VAL A 43 26.34 -12.27 -8.65
N GLY A 44 25.33 -11.50 -9.03
CA GLY A 44 23.96 -12.02 -9.15
C GLY A 44 22.94 -11.43 -8.19
N ALA A 45 21.87 -10.87 -8.76
CA ALA A 45 20.75 -10.34 -7.98
C ALA A 45 19.54 -11.27 -7.98
N GLY A 46 19.81 -12.56 -7.73
CA GLY A 46 18.77 -13.51 -7.39
C GLY A 46 18.70 -13.60 -5.87
N ILE A 47 17.85 -14.50 -5.38
CA ILE A 47 17.58 -14.62 -3.95
C ILE A 47 18.84 -14.89 -3.10
N LEU A 48 19.70 -15.79 -3.57
CA LEU A 48 20.92 -16.15 -2.86
C LEU A 48 21.88 -14.98 -2.75
N GLY A 49 22.00 -14.20 -3.83
CA GLY A 49 22.83 -13.00 -3.85
C GLY A 49 22.28 -11.89 -2.96
N ILE A 50 20.96 -11.69 -3.04
CA ILE A 50 20.25 -10.68 -2.25
C ILE A 50 20.33 -10.98 -0.75
N MET A 51 20.04 -12.22 -0.35
CA MET A 51 20.03 -12.62 1.05
C MET A 51 21.42 -12.59 1.69
N THR A 52 22.43 -13.06 0.93
CA THR A 52 23.85 -13.00 1.36
C THR A 52 24.29 -11.55 1.58
N ALA A 53 23.88 -10.67 0.67
CA ALA A 53 24.12 -9.23 0.79
C ALA A 53 23.57 -8.66 2.10
N ILE A 54 22.33 -9.04 2.42
CA ILE A 54 21.64 -8.58 3.63
C ILE A 54 22.40 -9.03 4.88
N ASN A 55 22.73 -10.32 4.92
CA ASN A 55 23.48 -10.93 6.02
C ASN A 55 24.84 -10.25 6.28
N LEU A 56 25.51 -9.85 5.19
CA LEU A 56 26.80 -9.15 5.26
C LEU A 56 26.67 -7.73 5.83
N VAL A 57 25.63 -7.01 5.40
CA VAL A 57 25.33 -5.65 5.89
C VAL A 57 25.06 -5.65 7.40
N GLU A 58 24.30 -6.64 7.87
CA GLU A 58 24.04 -6.87 9.30
C GLU A 58 25.31 -7.07 10.13
N ARG A 59 26.34 -7.63 9.50
CA ARG A 59 27.67 -7.78 10.11
C ARG A 59 28.54 -6.52 9.98
N GLY A 60 28.07 -5.55 9.19
CA GLY A 60 28.72 -4.25 9.08
C GLY A 60 29.48 -3.94 7.80
N LEU A 61 29.35 -4.82 6.80
CA LEU A 61 30.02 -4.63 5.50
C LEU A 61 29.13 -3.89 4.50
N SER A 62 29.78 -3.15 3.61
CA SER A 62 29.10 -2.40 2.56
C SER A 62 29.18 -3.21 1.27
N VAL A 63 28.02 -3.62 0.78
CA VAL A 63 27.98 -4.58 -0.33
C VAL A 63 27.49 -3.96 -1.65
N VAL A 64 28.03 -4.47 -2.75
CA VAL A 64 27.59 -4.12 -4.11
C VAL A 64 27.24 -5.41 -4.83
N ILE A 65 26.01 -5.47 -5.34
CA ILE A 65 25.57 -6.56 -6.22
C ILE A 65 25.65 -6.10 -7.67
N VAL A 66 26.33 -6.88 -8.50
CA VAL A 66 26.28 -6.70 -9.96
C VAL A 66 25.36 -7.76 -10.58
N GLU A 67 24.54 -7.31 -11.53
CA GLU A 67 23.52 -8.14 -12.16
C GLU A 67 23.52 -7.89 -13.67
N LYS A 68 23.65 -8.97 -14.44
CA LYS A 68 23.74 -8.90 -15.90
C LYS A 68 22.43 -8.51 -16.57
N GLY A 69 21.31 -8.82 -15.92
CA GLY A 69 19.98 -8.49 -16.42
C GLY A 69 19.23 -7.60 -15.44
N ASN A 70 17.97 -7.94 -15.22
CA ASN A 70 17.15 -7.28 -14.20
C ASN A 70 17.17 -8.08 -12.91
N ILE A 71 16.96 -7.39 -11.79
CA ILE A 71 16.82 -8.01 -10.47
C ILE A 71 15.79 -9.15 -10.50
N ALA A 72 16.23 -10.33 -10.08
CA ALA A 72 15.41 -11.57 -10.01
C ALA A 72 14.77 -11.96 -11.35
N GLY A 73 15.51 -11.76 -12.44
CA GLY A 73 15.00 -12.04 -13.78
C GLY A 73 14.98 -13.51 -14.18
N GLU A 74 15.70 -14.35 -13.44
CA GLU A 74 15.81 -15.78 -13.77
C GLU A 74 15.07 -16.66 -12.74
N GLN A 75 15.76 -17.68 -12.19
CA GLN A 75 15.18 -18.62 -11.20
C GLN A 75 14.30 -18.01 -10.09
N SER A 76 14.75 -16.87 -9.56
CA SER A 76 14.13 -16.22 -8.40
C SER A 76 12.76 -15.56 -8.63
N SER A 77 12.26 -15.64 -9.86
CA SER A 77 10.89 -15.24 -10.19
C SER A 77 10.22 -16.27 -11.09
N ARG A 78 10.80 -17.47 -11.16
CA ARG A 78 10.31 -18.52 -12.06
C ARG A 78 10.09 -19.86 -11.33
N PHE A 79 9.98 -19.78 -10.00
CA PHE A 79 9.84 -20.96 -9.14
C PHE A 79 8.38 -21.36 -8.87
N TYR A 80 8.20 -22.59 -8.41
CA TYR A 80 6.89 -23.15 -8.07
C TYR A 80 6.28 -22.46 -6.85
N GLY A 81 7.02 -22.41 -5.75
CA GLY A 81 6.68 -21.58 -4.60
C GLY A 81 6.48 -22.21 -3.24
N GLN A 82 6.97 -23.44 -3.06
CA GLN A 82 6.80 -24.14 -1.79
C GLN A 82 8.08 -24.19 -0.95
N ALA A 83 7.93 -23.87 0.34
CA ALA A 83 9.01 -23.99 1.32
C ALA A 83 8.75 -25.20 2.19
N ILE A 84 9.36 -26.31 1.82
CA ILE A 84 9.10 -27.60 2.47
C ILE A 84 10.35 -28.32 2.97
N SER A 85 10.19 -29.04 4.08
CA SER A 85 11.25 -29.89 4.61
C SER A 85 11.01 -31.36 4.29
N TYR A 86 9.89 -31.63 3.62
CA TYR A 86 9.40 -32.99 3.33
C TYR A 86 10.38 -33.82 2.49
N LYS A 87 10.59 -35.07 2.92
CA LYS A 87 11.48 -36.05 2.27
C LYS A 87 12.97 -35.64 2.12
N MET A 88 13.34 -34.49 2.70
CA MET A 88 14.71 -33.96 2.61
C MET A 88 15.71 -34.83 3.38
N PRO A 89 16.88 -35.14 2.77
CA PRO A 89 17.93 -35.91 3.43
C PRO A 89 18.58 -35.15 4.59
N ASP A 90 19.39 -35.87 5.38
CA ASP A 90 20.10 -35.30 6.54
C ASP A 90 21.01 -34.12 6.19
N GLU A 91 21.52 -34.12 4.97
CA GLU A 91 22.39 -33.06 4.45
C GLU A 91 21.70 -31.70 4.36
N THR A 92 20.43 -31.70 3.93
CA THR A 92 19.70 -30.45 3.65
C THR A 92 18.53 -30.15 4.61
N PHE A 93 18.15 -31.12 5.44
CA PHE A 93 16.98 -30.96 6.31
C PHE A 93 17.02 -29.69 7.15
N LEU A 94 18.07 -29.52 7.95
CA LEU A 94 18.21 -28.37 8.86
C LEU A 94 18.32 -27.04 8.12
N LEU A 95 18.86 -27.07 6.91
CA LEU A 95 18.87 -25.93 6.00
C LEU A 95 17.45 -25.51 5.59
N HIS A 96 16.56 -26.49 5.44
CA HIS A 96 15.15 -26.27 5.12
C HIS A 96 14.28 -25.99 6.35
N HIS A 97 14.56 -26.71 7.43
CA HIS A 97 13.83 -26.59 8.69
C HIS A 97 13.95 -25.19 9.29
N LEU A 98 15.17 -24.64 9.27
CA LEU A 98 15.45 -23.29 9.73
C LEU A 98 15.03 -22.22 8.72
N GLY A 99 15.16 -22.55 7.43
CA GLY A 99 14.71 -21.69 6.34
C GLY A 99 13.26 -21.32 6.53
N LYS A 100 12.42 -22.33 6.74
CA LYS A 100 11.02 -22.16 7.11
C LYS A 100 10.82 -21.22 8.31
N HIS A 101 11.59 -21.44 9.37
CA HIS A 101 11.54 -20.65 10.61
C HIS A 101 11.89 -19.17 10.39
N ARG A 102 12.94 -18.93 9.60
CA ARG A 102 13.39 -17.56 9.31
C ARG A 102 12.48 -16.83 8.33
N TRP A 103 11.83 -17.59 7.45
CA TRP A 103 10.82 -17.06 6.55
C TRP A 103 9.51 -16.69 7.28
N ARG A 104 9.24 -17.38 8.40
CA ARG A 104 8.08 -17.08 9.25
C ARG A 104 8.23 -15.74 9.98
N GLU A 105 9.48 -15.31 10.16
CA GLU A 105 9.81 -14.03 10.78
C GLU A 105 10.08 -12.93 9.76
N MET A 106 10.04 -13.28 8.47
CA MET A 106 10.44 -12.38 7.36
C MET A 106 9.54 -11.16 7.18
N ASN A 107 8.22 -11.38 7.19
CA ASN A 107 7.24 -10.29 7.06
C ASN A 107 7.35 -9.23 8.16
N ALA A 108 7.57 -9.70 9.39
CA ALA A 108 7.82 -8.82 10.55
C ALA A 108 9.16 -8.09 10.45
N LYS A 109 10.19 -8.79 9.95
CA LYS A 109 11.54 -8.23 9.81
C LYS A 109 11.60 -7.13 8.73
N VAL A 110 11.07 -7.44 7.55
CA VAL A 110 11.05 -6.52 6.40
C VAL A 110 10.06 -5.36 6.62
N GLY A 111 8.88 -5.69 7.18
CA GLY A 111 7.81 -4.72 7.39
C GLY A 111 6.92 -4.52 6.17
N ILE A 112 7.18 -5.31 5.12
CA ILE A 112 6.36 -5.36 3.90
C ILE A 112 6.07 -6.83 3.63
N ASP A 113 4.92 -7.12 3.03
CA ASP A 113 4.51 -8.49 2.74
C ASP A 113 5.32 -9.12 1.60
N THR A 114 6.09 -10.16 1.95
CA THR A 114 6.86 -10.95 0.99
C THR A 114 5.97 -11.97 0.27
N THR A 115 4.74 -12.10 0.76
CA THR A 115 3.75 -13.16 0.41
C THR A 115 4.07 -14.54 0.99
N TYR A 116 5.02 -14.60 1.93
CA TYR A 116 5.25 -15.84 2.67
C TYR A 116 4.08 -16.15 3.60
N ARG A 117 3.57 -17.37 3.45
CA ARG A 117 2.47 -17.88 4.25
C ARG A 117 2.82 -19.25 4.82
N THR A 118 2.39 -19.51 6.05
CA THR A 118 2.45 -20.85 6.63
C THR A 118 1.16 -21.54 6.17
N GLN A 119 1.32 -22.50 5.26
CA GLN A 119 0.20 -22.98 4.43
C GLN A 119 -0.30 -24.40 4.72
N GLY A 120 0.63 -25.33 4.92
CA GLY A 120 0.28 -26.75 5.04
C GLY A 120 0.34 -27.47 3.70
N ARG A 121 0.83 -28.70 3.71
CA ARG A 121 1.00 -29.49 2.50
C ARG A 121 0.64 -30.96 2.75
N VAL A 122 -0.20 -31.51 1.87
CA VAL A 122 -0.52 -32.95 1.89
C VAL A 122 0.05 -33.65 0.66
N GLU A 123 0.83 -34.71 0.92
CA GLU A 123 1.29 -35.59 -0.14
C GLU A 123 0.76 -37.01 0.08
N VAL A 124 -0.11 -37.44 -0.83
CA VAL A 124 -0.59 -38.82 -0.86
C VAL A 124 0.50 -39.67 -1.54
N PRO A 125 0.98 -40.73 -0.84
CA PRO A 125 2.00 -41.62 -1.41
C PRO A 125 1.51 -42.42 -2.62
N LEU A 126 2.45 -42.88 -3.45
CA LEU A 126 2.14 -43.62 -4.67
C LEU A 126 1.79 -45.08 -4.36
N ASP A 127 2.74 -45.79 -3.75
CA ASP A 127 2.60 -47.20 -3.39
C ASP A 127 2.44 -47.38 -1.88
N GLU A 128 2.19 -48.61 -1.45
CA GLU A 128 2.26 -48.99 -0.04
C GLU A 128 3.70 -48.89 0.50
N GLU A 129 4.67 -49.17 -0.38
CA GLU A 129 6.10 -49.06 -0.08
C GLU A 129 6.51 -47.61 0.16
N ASP A 130 5.96 -46.70 -0.64
CA ASP A 130 6.17 -45.26 -0.50
C ASP A 130 5.61 -44.73 0.83
N LEU A 131 4.48 -45.29 1.25
CA LEU A 131 3.84 -44.97 2.53
C LEU A 131 4.73 -45.35 3.74
N VAL A 132 5.38 -46.51 3.64
CA VAL A 132 6.30 -47.00 4.67
C VAL A 132 7.56 -46.11 4.73
N ASN A 133 8.10 -45.77 3.56
CA ASN A 133 9.24 -44.85 3.44
C ASN A 133 8.95 -43.46 4.00
N VAL A 134 7.73 -42.98 3.75
CA VAL A 134 7.24 -41.71 4.29
C VAL A 134 7.10 -41.78 5.82
N ARG A 135 6.47 -42.85 6.31
CA ARG A 135 6.31 -43.09 7.74
C ARG A 135 7.64 -43.16 8.49
N LYS A 136 8.60 -43.90 7.94
CA LYS A 136 9.94 -44.04 8.52
C LYS A 136 10.67 -42.70 8.59
N TRP A 137 10.61 -41.93 7.50
CA TRP A 137 11.25 -40.62 7.42
C TRP A 137 10.73 -39.63 8.47
N ILE A 138 9.41 -39.64 8.69
CA ILE A 138 8.77 -38.80 9.71
C ILE A 138 9.14 -39.25 11.12
N ASP A 139 9.11 -40.57 11.35
CA ASP A 139 9.46 -41.16 12.65
C ASP A 139 10.92 -40.99 13.04
N GLU A 140 11.83 -41.15 12.07
CA GLU A 140 13.27 -40.96 12.27
C GLU A 140 13.61 -39.52 12.64
N ARG A 141 12.95 -38.57 11.98
CA ARG A 141 13.18 -37.14 12.18
C ARG A 141 12.49 -36.56 13.43
N SER A 142 11.43 -37.21 13.90
CA SER A 142 10.74 -36.81 15.12
C SER A 142 11.56 -37.11 16.38
N LYS A 143 12.19 -38.28 16.40
CA LYS A 143 13.04 -38.71 17.52
C LYS A 143 14.34 -37.89 17.63
N ASN A 144 14.89 -37.52 16.47
CA ASN A 144 16.07 -36.67 16.38
C ASN A 144 15.82 -35.54 15.39
N VAL A 145 15.45 -34.37 15.91
CA VAL A 145 15.10 -33.21 15.09
C VAL A 145 16.37 -32.43 14.66
N GLY A 146 17.29 -32.25 15.61
CA GLY A 146 18.53 -31.52 15.38
C GLY A 146 18.42 -30.02 15.61
N SER A 147 17.25 -29.59 16.09
CA SER A 147 16.96 -28.18 16.36
C SER A 147 15.90 -28.05 17.45
N ASP A 148 15.94 -26.92 18.16
CA ASP A 148 14.94 -26.59 19.18
C ASP A 148 13.66 -25.94 18.59
N ILE A 149 13.61 -25.84 17.26
CA ILE A 149 12.41 -25.45 16.50
C ILE A 149 11.54 -26.70 16.32
N PRO A 150 10.27 -26.65 16.80
CA PRO A 150 9.38 -27.83 16.78
C PRO A 150 9.06 -28.33 15.36
N PHE A 151 9.08 -29.65 15.22
CA PHE A 151 8.83 -30.35 13.96
C PHE A 151 7.34 -30.66 13.85
N LYS A 152 6.72 -30.21 12.76
CA LYS A 152 5.26 -30.26 12.60
C LYS A 152 4.79 -31.00 11.33
N THR A 153 5.31 -32.21 11.13
CA THR A 153 4.91 -33.07 10.02
C THR A 153 4.42 -34.42 10.55
N ARG A 154 3.24 -34.83 10.10
CA ARG A 154 2.62 -36.08 10.54
C ARG A 154 1.75 -36.71 9.46
N ILE A 155 1.49 -38.01 9.61
CA ILE A 155 0.61 -38.77 8.71
C ILE A 155 -0.83 -38.48 9.14
N ILE A 156 -1.69 -38.14 8.17
CA ILE A 156 -3.10 -37.85 8.46
C ILE A 156 -4.09 -38.72 7.67
N GLU A 157 -5.19 -39.07 8.33
CA GLU A 157 -6.26 -39.89 7.74
C GLU A 157 -7.62 -39.22 7.97
N GLY A 158 -8.63 -39.72 7.27
CA GLY A 158 -10.04 -39.36 7.52
C GLY A 158 -10.42 -37.91 7.30
N ALA A 159 -11.15 -37.36 8.27
CA ALA A 159 -11.73 -36.01 8.21
C ALA A 159 -10.70 -34.89 8.01
N GLU A 160 -9.56 -35.00 8.68
CA GLU A 160 -8.44 -34.07 8.56
C GLU A 160 -7.87 -34.00 7.14
N LEU A 161 -7.86 -35.15 6.46
CA LEU A 161 -7.39 -35.24 5.07
C LEU A 161 -8.41 -34.70 4.07
N ASN A 162 -9.67 -35.08 4.27
CA ASN A 162 -10.76 -34.69 3.37
C ASN A 162 -11.10 -33.20 3.43
N GLN A 163 -10.77 -32.56 4.56
CA GLN A 163 -10.88 -31.11 4.72
C GLN A 163 -9.81 -30.40 3.91
N ARG A 164 -8.66 -31.07 3.75
CA ARG A 164 -7.52 -30.56 2.98
C ARG A 164 -7.65 -30.85 1.48
N LEU A 165 -8.57 -31.74 1.12
CA LEU A 165 -8.82 -32.12 -0.27
C LEU A 165 -10.29 -31.92 -0.66
N ARG A 166 -10.81 -30.71 -0.43
CA ARG A 166 -12.20 -30.37 -0.71
C ARG A 166 -12.48 -30.31 -2.22
N GLY A 167 -13.48 -31.11 -2.64
CA GLY A 167 -13.88 -31.21 -4.04
C GLY A 167 -12.95 -32.10 -4.87
N ALA A 168 -12.45 -33.16 -4.25
CA ALA A 168 -11.60 -34.15 -4.92
C ALA A 168 -12.44 -35.32 -5.44
N THR A 169 -12.12 -35.77 -6.65
CA THR A 169 -12.85 -36.86 -7.32
C THR A 169 -12.50 -38.23 -6.72
N THR A 170 -11.20 -38.47 -6.52
CA THR A 170 -10.70 -39.74 -5.99
C THR A 170 -10.82 -39.77 -4.46
N ASP A 171 -11.18 -40.93 -3.93
CA ASP A 171 -11.27 -41.14 -2.49
C ASP A 171 -9.88 -41.46 -1.92
N TRP A 172 -9.10 -40.40 -1.70
CA TRP A 172 -7.76 -40.52 -1.11
C TRP A 172 -7.87 -40.85 0.38
N LYS A 173 -7.14 -41.87 0.81
CA LYS A 173 -7.28 -42.44 2.15
C LYS A 173 -6.24 -41.98 3.18
N ILE A 174 -5.00 -41.76 2.71
CA ILE A 174 -3.87 -41.47 3.60
C ILE A 174 -2.86 -40.49 2.95
N ALA A 175 -2.31 -39.59 3.76
CA ALA A 175 -1.30 -38.61 3.29
C ALA A 175 -0.34 -38.10 4.37
N GLY A 176 0.85 -37.70 3.92
CA GLY A 176 1.84 -37.03 4.76
C GLY A 176 1.59 -35.54 4.78
N PHE A 177 1.40 -35.00 5.99
CA PHE A 177 0.96 -33.63 6.18
C PHE A 177 2.03 -32.78 6.88
N GLU A 178 2.72 -31.95 6.09
CA GLU A 178 3.62 -30.92 6.62
C GLU A 178 2.80 -29.66 6.89
N GLU A 179 2.36 -29.55 8.15
CA GLU A 179 1.45 -28.48 8.59
C GLU A 179 2.03 -27.07 8.47
N ASP A 180 3.33 -26.94 8.71
CA ASP A 180 4.01 -25.65 8.67
C ASP A 180 4.76 -25.37 7.36
N SER A 181 4.34 -26.04 6.28
CA SER A 181 4.94 -25.84 4.95
C SER A 181 4.69 -24.42 4.45
N GLY A 182 5.72 -23.81 3.89
CA GLY A 182 5.68 -22.42 3.47
C GLY A 182 5.22 -22.21 2.05
N SER A 183 4.70 -21.02 1.80
CA SER A 183 4.31 -20.59 0.47
C SER A 183 4.86 -19.19 0.21
N PHE A 184 5.51 -19.02 -0.95
CA PHE A 184 5.89 -17.70 -1.48
C PHE A 184 5.59 -17.61 -2.97
N ASP A 185 5.22 -16.41 -3.41
CA ASP A 185 4.80 -16.17 -4.79
C ASP A 185 5.94 -15.62 -5.65
N PRO A 186 6.20 -16.23 -6.83
CA PRO A 186 7.32 -15.87 -7.71
C PRO A 186 7.36 -14.41 -8.18
N GLU A 187 6.19 -13.80 -8.33
CA GLU A 187 6.08 -12.43 -8.84
C GLU A 187 6.35 -11.36 -7.76
N VAL A 188 6.47 -11.78 -6.51
CA VAL A 188 6.60 -10.84 -5.39
C VAL A 188 7.85 -11.12 -4.53
N ALA A 189 8.00 -12.36 -4.07
CA ALA A 189 8.95 -12.72 -2.99
C ALA A 189 10.36 -12.08 -3.05
N THR A 190 11.13 -12.42 -4.08
CA THR A 190 12.52 -11.93 -4.21
C THR A 190 12.57 -10.41 -4.40
N PHE A 191 11.59 -9.87 -5.12
CA PHE A 191 11.50 -8.42 -5.37
C PHE A 191 11.39 -7.57 -4.09
N VAL A 192 10.57 -8.03 -3.14
CA VAL A 192 10.41 -7.38 -1.83
C VAL A 192 11.73 -7.44 -1.05
N MET A 193 12.41 -8.60 -1.12
CA MET A 193 13.71 -8.80 -0.48
C MET A 193 14.82 -7.93 -1.07
N ALA A 194 14.69 -7.61 -2.36
CA ALA A 194 15.60 -6.69 -3.05
C ALA A 194 15.41 -5.25 -2.60
N GLU A 195 14.15 -4.83 -2.46
CA GLU A 195 13.81 -3.48 -1.97
C GLU A 195 14.26 -3.29 -0.53
N TYR A 196 14.09 -4.34 0.27
CA TYR A 196 14.56 -4.39 1.65
C TYR A 196 16.10 -4.32 1.74
N ALA A 197 16.78 -5.01 0.82
CA ALA A 197 18.23 -4.92 0.69
C ALA A 197 18.67 -3.49 0.39
N LYS A 198 18.07 -2.89 -0.63
CA LYS A 198 18.33 -1.50 -1.03
C LYS A 198 18.12 -0.48 0.10
N LYS A 199 17.08 -0.68 0.90
CA LYS A 199 16.79 0.16 2.08
C LYS A 199 17.87 0.05 3.17
N MET A 200 18.57 -1.09 3.21
CA MET A 200 19.69 -1.32 4.13
C MET A 200 21.02 -0.73 3.66
N GLY A 201 21.06 -0.29 2.39
CA GLY A 201 22.27 0.29 1.81
C GLY A 201 22.99 -0.62 0.83
N VAL A 202 22.35 -1.74 0.48
CA VAL A 202 22.85 -2.63 -0.57
C VAL A 202 22.65 -1.92 -1.91
N ARG A 203 23.75 -1.83 -2.66
CA ARG A 203 23.72 -1.23 -4.00
C ARG A 203 23.68 -2.34 -5.05
N ILE A 204 22.67 -2.27 -5.92
CA ILE A 204 22.50 -3.26 -6.99
C ILE A 204 22.57 -2.59 -8.35
N TYR A 205 23.56 -2.97 -9.15
CA TYR A 205 23.75 -2.41 -10.49
C TYR A 205 23.31 -3.40 -11.57
N THR A 206 22.21 -3.06 -12.24
CA THR A 206 21.56 -3.91 -13.25
C THR A 206 22.09 -3.63 -14.66
N GLN A 207 21.86 -4.60 -15.56
CA GLN A 207 22.40 -4.59 -16.96
C GLN A 207 23.94 -4.47 -16.98
N CYS A 208 24.58 -5.10 -16.00
CA CYS A 208 25.99 -4.93 -15.70
C CYS A 208 26.61 -6.28 -15.34
N ALA A 209 27.08 -6.98 -16.38
CA ALA A 209 27.62 -8.34 -16.24
C ALA A 209 29.02 -8.35 -15.65
N ALA A 210 29.25 -9.26 -14.70
CA ALA A 210 30.60 -9.52 -14.18
C ALA A 210 31.30 -10.55 -15.05
N ARG A 211 32.34 -10.12 -15.76
CA ARG A 211 33.12 -10.98 -16.65
C ARG A 211 34.05 -11.91 -15.88
N GLY A 212 34.67 -11.37 -14.83
CA GLY A 212 35.59 -12.11 -13.98
C GLY A 212 36.27 -11.20 -12.98
N LEU A 213 37.40 -11.65 -12.45
CA LEU A 213 38.12 -10.90 -11.43
C LEU A 213 39.63 -10.84 -11.66
N GLU A 214 40.23 -9.74 -11.19
CA GLU A 214 41.69 -9.55 -11.19
C GLU A 214 42.28 -10.06 -9.89
N THR A 215 43.39 -10.78 -9.98
CA THR A 215 44.08 -11.33 -8.80
C THR A 215 45.60 -11.07 -8.82
N GLN A 216 46.12 -10.65 -7.67
CA GLN A 216 47.55 -10.34 -7.50
C GLN A 216 48.09 -10.97 -6.22
N ALA A 217 49.10 -11.84 -6.38
CA ALA A 217 49.80 -12.54 -5.30
C ALA A 217 48.88 -13.26 -4.27
N GLY A 218 47.77 -13.80 -4.77
CA GLY A 218 46.81 -14.52 -3.94
C GLY A 218 45.52 -13.77 -3.65
N VAL A 219 45.65 -12.47 -3.38
CA VAL A 219 44.51 -11.61 -3.03
C VAL A 219 43.80 -11.04 -4.29
N ILE A 220 42.47 -11.10 -4.28
CA ILE A 220 41.62 -10.49 -5.32
C ILE A 220 41.76 -8.96 -5.23
N SER A 221 41.90 -8.30 -6.38
CA SER A 221 42.06 -6.85 -6.45
C SER A 221 40.85 -6.11 -7.03
N ASP A 222 40.30 -6.65 -8.11
CA ASP A 222 39.17 -6.03 -8.83
C ASP A 222 38.18 -7.09 -9.31
N VAL A 223 36.92 -6.70 -9.45
CA VAL A 223 35.92 -7.45 -10.23
C VAL A 223 35.65 -6.62 -11.50
N VAL A 224 35.86 -7.24 -12.66
CA VAL A 224 35.71 -6.54 -13.94
C VAL A 224 34.30 -6.77 -14.50
N THR A 225 33.59 -5.66 -14.69
CA THR A 225 32.26 -5.66 -15.30
C THR A 225 32.30 -4.93 -16.65
N GLU A 226 31.21 -5.04 -17.41
CA GLU A 226 31.05 -4.31 -18.68
C GLU A 226 30.96 -2.78 -18.51
N LYS A 227 30.58 -2.35 -17.31
CA LYS A 227 30.53 -0.92 -16.95
C LYS A 227 31.86 -0.40 -16.39
N GLY A 228 32.80 -1.31 -16.16
CA GLY A 228 34.10 -0.99 -15.58
C GLY A 228 34.50 -1.90 -14.43
N ALA A 229 35.56 -1.51 -13.71
CA ALA A 229 36.09 -2.31 -12.61
C ALA A 229 35.75 -1.75 -11.23
N ILE A 230 35.44 -2.66 -10.30
CA ILE A 230 35.22 -2.32 -8.90
C ILE A 230 36.33 -2.97 -8.06
N LYS A 231 37.09 -2.15 -7.34
CA LYS A 231 38.15 -2.64 -6.45
C LYS A 231 37.55 -3.32 -5.23
N THR A 232 37.95 -4.58 -5.03
CA THR A 232 37.49 -5.41 -3.90
C THR A 232 38.43 -6.58 -3.66
N SER A 233 38.45 -7.08 -2.43
CA SER A 233 39.20 -8.29 -2.10
C SER A 233 38.28 -9.47 -1.74
N GLN A 234 36.97 -9.21 -1.69
CA GLN A 234 35.99 -10.21 -1.28
C GLN A 234 34.85 -10.32 -2.28
N VAL A 235 34.61 -11.55 -2.76
CA VAL A 235 33.63 -11.82 -3.82
C VAL A 235 32.69 -12.96 -3.41
N VAL A 236 31.39 -12.76 -3.67
CA VAL A 236 30.37 -13.80 -3.53
C VAL A 236 29.82 -14.13 -4.92
N VAL A 237 29.99 -15.39 -5.35
CA VAL A 237 29.46 -15.87 -6.62
C VAL A 237 28.09 -16.53 -6.39
N ALA A 238 27.05 -15.84 -6.86
CA ALA A 238 25.67 -16.32 -6.76
C ALA A 238 24.96 -16.12 -8.10
N GLY A 239 25.56 -16.70 -9.15
CA GLY A 239 25.11 -16.49 -10.52
C GLY A 239 24.10 -17.50 -11.05
N GLY A 240 23.50 -18.27 -10.15
CA GLY A 240 22.50 -19.29 -10.48
C GLY A 240 23.06 -20.35 -11.40
N VAL A 241 22.46 -20.47 -12.59
CA VAL A 241 22.87 -21.45 -13.60
C VAL A 241 24.20 -21.09 -14.28
N TRP A 242 24.59 -19.81 -14.19
CA TRP A 242 25.79 -19.28 -14.81
C TRP A 242 27.06 -19.40 -13.96
N SER A 243 26.91 -19.88 -12.73
CA SER A 243 28.02 -19.96 -11.76
C SER A 243 29.18 -20.83 -12.22
N ARG A 244 28.87 -21.97 -12.85
CA ARG A 244 29.88 -22.85 -13.44
C ARG A 244 30.75 -22.11 -14.48
N LEU A 245 30.07 -21.42 -15.40
CA LEU A 245 30.72 -20.68 -16.48
C LEU A 245 31.63 -19.55 -15.98
N PHE A 246 31.21 -18.88 -14.90
CA PHE A 246 32.02 -17.85 -14.25
C PHE A 246 33.32 -18.43 -13.67
N MET A 247 33.21 -19.58 -13.01
CA MET A 247 34.36 -20.23 -12.38
C MET A 247 35.24 -20.99 -13.37
N GLN A 248 34.67 -21.32 -14.53
CA GLN A 248 35.42 -21.91 -15.66
C GLN A 248 36.53 -20.99 -16.17
N ASN A 249 36.19 -19.71 -16.34
CA ASN A 249 37.14 -18.67 -16.77
C ASN A 249 38.26 -18.42 -15.74
N LEU A 250 37.99 -18.78 -14.48
CA LEU A 250 38.98 -18.72 -13.41
C LEU A 250 39.63 -20.08 -13.13
N ASN A 251 39.38 -21.03 -14.04
CA ASN A 251 39.93 -22.41 -14.00
C ASN A 251 39.60 -23.22 -12.73
N VAL A 252 38.36 -23.06 -12.25
CA VAL A 252 37.83 -23.83 -11.13
C VAL A 252 36.59 -24.59 -11.60
N ASP A 253 36.63 -25.91 -11.49
CA ASP A 253 35.56 -26.79 -11.95
C ASP A 253 34.38 -26.81 -10.98
N VAL A 254 33.23 -26.29 -11.44
CA VAL A 254 31.97 -26.40 -10.70
C VAL A 254 31.06 -27.38 -11.46
N PRO A 255 30.77 -28.55 -10.86
CA PRO A 255 30.02 -29.55 -11.62
C PRO A 255 28.50 -29.39 -11.52
N THR A 256 27.91 -28.72 -12.52
CA THR A 256 26.46 -28.57 -12.62
C THR A 256 25.99 -28.92 -14.02
N LEU A 257 24.77 -29.45 -14.12
CA LEU A 257 24.12 -29.67 -15.40
C LEU A 257 22.78 -28.94 -15.43
N PRO A 258 22.40 -28.40 -16.62
CA PRO A 258 21.12 -27.71 -16.74
C PRO A 258 19.91 -28.64 -16.60
N ALA A 259 18.84 -28.10 -16.01
CA ALA A 259 17.55 -28.77 -15.92
C ALA A 259 16.44 -27.77 -16.20
N TYR A 260 15.36 -28.23 -16.82
CA TYR A 260 14.23 -27.36 -17.15
C TYR A 260 12.91 -27.94 -16.67
N GLN A 261 12.02 -27.04 -16.25
CA GLN A 261 10.66 -27.41 -15.85
C GLN A 261 9.67 -26.30 -16.20
N SER A 262 8.60 -26.69 -16.87
CA SER A 262 7.51 -25.77 -17.20
C SER A 262 6.64 -25.51 -15.98
N GLN A 263 6.19 -24.28 -15.85
CA GLN A 263 5.28 -23.85 -14.79
C GLN A 263 4.10 -23.05 -15.37
N GLN A 264 2.96 -23.13 -14.71
CA GLN A 264 1.79 -22.33 -15.08
C GLN A 264 1.03 -21.77 -13.86
N LEU A 265 0.24 -20.73 -14.10
CA LEU A 265 -0.52 -20.03 -13.08
C LEU A 265 -1.96 -19.86 -13.55
N ILE A 266 -2.90 -20.32 -12.72
CA ILE A 266 -4.33 -20.21 -13.02
C ILE A 266 -5.09 -19.42 -11.95
N SER A 267 -6.22 -18.84 -12.37
CA SER A 267 -7.08 -18.05 -11.49
C SER A 267 -7.78 -18.90 -10.42
N GLY A 268 -8.22 -18.25 -9.35
CA GLY A 268 -8.89 -18.90 -8.23
C GLY A 268 -10.32 -19.34 -8.49
N SER A 269 -10.97 -19.82 -7.44
CA SER A 269 -12.34 -20.32 -7.47
C SER A 269 -12.95 -20.26 -6.07
N PRO A 270 -14.28 -20.01 -5.97
CA PRO A 270 -14.97 -20.11 -4.67
C PRO A 270 -14.92 -21.53 -4.06
N THR A 271 -14.97 -22.55 -4.91
CA THR A 271 -15.00 -23.97 -4.49
C THR A 271 -13.62 -24.66 -4.49
N ALA A 272 -12.58 -23.87 -4.72
CA ALA A 272 -11.19 -24.34 -4.69
C ALA A 272 -10.75 -24.79 -3.29
N PRO A 273 -9.88 -25.83 -3.19
CA PRO A 273 -9.53 -26.39 -1.88
C PRO A 273 -8.52 -25.61 -1.04
N GLY A 274 -7.67 -24.82 -1.68
CA GLY A 274 -6.61 -24.09 -0.98
C GLY A 274 -5.46 -24.98 -0.53
N GLY A 275 -4.43 -24.36 0.03
CA GLY A 275 -3.24 -25.07 0.50
C GLY A 275 -2.35 -25.63 -0.60
N ASN A 276 -1.41 -26.47 -0.18
CA ASN A 276 -0.48 -27.17 -1.07
C ASN A 276 -0.87 -28.65 -1.14
N VAL A 277 -0.95 -29.18 -2.36
CA VAL A 277 -1.37 -30.57 -2.60
C VAL A 277 -0.46 -31.24 -3.62
N ALA A 278 -0.01 -32.45 -3.27
CA ALA A 278 0.80 -33.30 -4.16
C ALA A 278 0.18 -34.70 -4.23
N LEU A 279 -0.35 -35.06 -5.40
CA LEU A 279 -1.07 -36.32 -5.59
C LEU A 279 -0.41 -37.24 -6.62
N PRO A 280 -0.66 -38.58 -6.51
CA PRO A 280 -0.30 -39.50 -7.61
C PRO A 280 -1.00 -39.10 -8.92
N GLY A 281 -0.32 -39.32 -10.04
CA GLY A 281 -0.83 -38.92 -11.35
C GLY A 281 -0.38 -37.53 -11.78
N GLY A 282 0.67 -37.02 -11.13
CA GLY A 282 1.27 -35.72 -11.48
C GLY A 282 0.47 -34.48 -11.14
N ILE A 283 -0.47 -34.60 -10.19
CA ILE A 283 -1.27 -33.46 -9.72
C ILE A 283 -0.51 -32.70 -8.63
N PHE A 284 -0.13 -31.46 -8.95
CA PHE A 284 0.55 -30.58 -8.01
C PHE A 284 -0.02 -29.18 -8.12
N PHE A 285 -0.55 -28.65 -7.02
CA PHE A 285 -0.99 -27.25 -6.95
C PHE A 285 -0.73 -26.57 -5.60
N ARG A 286 -0.57 -25.25 -5.66
CA ARG A 286 -0.31 -24.42 -4.50
C ARG A 286 -1.07 -23.11 -4.63
N GLU A 287 -1.82 -22.76 -3.58
CA GLU A 287 -2.55 -21.51 -3.51
C GLU A 287 -1.61 -20.35 -3.17
N GLN A 288 -1.70 -19.28 -3.95
CA GLN A 288 -0.91 -18.07 -3.73
C GLN A 288 -1.58 -17.18 -2.69
N ALA A 289 -0.93 -16.06 -2.35
CA ALA A 289 -1.46 -15.13 -1.34
C ALA A 289 -2.71 -14.36 -1.80
N ASP A 290 -2.89 -14.25 -3.11
CA ASP A 290 -4.01 -13.50 -3.70
C ASP A 290 -5.21 -14.36 -4.11
N GLY A 291 -5.12 -15.67 -3.88
CA GLY A 291 -6.19 -16.60 -4.23
C GLY A 291 -5.99 -17.34 -5.54
N THR A 292 -4.99 -16.92 -6.33
CA THR A 292 -4.61 -17.61 -7.58
C THR A 292 -3.85 -18.91 -7.27
N TYR A 293 -3.77 -19.81 -8.25
CA TYR A 293 -3.15 -21.12 -8.06
C TYR A 293 -1.99 -21.39 -9.00
N ALA A 294 -0.87 -21.80 -8.42
CA ALA A 294 0.31 -22.24 -9.15
C ALA A 294 0.25 -23.76 -9.32
N THR A 295 0.46 -24.22 -10.55
CA THR A 295 0.46 -25.65 -10.87
C THR A 295 1.53 -26.01 -11.91
N SER A 296 2.06 -27.24 -11.81
CA SER A 296 3.12 -27.73 -12.71
C SER A 296 3.13 -29.26 -12.85
N PRO A 297 3.69 -29.79 -13.97
CA PRO A 297 3.97 -31.23 -14.07
C PRO A 297 5.17 -31.62 -13.21
N ARG A 298 5.31 -32.92 -12.95
CA ARG A 298 6.46 -33.43 -12.19
C ARG A 298 7.74 -33.48 -13.03
N VAL A 299 7.58 -33.54 -14.35
CA VAL A 299 8.65 -33.83 -15.31
C VAL A 299 9.74 -32.74 -15.38
N ILE A 300 10.97 -33.14 -15.06
CA ILE A 300 12.17 -32.32 -15.21
C ILE A 300 12.89 -32.71 -16.51
N VAL A 301 13.16 -31.73 -17.35
CA VAL A 301 13.84 -31.94 -18.62
C VAL A 301 15.32 -31.56 -18.50
N ALA A 302 16.21 -32.52 -18.68
CA ALA A 302 17.64 -32.27 -18.71
C ALA A 302 18.16 -32.24 -20.16
N PRO A 303 18.49 -31.03 -20.68
CA PRO A 303 19.02 -30.94 -22.04
C PRO A 303 20.47 -31.43 -22.11
N VAL A 304 20.83 -32.03 -23.24
CA VAL A 304 22.20 -32.48 -23.49
C VAL A 304 23.07 -31.25 -23.77
N VAL A 305 24.11 -31.08 -22.94
CA VAL A 305 25.15 -30.06 -23.16
C VAL A 305 26.52 -30.73 -23.37
N LYS A 306 27.56 -29.93 -23.60
CA LYS A 306 28.92 -30.45 -23.79
C LYS A 306 29.43 -31.14 -22.51
N GLU A 307 29.00 -30.62 -21.37
CA GLU A 307 29.38 -31.13 -20.05
C GLU A 307 28.80 -32.52 -19.76
N SER A 308 27.72 -32.87 -20.45
CA SER A 308 27.07 -34.19 -20.31
C SER A 308 28.03 -35.33 -20.65
N PHE A 309 28.88 -35.10 -21.65
CA PHE A 309 29.84 -36.11 -22.09
C PHE A 309 31.02 -36.28 -21.14
N THR A 310 31.28 -35.26 -20.32
CA THR A 310 32.42 -35.25 -19.40
C THR A 310 32.09 -35.89 -18.05
N TYR A 311 31.04 -35.39 -17.38
CA TYR A 311 30.68 -35.85 -16.04
C TYR A 311 29.19 -36.17 -15.85
N GLY A 312 28.48 -36.36 -16.96
CA GLY A 312 27.08 -36.79 -16.93
C GLY A 312 26.89 -38.21 -16.43
N TYR A 313 27.96 -39.00 -16.40
CA TYR A 313 27.96 -40.35 -15.84
C TYR A 313 27.68 -40.35 -14.34
N LYS A 314 28.12 -39.29 -13.66
CA LYS A 314 27.91 -39.08 -12.23
C LYS A 314 26.43 -38.86 -11.87
N TYR A 315 25.62 -38.51 -12.87
CA TYR A 315 24.19 -38.23 -12.70
C TYR A 315 23.30 -39.45 -12.98
N LEU A 316 23.92 -40.57 -13.32
CA LEU A 316 23.20 -41.81 -13.65
C LEU A 316 22.39 -42.46 -12.50
N PRO A 317 22.88 -42.41 -11.23
CA PRO A 317 22.07 -42.91 -10.10
C PRO A 317 20.77 -42.13 -9.82
N LEU A 318 20.61 -40.96 -10.45
CA LEU A 318 19.35 -40.22 -10.38
C LEU A 318 18.33 -40.78 -11.37
N LEU A 319 18.80 -41.25 -12.53
CA LEU A 319 17.94 -41.94 -13.51
C LEU A 319 17.53 -43.36 -13.05
N ALA A 320 18.05 -43.79 -11.90
CA ALA A 320 17.74 -45.10 -11.30
C ALA A 320 16.32 -45.19 -10.75
N LEU A 321 15.92 -44.20 -9.95
CA LEU A 321 14.56 -44.13 -9.40
C LEU A 321 13.52 -44.04 -10.54
N PRO A 322 12.53 -44.96 -10.56
CA PRO A 322 11.48 -44.91 -11.59
C PRO A 322 10.38 -43.89 -11.28
N ASP A 323 10.33 -43.44 -10.02
CA ASP A 323 9.50 -42.31 -9.62
C ASP A 323 10.18 -40.98 -9.96
N PHE A 324 11.42 -41.06 -10.46
CA PHE A 324 12.20 -39.89 -10.88
C PHE A 324 11.82 -39.44 -12.28
N PRO A 325 11.56 -38.12 -12.44
CA PRO A 325 10.90 -37.61 -13.64
C PRO A 325 11.82 -36.95 -14.68
N VAL A 326 13.11 -37.32 -14.69
CA VAL A 326 14.07 -36.67 -15.60
C VAL A 326 14.06 -37.31 -17.00
N HIS A 327 13.74 -36.47 -18.00
CA HIS A 327 13.86 -36.82 -19.40
C HIS A 327 15.11 -36.18 -20.02
N ILE A 328 15.89 -37.01 -20.71
CA ILE A 328 17.03 -36.55 -21.49
C ILE A 328 16.48 -35.97 -22.79
N SER A 329 16.90 -34.76 -23.13
CA SER A 329 16.39 -34.05 -24.29
C SER A 329 17.51 -33.47 -25.14
N LEU A 330 17.36 -33.59 -26.46
CA LEU A 330 18.27 -32.97 -27.41
C LEU A 330 17.60 -31.77 -28.05
N ASN A 331 18.20 -30.59 -27.83
CA ASN A 331 17.71 -29.34 -28.40
C ASN A 331 18.85 -28.35 -28.69
N GLU A 332 18.51 -27.06 -28.76
CA GLU A 332 19.46 -26.00 -29.11
C GLU A 332 20.52 -25.70 -28.04
N GLN A 333 20.32 -26.25 -26.85
CA GLN A 333 21.27 -26.08 -25.73
C GLN A 333 22.64 -26.70 -26.02
N LEU A 334 22.65 -27.84 -26.72
CA LEU A 334 23.90 -28.49 -27.14
C LEU A 334 24.73 -27.57 -28.02
N ILE A 335 24.09 -26.99 -29.04
CA ILE A 335 24.73 -26.06 -29.97
C ILE A 335 25.22 -24.80 -29.25
N ASN A 336 24.38 -24.25 -28.37
CA ASN A 336 24.77 -23.11 -27.51
C ASN A 336 25.96 -23.43 -26.60
N SER A 337 25.95 -24.65 -26.05
CA SER A 337 27.02 -25.15 -25.17
C SER A 337 28.37 -25.18 -25.86
N PHE A 338 28.40 -25.68 -27.10
CA PHE A 338 29.64 -25.76 -27.88
C PHE A 338 30.16 -24.39 -28.32
N MET A 339 29.27 -23.41 -28.44
CA MET A 339 29.67 -22.08 -28.87
C MET A 339 29.77 -21.04 -27.73
N GLN A 340 29.57 -21.50 -26.50
CA GLN A 340 29.99 -20.77 -25.31
C GLN A 340 31.46 -21.04 -25.10
N SER A 341 32.25 -19.97 -25.01
CA SER A 341 33.68 -20.07 -24.70
C SER A 341 33.92 -20.56 -23.29
N THR A 342 35.02 -21.28 -23.10
CA THR A 342 35.47 -21.73 -21.78
C THR A 342 36.38 -20.68 -21.16
N HIS A 343 36.97 -19.84 -22.02
CA HIS A 343 37.86 -18.75 -21.60
C HIS A 343 37.68 -17.49 -22.43
N TRP A 344 37.76 -16.35 -21.75
CA TRP A 344 37.64 -15.03 -22.38
C TRP A 344 38.43 -13.98 -21.60
N ASN A 345 38.96 -13.00 -22.34
CA ASN A 345 39.64 -11.86 -21.75
C ASN A 345 38.65 -10.90 -21.13
N LEU A 346 39.06 -10.26 -20.04
CA LEU A 346 38.15 -9.41 -19.25
C LEU A 346 37.85 -8.05 -19.91
N ASP A 347 38.57 -7.74 -20.99
CA ASP A 347 38.34 -6.53 -21.76
C ASP A 347 37.45 -6.78 -23.00
N GLU A 348 37.01 -8.03 -23.17
CA GLU A 348 36.13 -8.40 -24.29
C GLU A 348 34.78 -9.00 -23.84
N VAL A 349 33.86 -9.11 -24.80
CA VAL A 349 32.47 -9.52 -24.57
C VAL A 349 32.38 -10.97 -24.07
N SER A 350 31.87 -11.12 -22.84
CA SER A 350 31.74 -12.40 -22.16
C SER A 350 30.44 -13.10 -22.58
N PRO A 351 30.33 -14.45 -22.34
CA PRO A 351 29.09 -15.16 -22.66
C PRO A 351 27.88 -14.66 -21.87
N PHE A 352 28.12 -14.04 -20.71
CA PHE A 352 27.09 -13.41 -19.89
C PHE A 352 26.44 -12.21 -20.58
N GLU A 353 27.15 -11.64 -21.56
CA GLU A 353 26.64 -10.56 -22.40
C GLU A 353 26.07 -11.14 -23.71
N GLN A 354 26.75 -12.15 -24.24
CA GLN A 354 26.40 -12.83 -25.49
C GLN A 354 25.10 -13.62 -25.39
N PHE A 355 24.87 -14.21 -24.22
CA PHE A 355 23.67 -14.99 -23.94
C PHE A 355 22.94 -14.38 -22.73
N ARG A 356 22.90 -13.05 -22.67
CA ARG A 356 22.39 -12.31 -21.51
C ARG A 356 21.01 -12.76 -21.02
N ASN A 357 20.05 -12.79 -21.95
CA ASN A 357 18.67 -13.15 -21.62
C ASN A 357 18.30 -14.51 -22.16
N MET A 358 17.87 -15.40 -21.27
CA MET A 358 17.44 -16.75 -21.62
C MET A 358 16.13 -16.67 -22.39
N THR A 359 16.01 -17.50 -23.43
CA THR A 359 14.87 -17.46 -24.35
C THR A 359 14.08 -18.78 -24.37
N ALA A 360 14.29 -19.60 -23.34
CA ALA A 360 13.65 -20.92 -23.24
C ALA A 360 12.13 -20.81 -23.06
N LEU A 361 11.39 -21.59 -23.85
CA LEU A 361 9.93 -21.55 -23.85
C LEU A 361 9.30 -22.72 -23.07
N PRO A 362 8.16 -22.47 -22.39
CA PRO A 362 7.40 -23.56 -21.76
C PRO A 362 6.84 -24.55 -22.78
N ASP A 363 6.86 -25.83 -22.41
CA ASP A 363 6.23 -26.89 -23.19
C ASP A 363 4.71 -26.78 -23.03
N LEU A 364 4.04 -26.26 -24.05
CA LEU A 364 2.60 -25.96 -23.99
C LEU A 364 1.67 -27.18 -24.02
N PRO A 365 1.96 -28.21 -24.87
CA PRO A 365 1.20 -29.47 -24.74
C PRO A 365 1.34 -30.18 -23.38
N GLU A 366 2.55 -30.15 -22.81
CA GLU A 366 2.83 -30.75 -21.48
C GLU A 366 2.03 -30.07 -20.36
N LEU A 367 2.02 -28.74 -20.37
CA LEU A 367 1.27 -27.91 -19.41
C LEU A 367 -0.24 -28.06 -19.55
N ASN A 368 -0.71 -28.30 -20.78
CA ASN A 368 -2.14 -28.49 -21.06
C ASN A 368 -2.69 -29.82 -20.54
N ALA A 369 -1.98 -30.91 -20.84
CA ALA A 369 -2.36 -32.25 -20.35
C ALA A 369 -2.36 -32.33 -18.83
N SER A 370 -1.38 -31.67 -18.21
CA SER A 370 -1.25 -31.57 -16.75
C SER A 370 -2.44 -30.83 -16.11
N LEU A 371 -2.86 -29.73 -16.75
CA LEU A 371 -4.00 -28.92 -16.33
C LEU A 371 -5.33 -29.67 -16.46
N GLU A 372 -5.46 -30.47 -17.52
CA GLU A 372 -6.65 -31.30 -17.76
C GLU A 372 -6.79 -32.42 -16.73
N LYS A 373 -5.67 -32.98 -16.27
CA LYS A 373 -5.65 -33.95 -15.18
C LYS A 373 -6.09 -33.32 -13.86
N LEU A 374 -5.58 -32.11 -13.60
CA LEU A 374 -5.95 -31.30 -12.42
C LEU A 374 -7.44 -30.99 -12.36
N LYS A 375 -8.00 -30.61 -13.51
CA LYS A 375 -9.43 -30.31 -13.64
C LYS A 375 -10.30 -31.54 -13.45
N ALA A 376 -9.80 -32.71 -13.86
CA ALA A 376 -10.48 -33.99 -13.68
C ALA A 376 -10.54 -34.41 -12.20
N GLU A 377 -9.46 -34.14 -11.46
CA GLU A 377 -9.38 -34.47 -10.04
C GLU A 377 -10.09 -33.43 -9.17
N PHE A 378 -9.85 -32.14 -9.46
CA PHE A 378 -10.49 -31.04 -8.75
C PHE A 378 -11.31 -30.20 -9.73
N PRO A 379 -12.60 -30.56 -9.97
CA PRO A 379 -13.46 -29.84 -10.92
C PRO A 379 -13.73 -28.37 -10.59
N ALA A 380 -13.33 -27.93 -9.40
CA ALA A 380 -13.35 -26.52 -9.01
C ALA A 380 -12.51 -25.63 -9.93
N PHE A 381 -11.45 -26.21 -10.49
CA PHE A 381 -10.52 -25.53 -11.41
C PHE A 381 -10.98 -25.48 -12.88
N LYS A 382 -12.11 -26.14 -13.18
CA LYS A 382 -12.63 -26.24 -14.57
C LYS A 382 -12.95 -24.88 -15.22
N GLU A 383 -13.29 -23.89 -14.38
CA GLU A 383 -13.62 -22.54 -14.85
C GLU A 383 -12.44 -21.57 -14.75
N SER A 384 -11.31 -22.04 -14.21
CA SER A 384 -10.13 -21.21 -14.00
C SER A 384 -9.47 -20.79 -15.30
N LYS A 385 -9.13 -19.50 -15.39
CA LYS A 385 -8.45 -18.92 -16.54
C LYS A 385 -6.94 -18.98 -16.39
N LEU A 386 -6.25 -19.11 -17.51
CA LEU A 386 -4.80 -19.20 -17.57
C LEU A 386 -4.17 -17.80 -17.48
N ILE A 387 -3.40 -17.57 -16.43
CA ILE A 387 -2.75 -16.26 -16.18
C ILE A 387 -1.36 -16.17 -16.84
N ASP A 388 -0.47 -17.11 -16.51
CA ASP A 388 0.91 -17.08 -17.00
C ASP A 388 1.51 -18.48 -17.16
N GLN A 389 2.34 -18.64 -18.19
CA GLN A 389 3.03 -19.89 -18.48
C GLN A 389 4.50 -19.61 -18.82
N TRP A 390 5.42 -20.27 -18.10
CA TRP A 390 6.85 -20.06 -18.31
C TRP A 390 7.68 -21.33 -18.13
N SER A 391 8.94 -21.26 -18.58
CA SER A 391 9.93 -22.30 -18.31
C SER A 391 10.94 -21.78 -17.28
N GLY A 392 11.39 -22.68 -16.39
CA GLY A 392 12.39 -22.34 -15.39
C GLY A 392 13.64 -23.21 -15.48
N ALA A 393 14.80 -22.56 -15.54
CA ALA A 393 16.09 -23.24 -15.69
C ALA A 393 16.84 -23.40 -14.36
N MET A 394 17.18 -24.65 -14.02
CA MET A 394 18.03 -24.97 -12.87
C MET A 394 19.42 -25.40 -13.31
N ALA A 395 20.34 -25.44 -12.34
CA ALA A 395 21.64 -26.11 -12.48
C ALA A 395 21.87 -26.91 -11.20
N ILE A 396 21.97 -28.22 -11.35
CA ILE A 396 22.00 -29.16 -10.24
C ILE A 396 23.29 -29.97 -10.24
N ALA A 397 23.88 -30.11 -9.03
CA ALA A 397 25.06 -30.94 -8.80
C ALA A 397 24.70 -32.44 -8.77
N PRO A 398 25.70 -33.35 -8.98
CA PRO A 398 25.44 -34.81 -9.02
C PRO A 398 24.61 -35.42 -7.87
N ASP A 399 24.81 -34.92 -6.65
CA ASP A 399 24.09 -35.46 -5.48
C ASP A 399 22.83 -34.67 -5.10
N GLU A 400 22.47 -33.71 -5.96
CA GLU A 400 21.26 -32.87 -5.84
C GLU A 400 21.28 -31.88 -4.66
N ASN A 401 22.46 -31.71 -4.05
CA ASN A 401 22.66 -30.81 -2.91
C ASN A 401 23.38 -29.51 -3.30
N PRO A 402 23.14 -28.41 -2.55
CA PRO A 402 23.74 -27.11 -2.90
C PRO A 402 25.27 -27.07 -2.85
N ILE A 403 25.85 -26.10 -3.57
CA ILE A 403 27.26 -25.77 -3.43
C ILE A 403 27.34 -24.42 -2.68
N ILE A 404 27.63 -24.52 -1.38
CA ILE A 404 27.87 -23.36 -0.52
C ILE A 404 29.27 -23.57 0.07
N SER A 405 30.26 -22.91 -0.54
CA SER A 405 31.65 -23.28 -0.32
C SER A 405 32.69 -22.16 -0.47
N GLU A 406 33.80 -22.34 0.25
CA GLU A 406 35.05 -21.60 0.01
C GLU A 406 35.67 -22.07 -1.31
N VAL A 407 36.45 -21.20 -1.93
CA VAL A 407 37.23 -21.56 -3.12
C VAL A 407 38.71 -21.49 -2.75
N LYS A 408 39.34 -22.66 -2.70
CA LYS A 408 40.75 -22.82 -2.32
C LYS A 408 41.70 -22.00 -3.19
N GLU A 409 41.44 -21.99 -4.49
CA GLU A 409 42.28 -21.32 -5.50
C GLU A 409 42.28 -19.80 -5.37
N TYR A 410 41.20 -19.25 -4.82
CA TYR A 410 41.05 -17.79 -4.65
C TYR A 410 40.56 -17.42 -3.24
N PRO A 411 41.49 -17.03 -2.34
CA PRO A 411 41.11 -16.52 -1.02
C PRO A 411 40.22 -15.27 -1.13
N GLY A 412 39.17 -15.22 -0.32
CA GLY A 412 38.19 -14.13 -0.35
C GLY A 412 37.04 -14.35 -1.33
N LEU A 413 37.05 -15.49 -2.01
CA LEU A 413 35.96 -15.87 -2.93
C LEU A 413 35.14 -17.00 -2.35
N VAL A 414 33.83 -16.78 -2.26
CA VAL A 414 32.87 -17.82 -1.87
C VAL A 414 31.78 -17.97 -2.93
N ILE A 415 31.22 -19.18 -3.02
CA ILE A 415 30.20 -19.50 -4.00
C ILE A 415 28.92 -20.02 -3.33
N ASN A 416 27.79 -19.41 -3.68
CA ASN A 416 26.47 -19.80 -3.18
C ASN A 416 25.55 -20.05 -4.37
N THR A 417 25.38 -21.33 -4.74
CA THR A 417 24.69 -21.70 -5.98
C THR A 417 24.29 -23.18 -6.04
N ALA A 418 23.82 -23.61 -7.22
CA ALA A 418 23.55 -25.01 -7.56
C ALA A 418 22.52 -25.69 -6.66
N THR A 419 21.33 -25.11 -6.61
CA THR A 419 20.25 -25.60 -5.76
C THR A 419 18.87 -25.50 -6.41
N GLY A 420 18.07 -26.55 -6.26
CA GLY A 420 16.69 -26.55 -6.69
C GLY A 420 15.73 -26.05 -5.63
N TRP A 421 16.28 -25.66 -4.48
CA TRP A 421 15.49 -25.23 -3.33
C TRP A 421 15.96 -23.91 -2.74
N GLY A 422 16.54 -23.07 -3.59
CA GLY A 422 17.21 -21.84 -3.16
C GLY A 422 16.37 -20.81 -2.44
N MET A 423 15.07 -20.78 -2.73
CA MET A 423 14.14 -19.89 -2.05
C MET A 423 13.96 -20.28 -0.58
N THR A 424 13.70 -21.55 -0.33
CA THR A 424 13.56 -22.10 1.02
C THR A 424 14.86 -21.96 1.82
N GLU A 425 15.97 -22.27 1.15
CA GLU A 425 17.30 -22.34 1.78
C GLU A 425 17.97 -20.98 2.00
N SER A 426 17.55 -19.96 1.24
CA SER A 426 18.21 -18.65 1.22
C SER A 426 18.56 -17.95 2.54
N PRO A 427 17.66 -17.96 3.56
CA PRO A 427 18.05 -17.25 4.80
C PRO A 427 19.17 -17.93 5.58
N VAL A 428 19.32 -19.24 5.41
CA VAL A 428 20.36 -20.01 6.09
C VAL A 428 21.62 -20.06 5.21
N SER A 429 21.42 -20.26 3.89
CA SER A 429 22.50 -20.21 2.89
C SER A 429 23.27 -18.90 2.98
N ALA A 430 22.54 -17.79 3.12
CA ALA A 430 23.09 -16.45 3.29
C ALA A 430 24.08 -16.36 4.45
N GLU A 431 23.64 -16.86 5.62
CA GLU A 431 24.47 -16.83 6.82
C GLU A 431 25.70 -17.73 6.67
N LEU A 432 25.47 -18.94 6.16
CA LEU A 432 26.52 -19.92 5.92
C LEU A 432 27.57 -19.45 4.91
N THR A 433 27.12 -18.73 3.88
CA THR A 433 28.02 -18.12 2.87
C THR A 433 28.89 -17.02 3.50
N ALA A 434 28.25 -16.17 4.30
CA ALA A 434 28.93 -15.09 5.02
C ALA A 434 29.92 -15.62 6.06
N ASP A 435 29.56 -16.72 6.72
CA ASP A 435 30.42 -17.40 7.69
C ASP A 435 31.73 -17.91 7.08
N LEU A 436 31.62 -18.49 5.89
CA LEU A 436 32.77 -19.01 5.13
C LEU A 436 33.67 -17.90 4.62
N LEU A 437 33.06 -16.80 4.18
CA LEU A 437 33.76 -15.61 3.67
C LEU A 437 34.60 -14.90 4.75
N LEU A 438 34.07 -14.82 5.96
CA LEU A 438 34.67 -14.01 7.03
C LEU A 438 35.47 -14.82 8.07
N GLY A 439 35.41 -16.15 7.95
CA GLY A 439 36.16 -17.04 8.82
C GLY A 439 35.48 -17.38 10.14
N LYS A 440 34.20 -17.02 10.26
CA LYS A 440 33.38 -17.40 11.42
C LYS A 440 32.99 -18.87 11.31
N LYS A 441 32.80 -19.52 12.46
CA LYS A 441 32.33 -20.90 12.52
C LYS A 441 30.93 -20.99 11.90
N PRO A 442 30.75 -21.85 10.88
CA PRO A 442 29.50 -21.95 10.10
C PRO A 442 28.28 -22.40 10.92
N VAL A 443 27.10 -21.96 10.48
CA VAL A 443 25.82 -22.27 11.14
C VAL A 443 25.55 -23.78 11.16
N LEU A 444 25.78 -24.41 10.02
CA LEU A 444 25.61 -25.86 9.85
C LEU A 444 26.89 -26.42 9.25
N ASP A 445 27.05 -27.75 9.35
CA ASP A 445 28.21 -28.45 8.77
C ASP A 445 28.32 -28.14 7.27
N PRO A 446 29.43 -27.48 6.86
CA PRO A 446 29.57 -27.04 5.46
C PRO A 446 30.10 -28.13 4.52
N LYS A 447 30.53 -29.26 5.08
CA LYS A 447 31.11 -30.38 4.33
C LYS A 447 30.19 -30.97 3.23
N PRO A 448 28.86 -31.15 3.50
CA PRO A 448 28.00 -31.60 2.41
C PRO A 448 27.68 -30.53 1.35
N PHE A 449 28.05 -29.27 1.61
CA PHE A 449 27.85 -28.17 0.66
C PHE A 449 29.15 -27.74 -0.03
N SER A 450 30.25 -28.42 0.31
CA SER A 450 31.58 -28.14 -0.22
C SER A 450 31.71 -28.42 -1.71
N LEU A 451 32.51 -27.59 -2.39
CA LEU A 451 32.78 -27.74 -3.82
C LEU A 451 33.69 -28.94 -4.12
N TYR A 452 34.46 -29.35 -3.10
CA TYR A 452 35.50 -30.37 -3.27
C TYR A 452 35.07 -31.76 -2.77
N ARG A 453 33.75 -31.99 -2.78
CA ARG A 453 33.16 -33.26 -2.35
C ARG A 453 33.00 -34.27 -3.51
N PHE A 454 33.34 -33.83 -4.72
CA PHE A 454 33.11 -34.61 -5.94
C PHE A 454 34.36 -35.32 -6.46
N ARG B 23 -20.57 -48.39 29.28
CA ARG B 23 -21.77 -48.21 28.41
C ARG B 23 -22.25 -46.76 28.38
N HIS B 24 -22.92 -46.33 29.46
CA HIS B 24 -23.36 -44.93 29.62
C HIS B 24 -22.30 -44.15 30.41
N GLY B 25 -22.64 -42.91 30.78
CA GLY B 25 -21.82 -42.10 31.68
C GLY B 25 -22.46 -41.96 33.05
N PHE B 26 -21.63 -41.73 34.07
CA PHE B 26 -22.10 -41.46 35.43
C PHE B 26 -21.17 -40.51 36.17
N VAL B 27 -21.78 -39.55 36.86
CA VAL B 27 -21.06 -38.59 37.71
C VAL B 27 -21.71 -38.62 39.10
N GLU B 28 -20.88 -38.90 40.11
CA GLU B 28 -21.33 -38.94 41.51
C GLU B 28 -21.64 -37.55 42.04
N GLY B 29 -22.70 -37.44 42.83
CA GLY B 29 -23.10 -36.18 43.48
C GLY B 29 -22.17 -35.79 44.61
N THR B 30 -22.33 -34.54 45.09
CA THR B 30 -21.53 -34.03 46.20
C THR B 30 -21.95 -34.69 47.52
N GLU B 31 -20.96 -35.20 48.23
CA GLU B 31 -21.16 -36.00 49.45
C GLU B 31 -21.44 -35.14 50.67
N GLY B 32 -22.00 -35.76 51.71
CA GLY B 32 -22.25 -35.11 53.00
C GLY B 32 -23.70 -34.70 53.19
N ALA B 33 -23.89 -33.48 53.70
CA ALA B 33 -25.21 -32.92 53.97
C ALA B 33 -25.46 -31.67 53.11
N LEU B 34 -26.73 -31.43 52.80
CA LEU B 34 -27.16 -30.25 52.03
C LEU B 34 -26.90 -28.97 52.84
N PRO B 35 -26.26 -27.95 52.21
CA PRO B 35 -25.92 -26.71 52.91
C PRO B 35 -27.16 -25.89 53.25
N LYS B 36 -27.09 -25.14 54.35
CA LYS B 36 -28.20 -24.29 54.81
C LYS B 36 -28.29 -22.97 54.05
N GLN B 37 -27.24 -22.63 53.30
CA GLN B 37 -27.15 -21.38 52.55
C GLN B 37 -26.51 -21.58 51.18
N ALA B 38 -27.02 -20.85 50.20
CA ALA B 38 -26.39 -20.69 48.88
C ALA B 38 -26.78 -19.33 48.30
N ASP B 39 -25.90 -18.75 47.50
CA ASP B 39 -26.17 -17.49 46.81
C ASP B 39 -27.22 -17.64 45.71
N VAL B 40 -27.07 -18.66 44.88
CA VAL B 40 -28.04 -19.01 43.83
C VAL B 40 -28.28 -20.52 43.88
N VAL B 41 -29.55 -20.92 44.06
CA VAL B 41 -29.94 -22.33 44.03
C VAL B 41 -30.49 -22.67 42.64
N VAL B 42 -29.87 -23.66 42.00
CA VAL B 42 -30.27 -24.11 40.66
C VAL B 42 -31.08 -25.40 40.76
N VAL B 43 -32.30 -25.37 40.21
CA VAL B 43 -33.17 -26.53 40.19
C VAL B 43 -32.88 -27.35 38.93
N GLY B 44 -32.22 -28.49 39.10
CA GLY B 44 -31.96 -29.44 38.02
C GLY B 44 -30.52 -29.50 37.52
N ALA B 45 -30.01 -30.72 37.36
CA ALA B 45 -28.64 -30.97 36.92
C ALA B 45 -28.55 -31.50 35.48
N GLY B 46 -29.25 -30.83 34.57
CA GLY B 46 -29.08 -31.03 33.14
C GLY B 46 -28.12 -29.98 32.59
N ILE B 47 -27.89 -30.00 31.28
CA ILE B 47 -26.94 -29.10 30.64
C ILE B 47 -27.19 -27.61 30.94
N LEU B 48 -28.46 -27.19 30.89
CA LEU B 48 -28.82 -25.79 31.16
C LEU B 48 -28.59 -25.40 32.62
N GLY B 49 -28.83 -26.34 33.53
CA GLY B 49 -28.55 -26.14 34.95
C GLY B 49 -27.07 -26.08 35.26
N ILE B 50 -26.33 -27.02 34.69
CA ILE B 50 -24.88 -27.15 34.86
C ILE B 50 -24.12 -25.92 34.31
N MET B 51 -24.42 -25.54 33.07
CA MET B 51 -23.75 -24.41 32.40
C MET B 51 -24.00 -23.08 33.10
N THR B 52 -25.25 -22.85 33.54
CA THR B 52 -25.63 -21.63 34.27
C THR B 52 -24.92 -21.56 35.63
N ALA B 53 -24.77 -22.71 36.29
CA ALA B 53 -24.03 -22.83 37.55
C ALA B 53 -22.55 -22.44 37.41
N ILE B 54 -21.93 -22.88 36.31
CA ILE B 54 -20.53 -22.54 35.98
C ILE B 54 -20.41 -21.04 35.70
N ASN B 55 -21.35 -20.51 34.92
CA ASN B 55 -21.39 -19.08 34.55
C ASN B 55 -21.55 -18.15 35.76
N LEU B 56 -22.33 -18.58 36.75
CA LEU B 56 -22.55 -17.81 37.99
C LEU B 56 -21.36 -17.89 38.96
N VAL B 57 -20.70 -19.05 39.01
CA VAL B 57 -19.45 -19.24 39.77
C VAL B 57 -18.34 -18.33 39.21
N GLU B 58 -18.26 -18.24 37.88
CA GLU B 58 -17.31 -17.37 37.17
C GLU B 58 -17.53 -15.87 37.42
N ARG B 59 -18.66 -15.55 38.06
CA ARG B 59 -18.98 -14.18 38.48
C ARG B 59 -18.79 -13.98 40.00
N GLY B 60 -18.49 -15.08 40.70
CA GLY B 60 -18.15 -15.05 42.13
C GLY B 60 -19.30 -15.29 43.08
N LEU B 61 -20.17 -16.25 42.73
CA LEU B 61 -21.30 -16.64 43.57
C LEU B 61 -21.26 -18.13 43.90
N SER B 62 -21.58 -18.45 45.15
CA SER B 62 -21.66 -19.83 45.63
C SER B 62 -22.98 -20.45 45.19
N VAL B 63 -22.91 -21.41 44.26
CA VAL B 63 -24.12 -22.04 43.72
C VAL B 63 -24.27 -23.51 44.12
N VAL B 64 -25.51 -23.90 44.42
CA VAL B 64 -25.86 -25.28 44.72
C VAL B 64 -26.96 -25.78 43.78
N ILE B 65 -26.68 -26.90 43.11
CA ILE B 65 -27.66 -27.56 42.26
C ILE B 65 -28.36 -28.68 43.07
N VAL B 66 -29.69 -28.65 43.05
CA VAL B 66 -30.49 -29.76 43.59
C VAL B 66 -31.09 -30.56 42.44
N GLU B 67 -30.86 -31.87 42.47
CA GLU B 67 -31.28 -32.79 41.40
C GLU B 67 -32.05 -33.97 41.98
N LYS B 68 -33.25 -34.19 41.45
CA LYS B 68 -34.18 -35.21 41.94
C LYS B 68 -33.70 -36.65 41.70
N GLY B 69 -33.02 -36.88 40.58
CA GLY B 69 -32.45 -38.18 40.24
C GLY B 69 -30.94 -38.10 40.17
N ASN B 70 -30.38 -38.69 39.11
CA ASN B 70 -28.95 -38.59 38.83
C ASN B 70 -28.66 -37.44 37.88
N ILE B 71 -27.41 -36.97 37.89
CA ILE B 71 -26.94 -35.88 37.03
C ILE B 71 -27.11 -36.27 35.56
N ALA B 72 -27.66 -35.34 34.78
CA ALA B 72 -27.94 -35.50 33.35
C ALA B 72 -28.75 -36.78 33.03
N GLY B 73 -29.67 -37.13 33.93
CA GLY B 73 -30.44 -38.36 33.83
C GLY B 73 -31.49 -38.36 32.75
N GLU B 74 -31.87 -37.17 32.29
CA GLU B 74 -32.98 -37.01 31.35
C GLU B 74 -32.49 -36.56 29.97
N GLN B 75 -32.92 -35.38 29.52
CA GLN B 75 -32.61 -34.86 28.16
C GLN B 75 -31.12 -34.80 27.79
N SER B 76 -30.28 -34.44 28.77
CA SER B 76 -28.87 -34.15 28.55
C SER B 76 -27.95 -35.37 28.36
N SER B 77 -28.55 -36.56 28.30
CA SER B 77 -27.85 -37.79 27.93
C SER B 77 -28.68 -38.63 26.96
N ARG B 78 -29.73 -38.00 26.42
CA ARG B 78 -30.67 -38.67 25.54
C ARG B 78 -30.84 -37.97 24.17
N PHE B 79 -29.98 -36.98 23.92
CA PHE B 79 -30.05 -36.18 22.70
C PHE B 79 -29.44 -36.85 21.45
N TYR B 80 -29.73 -36.28 20.28
CA TYR B 80 -29.22 -36.77 18.99
C TYR B 80 -27.73 -36.46 18.83
N GLY B 81 -27.37 -35.19 19.05
CA GLY B 81 -25.97 -34.78 19.16
C GLY B 81 -25.42 -33.78 18.18
N GLN B 82 -26.28 -32.99 17.52
CA GLN B 82 -25.82 -31.98 16.56
C GLN B 82 -25.89 -30.54 17.11
N ALA B 83 -24.84 -29.77 16.84
CA ALA B 83 -24.81 -28.34 17.16
C ALA B 83 -24.90 -27.54 15.87
N ILE B 84 -26.13 -27.28 15.44
CA ILE B 84 -26.37 -26.66 14.12
C ILE B 84 -27.03 -25.28 14.21
N SER B 85 -26.77 -24.46 13.20
CA SER B 85 -27.44 -23.17 13.03
C SER B 85 -28.38 -23.18 11.81
N TYR B 86 -28.42 -24.31 11.11
CA TYR B 86 -29.12 -24.45 9.83
C TYR B 86 -30.63 -24.27 9.95
N LYS B 87 -31.19 -23.46 9.05
CA LYS B 87 -32.63 -23.14 8.99
C LYS B 87 -33.19 -22.40 10.23
N MET B 88 -32.34 -22.14 11.23
CA MET B 88 -32.75 -21.48 12.47
C MET B 88 -33.29 -20.08 12.22
N PRO B 89 -34.46 -19.75 12.82
CA PRO B 89 -35.08 -18.44 12.60
C PRO B 89 -34.29 -17.26 13.20
N ASP B 90 -34.69 -16.04 12.85
CA ASP B 90 -34.09 -14.79 13.34
C ASP B 90 -34.03 -14.70 14.88
N GLU B 91 -34.96 -15.38 15.53
CA GLU B 91 -35.10 -15.40 16.99
C GLU B 91 -33.96 -16.13 17.70
N THR B 92 -33.54 -17.26 17.13
CA THR B 92 -32.60 -18.17 17.80
C THR B 92 -31.25 -18.36 17.09
N PHE B 93 -31.07 -17.76 15.91
CA PHE B 93 -29.83 -17.95 15.13
C PHE B 93 -28.56 -17.65 15.93
N LEU B 94 -28.49 -16.46 16.52
CA LEU B 94 -27.31 -16.01 17.27
C LEU B 94 -26.98 -16.90 18.46
N LEU B 95 -28.02 -17.35 19.14
CA LEU B 95 -27.93 -18.28 20.27
C LEU B 95 -27.22 -19.58 19.88
N HIS B 96 -27.45 -20.02 18.65
CA HIS B 96 -26.83 -21.21 18.07
C HIS B 96 -25.44 -20.93 17.49
N HIS B 97 -25.31 -19.79 16.83
CA HIS B 97 -24.05 -19.38 16.20
C HIS B 97 -22.95 -19.13 17.24
N LEU B 98 -23.28 -18.37 18.29
CA LEU B 98 -22.37 -18.12 19.42
C LEU B 98 -22.19 -19.36 20.31
N GLY B 99 -23.18 -20.26 20.27
CA GLY B 99 -23.14 -21.54 20.99
C GLY B 99 -22.08 -22.49 20.45
N LYS B 100 -22.08 -22.66 19.13
CA LYS B 100 -21.10 -23.49 18.40
C LYS B 100 -19.65 -23.06 18.66
N HIS B 101 -19.46 -21.74 18.71
CA HIS B 101 -18.16 -21.12 18.95
C HIS B 101 -17.60 -21.44 20.33
N ARG B 102 -18.45 -21.31 21.35
CA ARG B 102 -18.09 -21.57 22.75
C ARG B 102 -17.85 -23.06 23.02
N TRP B 103 -18.48 -23.91 22.21
CA TRP B 103 -18.24 -25.35 22.22
C TRP B 103 -16.89 -25.73 21.59
N ARG B 104 -16.44 -24.97 20.60
CA ARG B 104 -15.13 -25.16 19.98
C ARG B 104 -13.97 -24.86 20.93
N GLU B 105 -14.23 -24.02 21.93
CA GLU B 105 -13.27 -23.66 22.97
C GLU B 105 -13.41 -24.50 24.24
N MET B 106 -14.44 -25.36 24.28
CA MET B 106 -14.83 -26.10 25.48
C MET B 106 -13.80 -27.14 25.97
N ASN B 107 -13.21 -27.86 25.03
CA ASN B 107 -12.17 -28.87 25.34
C ASN B 107 -10.91 -28.25 25.93
N ALA B 108 -10.56 -27.06 25.43
CA ALA B 108 -9.44 -26.28 25.96
C ALA B 108 -9.78 -25.65 27.33
N LYS B 109 -11.06 -25.32 27.52
CA LYS B 109 -11.55 -24.71 28.76
C LYS B 109 -11.61 -25.74 29.91
N VAL B 110 -12.19 -26.90 29.63
CA VAL B 110 -12.33 -27.97 30.62
C VAL B 110 -11.02 -28.72 30.87
N GLY B 111 -10.26 -28.95 29.80
CA GLY B 111 -9.05 -29.77 29.85
C GLY B 111 -9.29 -31.23 29.47
N ILE B 112 -10.54 -31.66 29.59
CA ILE B 112 -10.95 -33.03 29.31
C ILE B 112 -11.89 -33.03 28.09
N ASP B 113 -11.74 -34.04 27.23
CA ASP B 113 -12.52 -34.19 26.00
C ASP B 113 -14.02 -34.40 26.27
N THR B 114 -14.81 -33.44 25.80
CA THR B 114 -16.28 -33.45 25.92
C THR B 114 -16.92 -34.15 24.72
N THR B 115 -16.09 -34.74 23.86
CA THR B 115 -16.46 -35.36 22.57
C THR B 115 -17.02 -34.39 21.51
N TYR B 116 -16.88 -33.08 21.74
CA TYR B 116 -17.27 -32.08 20.74
C TYR B 116 -16.30 -32.05 19.57
N ARG B 117 -16.85 -32.14 18.36
CA ARG B 117 -16.08 -32.08 17.12
C ARG B 117 -16.73 -31.12 16.13
N THR B 118 -15.89 -30.31 15.48
CA THR B 118 -16.32 -29.50 14.33
C THR B 118 -16.35 -30.47 13.15
N GLN B 119 -17.57 -30.79 12.70
CA GLN B 119 -17.82 -32.00 11.92
C GLN B 119 -18.30 -31.76 10.48
N GLY B 120 -19.25 -30.84 10.31
CA GLY B 120 -19.87 -30.60 9.02
C GLY B 120 -21.18 -31.36 8.86
N ARG B 121 -22.17 -30.72 8.27
CA ARG B 121 -23.50 -31.30 8.04
C ARG B 121 -24.00 -31.00 6.63
N VAL B 122 -24.52 -32.03 5.96
CA VAL B 122 -25.17 -31.86 4.65
C VAL B 122 -26.67 -32.16 4.72
N GLU B 123 -27.48 -31.22 4.22
CA GLU B 123 -28.92 -31.43 4.08
C GLU B 123 -29.35 -31.20 2.63
N VAL B 124 -29.71 -32.30 1.96
CA VAL B 124 -30.29 -32.26 0.62
C VAL B 124 -31.75 -31.80 0.75
N PRO B 125 -32.13 -30.71 0.06
CA PRO B 125 -33.54 -30.28 0.03
C PRO B 125 -34.44 -31.29 -0.70
N LEU B 126 -35.68 -31.43 -0.24
CA LEU B 126 -36.61 -32.43 -0.79
C LEU B 126 -37.10 -32.13 -2.20
N ASP B 127 -37.35 -30.85 -2.49
CA ASP B 127 -37.76 -30.40 -3.83
C ASP B 127 -37.09 -29.09 -4.28
N GLU B 128 -37.45 -28.65 -5.48
CA GLU B 128 -36.97 -27.39 -6.07
C GLU B 128 -37.43 -26.18 -5.25
N GLU B 129 -38.66 -26.25 -4.72
CA GLU B 129 -39.25 -25.20 -3.88
C GLU B 129 -38.48 -25.01 -2.57
N ASP B 130 -38.02 -26.11 -2.00
CA ASP B 130 -37.21 -26.12 -0.77
C ASP B 130 -35.82 -25.54 -1.02
N LEU B 131 -35.26 -25.81 -2.21
CA LEU B 131 -33.95 -25.30 -2.63
C LEU B 131 -33.92 -23.77 -2.75
N VAL B 132 -34.96 -23.21 -3.35
CA VAL B 132 -35.14 -21.75 -3.49
C VAL B 132 -35.16 -21.08 -2.11
N ASN B 133 -35.82 -21.74 -1.15
CA ASN B 133 -35.93 -21.23 0.22
C ASN B 133 -34.71 -21.41 1.12
N VAL B 134 -33.97 -22.51 0.95
CA VAL B 134 -32.71 -22.71 1.69
C VAL B 134 -31.59 -21.79 1.20
N ARG B 135 -31.64 -21.46 -0.10
CA ARG B 135 -30.73 -20.49 -0.70
C ARG B 135 -31.02 -19.09 -0.19
N LYS B 136 -32.30 -18.72 -0.16
CA LYS B 136 -32.78 -17.44 0.36
C LYS B 136 -32.35 -17.24 1.82
N TRP B 137 -32.44 -18.32 2.61
CA TRP B 137 -32.02 -18.30 4.02
C TRP B 137 -30.52 -18.09 4.19
N ILE B 138 -29.72 -18.82 3.39
CA ILE B 138 -28.25 -18.73 3.43
C ILE B 138 -27.75 -17.34 2.98
N ASP B 139 -28.33 -16.85 1.87
CA ASP B 139 -27.98 -15.54 1.29
C ASP B 139 -28.30 -14.35 2.21
N GLU B 140 -29.49 -14.36 2.81
CA GLU B 140 -29.93 -13.30 3.73
C GLU B 140 -29.11 -13.28 5.02
N ARG B 141 -28.66 -14.46 5.45
CA ARG B 141 -27.81 -14.59 6.63
C ARG B 141 -26.34 -14.30 6.33
N SER B 142 -25.94 -14.49 5.08
CA SER B 142 -24.57 -14.15 4.63
C SER B 142 -24.31 -12.65 4.64
N LYS B 143 -25.32 -11.88 4.22
CA LYS B 143 -25.25 -10.40 4.19
C LYS B 143 -25.21 -9.81 5.60
N ASN B 144 -26.18 -10.18 6.42
CA ASN B 144 -26.29 -9.70 7.80
C ASN B 144 -26.23 -10.85 8.79
N VAL B 145 -25.01 -11.17 9.22
CA VAL B 145 -24.73 -12.28 10.14
C VAL B 145 -25.22 -11.94 11.56
N GLY B 146 -24.96 -10.72 12.00
CA GLY B 146 -25.29 -10.28 13.36
C GLY B 146 -24.18 -10.55 14.36
N SER B 147 -23.02 -10.93 13.83
CA SER B 147 -21.83 -11.26 14.62
C SER B 147 -20.56 -11.13 13.76
N ASP B 148 -19.43 -10.86 14.41
CA ASP B 148 -18.13 -10.84 13.74
C ASP B 148 -17.51 -12.26 13.59
N ILE B 149 -18.15 -13.25 14.20
CA ILE B 149 -17.80 -14.67 14.05
C ILE B 149 -18.16 -15.10 12.61
N PRO B 150 -17.16 -15.55 11.82
CA PRO B 150 -17.49 -15.83 10.42
C PRO B 150 -18.49 -16.98 10.26
N PHE B 151 -19.58 -16.67 9.56
CA PHE B 151 -20.54 -17.65 9.07
C PHE B 151 -19.85 -18.68 8.17
N LYS B 152 -20.32 -19.93 8.23
CA LYS B 152 -19.66 -21.02 7.48
C LYS B 152 -20.63 -22.01 6.85
N THR B 153 -21.60 -21.49 6.10
CA THR B 153 -22.64 -22.32 5.49
C THR B 153 -22.89 -21.92 4.05
N ARG B 154 -22.90 -22.92 3.18
CA ARG B 154 -22.96 -22.73 1.73
C ARG B 154 -23.63 -23.91 1.03
N ILE B 155 -24.09 -23.67 -0.20
CA ILE B 155 -24.57 -24.71 -1.10
C ILE B 155 -23.35 -25.45 -1.65
N ILE B 156 -23.51 -26.75 -1.87
CA ILE B 156 -22.48 -27.57 -2.53
C ILE B 156 -23.07 -28.44 -3.64
N GLU B 157 -22.31 -28.57 -4.72
CA GLU B 157 -22.63 -29.48 -5.84
C GLU B 157 -21.39 -30.36 -6.10
N GLY B 158 -21.27 -30.88 -7.32
CA GLY B 158 -20.05 -31.56 -7.80
C GLY B 158 -19.48 -32.65 -6.91
N ALA B 159 -18.14 -32.67 -6.81
CA ALA B 159 -17.39 -33.73 -6.13
C ALA B 159 -17.35 -33.62 -4.60
N GLU B 160 -17.53 -32.40 -4.06
CA GLU B 160 -17.54 -32.16 -2.61
C GLU B 160 -18.73 -32.87 -1.93
N LEU B 161 -19.86 -32.88 -2.61
CA LEU B 161 -21.06 -33.58 -2.14
C LEU B 161 -20.90 -35.10 -2.19
N ASN B 162 -20.30 -35.60 -3.28
CA ASN B 162 -20.01 -37.04 -3.45
C ASN B 162 -19.07 -37.58 -2.39
N GLN B 163 -18.16 -36.71 -1.95
CA GLN B 163 -17.19 -36.99 -0.89
C GLN B 163 -17.86 -37.23 0.46
N ARG B 164 -18.87 -36.40 0.77
CA ARG B 164 -19.58 -36.46 2.06
C ARG B 164 -20.78 -37.39 2.05
N LEU B 165 -21.21 -37.78 0.85
CA LEU B 165 -22.26 -38.78 0.65
C LEU B 165 -21.72 -40.00 -0.10
N ARG B 166 -20.60 -40.53 0.38
CA ARG B 166 -19.91 -41.65 -0.27
C ARG B 166 -20.60 -42.98 0.01
N GLY B 167 -20.84 -43.74 -1.07
CA GLY B 167 -21.50 -45.04 -1.00
C GLY B 167 -23.01 -44.95 -0.90
N ALA B 168 -23.57 -43.83 -1.37
CA ALA B 168 -25.01 -43.60 -1.37
C ALA B 168 -25.67 -44.26 -2.59
N THR B 169 -26.81 -44.90 -2.35
CA THR B 169 -27.60 -45.56 -3.39
C THR B 169 -28.20 -44.55 -4.37
N THR B 170 -28.71 -43.45 -3.82
CA THR B 170 -29.37 -42.41 -4.60
C THR B 170 -28.36 -41.35 -5.03
N ASP B 171 -28.45 -40.95 -6.29
CA ASP B 171 -27.64 -39.86 -6.83
C ASP B 171 -28.23 -38.52 -6.39
N TRP B 172 -27.76 -38.05 -5.24
CA TRP B 172 -28.12 -36.73 -4.72
C TRP B 172 -27.29 -35.67 -5.44
N LYS B 173 -27.95 -34.58 -5.84
CA LYS B 173 -27.38 -33.60 -6.77
C LYS B 173 -26.97 -32.26 -6.13
N ILE B 174 -27.64 -31.89 -5.04
CA ILE B 174 -27.44 -30.60 -4.38
C ILE B 174 -27.72 -30.70 -2.86
N ALA B 175 -26.99 -29.94 -2.05
CA ALA B 175 -27.21 -29.88 -0.60
C ALA B 175 -26.75 -28.57 0.05
N GLY B 176 -27.35 -28.27 1.21
CA GLY B 176 -26.87 -27.19 2.07
C GLY B 176 -25.85 -27.75 3.03
N PHE B 177 -24.68 -27.10 3.08
CA PHE B 177 -23.54 -27.59 3.84
C PHE B 177 -23.13 -26.61 4.93
N GLU B 178 -23.47 -26.94 6.18
CA GLU B 178 -22.98 -26.22 7.35
C GLU B 178 -21.65 -26.85 7.77
N GLU B 179 -20.57 -26.18 7.36
CA GLU B 179 -19.21 -26.70 7.47
C GLU B 179 -18.70 -26.76 8.91
N ASP B 180 -19.05 -25.75 9.71
CA ASP B 180 -18.59 -25.65 11.11
C ASP B 180 -19.56 -26.27 12.13
N SER B 181 -20.47 -27.12 11.65
CA SER B 181 -21.48 -27.77 12.49
C SER B 181 -20.85 -28.71 13.51
N GLY B 182 -21.41 -28.70 14.73
CA GLY B 182 -20.86 -29.46 15.84
C GLY B 182 -21.43 -30.85 16.00
N SER B 183 -20.73 -31.66 16.79
CA SER B 183 -21.13 -33.02 17.11
C SER B 183 -20.65 -33.41 18.51
N PHE B 184 -21.61 -33.58 19.42
CA PHE B 184 -21.34 -34.07 20.78
C PHE B 184 -22.08 -35.39 21.06
N ASP B 185 -21.51 -36.17 21.98
CA ASP B 185 -22.03 -37.52 22.27
C ASP B 185 -22.80 -37.56 23.60
N PRO B 186 -24.04 -38.10 23.59
CA PRO B 186 -24.91 -38.13 24.77
C PRO B 186 -24.34 -38.88 25.98
N GLU B 187 -23.54 -39.92 25.72
CA GLU B 187 -22.96 -40.75 26.78
C GLU B 187 -21.79 -40.08 27.51
N VAL B 188 -21.28 -38.97 26.98
CA VAL B 188 -20.09 -38.30 27.53
C VAL B 188 -20.34 -36.84 27.91
N ALA B 189 -20.69 -36.03 26.92
CA ALA B 189 -20.63 -34.55 26.95
C ALA B 189 -21.02 -33.85 28.28
N THR B 190 -22.28 -34.02 28.69
CA THR B 190 -22.84 -33.32 29.85
C THR B 190 -22.23 -33.78 31.19
N PHE B 191 -21.84 -35.05 31.26
CA PHE B 191 -21.19 -35.63 32.44
C PHE B 191 -19.81 -35.00 32.69
N VAL B 192 -19.14 -34.60 31.60
CA VAL B 192 -17.85 -33.92 31.68
C VAL B 192 -18.05 -32.47 32.15
N MET B 193 -19.02 -31.77 31.55
CA MET B 193 -19.38 -30.41 31.96
C MET B 193 -19.78 -30.35 33.44
N ALA B 194 -20.31 -31.48 33.93
CA ALA B 194 -20.71 -31.64 35.33
C ALA B 194 -19.55 -31.95 36.26
N GLU B 195 -18.70 -32.93 35.91
CA GLU B 195 -17.50 -33.26 36.69
C GLU B 195 -16.55 -32.08 36.81
N TYR B 196 -16.57 -31.26 35.76
CA TYR B 196 -16.03 -29.91 35.79
C TYR B 196 -16.72 -29.11 36.88
N ALA B 197 -17.99 -28.69 36.67
CA ALA B 197 -18.71 -27.82 37.62
C ALA B 197 -18.29 -28.03 39.09
N LYS B 198 -18.19 -29.30 39.47
CA LYS B 198 -17.62 -29.76 40.76
C LYS B 198 -16.19 -29.28 41.03
N LYS B 199 -15.35 -29.28 39.99
CA LYS B 199 -13.97 -28.75 40.03
C LYS B 199 -13.95 -27.22 40.21
N MET B 200 -14.90 -26.51 39.60
CA MET B 200 -15.00 -25.05 39.75
C MET B 200 -15.54 -24.59 41.09
N GLY B 201 -16.30 -25.45 41.76
CA GLY B 201 -16.86 -25.15 43.09
C GLY B 201 -18.35 -25.32 43.21
N VAL B 202 -18.99 -25.84 42.16
CA VAL B 202 -20.44 -26.10 42.19
C VAL B 202 -20.69 -27.39 42.98
N ARG B 203 -21.58 -27.28 43.97
CA ARG B 203 -22.11 -28.43 44.71
C ARG B 203 -23.38 -28.92 44.03
N ILE B 204 -23.48 -30.23 43.85
CA ILE B 204 -24.65 -30.84 43.20
C ILE B 204 -25.15 -32.02 44.04
N TYR B 205 -26.39 -31.93 44.50
CA TYR B 205 -26.97 -32.95 45.36
C TYR B 205 -27.98 -33.83 44.65
N THR B 206 -27.56 -35.04 44.34
CA THR B 206 -28.38 -36.04 43.66
C THR B 206 -29.42 -36.64 44.61
N GLN B 207 -30.47 -37.22 44.03
CA GLN B 207 -31.62 -37.82 44.74
C GLN B 207 -32.32 -36.85 45.71
N CYS B 208 -32.34 -35.57 45.30
CA CYS B 208 -32.84 -34.48 46.12
C CYS B 208 -33.74 -33.54 45.31
N ALA B 209 -35.05 -33.82 45.34
CA ALA B 209 -36.05 -33.08 44.61
C ALA B 209 -36.37 -31.75 45.28
N ALA B 210 -36.34 -30.67 44.49
CA ALA B 210 -36.79 -29.36 44.94
C ALA B 210 -38.32 -29.30 44.84
N ARG B 211 -38.96 -29.11 46.00
CA ARG B 211 -40.42 -29.09 46.09
C ARG B 211 -41.00 -27.72 45.72
N GLY B 212 -40.35 -26.66 46.21
CA GLY B 212 -40.73 -25.28 45.91
C GLY B 212 -39.90 -24.30 46.69
N LEU B 213 -40.43 -23.09 46.86
CA LEU B 213 -39.70 -21.99 47.49
C LEU B 213 -40.56 -21.11 48.40
N GLU B 214 -39.99 -20.72 49.53
CA GLU B 214 -40.65 -19.88 50.53
C GLU B 214 -40.48 -18.40 50.19
N THR B 215 -41.54 -17.62 50.44
CA THR B 215 -41.54 -16.18 50.16
C THR B 215 -41.88 -15.33 51.40
N GLN B 216 -41.14 -14.22 51.55
CA GLN B 216 -41.33 -13.27 52.65
C GLN B 216 -41.27 -11.84 52.15
N ALA B 217 -42.35 -11.09 52.38
CA ALA B 217 -42.52 -9.68 51.96
C ALA B 217 -42.30 -9.38 50.45
N GLY B 218 -42.37 -10.42 49.62
CA GLY B 218 -42.18 -10.30 48.18
C GLY B 218 -40.79 -10.65 47.67
N VAL B 219 -40.04 -11.41 48.47
CA VAL B 219 -38.70 -11.90 48.08
C VAL B 219 -38.49 -13.34 48.56
N ILE B 220 -37.81 -14.14 47.73
CA ILE B 220 -37.52 -15.56 48.01
C ILE B 220 -36.60 -15.68 49.22
N SER B 221 -36.98 -16.56 50.16
CA SER B 221 -36.21 -16.78 51.40
C SER B 221 -35.55 -18.15 51.46
N ASP B 222 -36.29 -19.20 51.13
CA ASP B 222 -35.79 -20.58 51.16
C ASP B 222 -36.15 -21.33 49.87
N VAL B 223 -35.46 -22.46 49.64
CA VAL B 223 -35.89 -23.47 48.66
C VAL B 223 -36.03 -24.80 49.42
N VAL B 224 -37.27 -25.26 49.56
CA VAL B 224 -37.55 -26.47 50.32
C VAL B 224 -37.38 -27.69 49.44
N THR B 225 -36.43 -28.55 49.84
CA THR B 225 -36.15 -29.81 49.15
C THR B 225 -36.51 -30.99 50.07
N GLU B 226 -36.47 -32.20 49.53
CA GLU B 226 -36.79 -33.43 50.28
C GLU B 226 -35.75 -33.79 51.35
N LYS B 227 -34.51 -33.31 51.19
CA LYS B 227 -33.44 -33.51 52.17
C LYS B 227 -33.35 -32.40 53.21
N GLY B 228 -33.98 -31.26 52.92
CA GLY B 228 -34.03 -30.12 53.84
C GLY B 228 -34.30 -28.80 53.15
N ALA B 229 -34.27 -27.72 53.93
CA ALA B 229 -34.42 -26.36 53.43
C ALA B 229 -33.06 -25.72 53.19
N ILE B 230 -33.02 -24.77 52.25
CA ILE B 230 -31.79 -24.05 51.90
C ILE B 230 -32.12 -22.56 51.70
N LYS B 231 -31.41 -21.70 52.43
CA LYS B 231 -31.62 -20.25 52.36
C LYS B 231 -30.96 -19.62 51.13
N THR B 232 -31.78 -18.99 50.30
CA THR B 232 -31.33 -18.22 49.13
C THR B 232 -32.31 -17.09 48.81
N SER B 233 -31.82 -16.08 48.07
CA SER B 233 -32.66 -15.01 47.53
C SER B 233 -32.82 -15.14 46.01
N GLN B 234 -32.01 -16.02 45.40
CA GLN B 234 -31.95 -16.18 43.95
C GLN B 234 -32.10 -17.64 43.51
N VAL B 235 -33.02 -17.88 42.57
CA VAL B 235 -33.38 -19.22 42.11
C VAL B 235 -33.34 -19.29 40.57
N VAL B 236 -32.75 -20.36 40.05
CA VAL B 236 -32.76 -20.65 38.62
C VAL B 236 -33.52 -21.97 38.40
N VAL B 237 -34.62 -21.90 37.65
CA VAL B 237 -35.40 -23.10 37.30
C VAL B 237 -34.93 -23.63 35.94
N ALA B 238 -34.23 -24.76 35.99
CA ALA B 238 -33.76 -25.48 34.80
C ALA B 238 -34.12 -26.97 34.93
N GLY B 239 -35.41 -27.23 35.16
CA GLY B 239 -35.92 -28.57 35.46
C GLY B 239 -36.36 -29.39 34.27
N GLY B 240 -35.99 -28.94 33.07
CA GLY B 240 -36.34 -29.63 31.82
C GLY B 240 -37.83 -29.66 31.57
N VAL B 241 -38.38 -30.88 31.45
CA VAL B 241 -39.81 -31.09 31.21
C VAL B 241 -40.68 -30.86 32.46
N TRP B 242 -40.01 -30.78 33.61
CA TRP B 242 -40.67 -30.62 34.91
C TRP B 242 -40.83 -29.16 35.33
N SER B 243 -40.31 -28.26 34.51
CA SER B 243 -40.32 -26.82 34.79
C SER B 243 -41.72 -26.22 34.89
N ARG B 244 -42.65 -26.68 34.05
CA ARG B 244 -44.06 -26.27 34.14
C ARG B 244 -44.65 -26.63 35.50
N LEU B 245 -44.46 -27.88 35.91
CA LEU B 245 -45.02 -28.43 37.15
C LEU B 245 -44.51 -27.69 38.40
N PHE B 246 -43.22 -27.38 38.41
CA PHE B 246 -42.59 -26.62 39.50
C PHE B 246 -43.21 -25.21 39.64
N MET B 247 -43.42 -24.55 38.50
CA MET B 247 -43.92 -23.18 38.46
C MET B 247 -45.43 -23.06 38.66
N GLN B 248 -46.15 -24.15 38.37
CA GLN B 248 -47.59 -24.25 38.55
C GLN B 248 -47.99 -24.22 40.03
N ASN B 249 -47.14 -24.78 40.88
CA ASN B 249 -47.28 -24.76 42.33
C ASN B 249 -47.11 -23.34 42.90
N LEU B 250 -46.36 -22.52 42.17
CA LEU B 250 -46.13 -21.12 42.54
C LEU B 250 -47.07 -20.15 41.79
N ASN B 251 -48.09 -20.73 41.15
CA ASN B 251 -49.14 -20.01 40.40
C ASN B 251 -48.65 -19.17 39.21
N VAL B 252 -47.61 -19.66 38.56
CA VAL B 252 -47.04 -19.04 37.36
C VAL B 252 -47.18 -20.02 36.20
N ASP B 253 -47.90 -19.59 35.15
CA ASP B 253 -48.16 -20.46 33.99
C ASP B 253 -47.02 -20.47 32.98
N VAL B 254 -46.40 -21.64 32.84
CA VAL B 254 -45.35 -21.89 31.84
C VAL B 254 -45.93 -22.83 30.77
N PRO B 255 -46.23 -22.30 29.56
CA PRO B 255 -46.94 -23.10 28.56
C PRO B 255 -46.03 -24.02 27.76
N THR B 256 -45.88 -25.26 28.22
CA THR B 256 -45.18 -26.30 27.47
C THR B 256 -46.07 -27.52 27.26
N LEU B 257 -45.75 -28.33 26.26
CA LEU B 257 -46.41 -29.62 26.04
C LEU B 257 -45.38 -30.73 25.88
N PRO B 258 -45.69 -31.95 26.38
CA PRO B 258 -44.76 -33.07 26.25
C PRO B 258 -44.63 -33.59 24.82
N ALA B 259 -43.39 -33.87 24.42
CA ALA B 259 -43.08 -34.42 23.10
C ALA B 259 -41.95 -35.43 23.22
N TYR B 260 -42.03 -36.49 22.43
CA TYR B 260 -41.09 -37.61 22.51
C TYR B 260 -40.47 -37.91 21.15
N GLN B 261 -39.20 -38.27 21.16
CA GLN B 261 -38.50 -38.75 19.97
C GLN B 261 -37.60 -39.93 20.30
N SER B 262 -37.74 -40.99 19.51
CA SER B 262 -36.93 -42.19 19.64
C SER B 262 -35.54 -41.98 19.04
N GLN B 263 -34.54 -42.56 19.69
CA GLN B 263 -33.13 -42.48 19.24
C GLN B 263 -32.46 -43.84 19.32
N GLN B 264 -31.46 -44.05 18.46
CA GLN B 264 -30.66 -45.27 18.49
C GLN B 264 -29.21 -45.09 18.07
N LEU B 265 -28.34 -45.93 18.63
CA LEU B 265 -26.91 -45.89 18.35
C LEU B 265 -26.46 -47.20 17.71
N ILE B 266 -25.78 -47.09 16.58
CA ILE B 266 -25.24 -48.25 15.85
C ILE B 266 -23.71 -48.18 15.71
N SER B 267 -23.08 -49.36 15.59
CA SER B 267 -21.62 -49.47 15.47
C SER B 267 -21.11 -48.95 14.12
N GLY B 268 -19.82 -48.65 14.08
CA GLY B 268 -19.17 -48.11 12.89
C GLY B 268 -18.98 -49.09 11.76
N SER B 269 -18.29 -48.63 10.71
CA SER B 269 -17.98 -49.40 9.51
C SER B 269 -16.72 -48.84 8.84
N PRO B 270 -15.86 -49.72 8.28
CA PRO B 270 -14.67 -49.27 7.52
C PRO B 270 -14.99 -48.47 6.25
N THR B 271 -16.21 -48.60 5.74
CA THR B 271 -16.65 -47.90 4.52
C THR B 271 -17.70 -46.80 4.77
N ALA B 272 -18.00 -46.54 6.04
CA ALA B 272 -18.97 -45.50 6.45
C ALA B 272 -18.48 -44.09 6.11
N PRO B 273 -19.39 -43.20 5.62
CA PRO B 273 -18.98 -41.92 5.02
C PRO B 273 -18.51 -40.82 5.98
N GLY B 274 -18.91 -40.91 7.24
CA GLY B 274 -18.55 -39.90 8.25
C GLY B 274 -19.41 -38.65 8.22
N GLY B 275 -19.27 -37.84 9.27
CA GLY B 275 -19.98 -36.57 9.38
C GLY B 275 -21.44 -36.67 9.76
N ASN B 276 -22.14 -35.55 9.57
CA ASN B 276 -23.58 -35.42 9.82
C ASN B 276 -24.30 -35.33 8.48
N VAL B 277 -25.36 -36.12 8.33
CA VAL B 277 -26.10 -36.22 7.06
C VAL B 277 -27.61 -36.20 7.32
N ALA B 278 -28.32 -35.38 6.55
CA ALA B 278 -29.77 -35.30 6.55
C ALA B 278 -30.30 -35.43 5.12
N LEU B 279 -31.07 -36.48 4.86
CA LEU B 279 -31.58 -36.77 3.51
C LEU B 279 -33.11 -36.83 3.46
N PRO B 280 -33.70 -36.48 2.29
CA PRO B 280 -35.14 -36.67 2.08
C PRO B 280 -35.53 -38.14 2.15
N GLY B 281 -36.68 -38.41 2.76
CA GLY B 281 -37.11 -39.78 3.05
C GLY B 281 -36.85 -40.16 4.50
N GLY B 282 -36.44 -39.18 5.31
CA GLY B 282 -36.17 -39.36 6.73
C GLY B 282 -34.91 -40.18 7.02
N ILE B 283 -33.81 -39.84 6.36
CA ILE B 283 -32.51 -40.48 6.60
C ILE B 283 -31.64 -39.48 7.33
N PHE B 284 -31.25 -39.83 8.56
CA PHE B 284 -30.41 -38.98 9.39
C PHE B 284 -29.38 -39.83 10.14
N PHE B 285 -28.11 -39.45 10.01
CA PHE B 285 -27.04 -40.06 10.82
C PHE B 285 -25.92 -39.08 11.19
N ARG B 286 -25.23 -39.40 12.28
CA ARG B 286 -24.17 -38.57 12.82
C ARG B 286 -23.09 -39.46 13.45
N GLU B 287 -21.85 -39.29 12.98
CA GLU B 287 -20.71 -40.04 13.51
C GLU B 287 -20.28 -39.48 14.86
N GLN B 288 -20.10 -40.39 15.83
CA GLN B 288 -19.64 -40.04 17.17
C GLN B 288 -18.11 -39.97 17.21
N ALA B 289 -17.55 -39.61 18.36
CA ALA B 289 -16.09 -39.52 18.55
C ALA B 289 -15.35 -40.85 18.34
N ASP B 290 -15.98 -41.96 18.74
CA ASP B 290 -15.34 -43.28 18.69
C ASP B 290 -15.66 -44.11 17.43
N GLY B 291 -16.21 -43.44 16.40
CA GLY B 291 -16.51 -44.08 15.12
C GLY B 291 -17.92 -44.65 14.99
N THR B 292 -18.65 -44.69 16.10
CA THR B 292 -20.05 -45.16 16.13
C THR B 292 -21.01 -44.12 15.54
N TYR B 293 -22.25 -44.52 15.28
CA TYR B 293 -23.22 -43.67 14.58
C TYR B 293 -24.56 -43.52 15.29
N ALA B 294 -24.89 -42.26 15.60
CA ALA B 294 -26.23 -41.89 16.09
C ALA B 294 -27.15 -41.73 14.88
N THR B 295 -28.36 -42.27 15.00
CA THR B 295 -29.39 -42.19 13.95
C THR B 295 -30.78 -42.18 14.57
N SER B 296 -31.72 -41.46 13.93
CA SER B 296 -33.10 -41.35 14.42
C SER B 296 -34.15 -41.16 13.32
N PRO B 297 -35.44 -41.41 13.62
CA PRO B 297 -36.50 -40.92 12.75
C PRO B 297 -36.75 -39.44 12.98
N ARG B 298 -37.55 -38.83 12.09
CA ARG B 298 -37.99 -37.45 12.22
C ARG B 298 -39.34 -37.34 12.97
N VAL B 299 -39.98 -38.49 13.21
CA VAL B 299 -41.28 -38.57 13.87
C VAL B 299 -41.21 -38.16 15.36
N ILE B 300 -42.00 -37.15 15.72
CA ILE B 300 -42.19 -36.70 17.09
C ILE B 300 -43.56 -37.19 17.59
N VAL B 301 -43.58 -37.90 18.72
CA VAL B 301 -44.84 -38.33 19.33
C VAL B 301 -45.21 -37.39 20.47
N ALA B 302 -46.41 -36.82 20.39
CA ALA B 302 -46.94 -35.92 21.42
C ALA B 302 -48.20 -36.47 22.08
N PRO B 303 -48.12 -36.90 23.35
CA PRO B 303 -49.30 -37.45 24.02
C PRO B 303 -50.34 -36.37 24.38
N VAL B 304 -51.62 -36.72 24.23
CA VAL B 304 -52.72 -35.87 24.67
C VAL B 304 -52.69 -35.87 26.20
N VAL B 305 -52.50 -34.68 26.76
CA VAL B 305 -52.50 -34.44 28.20
C VAL B 305 -53.56 -33.37 28.52
N LYS B 306 -53.85 -33.14 29.80
CA LYS B 306 -54.89 -32.16 30.21
C LYS B 306 -54.68 -30.77 29.62
N GLU B 307 -53.41 -30.35 29.53
CA GLU B 307 -53.01 -29.05 28.96
C GLU B 307 -53.37 -28.87 27.48
N SER B 308 -53.49 -29.98 26.76
CA SER B 308 -53.83 -29.97 25.33
C SER B 308 -55.20 -29.36 25.07
N PHE B 309 -56.08 -29.49 26.05
CA PHE B 309 -57.43 -28.95 25.99
C PHE B 309 -57.45 -27.45 26.29
N THR B 310 -56.47 -26.99 27.07
CA THR B 310 -56.36 -25.59 27.49
C THR B 310 -55.72 -24.72 26.41
N TYR B 311 -54.51 -25.07 25.98
CA TYR B 311 -53.75 -24.23 25.04
C TYR B 311 -53.13 -25.00 23.84
N GLY B 312 -53.63 -26.20 23.59
CA GLY B 312 -53.21 -27.01 22.45
C GLY B 312 -53.47 -26.40 21.08
N TYR B 313 -54.45 -25.51 20.99
CA TYR B 313 -54.77 -24.79 19.76
C TYR B 313 -53.64 -23.86 19.30
N LYS B 314 -52.83 -23.40 20.26
CA LYS B 314 -51.66 -22.55 19.99
C LYS B 314 -50.56 -23.27 19.22
N TYR B 315 -50.60 -24.61 19.23
CA TYR B 315 -49.56 -25.45 18.66
C TYR B 315 -49.86 -25.92 17.24
N LEU B 316 -51.01 -25.51 16.69
CA LEU B 316 -51.41 -25.90 15.33
C LEU B 316 -50.37 -25.60 14.23
N PRO B 317 -49.65 -24.44 14.30
CA PRO B 317 -48.55 -24.27 13.34
C PRO B 317 -47.43 -25.33 13.44
N LEU B 318 -47.24 -25.90 14.64
CA LEU B 318 -46.22 -26.95 14.85
C LEU B 318 -46.63 -28.34 14.35
N LEU B 319 -47.88 -28.48 13.92
CA LEU B 319 -48.35 -29.69 13.23
C LEU B 319 -48.20 -29.57 11.71
N ALA B 320 -47.52 -28.51 11.26
CA ALA B 320 -47.36 -28.18 9.84
C ALA B 320 -45.89 -28.08 9.41
N LEU B 321 -45.00 -28.74 10.16
CA LEU B 321 -43.55 -28.71 9.90
C LEU B 321 -43.11 -29.95 9.10
N PRO B 322 -42.76 -29.76 7.80
CA PRO B 322 -42.36 -30.90 6.94
C PRO B 322 -41.17 -31.68 7.49
N ASP B 323 -40.25 -30.98 8.15
CA ASP B 323 -39.09 -31.59 8.82
C ASP B 323 -39.46 -32.51 9.98
N PHE B 324 -40.54 -32.18 10.70
CA PHE B 324 -40.94 -32.93 11.89
C PHE B 324 -42.42 -33.34 11.89
N PRO B 325 -42.75 -34.52 11.31
CA PRO B 325 -44.11 -35.04 11.40
C PRO B 325 -44.49 -35.36 12.85
N VAL B 326 -45.64 -34.87 13.28
CA VAL B 326 -46.10 -35.05 14.65
C VAL B 326 -47.18 -36.14 14.72
N HIS B 327 -46.94 -37.13 15.59
CA HIS B 327 -47.89 -38.21 15.83
C HIS B 327 -48.55 -38.02 17.18
N ILE B 328 -49.82 -37.64 17.16
CA ILE B 328 -50.61 -37.47 18.39
C ILE B 328 -50.92 -38.85 18.95
N SER B 329 -50.68 -39.03 20.25
CA SER B 329 -51.04 -40.28 20.91
C SER B 329 -52.03 -40.05 22.05
N LEU B 330 -53.01 -40.94 22.12
CA LEU B 330 -54.05 -40.85 23.12
C LEU B 330 -54.09 -42.16 23.91
N ASN B 331 -53.50 -42.12 25.11
CA ASN B 331 -53.39 -43.30 25.96
C ASN B 331 -53.52 -42.97 27.45
N GLU B 332 -52.83 -43.75 28.29
CA GLU B 332 -52.88 -43.60 29.74
C GLU B 332 -52.17 -42.35 30.28
N GLN B 333 -51.34 -41.72 29.44
CA GLN B 333 -50.65 -40.48 29.80
CA GLN B 333 -50.65 -40.48 29.80
C GLN B 333 -51.66 -39.37 30.09
N LEU B 334 -52.80 -39.42 29.40
CA LEU B 334 -53.92 -38.51 29.61
C LEU B 334 -54.56 -38.71 30.99
N ILE B 335 -54.81 -39.97 31.35
CA ILE B 335 -55.36 -40.31 32.65
C ILE B 335 -54.43 -39.81 33.77
N ASN B 336 -53.14 -40.15 33.66
CA ASN B 336 -52.11 -39.68 34.61
C ASN B 336 -52.04 -38.16 34.73
N SER B 337 -52.14 -37.48 33.60
CA SER B 337 -52.16 -36.01 33.52
C SER B 337 -53.30 -35.41 34.35
N PHE B 338 -54.50 -36.00 34.22
CA PHE B 338 -55.69 -35.55 34.96
C PHE B 338 -55.64 -35.83 36.45
N MET B 339 -54.77 -36.75 36.86
CA MET B 339 -54.66 -37.19 38.25
C MET B 339 -53.56 -36.44 39.01
N GLN B 340 -52.55 -35.96 38.28
CA GLN B 340 -51.42 -35.26 38.89
C GLN B 340 -51.84 -33.93 39.52
N SER B 341 -51.35 -33.70 40.74
CA SER B 341 -51.63 -32.49 41.51
C SER B 341 -51.09 -31.25 40.80
N THR B 342 -51.85 -30.15 40.92
CA THR B 342 -51.39 -28.84 40.47
C THR B 342 -50.70 -28.10 41.62
N HIS B 343 -51.12 -28.42 42.85
CA HIS B 343 -50.54 -27.86 44.07
C HIS B 343 -50.22 -28.95 45.09
N TRP B 344 -49.22 -28.67 45.94
CA TRP B 344 -48.81 -29.55 47.03
C TRP B 344 -48.05 -28.76 48.09
N ASN B 345 -48.21 -29.16 49.36
CA ASN B 345 -47.45 -28.58 50.47
C ASN B 345 -45.98 -28.99 50.43
N LEU B 346 -45.12 -28.14 50.99
CA LEU B 346 -43.67 -28.35 50.94
C LEU B 346 -43.14 -29.36 51.96
N ASP B 347 -44.01 -29.82 52.87
CA ASP B 347 -43.65 -30.84 53.86
C ASP B 347 -44.21 -32.24 53.55
N GLU B 348 -44.80 -32.38 52.36
CA GLU B 348 -45.32 -33.68 51.88
C GLU B 348 -44.63 -34.13 50.58
N VAL B 349 -44.86 -35.39 50.20
CA VAL B 349 -44.22 -36.01 49.02
C VAL B 349 -44.72 -35.36 47.72
N SER B 350 -43.78 -34.75 47.00
CA SER B 350 -44.05 -34.03 45.74
C SER B 350 -44.14 -34.98 44.53
N PRO B 351 -44.75 -34.52 43.40
CA PRO B 351 -44.71 -35.26 42.14
C PRO B 351 -43.30 -35.58 41.61
N PHE B 352 -42.33 -34.76 41.99
CA PHE B 352 -40.92 -34.97 41.62
C PHE B 352 -40.29 -36.16 42.35
N GLU B 353 -40.88 -36.54 43.47
CA GLU B 353 -40.43 -37.68 44.27
C GLU B 353 -41.21 -38.94 43.90
N GLN B 354 -42.51 -38.78 43.66
CA GLN B 354 -43.42 -39.89 43.35
C GLN B 354 -43.18 -40.48 41.95
N PHE B 355 -42.96 -39.60 40.98
CA PHE B 355 -42.67 -39.99 39.61
C PHE B 355 -41.24 -39.58 39.23
N ARG B 356 -40.31 -39.83 40.16
CA ARG B 356 -38.90 -39.43 40.07
C ARG B 356 -38.21 -39.79 38.75
N ASN B 357 -38.38 -41.05 38.32
CA ASN B 357 -37.75 -41.57 37.12
C ASN B 357 -38.76 -41.82 36.01
N MET B 358 -38.50 -41.23 34.84
CA MET B 358 -39.35 -41.39 33.66
C MET B 358 -39.21 -42.79 33.08
N THR B 359 -40.33 -43.33 32.60
CA THR B 359 -40.38 -44.70 32.09
C THR B 359 -40.72 -44.74 30.60
N ALA B 360 -40.46 -43.62 29.91
CA ALA B 360 -40.73 -43.48 28.48
C ALA B 360 -39.83 -44.38 27.64
N LEU B 361 -40.46 -45.18 26.79
CA LEU B 361 -39.80 -46.22 26.01
C LEU B 361 -39.73 -45.89 24.51
N PRO B 362 -38.68 -46.39 23.81
CA PRO B 362 -38.56 -46.17 22.37
C PRO B 362 -39.61 -46.91 21.56
N ASP B 363 -40.05 -46.28 20.47
CA ASP B 363 -40.94 -46.89 19.49
C ASP B 363 -40.10 -47.78 18.56
N LEU B 364 -40.05 -49.08 18.89
CA LEU B 364 -39.21 -50.06 18.17
C LEU B 364 -39.60 -50.36 16.71
N PRO B 365 -40.91 -50.41 16.37
CA PRO B 365 -41.24 -50.55 14.94
C PRO B 365 -40.81 -49.34 14.10
N GLU B 366 -40.95 -48.14 14.67
CA GLU B 366 -40.54 -46.88 14.04
C GLU B 366 -39.01 -46.81 13.85
N LEU B 367 -38.27 -47.29 14.85
CA LEU B 367 -36.81 -47.31 14.81
C LEU B 367 -36.25 -48.31 13.80
N ASN B 368 -36.88 -49.50 13.75
CA ASN B 368 -36.50 -50.56 12.82
C ASN B 368 -36.72 -50.15 11.36
N ALA B 369 -37.84 -49.48 11.10
CA ALA B 369 -38.17 -48.92 9.79
C ALA B 369 -37.19 -47.83 9.37
N SER B 370 -36.75 -47.04 10.35
CA SER B 370 -35.77 -45.96 10.15
C SER B 370 -34.36 -46.50 9.86
N LEU B 371 -33.99 -47.58 10.55
CA LEU B 371 -32.66 -48.19 10.39
C LEU B 371 -32.53 -48.94 9.06
N GLU B 372 -33.61 -49.61 8.65
CA GLU B 372 -33.63 -50.34 7.37
C GLU B 372 -33.61 -49.43 6.15
N LYS B 373 -34.12 -48.20 6.31
CA LYS B 373 -34.03 -47.16 5.29
C LYS B 373 -32.60 -46.63 5.16
N LEU B 374 -31.92 -46.52 6.30
CA LEU B 374 -30.52 -46.11 6.36
C LEU B 374 -29.60 -47.14 5.70
N LYS B 375 -29.87 -48.42 5.98
CA LYS B 375 -29.12 -49.55 5.40
C LYS B 375 -29.34 -49.69 3.89
N ALA B 376 -30.55 -49.34 3.42
CA ALA B 376 -30.90 -49.36 2.00
C ALA B 376 -30.24 -48.21 1.22
N GLU B 377 -30.13 -47.04 1.86
CA GLU B 377 -29.50 -45.87 1.25
C GLU B 377 -27.98 -45.96 1.31
N PHE B 378 -27.46 -46.27 2.50
CA PHE B 378 -26.04 -46.49 2.71
C PHE B 378 -25.78 -47.94 3.10
N PRO B 379 -25.44 -48.80 2.10
CA PRO B 379 -25.11 -50.21 2.37
C PRO B 379 -23.87 -50.39 3.27
N ALA B 380 -23.20 -49.29 3.60
CA ALA B 380 -22.09 -49.27 4.56
C ALA B 380 -22.52 -49.72 5.96
N PHE B 381 -23.74 -49.36 6.36
CA PHE B 381 -24.30 -49.70 7.68
C PHE B 381 -25.03 -51.05 7.74
N LYS B 382 -24.93 -51.85 6.67
CA LYS B 382 -25.63 -53.14 6.57
C LYS B 382 -25.16 -54.16 7.61
N GLU B 383 -23.87 -54.12 7.93
CA GLU B 383 -23.27 -55.04 8.92
C GLU B 383 -23.18 -54.44 10.33
N SER B 384 -23.67 -53.20 10.48
CA SER B 384 -23.61 -52.47 11.75
C SER B 384 -24.52 -53.09 12.81
N LYS B 385 -23.95 -53.32 14.00
CA LYS B 385 -24.68 -53.85 15.15
C LYS B 385 -25.36 -52.72 15.94
N LEU B 386 -26.41 -53.08 16.67
CA LEU B 386 -27.18 -52.14 17.47
C LEU B 386 -26.61 -52.04 18.89
N ILE B 387 -26.28 -50.81 19.32
CA ILE B 387 -25.65 -50.57 20.62
C ILE B 387 -26.68 -50.17 21.69
N ASP B 388 -27.50 -49.17 21.38
CA ASP B 388 -28.51 -48.66 22.31
C ASP B 388 -29.77 -48.18 21.59
N GLN B 389 -30.91 -48.28 22.29
CA GLN B 389 -32.19 -47.74 21.82
C GLN B 389 -32.93 -47.11 23.00
N TRP B 390 -33.31 -45.84 22.85
CA TRP B 390 -34.03 -45.11 23.89
C TRP B 390 -35.03 -44.09 23.33
N SER B 391 -35.78 -43.47 24.24
CA SER B 391 -36.65 -42.35 23.94
C SER B 391 -36.22 -41.11 24.72
N GLY B 392 -36.42 -39.94 24.12
CA GLY B 392 -36.08 -38.68 24.74
C GLY B 392 -37.32 -37.82 24.91
N ALA B 393 -37.52 -37.33 26.14
CA ALA B 393 -38.68 -36.50 26.47
C ALA B 393 -38.34 -35.02 26.36
N MET B 394 -39.15 -34.30 25.59
CA MET B 394 -39.03 -32.85 25.42
C MET B 394 -40.26 -32.13 25.95
N ALA B 395 -40.08 -30.85 26.28
CA ALA B 395 -41.18 -29.94 26.56
C ALA B 395 -41.04 -28.73 25.64
N ILE B 396 -42.07 -28.49 24.83
CA ILE B 396 -42.04 -27.49 23.77
C ILE B 396 -43.07 -26.39 24.02
N ALA B 397 -42.62 -25.14 23.93
CA ALA B 397 -43.50 -23.95 23.99
C ALA B 397 -44.29 -23.80 22.67
N PRO B 398 -45.44 -23.06 22.68
CA PRO B 398 -46.25 -22.89 21.45
C PRO B 398 -45.49 -22.47 20.18
N ASP B 399 -44.46 -21.63 20.33
CA ASP B 399 -43.68 -21.15 19.18
C ASP B 399 -42.38 -21.94 18.89
N GLU B 400 -42.17 -23.03 19.62
CA GLU B 400 -40.98 -23.93 19.51
C GLU B 400 -39.66 -23.31 20.01
N ASN B 401 -39.71 -22.03 20.39
CA ASN B 401 -38.55 -21.30 20.90
C ASN B 401 -38.40 -21.45 22.42
N PRO B 402 -37.17 -21.28 22.96
CA PRO B 402 -36.94 -21.49 24.41
C PRO B 402 -37.64 -20.49 25.33
N ILE B 403 -37.63 -20.79 26.63
CA ILE B 403 -38.05 -19.82 27.65
C ILE B 403 -36.84 -19.52 28.55
N ILE B 404 -36.16 -18.42 28.22
CA ILE B 404 -35.06 -17.87 29.04
C ILE B 404 -35.56 -16.50 29.50
N SER B 405 -36.09 -16.45 30.72
CA SER B 405 -36.92 -15.33 31.15
C SER B 405 -36.87 -15.06 32.66
N GLU B 406 -37.18 -13.81 33.02
CA GLU B 406 -37.49 -13.42 34.39
C GLU B 406 -38.94 -13.84 34.72
N VAL B 407 -39.22 -14.02 36.00
CA VAL B 407 -40.58 -14.31 36.47
C VAL B 407 -41.07 -13.11 37.29
N LYS B 408 -42.00 -12.37 36.70
CA LYS B 408 -42.55 -11.11 37.27
C LYS B 408 -43.14 -11.24 38.68
N GLU B 409 -43.72 -12.41 38.96
CA GLU B 409 -44.36 -12.69 40.25
C GLU B 409 -43.35 -12.86 41.39
N TYR B 410 -42.18 -13.41 41.07
CA TYR B 410 -41.13 -13.66 42.05
C TYR B 410 -39.79 -13.03 41.63
N PRO B 411 -39.44 -11.87 42.23
CA PRO B 411 -38.11 -11.28 42.01
C PRO B 411 -36.99 -12.19 42.53
N GLY B 412 -35.95 -12.35 41.73
CA GLY B 412 -34.85 -13.26 42.04
C GLY B 412 -35.03 -14.65 41.46
N LEU B 413 -36.12 -14.85 40.72
CA LEU B 413 -36.38 -16.12 40.04
C LEU B 413 -36.27 -15.93 38.53
N VAL B 414 -35.42 -16.75 37.91
CA VAL B 414 -35.30 -16.83 36.45
C VAL B 414 -35.46 -18.28 35.99
N ILE B 415 -36.06 -18.45 34.81
CA ILE B 415 -36.26 -19.78 34.22
C ILE B 415 -35.40 -19.96 32.97
N ASN B 416 -34.81 -21.15 32.84
CA ASN B 416 -34.06 -21.54 31.66
C ASN B 416 -34.46 -22.95 31.24
N THR B 417 -35.42 -23.02 30.32
CA THR B 417 -36.08 -24.29 29.98
C THR B 417 -36.75 -24.23 28.59
N ALA B 418 -37.45 -25.32 28.24
CA ALA B 418 -38.39 -25.41 27.10
C ALA B 418 -37.75 -25.28 25.72
N THR B 419 -36.64 -25.99 25.53
CA THR B 419 -35.88 -25.96 24.27
C THR B 419 -35.60 -27.35 23.70
N GLY B 420 -35.70 -27.45 22.38
CA GLY B 420 -35.35 -28.69 21.67
C GLY B 420 -33.90 -28.66 21.17
N TRP B 421 -33.17 -27.64 21.59
CA TRP B 421 -31.80 -27.38 21.15
C TRP B 421 -30.88 -26.96 22.30
N GLY B 422 -31.22 -27.41 23.51
CA GLY B 422 -30.52 -27.04 24.75
C GLY B 422 -29.03 -27.27 24.82
N MET B 423 -28.55 -28.30 24.12
CA MET B 423 -27.12 -28.62 24.07
C MET B 423 -26.31 -27.55 23.33
N THR B 424 -26.82 -27.13 22.17
CA THR B 424 -26.18 -26.10 21.34
C THR B 424 -26.24 -24.73 22.02
N GLU B 425 -27.39 -24.41 22.62
CA GLU B 425 -27.67 -23.09 23.18
C GLU B 425 -27.05 -22.84 24.56
N SER B 426 -26.84 -23.91 25.31
CA SER B 426 -26.38 -23.85 26.71
C SER B 426 -25.20 -22.93 27.07
N PRO B 427 -24.16 -22.82 26.20
CA PRO B 427 -23.11 -21.84 26.56
C PRO B 427 -23.55 -20.38 26.54
N VAL B 428 -24.51 -20.05 25.68
CA VAL B 428 -25.06 -18.68 25.58
C VAL B 428 -26.25 -18.50 26.54
N SER B 429 -27.07 -19.54 26.66
CA SER B 429 -28.22 -19.57 27.57
C SER B 429 -27.80 -19.35 29.02
N ALA B 430 -26.67 -19.96 29.40
CA ALA B 430 -26.07 -19.82 30.73
C ALA B 430 -25.83 -18.36 31.12
N GLU B 431 -25.21 -17.62 30.22
CA GLU B 431 -24.86 -16.21 30.42
C GLU B 431 -26.10 -15.32 30.42
N LEU B 432 -27.03 -15.62 29.50
CA LEU B 432 -28.28 -14.87 29.37
C LEU B 432 -29.21 -15.06 30.58
N THR B 433 -29.20 -16.26 31.16
CA THR B 433 -29.92 -16.56 32.40
C THR B 433 -29.32 -15.78 33.58
N ALA B 434 -27.98 -15.79 33.68
CA ALA B 434 -27.25 -15.08 34.72
C ALA B 434 -27.43 -13.56 34.63
N ASP B 435 -27.51 -13.04 33.41
CA ASP B 435 -27.72 -11.60 33.14
C ASP B 435 -29.07 -11.09 33.64
N LEU B 436 -30.13 -11.86 33.37
CA LEU B 436 -31.49 -11.53 33.80
C LEU B 436 -31.65 -11.63 35.31
N LEU B 437 -30.97 -12.62 35.90
CA LEU B 437 -30.94 -12.83 37.35
C LEU B 437 -30.26 -11.69 38.09
N LEU B 438 -29.16 -11.19 37.52
CA LEU B 438 -28.32 -10.18 38.17
C LEU B 438 -28.60 -8.74 37.70
N GLY B 439 -29.55 -8.58 36.78
CA GLY B 439 -29.96 -7.27 36.28
C GLY B 439 -29.01 -6.63 35.28
N LYS B 440 -28.08 -7.44 34.76
CA LYS B 440 -27.08 -6.99 33.79
C LYS B 440 -27.72 -6.87 32.39
N LYS B 441 -27.18 -5.93 31.61
CA LYS B 441 -27.57 -5.74 30.20
C LYS B 441 -27.26 -7.02 29.40
N PRO B 442 -28.31 -7.67 28.86
CA PRO B 442 -28.20 -9.02 28.28
C PRO B 442 -27.28 -9.13 27.05
N VAL B 443 -26.76 -10.33 26.81
CA VAL B 443 -25.90 -10.64 25.66
C VAL B 443 -26.72 -10.58 24.38
N LEU B 444 -27.85 -11.28 24.37
CA LEU B 444 -28.79 -11.32 23.27
C LEU B 444 -30.12 -10.70 23.68
N ASP B 445 -30.95 -10.35 22.69
CA ASP B 445 -32.30 -9.85 22.94
C ASP B 445 -33.16 -10.91 23.64
N PRO B 446 -33.64 -10.60 24.86
CA PRO B 446 -34.38 -11.62 25.64
C PRO B 446 -35.88 -11.69 25.34
N LYS B 447 -36.38 -10.74 24.54
CA LYS B 447 -37.82 -10.65 24.19
C LYS B 447 -38.42 -11.87 23.46
N PRO B 448 -37.66 -12.51 22.52
CA PRO B 448 -38.20 -13.75 21.93
C PRO B 448 -38.15 -14.96 22.87
N PHE B 449 -37.47 -14.82 24.01
CA PHE B 449 -37.32 -15.89 24.99
C PHE B 449 -38.15 -15.65 26.27
N SER B 450 -38.88 -14.53 26.31
CA SER B 450 -39.70 -14.12 27.46
C SER B 450 -40.86 -15.07 27.72
N LEU B 451 -41.24 -15.16 28.99
CA LEU B 451 -42.35 -16.00 29.44
C LEU B 451 -43.72 -15.38 29.11
N TYR B 452 -43.72 -14.08 28.82
CA TYR B 452 -44.96 -13.30 28.67
C TYR B 452 -45.26 -12.93 27.21
N ARG B 453 -44.73 -13.75 26.29
CA ARG B 453 -44.89 -13.57 24.84
C ARG B 453 -46.11 -14.30 24.26
N PHE B 454 -46.75 -15.12 25.10
CA PHE B 454 -47.85 -15.98 24.66
C PHE B 454 -49.23 -15.39 24.94
N GLY C 25 7.03 16.83 4.78
CA GLY C 25 8.40 16.55 4.30
C GLY C 25 9.14 15.61 5.24
N PHE C 26 9.32 14.37 4.79
CA PHE C 26 10.08 13.35 5.54
C PHE C 26 10.76 12.35 4.62
N VAL C 27 12.05 12.13 4.87
CA VAL C 27 12.82 11.07 4.22
C VAL C 27 13.40 10.18 5.32
N GLU C 28 13.04 8.90 5.27
CA GLU C 28 13.57 7.89 6.19
C GLU C 28 15.04 7.62 5.89
N GLY C 29 15.84 7.50 6.95
CA GLY C 29 17.26 7.16 6.83
C GLY C 29 17.52 5.71 6.45
N THR C 30 18.78 5.41 6.16
CA THR C 30 19.24 4.07 5.81
C THR C 30 19.06 3.13 7.01
N GLU C 31 18.42 2.01 6.76
CA GLU C 31 18.14 0.99 7.78
C GLU C 31 19.33 0.07 8.00
N GLY C 32 19.29 -0.68 9.10
CA GLY C 32 20.35 -1.64 9.43
C GLY C 32 21.50 -1.04 10.22
N ALA C 33 22.50 -1.86 10.50
CA ALA C 33 23.64 -1.50 11.33
C ALA C 33 24.57 -0.50 10.66
N LEU C 34 25.21 0.35 11.47
CA LEU C 34 26.22 1.31 11.03
C LEU C 34 27.43 0.57 10.40
N PRO C 35 27.88 1.03 9.20
CA PRO C 35 28.97 0.34 8.51
C PRO C 35 30.33 0.54 9.18
N LYS C 36 31.19 -0.47 9.07
CA LYS C 36 32.55 -0.44 9.59
C LYS C 36 33.43 0.60 8.87
N GLN C 37 33.16 0.79 7.57
CA GLN C 37 34.01 1.60 6.69
C GLN C 37 33.22 2.37 5.63
N ALA C 38 33.80 3.49 5.19
CA ALA C 38 33.29 4.32 4.09
C ALA C 38 34.43 5.09 3.42
N ASP C 39 34.28 5.41 2.14
CA ASP C 39 35.26 6.20 1.39
C ASP C 39 35.33 7.63 1.93
N VAL C 40 34.17 8.26 2.07
CA VAL C 40 34.02 9.62 2.61
C VAL C 40 32.85 9.62 3.59
N VAL C 41 33.05 10.20 4.77
CA VAL C 41 31.95 10.43 5.73
C VAL C 41 31.58 11.92 5.73
N VAL C 42 30.31 12.18 5.45
CA VAL C 42 29.75 13.54 5.49
C VAL C 42 28.98 13.72 6.80
N VAL C 43 29.30 14.81 7.51
CA VAL C 43 28.62 15.15 8.76
C VAL C 43 27.50 16.14 8.44
N GLY C 44 26.26 15.64 8.47
CA GLY C 44 25.07 16.48 8.28
C GLY C 44 24.26 16.23 7.02
N ALA C 45 22.96 16.00 7.20
CA ALA C 45 22.04 15.73 6.09
C ALA C 45 21.14 16.92 5.75
N GLY C 46 21.75 18.10 5.68
CA GLY C 46 21.09 19.27 5.09
C GLY C 46 21.47 19.34 3.62
N ILE C 47 21.09 20.44 2.98
CA ILE C 47 21.33 20.61 1.53
C ILE C 47 22.81 20.53 1.14
N LEU C 48 23.68 21.16 1.94
CA LEU C 48 25.11 21.18 1.64
C LEU C 48 25.76 19.81 1.76
N GLY C 49 25.35 19.04 2.76
CA GLY C 49 25.80 17.65 2.93
C GLY C 49 25.31 16.74 1.83
N ILE C 50 24.00 16.81 1.54
CA ILE C 50 23.34 15.97 0.53
C ILE C 50 23.93 16.18 -0.87
N MET C 51 24.12 17.44 -1.24
CA MET C 51 24.64 17.80 -2.56
C MET C 51 26.11 17.43 -2.75
N THR C 52 26.92 17.65 -1.71
CA THR C 52 28.35 17.25 -1.71
C THR C 52 28.48 15.74 -1.91
N ALA C 53 27.63 14.99 -1.21
CA ALA C 53 27.54 13.54 -1.33
C ALA C 53 27.20 13.09 -2.76
N ILE C 54 26.19 13.75 -3.36
CA ILE C 54 25.78 13.50 -4.75
C ILE C 54 26.97 13.70 -5.69
N ASN C 55 27.66 14.83 -5.52
CA ASN C 55 28.82 15.19 -6.33
C ASN C 55 29.97 14.17 -6.23
N LEU C 56 30.16 13.61 -5.03
CA LEU C 56 31.21 12.60 -4.79
C LEU C 56 30.91 11.23 -5.42
N VAL C 57 29.66 10.80 -5.36
CA VAL C 57 29.21 9.53 -5.97
C VAL C 57 29.36 9.55 -7.50
N GLU C 58 29.13 10.71 -8.10
CA GLU C 58 29.37 10.97 -9.52
C GLU C 58 30.85 10.76 -9.91
N ARG C 59 31.75 10.97 -8.94
CA ARG C 59 33.18 10.78 -9.12
C ARG C 59 33.66 9.36 -8.78
N GLY C 60 32.73 8.51 -8.35
CA GLY C 60 33.02 7.09 -8.07
C GLY C 60 33.23 6.70 -6.63
N LEU C 61 33.14 7.68 -5.72
CA LEU C 61 33.31 7.44 -4.29
C LEU C 61 32.00 7.10 -3.60
N SER C 62 32.04 6.12 -2.70
CA SER C 62 30.86 5.71 -1.94
C SER C 62 30.81 6.43 -0.59
N VAL C 63 29.76 7.21 -0.40
CA VAL C 63 29.67 8.12 0.75
C VAL C 63 28.62 7.72 1.78
N VAL C 64 28.91 8.05 3.04
CA VAL C 64 27.97 7.89 4.15
C VAL C 64 27.77 9.25 4.81
N ILE C 65 26.50 9.66 4.91
CA ILE C 65 26.11 10.85 5.68
C ILE C 65 25.62 10.42 7.06
N VAL C 66 26.15 11.06 8.11
CA VAL C 66 25.62 10.92 9.46
C VAL C 66 24.82 12.16 9.88
N GLU C 67 23.64 11.94 10.45
CA GLU C 67 22.71 13.01 10.80
C GLU C 67 22.14 12.82 12.21
N LYS C 68 22.32 13.83 13.05
CA LYS C 68 21.90 13.77 14.47
C LYS C 68 20.39 13.77 14.69
N GLY C 69 19.66 14.37 13.74
CA GLY C 69 18.21 14.41 13.77
C GLY C 69 17.63 13.67 12.58
N ASN C 70 16.61 14.27 11.96
CA ASN C 70 16.07 13.77 10.71
C ASN C 70 16.65 14.56 9.53
N ILE C 71 16.64 13.95 8.35
CA ILE C 71 17.12 14.57 7.11
C ILE C 71 16.39 15.90 6.90
N ALA C 72 17.19 16.95 6.63
CA ALA C 72 16.72 18.31 6.36
C ALA C 72 15.87 18.93 7.48
N GLY C 73 16.08 18.46 8.71
CA GLY C 73 15.31 18.89 9.87
C GLY C 73 15.47 20.33 10.29
N GLU C 74 16.58 20.96 9.87
CA GLU C 74 16.92 22.32 10.31
C GLU C 74 16.76 23.33 9.17
N GLN C 75 17.85 24.02 8.80
CA GLN C 75 17.84 25.10 7.80
C GLN C 75 17.23 24.73 6.46
N SER C 76 17.48 23.50 6.01
CA SER C 76 17.12 23.06 4.67
C SER C 76 15.64 22.75 4.44
N SER C 77 14.83 22.90 5.50
CA SER C 77 13.37 22.83 5.38
C SER C 77 12.69 24.01 6.08
N ARG C 78 13.49 25.04 6.40
CA ARG C 78 13.02 26.21 7.13
C ARG C 78 13.38 27.53 6.44
N PHE C 79 13.72 27.44 5.16
CA PHE C 79 14.12 28.61 4.38
C PHE C 79 12.95 29.38 3.77
N TYR C 80 13.22 30.60 3.30
CA TYR C 80 12.23 31.47 2.66
C TYR C 80 11.82 30.93 1.28
N GLY C 81 12.80 30.75 0.39
CA GLY C 81 12.58 30.05 -0.87
C GLY C 81 13.10 30.64 -2.17
N GLN C 82 13.80 31.77 -2.10
CA GLN C 82 14.27 32.46 -3.32
C GLN C 82 15.69 32.05 -3.75
N ALA C 83 15.89 31.95 -5.06
CA ALA C 83 17.21 31.73 -5.64
C ALA C 83 17.59 32.92 -6.51
N ILE C 84 18.36 33.83 -5.91
CA ILE C 84 18.67 35.12 -6.54
C ILE C 84 20.16 35.39 -6.68
N SER C 85 20.50 36.20 -7.68
CA SER C 85 21.85 36.73 -7.85
C SER C 85 21.88 38.23 -7.47
N TYR C 86 20.70 38.77 -7.18
CA TYR C 86 20.46 40.21 -6.94
C TYR C 86 21.32 40.80 -5.81
N LYS C 87 21.93 41.96 -6.10
CA LYS C 87 22.77 42.75 -5.17
C LYS C 87 23.99 42.01 -4.56
N MET C 88 24.25 40.78 -5.02
CA MET C 88 25.35 39.95 -4.50
C MET C 88 26.72 40.51 -4.88
N PRO C 89 27.70 40.48 -3.95
CA PRO C 89 29.06 40.94 -4.25
C PRO C 89 29.80 39.99 -5.19
N ASP C 90 30.97 40.43 -5.67
CA ASP C 90 31.82 39.66 -6.60
C ASP C 90 32.21 38.27 -6.07
N GLU C 91 32.41 38.17 -4.76
CA GLU C 91 32.79 36.93 -4.07
C GLU C 91 31.80 35.78 -4.29
N THR C 92 30.50 36.09 -4.25
CA THR C 92 29.44 35.07 -4.24
C THR C 92 28.55 35.06 -5.48
N PHE C 93 28.70 36.05 -6.37
CA PHE C 93 27.84 36.16 -7.56
C PHE C 93 27.89 34.92 -8.47
N LEU C 94 29.11 34.49 -8.83
CA LEU C 94 29.32 33.33 -9.71
C LEU C 94 28.83 32.03 -9.08
N LEU C 95 28.83 31.98 -7.75
CA LEU C 95 28.29 30.87 -6.97
C LEU C 95 26.76 30.80 -7.11
N HIS C 96 26.12 31.97 -7.07
CA HIS C 96 24.67 32.10 -7.21
C HIS C 96 24.18 31.91 -8.64
N HIS C 97 24.90 32.51 -9.58
CA HIS C 97 24.54 32.49 -11.01
C HIS C 97 24.52 31.07 -11.56
N LEU C 98 25.63 30.35 -11.39
CA LEU C 98 25.74 28.95 -11.80
C LEU C 98 24.81 28.03 -11.00
N GLY C 99 24.59 28.39 -9.74
CA GLY C 99 23.63 27.73 -8.86
C GLY C 99 22.25 27.74 -9.48
N LYS C 100 21.82 28.92 -9.94
CA LYS C 100 20.57 29.10 -10.68
C LYS C 100 20.50 28.26 -11.96
N HIS C 101 21.61 28.23 -12.71
CA HIS C 101 21.73 27.43 -13.94
C HIS C 101 21.58 25.93 -13.67
N ARG C 102 22.25 25.45 -12.64
CA ARG C 102 22.24 24.04 -12.26
C ARG C 102 20.92 23.61 -11.62
N TRP C 103 20.23 24.56 -10.99
CA TRP C 103 18.88 24.34 -10.47
C TRP C 103 17.82 24.28 -11.58
N ARG C 104 18.07 24.95 -12.71
CA ARG C 104 17.18 24.90 -13.88
C ARG C 104 17.23 23.54 -14.61
N GLU C 105 18.30 22.79 -14.36
CA GLU C 105 18.48 21.44 -14.92
C GLU C 105 18.13 20.35 -13.88
N MET C 106 17.73 20.78 -12.69
CA MET C 106 17.58 19.90 -11.53
C MET C 106 16.42 18.91 -11.63
N ASN C 107 15.26 19.39 -12.07
CA ASN C 107 14.07 18.55 -12.26
C ASN C 107 14.29 17.46 -13.31
N ALA C 108 15.00 17.81 -14.38
CA ALA C 108 15.38 16.88 -15.44
C ALA C 108 16.40 15.84 -14.95
N LYS C 109 17.36 16.28 -14.14
CA LYS C 109 18.41 15.41 -13.59
C LYS C 109 17.86 14.36 -12.63
N VAL C 110 17.02 14.80 -11.69
CA VAL C 110 16.40 13.92 -10.69
C VAL C 110 15.28 13.08 -11.33
N GLY C 111 14.42 13.72 -12.11
CA GLY C 111 13.25 13.07 -12.72
C GLY C 111 11.99 13.25 -11.90
N ILE C 112 12.15 13.77 -10.68
CA ILE C 112 11.06 14.11 -9.78
C ILE C 112 11.08 15.64 -9.60
N ASP C 113 9.90 16.23 -9.44
CA ASP C 113 9.77 17.66 -9.21
C ASP C 113 10.33 18.07 -7.84
N THR C 114 11.30 18.97 -7.87
CA THR C 114 11.95 19.52 -6.66
C THR C 114 11.22 20.75 -6.13
N THR C 115 10.07 21.05 -6.75
CA THR C 115 9.31 22.32 -6.61
C THR C 115 10.09 23.58 -7.04
N TYR C 116 11.16 23.39 -7.82
CA TYR C 116 11.91 24.51 -8.38
C TYR C 116 11.19 25.09 -9.60
N ARG C 117 11.03 26.42 -9.58
CA ARG C 117 10.43 27.17 -10.69
C ARG C 117 11.30 28.37 -11.05
N THR C 118 11.39 28.64 -12.36
CA THR C 118 11.90 29.92 -12.84
C THR C 118 10.73 30.88 -12.77
N GLN C 119 10.81 31.80 -11.80
CA GLN C 119 9.66 32.55 -11.33
C GLN C 119 9.76 34.03 -11.63
N GLY C 120 10.96 34.59 -11.51
CA GLY C 120 11.14 36.02 -11.63
C GLY C 120 10.79 36.74 -10.33
N ARG C 121 11.45 37.86 -10.10
CA ARG C 121 11.30 38.62 -8.86
C ARG C 121 11.48 40.11 -9.11
N VAL C 122 10.74 40.93 -8.37
CA VAL C 122 10.87 42.39 -8.45
C VAL C 122 11.12 43.07 -7.11
N GLU C 123 12.17 43.89 -7.05
CA GLU C 123 12.50 44.69 -5.86
C GLU C 123 12.48 46.19 -6.15
N VAL C 124 11.48 46.87 -5.58
CA VAL C 124 11.39 48.33 -5.60
C VAL C 124 12.40 48.88 -4.58
N PRO C 125 13.33 49.74 -5.01
CA PRO C 125 14.26 50.40 -4.09
C PRO C 125 13.55 51.37 -3.15
N LEU C 126 14.08 51.51 -1.93
CA LEU C 126 13.44 52.33 -0.89
C LEU C 126 13.53 53.85 -1.13
N ASP C 127 14.67 54.30 -1.65
CA ASP C 127 14.87 55.70 -2.03
C ASP C 127 15.64 55.84 -3.37
N GLU C 128 15.78 57.08 -3.84
CA GLU C 128 16.47 57.38 -5.11
C GLU C 128 17.96 57.02 -5.11
N GLU C 129 18.59 57.12 -3.94
CA GLU C 129 20.00 56.72 -3.74
C GLU C 129 20.20 55.22 -3.99
N ASP C 130 19.22 54.42 -3.55
CA ASP C 130 19.23 52.96 -3.74
C ASP C 130 19.06 52.57 -5.21
N LEU C 131 18.25 53.34 -5.94
CA LEU C 131 18.02 53.14 -7.38
C LEU C 131 19.30 53.34 -8.20
N VAL C 132 20.13 54.30 -7.79
CA VAL C 132 21.43 54.58 -8.43
C VAL C 132 22.39 53.39 -8.20
N ASN C 133 22.43 52.89 -6.96
CA ASN C 133 23.25 51.73 -6.60
C ASN C 133 22.82 50.42 -7.28
N VAL C 134 21.51 50.26 -7.47
CA VAL C 134 20.92 49.12 -8.19
C VAL C 134 21.31 49.16 -9.68
N ARG C 135 21.19 50.34 -10.29
CA ARG C 135 21.60 50.56 -11.69
C ARG C 135 23.10 50.42 -11.92
N LYS C 136 23.89 50.83 -10.92
CA LYS C 136 25.35 50.69 -10.94
C LYS C 136 25.77 49.21 -10.94
N TRP C 137 25.11 48.41 -10.10
CA TRP C 137 25.40 46.99 -9.96
C TRP C 137 24.97 46.15 -11.17
N ILE C 138 23.83 46.50 -11.75
CA ILE C 138 23.29 45.81 -12.95
C ILE C 138 24.17 46.04 -14.18
N ASP C 139 24.53 47.30 -14.43
CA ASP C 139 25.34 47.69 -15.59
C ASP C 139 26.78 47.15 -15.55
N GLU C 140 27.38 47.16 -14.36
CA GLU C 140 28.74 46.64 -14.15
C GLU C 140 28.85 45.14 -14.37
N ARG C 141 27.82 44.40 -13.96
CA ARG C 141 27.77 42.96 -14.15
C ARG C 141 27.50 42.57 -15.59
N SER C 142 26.61 43.31 -16.26
CA SER C 142 26.23 43.07 -17.66
C SER C 142 27.44 43.04 -18.61
N LYS C 143 28.42 43.90 -18.33
CA LYS C 143 29.66 44.00 -19.13
C LYS C 143 30.60 42.81 -18.90
N ASN C 144 30.95 42.56 -17.63
CA ASN C 144 31.77 41.41 -17.25
C ASN C 144 30.98 40.46 -16.35
N VAL C 145 30.12 39.66 -16.98
CA VAL C 145 29.26 38.69 -16.28
C VAL C 145 30.04 37.50 -15.72
N GLY C 146 31.26 37.29 -16.24
CA GLY C 146 32.15 36.22 -15.81
C GLY C 146 31.65 34.81 -16.13
N SER C 147 30.42 34.72 -16.62
CA SER C 147 29.80 33.45 -16.98
C SER C 147 29.30 33.49 -18.41
N ASP C 148 29.60 32.41 -19.15
CA ASP C 148 29.03 32.21 -20.49
C ASP C 148 27.57 31.75 -20.38
N ILE C 149 26.88 32.30 -19.38
CA ILE C 149 25.47 32.05 -19.08
C ILE C 149 24.82 33.43 -19.10
N PRO C 150 23.61 33.57 -19.71
CA PRO C 150 22.89 34.86 -19.80
C PRO C 150 22.86 35.69 -18.48
N PHE C 151 21.94 36.68 -18.41
CA PHE C 151 21.80 37.46 -17.18
C PHE C 151 20.47 38.20 -17.22
N LYS C 152 19.38 37.43 -17.15
CA LYS C 152 18.02 37.98 -17.29
C LYS C 152 17.57 38.77 -16.04
N THR C 153 18.32 39.82 -15.72
CA THR C 153 17.96 40.78 -14.69
C THR C 153 18.11 42.20 -15.24
N ARG C 154 16.98 42.91 -15.35
CA ARG C 154 16.93 44.25 -15.92
C ARG C 154 15.96 45.16 -15.15
N ILE C 155 15.82 46.40 -15.62
CA ILE C 155 14.90 47.36 -15.04
C ILE C 155 13.56 47.29 -15.77
N ILE C 156 12.47 47.22 -15.00
CA ILE C 156 11.11 47.14 -15.55
C ILE C 156 10.25 48.35 -15.15
N GLU C 157 9.60 48.96 -16.14
CA GLU C 157 8.91 50.23 -15.96
C GLU C 157 7.43 50.19 -16.39
N GLY C 158 6.57 50.70 -15.52
CA GLY C 158 5.15 50.90 -15.83
C GLY C 158 4.32 49.64 -15.99
N ALA C 159 3.92 49.37 -17.24
CA ALA C 159 3.01 48.28 -17.60
C ALA C 159 3.61 46.87 -17.41
N GLU C 160 4.90 46.73 -17.72
CA GLU C 160 5.64 45.49 -17.48
C GLU C 160 5.67 45.17 -15.99
N LEU C 161 5.82 46.21 -15.17
CA LEU C 161 5.86 46.11 -13.71
C LEU C 161 4.47 45.96 -13.05
N ASN C 162 3.54 46.83 -13.45
CA ASN C 162 2.16 46.86 -12.92
C ASN C 162 1.39 45.56 -13.10
N GLN C 163 1.70 44.85 -14.19
CA GLN C 163 1.33 43.45 -14.40
C GLN C 163 1.56 42.65 -13.12
N ARG C 164 2.83 42.58 -12.72
CA ARG C 164 3.31 41.78 -11.60
C ARG C 164 2.86 42.27 -10.23
N LEU C 165 2.29 43.48 -10.19
CA LEU C 165 1.81 44.09 -8.95
C LEU C 165 0.29 44.32 -8.99
N ARG C 166 -0.46 43.25 -9.27
CA ARG C 166 -1.92 43.30 -9.34
C ARG C 166 -2.52 43.47 -7.95
N GLY C 167 -3.36 44.50 -7.81
CA GLY C 167 -3.96 44.87 -6.52
C GLY C 167 -2.96 45.49 -5.57
N ALA C 168 -2.12 46.39 -6.09
CA ALA C 168 -1.17 47.15 -5.28
C ALA C 168 -1.81 48.47 -4.86
N THR C 169 -1.85 48.71 -3.56
CA THR C 169 -2.46 49.91 -2.99
C THR C 169 -1.65 51.17 -3.28
N THR C 170 -0.32 51.05 -3.14
CA THR C 170 0.61 52.13 -3.47
C THR C 170 1.02 52.02 -4.94
N ASP C 171 1.05 53.17 -5.63
CA ASP C 171 1.44 53.24 -7.03
C ASP C 171 2.97 53.22 -7.16
N TRP C 172 3.51 52.03 -7.38
CA TRP C 172 4.96 51.82 -7.51
C TRP C 172 5.43 52.17 -8.93
N LYS C 173 6.56 52.88 -9.01
CA LYS C 173 7.04 53.46 -10.27
C LYS C 173 8.11 52.64 -11.00
N ILE C 174 9.05 52.06 -10.24
CA ILE C 174 10.21 51.36 -10.80
C ILE C 174 10.68 50.23 -9.88
N ALA C 175 11.18 49.15 -10.48
CA ALA C 175 11.65 47.97 -9.74
C ALA C 175 12.81 47.24 -10.42
N GLY C 176 13.47 46.38 -9.65
CA GLY C 176 14.52 45.50 -10.17
C GLY C 176 13.95 44.13 -10.46
N PHE C 177 14.03 43.73 -11.74
CA PHE C 177 13.46 42.48 -12.19
C PHE C 177 14.52 41.41 -12.39
N GLU C 178 14.50 40.41 -11.52
CA GLU C 178 15.27 39.20 -11.78
C GLU C 178 14.31 38.19 -12.42
N GLU C 179 14.30 38.17 -13.76
CA GLU C 179 13.42 37.30 -14.54
C GLU C 179 13.69 35.80 -14.34
N ASP C 180 14.99 35.45 -14.32
CA ASP C 180 15.41 34.05 -14.18
C ASP C 180 15.59 33.59 -12.72
N SER C 181 15.04 34.38 -11.78
CA SER C 181 15.12 34.05 -10.34
C SER C 181 14.37 32.77 -10.03
N GLY C 182 15.01 31.94 -9.19
CA GLY C 182 14.46 30.66 -8.81
C GLY C 182 13.56 30.69 -7.60
N SER C 183 12.79 29.62 -7.44
CA SER C 183 11.85 29.46 -6.34
C SER C 183 11.62 27.99 -5.99
N PHE C 184 12.21 27.56 -4.87
CA PHE C 184 12.01 26.22 -4.31
C PHE C 184 11.24 26.27 -3.00
N ASP C 185 10.44 25.23 -2.75
CA ASP C 185 9.60 25.14 -1.55
C ASP C 185 10.31 24.41 -0.40
N PRO C 186 10.26 24.95 0.83
CA PRO C 186 10.93 24.35 1.99
C PRO C 186 10.37 22.99 2.43
N GLU C 187 9.12 22.73 2.07
CA GLU C 187 8.43 21.49 2.45
C GLU C 187 8.82 20.30 1.57
N VAL C 188 9.51 20.58 0.45
CA VAL C 188 9.75 19.59 -0.59
C VAL C 188 11.23 19.47 -1.03
N ALA C 189 11.85 20.61 -1.35
CA ALA C 189 13.12 20.68 -2.14
C ALA C 189 14.26 19.77 -1.71
N THR C 190 14.71 19.90 -0.46
CA THR C 190 15.82 19.12 0.08
C THR C 190 15.46 17.64 0.27
N PHE C 191 14.17 17.37 0.51
CA PHE C 191 13.67 16.01 0.67
C PHE C 191 13.75 15.19 -0.63
N VAL C 192 13.46 15.84 -1.76
CA VAL C 192 13.59 15.21 -3.08
C VAL C 192 15.07 14.90 -3.36
N MET C 193 15.95 15.84 -3.02
CA MET C 193 17.40 15.68 -3.16
C MET C 193 17.98 14.55 -2.30
N ALA C 194 17.40 14.35 -1.12
CA ALA C 194 17.74 13.25 -0.22
C ALA C 194 17.38 11.90 -0.83
N GLU C 195 16.19 11.82 -1.44
CA GLU C 195 15.71 10.62 -2.11
C GLU C 195 16.57 10.27 -3.33
N TYR C 196 16.93 11.32 -4.08
CA TYR C 196 17.84 11.21 -5.22
C TYR C 196 19.21 10.71 -4.79
N ALA C 197 19.71 11.23 -3.67
CA ALA C 197 20.98 10.78 -3.07
C ALA C 197 20.95 9.28 -2.75
N LYS C 198 19.91 8.84 -2.04
CA LYS C 198 19.74 7.43 -1.66
C LYS C 198 19.70 6.47 -2.86
N LYS C 199 19.04 6.89 -3.93
CA LYS C 199 18.98 6.13 -5.19
C LYS C 199 20.35 6.02 -5.88
N MET C 200 21.22 7.01 -5.66
CA MET C 200 22.59 7.00 -6.19
CA MET C 200 22.60 6.99 -6.18
C MET C 200 23.50 6.07 -5.37
N GLY C 201 23.05 5.71 -4.17
CA GLY C 201 23.81 4.85 -3.28
C GLY C 201 24.39 5.58 -2.08
N VAL C 202 23.99 6.83 -1.89
CA VAL C 202 24.34 7.59 -0.69
C VAL C 202 23.55 7.00 0.48
N ARG C 203 24.26 6.50 1.47
CA ARG C 203 23.64 6.05 2.71
C ARG C 203 23.60 7.20 3.71
N ILE C 204 22.43 7.45 4.27
CA ILE C 204 22.23 8.51 5.28
C ILE C 204 21.72 7.88 6.59
N TYR C 205 22.50 8.01 7.65
CA TYR C 205 22.13 7.46 8.96
C TYR C 205 21.61 8.55 9.90
N THR C 206 20.30 8.50 10.14
CA THR C 206 19.60 9.48 10.96
C THR C 206 19.66 9.12 12.44
N GLN C 207 19.30 10.09 13.30
CA GLN C 207 19.38 9.98 14.78
C GLN C 207 20.76 9.50 15.26
N CYS C 208 21.80 9.96 14.56
CA CYS C 208 23.16 9.46 14.69
C CYS C 208 24.13 10.64 14.60
N ALA C 209 24.48 11.18 15.77
CA ALA C 209 25.35 12.35 15.88
C ALA C 209 26.81 11.96 15.76
N ALA C 210 27.57 12.76 15.00
CA ALA C 210 29.02 12.62 14.90
C ALA C 210 29.69 13.44 16.00
N ARG C 211 30.39 12.76 16.89
CA ARG C 211 31.03 13.40 18.05
C ARG C 211 32.35 14.07 17.69
N GLY C 212 33.09 13.45 16.78
CA GLY C 212 34.38 13.95 16.33
C GLY C 212 35.10 12.92 15.50
N LEU C 213 36.43 13.06 15.44
CA LEU C 213 37.27 12.20 14.60
C LEU C 213 38.62 11.87 15.21
N GLU C 214 39.09 10.65 14.93
CA GLU C 214 40.37 10.14 15.42
C GLU C 214 41.46 10.38 14.37
N THR C 215 42.60 10.88 14.82
CA THR C 215 43.74 11.15 13.93
C THR C 215 45.01 10.36 14.30
N GLN C 216 45.48 9.56 13.36
CA GLN C 216 46.68 8.71 13.54
C GLN C 216 47.79 9.13 12.59
N ALA C 217 48.90 9.58 13.17
CA ALA C 217 50.09 10.06 12.44
C ALA C 217 49.81 11.16 11.39
N GLY C 218 48.95 12.11 11.77
CA GLY C 218 48.60 13.25 10.92
C GLY C 218 47.55 12.99 9.84
N VAL C 219 46.86 11.86 9.94
CA VAL C 219 45.79 11.50 8.99
C VAL C 219 44.58 10.92 9.73
N ILE C 220 43.38 11.23 9.23
CA ILE C 220 42.10 10.80 9.82
C ILE C 220 41.91 9.29 9.65
N SER C 221 41.51 8.61 10.73
CA SER C 221 41.26 7.16 10.72
C SER C 221 39.80 6.79 10.92
N ASP C 222 39.12 7.47 11.85
CA ASP C 222 37.73 7.20 12.18
C ASP C 222 36.92 8.48 12.39
N VAL C 223 35.64 8.44 11.98
CA VAL C 223 34.63 9.37 12.47
C VAL C 223 33.85 8.60 13.54
N VAL C 224 33.87 9.12 14.77
CA VAL C 224 33.19 8.47 15.89
C VAL C 224 31.80 9.09 16.06
N THR C 225 30.78 8.24 15.95
CA THR C 225 29.39 8.64 16.15
C THR C 225 28.84 8.00 17.43
N GLU C 226 27.62 8.37 17.80
CA GLU C 226 26.93 7.79 18.96
C GLU C 226 26.57 6.31 18.81
N LYS C 227 26.48 5.85 17.56
CA LYS C 227 26.18 4.45 17.24
C LYS C 227 27.43 3.60 16.97
N GLY C 228 28.60 4.24 17.05
CA GLY C 228 29.88 3.56 16.78
C GLY C 228 30.81 4.36 15.89
N ALA C 229 31.90 3.72 15.45
CA ALA C 229 32.91 4.38 14.62
C ALA C 229 32.90 3.87 13.18
N ILE C 230 33.08 4.80 12.24
CA ILE C 230 33.20 4.47 10.82
C ILE C 230 34.64 4.77 10.37
N LYS C 231 35.32 3.75 9.86
CA LYS C 231 36.67 3.88 9.31
C LYS C 231 36.63 4.70 8.03
N THR C 232 37.39 5.81 8.02
CA THR C 232 37.48 6.70 6.86
C THR C 232 38.71 7.62 6.96
N SER C 233 39.20 8.08 5.82
CA SER C 233 40.31 9.04 5.77
C SER C 233 39.87 10.43 5.32
N GLN C 234 38.64 10.51 4.80
CA GLN C 234 38.12 11.75 4.20
C GLN C 234 36.78 12.15 4.81
N VAL C 235 36.72 13.39 5.34
CA VAL C 235 35.56 13.90 6.08
C VAL C 235 35.09 15.23 5.52
N VAL C 236 33.77 15.36 5.32
CA VAL C 236 33.11 16.62 4.96
C VAL C 236 32.30 17.11 6.17
N VAL C 237 32.62 18.32 6.64
CA VAL C 237 31.87 18.95 7.72
C VAL C 237 30.86 19.93 7.11
N ALA C 238 29.60 19.55 7.19
CA ALA C 238 28.49 20.38 6.71
C ALA C 238 27.35 20.33 7.72
N GLY C 239 27.64 20.78 8.94
CA GLY C 239 26.73 20.64 10.07
C GLY C 239 25.83 21.82 10.36
N GLY C 240 25.71 22.73 9.40
CA GLY C 240 24.91 23.94 9.56
C GLY C 240 25.48 24.83 10.66
N VAL C 241 24.61 25.17 11.62
CA VAL C 241 24.98 26.04 12.74
C VAL C 241 25.91 25.35 13.75
N TRP C 242 26.02 24.03 13.64
CA TRP C 242 26.79 23.20 14.56
C TRP C 242 28.25 23.00 14.16
N SER C 243 28.58 23.45 12.94
CA SER C 243 29.91 23.28 12.33
C SER C 243 31.04 23.87 13.16
N ARG C 244 30.81 25.05 13.73
CA ARG C 244 31.76 25.69 14.65
C ARG C 244 32.07 24.78 15.84
N LEU C 245 31.02 24.21 16.43
CA LEU C 245 31.15 23.38 17.62
C LEU C 245 31.94 22.10 17.36
N PHE C 246 31.68 21.47 16.21
CA PHE C 246 32.40 20.27 15.78
C PHE C 246 33.90 20.51 15.63
N MET C 247 34.27 21.68 15.12
CA MET C 247 35.66 22.05 14.89
C MET C 247 36.37 22.60 16.14
N GLN C 248 35.59 23.10 17.10
CA GLN C 248 36.09 23.55 18.41
C GLN C 248 36.79 22.44 19.19
N ASN C 249 36.20 21.25 19.17
CA ASN C 249 36.76 20.06 19.79
C ASN C 249 38.02 19.59 19.06
N LEU C 250 38.16 19.98 17.80
CA LEU C 250 39.36 19.70 17.00
C LEU C 250 40.32 20.90 16.98
N ASN C 251 40.07 21.86 17.87
CA ASN C 251 40.90 23.05 18.09
C ASN C 251 41.08 23.97 16.86
N VAL C 252 40.10 23.98 15.98
CA VAL C 252 40.11 24.85 14.80
C VAL C 252 38.97 25.87 14.95
N ASP C 253 39.35 27.15 15.00
CA ASP C 253 38.40 28.24 15.22
C ASP C 253 37.62 28.58 13.95
N VAL C 254 36.31 28.38 14.01
CA VAL C 254 35.39 28.72 12.91
C VAL C 254 34.52 29.90 13.37
N PRO C 255 34.76 31.12 12.81
CA PRO C 255 34.06 32.29 13.34
C PRO C 255 32.67 32.47 12.72
N THR C 256 31.66 32.03 13.46
CA THR C 256 30.26 32.21 13.07
C THR C 256 29.46 32.69 14.27
N LEU C 257 28.43 33.48 14.01
CA LEU C 257 27.47 33.86 15.05
C LEU C 257 26.05 33.45 14.66
N PRO C 258 25.23 33.03 15.65
CA PRO C 258 23.87 32.65 15.28
C PRO C 258 22.96 33.85 15.02
N ALA C 259 22.02 33.64 14.10
CA ALA C 259 21.02 34.61 13.73
C ALA C 259 19.75 33.85 13.35
N TYR C 260 18.60 34.44 13.67
N TYR C 260 18.58 34.39 13.70
CA TYR C 260 17.29 33.84 13.44
CA TYR C 260 17.33 33.73 13.30
C TYR C 260 16.41 34.75 12.60
C TYR C 260 16.23 34.68 12.84
N GLN C 261 15.42 34.16 11.90
CA GLN C 261 14.38 34.91 11.22
C GLN C 261 13.10 34.09 11.25
N SER C 262 12.00 34.75 11.62
CA SER C 262 10.68 34.12 11.61
C SER C 262 10.15 34.03 10.18
N GLN C 263 9.51 32.90 9.88
CA GLN C 263 8.88 32.66 8.57
C GLN C 263 7.44 32.17 8.75
N GLN C 264 6.59 32.51 7.79
CA GLN C 264 5.21 32.05 7.78
C GLN C 264 4.72 31.63 6.39
N LEU C 265 3.58 30.94 6.36
CA LEU C 265 2.97 30.44 5.12
C LEU C 265 1.46 30.64 5.13
N ILE C 266 0.96 31.21 4.04
CA ILE C 266 -0.47 31.48 3.86
C ILE C 266 -1.00 30.90 2.56
N SER C 267 -2.30 30.58 2.54
CA SER C 267 -2.97 30.00 1.37
C SER C 267 -3.07 30.99 0.21
N GLY C 268 -3.20 30.44 -1.00
CA GLY C 268 -3.26 31.23 -2.23
C GLY C 268 -4.55 32.00 -2.43
N SER C 269 -4.53 32.86 -3.45
CA SER C 269 -5.69 33.66 -3.84
C SER C 269 -5.70 33.84 -5.36
N PRO C 270 -6.90 33.82 -5.99
CA PRO C 270 -6.99 34.08 -7.43
C PRO C 270 -6.59 35.51 -7.84
N THR C 271 -6.88 36.49 -6.98
CA THR C 271 -6.56 37.90 -7.22
C THR C 271 -5.07 38.22 -6.96
N ALA C 272 -4.39 37.35 -6.21
CA ALA C 272 -2.98 37.51 -5.84
C ALA C 272 -2.03 37.52 -7.05
N PRO C 273 -1.03 38.44 -7.07
CA PRO C 273 -0.20 38.70 -8.24
C PRO C 273 0.76 37.57 -8.64
N GLY C 274 1.16 36.74 -7.69
CA GLY C 274 2.14 35.68 -7.92
C GLY C 274 3.56 36.18 -8.03
N GLY C 275 4.47 35.26 -8.32
CA GLY C 275 5.90 35.57 -8.45
C GLY C 275 6.58 35.89 -7.12
N ASN C 276 7.71 36.58 -7.22
CA ASN C 276 8.45 37.04 -6.04
C ASN C 276 8.53 38.56 -6.04
N VAL C 277 8.11 39.16 -4.94
CA VAL C 277 8.01 40.62 -4.82
C VAL C 277 8.68 41.08 -3.52
N ALA C 278 9.53 42.10 -3.65
CA ALA C 278 10.19 42.75 -2.51
C ALA C 278 9.89 44.26 -2.54
N LEU C 279 9.41 44.78 -1.42
CA LEU C 279 8.95 46.18 -1.32
C LEU C 279 9.44 46.90 -0.06
N PRO C 280 9.56 48.26 -0.11
CA PRO C 280 9.82 49.05 1.10
C PRO C 280 8.75 48.90 2.18
N GLY C 281 9.15 49.06 3.43
CA GLY C 281 8.28 48.81 4.58
C GLY C 281 8.49 47.43 5.18
N GLY C 282 8.90 46.49 4.33
CA GLY C 282 9.17 45.11 4.73
C GLY C 282 8.25 44.08 4.11
N ILE C 283 7.73 44.40 2.92
CA ILE C 283 6.81 43.50 2.20
C ILE C 283 7.63 42.54 1.33
N PHE C 284 7.56 41.26 1.69
CA PHE C 284 8.24 40.18 0.96
C PHE C 284 7.31 38.98 0.85
N PHE C 285 7.02 38.54 -0.36
CA PHE C 285 6.25 37.32 -0.58
C PHE C 285 6.70 36.57 -1.83
N ARG C 286 6.51 35.25 -1.80
CA ARG C 286 6.89 34.35 -2.89
C ARG C 286 5.83 33.27 -3.08
N GLU C 287 5.39 33.12 -4.33
CA GLU C 287 4.46 32.04 -4.72
C GLU C 287 5.19 30.70 -4.76
N GLN C 288 4.56 29.69 -4.18
CA GLN C 288 5.08 28.32 -4.19
C GLN C 288 4.53 27.55 -5.40
N ALA C 289 5.04 26.34 -5.60
CA ALA C 289 4.64 25.47 -6.72
C ALA C 289 3.16 25.05 -6.69
N ASP C 290 2.57 24.98 -5.50
CA ASP C 290 1.18 24.56 -5.31
C ASP C 290 0.16 25.70 -5.34
N GLY C 291 0.63 26.94 -5.25
CA GLY C 291 -0.25 28.12 -5.28
C GLY C 291 -0.25 28.94 -3.99
N THR C 292 0.24 28.32 -2.90
CA THR C 292 0.37 28.98 -1.60
C THR C 292 1.50 30.02 -1.60
N TYR C 293 1.47 30.92 -0.60
CA TYR C 293 2.46 31.99 -0.50
C TYR C 293 3.28 31.93 0.79
N ALA C 294 4.59 32.09 0.64
CA ALA C 294 5.51 32.20 1.76
C ALA C 294 5.94 33.65 1.94
N THR C 295 5.79 34.16 3.16
CA THR C 295 6.09 35.55 3.48
C THR C 295 6.82 35.69 4.83
N SER C 296 7.70 36.70 4.91
CA SER C 296 8.46 37.01 6.14
C SER C 296 8.82 38.49 6.23
N PRO C 297 9.13 38.99 7.45
CA PRO C 297 9.70 40.34 7.55
C PRO C 297 11.20 40.35 7.24
N ARG C 298 11.77 41.55 7.13
CA ARG C 298 13.20 41.73 6.89
C ARG C 298 14.06 41.46 8.13
N VAL C 299 13.42 41.41 9.29
CA VAL C 299 14.09 41.39 10.61
C VAL C 299 14.88 40.09 10.87
N ILE C 300 16.19 40.24 11.00
CA ILE C 300 17.10 39.17 11.44
C ILE C 300 17.40 39.40 12.92
N VAL C 301 17.22 38.36 13.74
CA VAL C 301 17.44 38.45 15.19
C VAL C 301 18.71 37.69 15.59
N ALA C 302 19.67 38.40 16.17
CA ALA C 302 20.90 37.80 16.66
C ALA C 302 20.89 37.65 18.19
N PRO C 303 20.82 36.40 18.69
CA PRO C 303 20.86 36.21 20.13
C PRO C 303 22.28 36.33 20.68
N VAL C 304 22.39 36.83 21.91
CA VAL C 304 23.68 36.92 22.60
C VAL C 304 24.12 35.50 22.99
N VAL C 305 25.30 35.11 22.52
CA VAL C 305 25.96 33.88 22.96
C VAL C 305 27.30 34.23 23.62
N LYS C 306 28.06 33.22 24.05
CA LYS C 306 29.36 33.46 24.70
C LYS C 306 30.39 34.01 23.70
N GLU C 307 30.27 33.55 22.45
CA GLU C 307 31.12 33.98 21.34
C GLU C 307 30.96 35.47 21.01
N SER C 308 29.75 35.99 21.26
CA SER C 308 29.44 37.42 21.05
C SER C 308 30.40 38.36 21.76
N PHE C 309 30.87 37.96 22.95
CA PHE C 309 31.82 38.74 23.72
C PHE C 309 33.24 38.66 23.14
N THR C 310 33.55 37.55 22.47
CA THR C 310 34.87 37.29 21.91
C THR C 310 35.09 37.97 20.55
N TYR C 311 34.21 37.70 19.58
CA TYR C 311 34.34 38.23 18.23
C TYR C 311 33.08 38.90 17.67
N GLY C 312 32.19 39.35 18.55
CA GLY C 312 30.99 40.08 18.16
C GLY C 312 31.26 41.43 17.55
N TYR C 313 32.38 42.05 17.93
CA TYR C 313 32.83 43.35 17.41
C TYR C 313 33.07 43.36 15.90
N LYS C 314 33.38 42.20 15.33
CA LYS C 314 33.60 42.03 13.90
C LYS C 314 32.31 42.16 13.08
N TYR C 315 31.17 42.16 13.77
CA TYR C 315 29.84 42.21 13.16
C TYR C 315 29.19 43.60 13.24
N LEU C 316 29.87 44.53 13.93
CA LEU C 316 29.39 45.90 14.14
C LEU C 316 29.06 46.71 12.86
N PRO C 317 29.84 46.55 11.77
CA PRO C 317 29.40 47.17 10.50
C PRO C 317 28.03 46.69 9.99
N LEU C 318 27.70 45.42 10.24
CA LEU C 318 26.42 44.83 9.86
C LEU C 318 25.27 45.19 10.82
N LEU C 319 25.56 46.06 11.78
CA LEU C 319 24.61 46.45 12.83
C LEU C 319 24.12 47.89 12.68
N ALA C 320 24.89 48.71 11.96
CA ALA C 320 24.59 50.14 11.78
C ALA C 320 23.83 50.45 10.47
N LEU C 321 23.55 49.42 9.68
CA LEU C 321 22.84 49.55 8.40
C LEU C 321 21.34 49.77 8.62
N PRO C 322 20.76 50.83 8.01
CA PRO C 322 19.32 51.11 8.19
C PRO C 322 18.38 50.25 7.34
N ASP C 323 18.80 49.93 6.11
CA ASP C 323 17.97 49.19 5.13
C ASP C 323 17.67 47.75 5.55
N PHE C 324 18.71 47.04 6.01
CA PHE C 324 18.57 45.67 6.51
C PHE C 324 18.91 45.62 8.01
N PRO C 325 17.88 45.78 8.89
CA PRO C 325 18.15 45.86 10.32
C PRO C 325 18.34 44.50 10.99
N VAL C 326 19.27 44.45 11.94
CA VAL C 326 19.53 43.27 12.76
C VAL C 326 19.26 43.65 14.22
N HIS C 327 18.31 42.95 14.84
CA HIS C 327 17.98 43.13 16.25
C HIS C 327 18.80 42.19 17.13
N ILE C 328 19.19 42.70 18.30
CA ILE C 328 19.86 41.89 19.33
C ILE C 328 18.82 41.45 20.35
N SER C 329 18.86 40.17 20.72
CA SER C 329 17.99 39.63 21.77
C SER C 329 18.78 38.86 22.83
N LEU C 330 18.23 38.82 24.04
CA LEU C 330 18.82 38.08 25.14
C LEU C 330 17.81 37.10 25.74
N ASN C 331 18.18 35.82 25.68
CA ASN C 331 17.32 34.72 26.14
C ASN C 331 18.12 33.48 26.54
N GLU C 332 17.45 32.33 26.58
CA GLU C 332 18.02 31.06 27.03
C GLU C 332 19.26 30.56 26.25
N GLN C 333 19.42 31.07 25.03
CA GLN C 333 20.54 30.70 24.15
C GLN C 333 21.91 31.10 24.68
N LEU C 334 21.98 32.18 25.46
CA LEU C 334 23.20 32.58 26.17
C LEU C 334 23.58 31.51 27.19
N ILE C 335 22.62 31.15 28.03
CA ILE C 335 22.77 30.10 29.05
C ILE C 335 23.15 28.77 28.40
N ASN C 336 22.44 28.42 27.33
CA ASN C 336 22.73 27.24 26.51
C ASN C 336 24.16 27.24 25.94
N SER C 337 24.63 28.43 25.55
CA SER C 337 25.98 28.62 25.02
C SER C 337 27.05 28.30 26.07
N PHE C 338 26.83 28.79 27.30
CA PHE C 338 27.72 28.52 28.43
C PHE C 338 27.69 27.07 28.91
N MET C 339 26.55 26.39 28.71
CA MET C 339 26.40 24.99 29.12
C MET C 339 27.08 24.01 28.15
N GLN C 340 27.18 24.42 26.88
CA GLN C 340 27.87 23.63 25.86
C GLN C 340 29.38 23.66 26.07
N SER C 341 29.98 22.49 26.14
CA SER C 341 31.41 22.35 26.31
C SER C 341 32.16 22.73 25.03
N THR C 342 33.38 23.24 25.20
CA THR C 342 34.27 23.49 24.07
C THR C 342 34.99 22.20 23.66
N HIS C 343 35.17 21.29 24.63
CA HIS C 343 35.82 20.01 24.41
C HIS C 343 35.07 18.85 25.07
N TRP C 344 35.17 17.68 24.45
CA TRP C 344 34.59 16.43 24.96
C TRP C 344 35.33 15.23 24.37
N ASN C 345 35.38 14.15 25.13
CA ASN C 345 35.90 12.87 24.64
C ASN C 345 34.86 12.17 23.78
N LEU C 346 35.32 11.29 22.90
CA LEU C 346 34.45 10.69 21.87
C LEU C 346 33.66 9.47 22.37
N ASP C 347 33.92 9.04 23.61
CA ASP C 347 33.16 7.96 24.25
C ASP C 347 32.12 8.47 25.26
N GLU C 348 31.97 9.79 25.34
CA GLU C 348 30.96 10.43 26.20
C GLU C 348 30.00 11.33 25.39
N VAL C 349 28.95 11.81 26.06
CA VAL C 349 27.84 12.52 25.41
C VAL C 349 28.25 13.91 24.91
N SER C 350 28.18 14.08 23.60
CA SER C 350 28.51 15.35 22.94
C SER C 350 27.36 16.36 23.07
N PRO C 351 27.67 17.69 22.96
CA PRO C 351 26.62 18.72 22.93
C PRO C 351 25.61 18.53 21.79
N PHE C 352 26.01 17.82 20.74
CA PHE C 352 25.15 17.48 19.61
C PHE C 352 24.00 16.56 20.02
N GLU C 353 24.26 15.72 21.02
CA GLU C 353 23.25 14.83 21.59
C GLU C 353 22.44 15.56 22.67
N GLN C 354 23.12 16.42 23.43
CA GLN C 354 22.51 17.26 24.47
C GLN C 354 21.42 18.18 23.94
N PHE C 355 21.76 18.97 22.94
CA PHE C 355 20.87 19.98 22.38
C PHE C 355 20.43 19.56 20.97
N ARG C 356 20.18 18.25 20.80
CA ARG C 356 19.89 17.61 19.51
C ARG C 356 18.79 18.31 18.68
N ASN C 357 17.69 18.65 19.33
CA ASN C 357 16.56 19.27 18.67
C ASN C 357 16.39 20.72 19.11
N MET C 358 16.45 21.64 18.15
CA MET C 358 16.29 23.07 18.39
C MET C 358 14.85 23.37 18.77
N THR C 359 14.68 24.19 19.80
CA THR C 359 13.37 24.45 20.41
C THR C 359 12.92 25.91 20.22
N ALA C 360 13.57 26.63 19.30
CA ALA C 360 13.28 28.03 19.03
C ALA C 360 11.91 28.25 18.40
N LEU C 361 11.23 29.30 18.85
CA LEU C 361 9.87 29.61 18.41
C LEU C 361 9.80 30.89 17.58
N PRO C 362 8.86 30.96 16.61
CA PRO C 362 8.67 32.20 15.84
C PRO C 362 8.01 33.31 16.68
N ASP C 363 8.44 34.55 16.45
CA ASP C 363 7.82 35.72 17.07
C ASP C 363 6.48 35.98 16.37
N LEU C 364 5.41 35.50 17.01
CA LEU C 364 4.05 35.57 16.45
C LEU C 364 3.51 37.01 16.23
N PRO C 365 3.70 37.95 17.19
CA PRO C 365 3.34 39.35 16.92
C PRO C 365 4.12 40.02 15.77
N GLU C 366 5.39 39.65 15.59
CA GLU C 366 6.22 40.14 14.48
C GLU C 366 5.64 39.73 13.12
N LEU C 367 5.27 38.45 13.01
CA LEU C 367 4.68 37.88 11.79
C LEU C 367 3.27 38.40 11.54
N ASN C 368 2.50 38.61 12.61
CA ASN C 368 1.15 39.16 12.53
C ASN C 368 1.12 40.62 12.08
N ALA C 369 2.13 41.40 12.50
CA ALA C 369 2.33 42.77 12.05
C ALA C 369 2.71 42.83 10.57
N SER C 370 3.60 41.92 10.17
CA SER C 370 4.07 41.81 8.78
C SER C 370 2.96 41.34 7.83
N LEU C 371 2.09 40.45 8.32
CA LEU C 371 0.96 39.91 7.55
C LEU C 371 -0.13 40.96 7.30
N GLU C 372 -0.41 41.78 8.31
CA GLU C 372 -1.37 42.89 8.19
C GLU C 372 -0.88 43.99 7.25
N LYS C 373 0.44 44.20 7.23
CA LYS C 373 1.07 45.15 6.31
C LYS C 373 1.09 44.61 4.86
N LEU C 374 1.20 43.29 4.73
CA LEU C 374 1.07 42.59 3.45
C LEU C 374 -0.36 42.73 2.90
N LYS C 375 -1.35 42.57 3.78
CA LYS C 375 -2.76 42.67 3.44
C LYS C 375 -3.21 44.11 3.12
N ALA C 376 -2.51 45.08 3.71
CA ALA C 376 -2.76 46.50 3.46
C ALA C 376 -2.30 46.93 2.06
N GLU C 377 -1.16 46.40 1.62
CA GLU C 377 -0.62 46.67 0.28
C GLU C 377 -1.31 45.81 -0.79
N PHE C 378 -1.57 44.55 -0.44
CA PHE C 378 -2.27 43.62 -1.33
C PHE C 378 -3.50 43.02 -0.62
N PRO C 379 -4.71 43.54 -0.92
CA PRO C 379 -5.93 43.04 -0.27
C PRO C 379 -6.30 41.61 -0.68
N ALA C 380 -5.74 41.15 -1.80
CA ALA C 380 -5.92 39.78 -2.27
C ALA C 380 -5.61 38.73 -1.18
N PHE C 381 -4.66 39.06 -0.30
CA PHE C 381 -4.27 38.20 0.82
C PHE C 381 -5.15 38.31 2.07
N LYS C 382 -6.14 39.22 2.06
CA LYS C 382 -7.07 39.42 3.19
C LYS C 382 -7.81 38.14 3.60
N GLU C 383 -8.27 37.40 2.59
CA GLU C 383 -9.04 36.16 2.80
C GLU C 383 -8.16 34.90 2.90
N SER C 384 -6.85 35.07 2.83
CA SER C 384 -5.89 33.95 2.94
C SER C 384 -5.82 33.37 4.35
N LYS C 385 -5.92 32.04 4.43
CA LYS C 385 -5.80 31.31 5.68
C LYS C 385 -4.34 31.07 6.03
N LEU C 386 -4.01 31.25 7.31
CA LEU C 386 -2.67 31.01 7.82
C LEU C 386 -2.46 29.51 8.01
N ILE C 387 -1.47 28.96 7.30
CA ILE C 387 -1.20 27.51 7.30
C ILE C 387 -0.15 27.12 8.33
N ASP C 388 1.04 27.71 8.23
CA ASP C 388 2.18 27.33 9.09
C ASP C 388 3.06 28.52 9.46
N GLN C 389 3.66 28.45 10.65
CA GLN C 389 4.58 29.47 11.16
C GLN C 389 5.75 28.80 11.88
N TRP C 390 6.98 29.24 11.56
CA TRP C 390 8.20 28.65 12.11
C TRP C 390 9.36 29.64 12.23
N SER C 391 10.40 29.24 12.97
CA SER C 391 11.65 29.98 13.08
C SER C 391 12.80 29.20 12.44
N GLY C 392 13.66 29.93 11.72
CA GLY C 392 14.84 29.34 11.08
C GLY C 392 16.14 29.91 11.61
N ALA C 393 17.05 29.02 12.02
CA ALA C 393 18.35 29.39 12.59
C ALA C 393 19.46 29.45 11.54
N MET C 394 20.23 30.53 11.55
CA MET C 394 21.39 30.73 10.68
C MET C 394 22.67 30.79 11.50
N ALA C 395 23.81 30.58 10.84
CA ALA C 395 25.12 30.87 11.41
C ALA C 395 25.95 31.61 10.36
N ILE C 396 26.24 32.88 10.64
CA ILE C 396 26.85 33.77 9.65
C ILE C 396 28.24 34.23 10.10
N ALA C 397 29.19 34.16 9.17
CA ALA C 397 30.56 34.64 9.36
C ALA C 397 30.60 36.18 9.30
N PRO C 398 31.66 36.82 9.89
CA PRO C 398 31.74 38.30 9.92
C PRO C 398 31.55 39.03 8.59
N ASP C 399 32.05 38.45 7.49
CA ASP C 399 31.96 39.08 6.17
C ASP C 399 30.76 38.60 5.34
N GLU C 400 29.82 37.91 6.00
CA GLU C 400 28.53 37.48 5.43
C GLU C 400 28.66 36.38 4.35
N ASN C 401 29.90 35.96 4.07
CA ASN C 401 30.22 35.00 3.02
C ASN C 401 30.40 33.56 3.55
N PRO C 402 30.21 32.53 2.68
CA PRO C 402 30.29 31.14 3.13
C PRO C 402 31.71 30.68 3.50
N ILE C 403 31.80 29.61 4.27
CA ILE C 403 33.08 28.95 4.54
C ILE C 403 33.11 27.61 3.80
N ILE C 404 33.76 27.62 2.63
CA ILE C 404 33.97 26.42 1.83
C ILE C 404 35.49 26.28 1.70
N SER C 405 36.07 25.48 2.58
CA SER C 405 37.52 25.50 2.80
C SER C 405 38.16 24.15 3.15
N GLU C 406 39.46 24.06 2.86
CA GLU C 406 40.33 23.04 3.42
C GLU C 406 40.62 23.39 4.88
N VAL C 407 40.89 22.37 5.69
CA VAL C 407 41.38 22.58 7.04
C VAL C 407 42.86 22.17 7.07
N LYS C 408 43.72 23.15 7.27
CA LYS C 408 45.19 22.96 7.25
C LYS C 408 45.70 22.04 8.34
N GLU C 409 44.99 22.02 9.47
CA GLU C 409 45.35 21.20 10.63
C GLU C 409 45.11 19.70 10.41
N TYR C 410 44.12 19.37 9.57
CA TYR C 410 43.73 17.98 9.30
C TYR C 410 43.59 17.72 7.79
N PRO C 411 44.60 17.05 7.18
CA PRO C 411 44.50 16.68 5.76
C PRO C 411 43.40 15.65 5.51
N GLY C 412 42.62 15.86 4.45
CA GLY C 412 41.46 15.03 4.13
C GLY C 412 40.16 15.50 4.78
N LEU C 413 40.21 16.67 5.42
CA LEU C 413 39.02 17.30 6.01
C LEU C 413 38.67 18.58 5.26
N VAL C 414 37.42 18.68 4.86
CA VAL C 414 36.88 19.90 4.23
C VAL C 414 35.63 20.39 4.95
N ILE C 415 35.42 21.70 4.93
CA ILE C 415 34.28 22.35 5.59
C ILE C 415 33.40 23.07 4.57
N ASN C 416 32.08 22.87 4.68
CA ASN C 416 31.11 23.53 3.81
C ASN C 416 29.92 24.00 4.64
N THR C 417 29.96 25.28 5.04
CA THR C 417 29.05 25.82 6.04
C THR C 417 28.93 27.36 5.96
N ALA C 418 28.22 27.94 6.93
CA ALA C 418 28.21 29.39 7.22
C ALA C 418 27.67 30.27 6.10
N THR C 419 26.58 29.84 5.49
CA THR C 419 25.93 30.59 4.42
C THR C 419 24.45 30.86 4.72
N GLY C 420 24.01 32.06 4.37
CA GLY C 420 22.59 32.42 4.42
C GLY C 420 21.89 32.20 3.08
N TRP C 421 22.59 31.57 2.14
CA TRP C 421 22.09 31.33 0.79
C TRP C 421 22.37 29.90 0.29
N GLY C 422 22.45 28.96 1.22
CA GLY C 422 22.88 27.58 0.97
C GLY C 422 22.10 26.77 -0.05
N MET C 423 20.79 27.02 -0.14
CA MET C 423 19.93 26.35 -1.11
C MET C 423 20.31 26.73 -2.54
N THR C 424 20.50 28.03 -2.77
CA THR C 424 20.91 28.58 -4.07
C THR C 424 22.32 28.12 -4.44
N GLU C 425 23.24 28.20 -3.48
CA GLU C 425 24.66 27.95 -3.70
C GLU C 425 25.04 26.48 -3.80
N SER C 426 24.22 25.61 -3.23
CA SER C 426 24.53 24.17 -3.06
C SER C 426 25.07 23.37 -4.27
N PRO C 427 24.47 23.51 -5.49
CA PRO C 427 25.02 22.69 -6.58
C PRO C 427 26.47 23.04 -6.96
N VAL C 428 26.90 24.26 -6.67
CA VAL C 428 28.28 24.69 -6.93
C VAL C 428 29.15 24.43 -5.70
N SER C 429 28.65 24.80 -4.52
CA SER C 429 29.31 24.54 -3.23
C SER C 429 29.73 23.09 -3.10
N ALA C 430 28.84 22.18 -3.53
CA ALA C 430 29.08 20.74 -3.56
C ALA C 430 30.32 20.36 -4.36
N GLU C 431 30.42 20.88 -5.57
CA GLU C 431 31.54 20.63 -6.46
C GLU C 431 32.84 21.21 -5.88
N LEU C 432 32.76 22.47 -5.43
CA LEU C 432 33.88 23.19 -4.83
C LEU C 432 34.46 22.49 -3.60
N THR C 433 33.58 21.94 -2.75
CA THR C 433 33.96 21.18 -1.55
C THR C 433 34.66 19.86 -1.93
N ALA C 434 34.11 19.18 -2.94
CA ALA C 434 34.69 17.93 -3.46
C ALA C 434 36.03 18.15 -4.16
N ASP C 435 36.14 19.27 -4.89
CA ASP C 435 37.39 19.68 -5.56
C ASP C 435 38.52 19.88 -4.56
N LEU C 436 38.22 20.57 -3.46
CA LEU C 436 39.17 20.81 -2.37
C LEU C 436 39.57 19.52 -1.65
N LEU C 437 38.60 18.60 -1.51
CA LEU C 437 38.83 17.32 -0.84
C LEU C 437 39.79 16.41 -1.61
N LEU C 438 39.63 16.37 -2.93
CA LEU C 438 40.34 15.43 -3.79
C LEU C 438 41.56 16.03 -4.52
N GLY C 439 41.95 17.23 -4.10
CA GLY C 439 43.12 17.93 -4.64
C GLY C 439 43.03 18.29 -6.11
N LYS C 440 41.82 18.56 -6.57
CA LYS C 440 41.54 18.98 -7.95
C LYS C 440 41.45 20.50 -8.00
N LYS C 441 41.78 21.07 -9.17
CA LYS C 441 41.65 22.50 -9.44
C LYS C 441 40.18 22.93 -9.23
N PRO C 442 39.94 23.84 -8.26
CA PRO C 442 38.59 24.27 -7.89
C PRO C 442 37.88 25.02 -9.02
N VAL C 443 36.57 24.81 -9.12
CA VAL C 443 35.73 25.39 -10.17
C VAL C 443 35.61 26.92 -10.02
N LEU C 444 35.41 27.38 -8.79
CA LEU C 444 35.44 28.81 -8.46
C LEU C 444 36.66 29.15 -7.60
N ASP C 445 36.97 30.44 -7.53
CA ASP C 445 38.06 30.97 -6.70
C ASP C 445 37.79 30.68 -5.22
N PRO C 446 38.63 29.82 -4.59
CA PRO C 446 38.36 29.35 -3.23
C PRO C 446 38.78 30.29 -2.10
N LYS C 447 39.66 31.26 -2.41
CA LYS C 447 40.18 32.22 -1.43
C LYS C 447 39.13 33.07 -0.67
N PRO C 448 38.06 33.57 -1.37
CA PRO C 448 36.97 34.24 -0.63
C PRO C 448 36.15 33.33 0.29
N PHE C 449 36.26 32.01 0.10
CA PHE C 449 35.51 31.04 0.90
C PHE C 449 36.39 30.31 1.91
N SER C 450 37.66 30.71 1.97
CA SER C 450 38.64 30.10 2.88
C SER C 450 38.35 30.46 4.33
N LEU C 451 38.67 29.52 5.22
CA LEU C 451 38.48 29.67 6.66
C LEU C 451 39.51 30.64 7.28
N TYR C 452 40.65 30.75 6.60
CA TYR C 452 41.80 31.51 7.11
C TYR C 452 41.87 32.95 6.54
N ARG C 453 40.70 33.46 6.15
CA ARG C 453 40.57 34.83 5.64
C ARG C 453 40.27 35.83 6.76
N PHE C 454 40.05 35.31 7.97
CA PHE C 454 39.71 36.13 9.13
C PHE C 454 40.93 36.37 10.04
N GLY D 25 15.15 9.34 -27.39
CA GLY D 25 13.97 9.37 -28.31
C GLY D 25 13.03 8.20 -28.07
N PHE D 26 11.80 8.50 -27.69
CA PHE D 26 10.77 7.50 -27.40
C PHE D 26 9.35 8.02 -27.61
N VAL D 27 8.51 7.19 -28.21
CA VAL D 27 7.08 7.48 -28.44
C VAL D 27 6.25 6.30 -27.95
N GLU D 28 5.29 6.59 -27.08
CA GLU D 28 4.42 5.59 -26.48
C GLU D 28 3.41 5.04 -27.50
N GLY D 29 3.08 3.76 -27.36
CA GLY D 29 2.02 3.12 -28.14
C GLY D 29 0.61 3.55 -27.73
N THR D 30 -0.36 3.24 -28.60
CA THR D 30 -1.77 3.51 -28.36
C THR D 30 -2.28 2.61 -27.23
N GLU D 31 -2.85 3.26 -26.21
CA GLU D 31 -3.40 2.58 -25.05
C GLU D 31 -4.76 1.94 -25.34
N GLY D 32 -5.24 1.13 -24.40
CA GLY D 32 -6.51 0.43 -24.54
C GLY D 32 -6.35 -0.95 -25.16
N ALA D 33 -7.49 -1.60 -25.42
CA ALA D 33 -7.52 -2.94 -25.99
C ALA D 33 -7.18 -2.94 -27.47
N LEU D 34 -6.78 -4.11 -27.98
CA LEU D 34 -6.48 -4.31 -29.40
C LEU D 34 -7.78 -4.28 -30.22
N PRO D 35 -7.78 -3.58 -31.37
CA PRO D 35 -8.98 -3.48 -32.22
C PRO D 35 -9.35 -4.83 -32.85
N LYS D 36 -10.66 -5.07 -32.94
CA LYS D 36 -11.21 -6.27 -33.56
C LYS D 36 -11.05 -6.24 -35.09
N GLN D 37 -11.06 -5.03 -35.65
CA GLN D 37 -11.06 -4.81 -37.10
C GLN D 37 -10.22 -3.58 -37.48
N ALA D 38 -9.66 -3.63 -38.69
CA ALA D 38 -9.00 -2.50 -39.35
C ALA D 38 -9.10 -2.71 -40.87
N ASP D 39 -9.20 -1.61 -41.63
CA ASP D 39 -9.24 -1.68 -43.09
C ASP D 39 -7.94 -2.23 -43.67
N VAL D 40 -6.83 -1.85 -43.04
CA VAL D 40 -5.50 -2.38 -43.37
C VAL D 40 -4.62 -2.43 -42.11
N VAL D 41 -3.93 -3.56 -41.92
CA VAL D 41 -3.01 -3.74 -40.80
C VAL D 41 -1.58 -3.65 -41.30
N VAL D 42 -0.84 -2.66 -40.79
CA VAL D 42 0.57 -2.49 -41.11
C VAL D 42 1.43 -3.25 -40.09
N VAL D 43 2.28 -4.14 -40.59
CA VAL D 43 3.23 -4.90 -39.75
C VAL D 43 4.56 -4.14 -39.71
N GLY D 44 4.94 -3.69 -38.52
CA GLY D 44 6.19 -2.96 -38.32
C GLY D 44 6.05 -1.45 -38.21
N ALA D 45 6.62 -0.86 -37.16
CA ALA D 45 6.55 0.59 -36.91
C ALA D 45 7.92 1.28 -37.00
N GLY D 46 8.59 1.10 -38.13
CA GLY D 46 9.73 1.94 -38.50
C GLY D 46 9.22 3.04 -39.42
N ILE D 47 10.15 3.70 -40.13
CA ILE D 47 9.79 4.79 -41.03
C ILE D 47 8.86 4.34 -42.18
N LEU D 48 9.12 3.15 -42.74
CA LEU D 48 8.32 2.62 -43.84
C LEU D 48 6.90 2.22 -43.42
N GLY D 49 6.76 1.74 -42.18
CA GLY D 49 5.44 1.40 -41.62
C GLY D 49 4.64 2.64 -41.24
N ILE D 50 5.30 3.59 -40.57
CA ILE D 50 4.70 4.85 -40.15
C ILE D 50 4.21 5.67 -41.35
N MET D 51 5.07 5.83 -42.36
CA MET D 51 4.75 6.66 -43.53
C MET D 51 3.62 6.07 -44.39
N THR D 52 3.68 4.75 -44.63
CA THR D 52 2.64 4.03 -45.39
C THR D 52 1.28 4.19 -44.72
N ALA D 53 1.26 4.06 -43.40
CA ALA D 53 0.05 4.26 -42.58
C ALA D 53 -0.52 5.67 -42.73
N ILE D 54 0.34 6.68 -42.63
CA ILE D 54 -0.04 8.09 -42.82
C ILE D 54 -0.72 8.28 -44.18
N ASN D 55 -0.06 7.78 -45.23
CA ASN D 55 -0.56 7.85 -46.61
C ASN D 55 -1.91 7.14 -46.79
N LEU D 56 -2.08 6.01 -46.11
CA LEU D 56 -3.33 5.24 -46.15
C LEU D 56 -4.48 5.91 -45.38
N VAL D 57 -4.14 6.55 -44.26
CA VAL D 57 -5.11 7.29 -43.43
C VAL D 57 -5.65 8.53 -44.16
N GLU D 58 -4.77 9.17 -44.94
CA GLU D 58 -5.15 10.32 -45.76
C GLU D 58 -6.07 9.94 -46.94
N ARG D 59 -6.22 8.63 -47.16
CA ARG D 59 -7.09 8.09 -48.21
C ARG D 59 -8.44 7.59 -47.67
N GLY D 60 -8.65 7.74 -46.35
CA GLY D 60 -9.93 7.43 -45.71
C GLY D 60 -10.08 6.04 -45.13
N LEU D 61 -8.96 5.33 -44.98
CA LEU D 61 -8.94 3.97 -44.44
C LEU D 61 -8.50 3.96 -42.98
N SER D 62 -9.12 3.09 -42.18
CA SER D 62 -8.71 2.85 -40.80
C SER D 62 -7.48 1.95 -40.78
N VAL D 63 -6.40 2.43 -40.15
CA VAL D 63 -5.14 1.71 -40.14
C VAL D 63 -4.65 1.42 -38.72
N VAL D 64 -4.15 0.20 -38.52
CA VAL D 64 -3.52 -0.22 -37.27
C VAL D 64 -2.12 -0.73 -37.60
N ILE D 65 -1.12 -0.13 -36.96
CA ILE D 65 0.25 -0.68 -37.00
C ILE D 65 0.45 -1.59 -35.80
N VAL D 66 0.93 -2.80 -36.08
CA VAL D 66 1.39 -3.72 -35.02
C VAL D 66 2.92 -3.77 -35.02
N GLU D 67 3.49 -3.63 -33.82
CA GLU D 67 4.93 -3.50 -33.62
C GLU D 67 5.35 -4.41 -32.47
N LYS D 68 6.35 -5.25 -32.74
CA LYS D 68 6.84 -6.26 -31.77
C LYS D 68 7.58 -5.67 -30.58
N GLY D 69 8.33 -4.60 -30.81
CA GLY D 69 9.03 -3.89 -29.73
C GLY D 69 8.53 -2.47 -29.59
N ASN D 70 9.47 -1.53 -29.48
CA ASN D 70 9.15 -0.11 -29.41
C ASN D 70 9.10 0.50 -30.82
N ILE D 71 8.39 1.62 -30.94
CA ILE D 71 8.34 2.39 -32.18
C ILE D 71 9.74 2.86 -32.57
N ALA D 72 10.13 2.57 -33.81
CA ALA D 72 11.44 2.92 -34.40
C ALA D 72 12.66 2.36 -33.64
N GLY D 73 12.46 1.22 -32.98
CA GLY D 73 13.49 0.58 -32.15
C GLY D 73 14.66 -0.03 -32.91
N GLU D 74 14.48 -0.21 -34.23
CA GLU D 74 15.51 -0.82 -35.09
C GLU D 74 16.12 0.22 -36.04
N GLN D 75 16.07 -0.04 -37.35
CA GLN D 75 16.74 0.80 -38.37
C GLN D 75 16.44 2.30 -38.33
N SER D 76 15.17 2.63 -38.05
CA SER D 76 14.69 4.02 -38.16
C SER D 76 15.13 4.97 -37.04
N SER D 77 15.99 4.49 -36.14
CA SER D 77 16.64 5.34 -35.14
C SER D 77 18.14 5.05 -35.02
N ARG D 78 18.65 4.22 -35.93
CA ARG D 78 20.04 3.79 -35.92
C ARG D 78 20.80 4.15 -37.22
N PHE D 79 20.25 5.10 -37.97
CA PHE D 79 20.77 5.50 -39.29
C PHE D 79 21.82 6.62 -39.24
N TYR D 80 22.52 6.80 -40.37
CA TYR D 80 23.55 7.84 -40.52
C TYR D 80 22.95 9.24 -40.60
N GLY D 81 22.05 9.46 -41.56
CA GLY D 81 21.21 10.65 -41.58
C GLY D 81 21.18 11.56 -42.78
N GLN D 82 21.69 11.09 -43.92
CA GLN D 82 21.68 11.90 -45.14
C GLN D 82 20.62 11.46 -46.13
N ALA D 83 20.05 12.42 -46.84
CA ALA D 83 19.02 12.18 -47.84
C ALA D 83 19.50 12.70 -49.18
N ILE D 84 20.20 11.84 -49.90
CA ILE D 84 20.87 12.24 -51.15
C ILE D 84 20.33 11.50 -52.37
N SER D 85 20.49 12.14 -53.53
CA SER D 85 20.20 11.53 -54.81
C SER D 85 21.50 11.27 -55.58
N TYR D 86 22.62 11.62 -54.96
CA TYR D 86 23.96 11.53 -55.56
C TYR D 86 24.34 10.09 -55.92
N LYS D 87 24.88 9.92 -57.13
CA LYS D 87 25.32 8.61 -57.68
C LYS D 87 24.21 7.54 -57.84
N MET D 88 22.95 7.95 -57.67
CA MET D 88 21.82 7.00 -57.73
C MET D 88 21.47 6.57 -59.14
N PRO D 89 21.24 5.25 -59.35
CA PRO D 89 20.81 4.74 -60.65
C PRO D 89 19.38 5.18 -61.02
N ASP D 90 19.02 4.97 -62.29
CA ASP D 90 17.70 5.33 -62.84
C ASP D 90 16.53 4.72 -62.07
N GLU D 91 16.74 3.51 -61.54
CA GLU D 91 15.72 2.78 -60.77
C GLU D 91 15.29 3.50 -59.50
N THR D 92 16.25 4.13 -58.82
CA THR D 92 16.02 4.73 -57.50
C THR D 92 16.07 6.26 -57.44
N PHE D 93 16.59 6.90 -58.49
CA PHE D 93 16.79 8.36 -58.50
C PHE D 93 15.49 9.14 -58.26
N LEU D 94 14.45 8.80 -59.04
CA LEU D 94 13.14 9.47 -58.95
C LEU D 94 12.47 9.27 -57.59
N LEU D 95 12.76 8.14 -56.95
CA LEU D 95 12.33 7.85 -55.58
C LEU D 95 13.03 8.76 -54.56
N HIS D 96 14.30 9.08 -54.84
CA HIS D 96 15.14 9.91 -53.97
C HIS D 96 14.92 11.40 -54.19
N HIS D 97 14.77 11.79 -55.46
CA HIS D 97 14.61 13.20 -55.84
C HIS D 97 13.26 13.78 -55.40
N LEU D 98 12.20 12.98 -55.53
CA LEU D 98 10.88 13.30 -54.99
C LEU D 98 10.85 13.19 -53.47
N GLY D 99 11.65 12.25 -52.93
CA GLY D 99 11.78 12.03 -51.50
C GLY D 99 12.36 13.22 -50.75
N LYS D 100 13.32 13.89 -51.38
CA LYS D 100 13.93 15.12 -50.86
C LYS D 100 12.92 16.28 -50.83
N HIS D 101 12.11 16.38 -51.88
CA HIS D 101 11.08 17.43 -52.03
C HIS D 101 9.99 17.34 -50.95
N ARG D 102 9.56 16.11 -50.66
CA ARG D 102 8.53 15.85 -49.66
C ARG D 102 9.07 15.99 -48.23
N TRP D 103 10.36 15.73 -48.06
CA TRP D 103 11.05 15.99 -46.79
C TRP D 103 11.26 17.49 -46.54
N ARG D 104 11.45 18.27 -47.61
CA ARG D 104 11.52 19.73 -47.54
C ARG D 104 10.17 20.38 -47.20
N GLU D 105 9.09 19.62 -47.39
CA GLU D 105 7.73 20.05 -47.05
C GLU D 105 7.26 19.52 -45.69
N MET D 106 8.04 18.60 -45.12
CA MET D 106 7.65 17.83 -43.93
C MET D 106 7.46 18.66 -42.66
N ASN D 107 8.41 19.56 -42.40
CA ASN D 107 8.36 20.45 -41.22
C ASN D 107 7.12 21.34 -41.16
N ALA D 108 6.70 21.83 -42.33
CA ALA D 108 5.47 22.61 -42.48
C ALA D 108 4.22 21.75 -42.35
N LYS D 109 4.30 20.50 -42.79
CA LYS D 109 3.17 19.57 -42.76
C LYS D 109 2.89 19.02 -41.36
N VAL D 110 3.96 18.65 -40.65
CA VAL D 110 3.86 18.04 -39.31
C VAL D 110 3.64 19.10 -38.24
N GLY D 111 4.32 20.24 -38.36
CA GLY D 111 4.24 21.33 -37.39
C GLY D 111 5.39 21.34 -36.40
N ILE D 112 5.79 20.13 -35.98
CA ILE D 112 6.95 19.93 -35.11
C ILE D 112 8.18 19.75 -35.99
N ASP D 113 9.32 20.23 -35.50
CA ASP D 113 10.62 20.07 -36.16
C ASP D 113 11.02 18.59 -36.22
N THR D 114 11.12 18.05 -37.44
CA THR D 114 11.56 16.68 -37.71
C THR D 114 13.09 16.55 -37.67
N THR D 115 13.76 17.67 -37.34
CA THR D 115 15.21 17.89 -37.46
C THR D 115 15.78 17.72 -38.88
N TYR D 116 14.89 17.80 -39.88
CA TYR D 116 15.31 17.80 -41.29
C TYR D 116 15.77 19.18 -41.70
N ARG D 117 16.91 19.22 -42.38
CA ARG D 117 17.45 20.45 -42.94
C ARG D 117 17.98 20.21 -44.35
N THR D 118 17.93 21.24 -45.17
CA THR D 118 18.61 21.27 -46.46
C THR D 118 20.05 21.71 -46.14
N GLN D 119 20.98 20.77 -46.30
CA GLN D 119 22.34 20.89 -45.75
C GLN D 119 23.42 21.17 -46.81
N GLY D 120 23.41 20.39 -47.89
CA GLY D 120 24.47 20.43 -48.88
C GLY D 120 25.50 19.35 -48.64
N ARG D 121 25.85 18.62 -49.70
CA ARG D 121 26.84 17.54 -49.64
C ARG D 121 27.95 17.75 -50.66
N VAL D 122 29.19 17.49 -50.24
CA VAL D 122 30.36 17.51 -51.13
C VAL D 122 31.10 16.18 -51.10
N GLU D 123 31.33 15.60 -52.28
CA GLU D 123 32.09 14.35 -52.41
C GLU D 123 33.28 14.52 -53.37
N VAL D 124 34.48 14.37 -52.83
CA VAL D 124 35.72 14.38 -53.61
C VAL D 124 35.93 12.98 -54.19
N PRO D 125 36.09 12.88 -55.54
CA PRO D 125 36.35 11.60 -56.21
C PRO D 125 37.70 10.98 -55.83
N LEU D 126 37.78 9.65 -55.95
CA LEU D 126 39.00 8.89 -55.57
C LEU D 126 40.16 9.15 -56.53
N ASP D 127 39.89 9.09 -57.83
CA ASP D 127 40.90 9.26 -58.88
C ASP D 127 40.37 10.06 -60.07
N GLU D 128 41.20 10.21 -61.11
CA GLU D 128 40.82 10.90 -62.34
C GLU D 128 39.75 10.16 -63.15
N GLU D 129 39.74 8.84 -63.03
CA GLU D 129 38.72 7.97 -63.63
C GLU D 129 37.34 8.21 -63.01
N ASP D 130 37.32 8.39 -61.68
CA ASP D 130 36.09 8.60 -60.91
C ASP D 130 35.42 9.94 -61.24
N LEU D 131 36.23 10.98 -61.41
CA LEU D 131 35.74 12.32 -61.78
C LEU D 131 35.05 12.35 -63.16
N VAL D 132 35.51 11.48 -64.06
CA VAL D 132 34.90 11.26 -65.37
C VAL D 132 33.50 10.64 -65.21
N ASN D 133 33.41 9.60 -64.39
CA ASN D 133 32.14 8.93 -64.08
C ASN D 133 31.16 9.79 -63.27
N VAL D 134 31.71 10.67 -62.43
CA VAL D 134 30.93 11.62 -61.63
C VAL D 134 30.28 12.69 -62.53
N ARG D 135 31.06 13.27 -63.44
CA ARG D 135 30.59 14.27 -64.40
C ARG D 135 29.57 13.68 -65.39
N LYS D 136 29.83 12.47 -65.86
CA LYS D 136 28.94 11.73 -66.77
C LYS D 136 27.55 11.53 -66.17
N TRP D 137 27.50 11.16 -64.89
CA TRP D 137 26.24 10.97 -64.16
C TRP D 137 25.48 12.28 -63.97
N ILE D 138 26.19 13.33 -63.58
CA ILE D 138 25.60 14.65 -63.31
C ILE D 138 25.03 15.27 -64.60
N ASP D 139 25.85 15.34 -65.65
CA ASP D 139 25.48 15.96 -66.94
C ASP D 139 24.32 15.27 -67.66
N GLU D 140 24.25 13.94 -67.56
CA GLU D 140 23.17 13.17 -68.19
C GLU D 140 21.84 13.27 -67.44
N ARG D 141 21.92 13.52 -66.14
CA ARG D 141 20.73 13.73 -65.31
C ARG D 141 20.29 15.20 -65.27
N SER D 142 21.20 16.10 -65.62
CA SER D 142 20.90 17.52 -65.87
C SER D 142 20.02 17.64 -67.11
N LYS D 143 20.21 16.72 -68.06
CA LYS D 143 19.29 16.47 -69.16
C LYS D 143 18.00 15.85 -68.59
N ASN D 144 17.56 14.70 -69.12
CA ASN D 144 16.32 14.04 -68.66
C ASN D 144 16.21 13.94 -67.12
N VAL D 145 15.72 15.03 -66.51
CA VAL D 145 15.63 15.16 -65.05
C VAL D 145 14.53 14.24 -64.51
N GLY D 146 13.52 13.99 -65.35
CA GLY D 146 12.43 13.05 -65.04
C GLY D 146 11.39 13.58 -64.07
N SER D 147 11.64 14.75 -63.50
CA SER D 147 10.73 15.39 -62.55
C SER D 147 10.55 16.88 -62.85
N ASP D 148 9.46 17.46 -62.34
CA ASP D 148 9.20 18.90 -62.44
C ASP D 148 9.95 19.71 -61.36
N ILE D 149 10.69 19.00 -60.50
CA ILE D 149 11.54 19.59 -59.47
C ILE D 149 12.88 20.04 -60.10
N PRO D 150 13.36 21.26 -59.78
CA PRO D 150 14.70 21.67 -60.21
C PRO D 150 15.82 20.82 -59.57
N PHE D 151 16.73 20.35 -60.41
CA PHE D 151 17.88 19.56 -59.95
C PHE D 151 19.04 20.48 -59.54
N LYS D 152 19.55 20.28 -58.33
CA LYS D 152 20.59 21.13 -57.75
C LYS D 152 21.87 20.36 -57.41
N THR D 153 22.45 19.71 -58.42
CA THR D 153 23.70 18.97 -58.29
C THR D 153 24.68 19.41 -59.39
N ARG D 154 25.88 19.82 -58.97
CA ARG D 154 26.90 20.37 -59.87
C ARG D 154 28.32 20.20 -59.32
N ILE D 155 29.29 20.22 -60.23
CA ILE D 155 30.72 20.15 -59.88
C ILE D 155 31.17 21.53 -59.39
N ILE D 156 31.91 21.56 -58.28
CA ILE D 156 32.44 22.82 -57.72
C ILE D 156 33.97 22.87 -57.69
N GLU D 157 34.51 24.07 -57.92
CA GLU D 157 35.95 24.33 -57.93
C GLU D 157 36.28 25.65 -57.22
N GLY D 158 37.56 25.87 -56.96
CA GLY D 158 38.07 27.14 -56.45
C GLY D 158 37.67 27.48 -55.02
N ALA D 159 37.34 28.75 -54.80
CA ALA D 159 37.00 29.30 -53.47
C ALA D 159 35.70 28.76 -52.87
N GLU D 160 34.81 28.25 -53.73
CA GLU D 160 33.53 27.68 -53.33
C GLU D 160 33.70 26.38 -52.52
N LEU D 161 34.74 25.61 -52.84
CA LEU D 161 35.05 24.36 -52.14
C LEU D 161 35.78 24.57 -50.81
N ASN D 162 36.66 25.58 -50.77
CA ASN D 162 37.47 25.90 -49.60
C ASN D 162 36.67 26.32 -48.35
N GLN D 163 35.57 27.05 -48.57
CA GLN D 163 34.67 27.50 -47.51
C GLN D 163 33.94 26.35 -46.81
N ARG D 164 33.72 25.27 -47.56
CA ARG D 164 33.06 24.06 -47.08
C ARG D 164 34.02 23.11 -46.37
N LEU D 165 35.31 23.19 -46.74
CA LEU D 165 36.34 22.35 -46.15
C LEU D 165 37.23 23.16 -45.20
N ARG D 166 36.60 23.75 -44.19
CA ARG D 166 37.30 24.60 -43.21
C ARG D 166 38.06 23.77 -42.17
N GLY D 167 39.39 23.88 -42.23
CA GLY D 167 40.30 23.15 -41.35
C GLY D 167 40.82 21.87 -41.96
N ALA D 168 40.90 21.85 -43.30
CA ALA D 168 41.31 20.65 -44.05
C ALA D 168 42.83 20.56 -44.15
N THR D 169 43.37 19.45 -43.65
CA THR D 169 44.80 19.17 -43.68
C THR D 169 45.28 18.88 -45.10
N THR D 170 44.45 18.17 -45.86
CA THR D 170 44.73 17.86 -47.27
C THR D 170 44.10 18.94 -48.17
N ASP D 171 44.89 19.40 -49.13
CA ASP D 171 44.46 20.41 -50.10
C ASP D 171 43.64 19.75 -51.22
N TRP D 172 42.34 19.64 -50.99
CA TRP D 172 41.41 19.02 -51.94
C TRP D 172 41.12 19.98 -53.11
N LYS D 173 41.12 19.43 -54.33
CA LYS D 173 41.05 20.23 -55.56
C LYS D 173 39.64 20.41 -56.11
N ILE D 174 38.95 19.30 -56.37
CA ILE D 174 37.60 19.31 -56.96
C ILE D 174 36.63 18.44 -56.14
N ALA D 175 35.32 18.64 -56.36
CA ALA D 175 34.26 17.85 -55.69
C ALA D 175 32.90 17.99 -56.37
N GLY D 176 32.07 16.95 -56.23
CA GLY D 176 30.67 16.97 -56.66
C GLY D 176 29.79 17.49 -55.54
N PHE D 177 29.08 18.58 -55.80
CA PHE D 177 28.25 19.25 -54.80
C PHE D 177 26.75 19.14 -55.08
N GLU D 178 26.06 18.45 -54.18
CA GLU D 178 24.60 18.39 -54.18
C GLU D 178 24.09 19.36 -53.11
N GLU D 179 23.52 20.47 -53.56
CA GLU D 179 23.09 21.57 -52.69
C GLU D 179 21.85 21.23 -51.88
N ASP D 180 20.84 20.66 -52.55
CA ASP D 180 19.56 20.31 -51.91
C ASP D 180 19.60 19.02 -51.07
N SER D 181 20.82 18.62 -50.68
CA SER D 181 21.07 17.45 -49.82
C SER D 181 20.35 17.55 -48.47
N GLY D 182 19.89 16.40 -47.97
CA GLY D 182 19.12 16.32 -46.73
C GLY D 182 19.90 15.87 -45.53
N SER D 183 19.37 16.18 -44.34
CA SER D 183 19.97 15.83 -43.05
C SER D 183 18.94 15.69 -41.93
N PHE D 184 18.58 14.44 -41.62
CA PHE D 184 17.73 14.11 -40.46
C PHE D 184 18.50 13.37 -39.37
N ASP D 185 18.14 13.63 -38.12
CA ASP D 185 18.83 13.06 -36.96
C ASP D 185 18.12 11.81 -36.44
N PRO D 186 18.88 10.70 -36.22
CA PRO D 186 18.34 9.39 -35.84
C PRO D 186 17.41 9.36 -34.63
N GLU D 187 17.74 10.12 -33.59
CA GLU D 187 17.02 10.06 -32.31
C GLU D 187 15.74 10.92 -32.26
N VAL D 188 15.45 11.62 -33.36
CA VAL D 188 14.28 12.52 -33.43
C VAL D 188 13.32 12.17 -34.60
N ALA D 189 13.87 12.11 -35.81
CA ALA D 189 13.10 12.11 -37.07
C ALA D 189 11.86 11.20 -37.16
N THR D 190 12.05 9.90 -36.95
CA THR D 190 10.98 8.90 -37.08
C THR D 190 9.97 8.99 -35.92
N PHE D 191 10.47 9.36 -34.74
CA PHE D 191 9.64 9.53 -33.54
C PHE D 191 8.62 10.66 -33.71
N VAL D 192 9.03 11.76 -34.33
CA VAL D 192 8.16 12.90 -34.63
C VAL D 192 7.08 12.49 -35.64
N MET D 193 7.46 11.72 -36.65
CA MET D 193 6.52 11.18 -37.65
C MET D 193 5.52 10.19 -37.07
N ALA D 194 5.94 9.46 -36.04
CA ALA D 194 5.10 8.53 -35.30
C ALA D 194 4.03 9.26 -34.47
N GLU D 195 4.42 10.38 -33.88
CA GLU D 195 3.52 11.26 -33.14
C GLU D 195 2.50 11.91 -34.08
N TYR D 196 2.95 12.27 -35.28
CA TYR D 196 2.09 12.82 -36.34
C TYR D 196 1.08 11.79 -36.84
N ALA D 197 1.52 10.54 -36.95
CA ALA D 197 0.68 9.41 -37.35
C ALA D 197 -0.45 9.20 -36.34
N LYS D 198 -0.10 9.24 -35.06
CA LYS D 198 -1.06 9.10 -33.95
C LYS D 198 -2.13 10.21 -33.94
N LYS D 199 -1.69 11.44 -34.21
CA LYS D 199 -2.57 12.61 -34.31
C LYS D 199 -3.50 12.57 -35.51
N MET D 200 -3.05 11.91 -36.59
CA MET D 200 -3.85 11.73 -37.79
C MET D 200 -4.80 10.52 -37.72
N GLY D 201 -4.65 9.71 -36.68
CA GLY D 201 -5.55 8.57 -36.44
C GLY D 201 -4.95 7.19 -36.70
N VAL D 202 -3.62 7.12 -36.78
CA VAL D 202 -2.91 5.85 -36.89
C VAL D 202 -2.67 5.32 -35.47
N ARG D 203 -3.26 4.16 -35.18
CA ARG D 203 -3.14 3.53 -33.87
C ARG D 203 -2.04 2.47 -33.93
N ILE D 204 -0.99 2.71 -33.15
CA ILE D 204 0.21 1.87 -33.14
C ILE D 204 0.30 1.12 -31.82
N TYR D 205 0.38 -0.22 -31.89
CA TYR D 205 0.43 -1.06 -30.70
C TYR D 205 1.81 -1.68 -30.51
N THR D 206 2.55 -1.14 -29.55
CA THR D 206 3.90 -1.61 -29.20
C THR D 206 3.83 -2.94 -28.43
N GLN D 207 4.97 -3.64 -28.37
CA GLN D 207 5.11 -4.94 -27.68
C GLN D 207 4.05 -5.96 -28.12
N CYS D 208 3.80 -5.98 -29.42
CA CYS D 208 2.71 -6.75 -30.03
C CYS D 208 3.15 -7.25 -31.41
N ALA D 209 3.76 -8.43 -31.42
CA ALA D 209 4.28 -9.04 -32.64
C ALA D 209 3.17 -9.61 -33.50
N ALA D 210 3.28 -9.40 -34.81
CA ALA D 210 2.44 -10.08 -35.79
C ALA D 210 3.09 -11.41 -36.17
N ARG D 211 2.43 -12.50 -35.80
CA ARG D 211 2.94 -13.85 -36.03
C ARG D 211 2.77 -14.28 -37.48
N GLY D 212 1.68 -13.83 -38.10
CA GLY D 212 1.33 -14.21 -39.45
C GLY D 212 -0.10 -13.79 -39.74
N LEU D 213 -0.72 -14.48 -40.69
CA LEU D 213 -2.06 -14.14 -41.14
C LEU D 213 -2.86 -15.35 -41.59
N GLU D 214 -4.17 -15.16 -41.70
CA GLU D 214 -5.10 -16.23 -42.06
C GLU D 214 -5.72 -15.95 -43.43
N THR D 215 -5.94 -17.03 -44.18
CA THR D 215 -6.53 -16.94 -45.52
C THR D 215 -7.80 -17.79 -45.66
N GLN D 216 -8.80 -17.22 -46.34
CA GLN D 216 -10.08 -17.89 -46.59
C GLN D 216 -10.53 -17.73 -48.04
N ALA D 217 -10.36 -18.81 -48.81
CA ALA D 217 -10.72 -18.91 -50.24
C ALA D 217 -10.11 -17.80 -51.13
N GLY D 218 -8.82 -17.52 -50.89
CA GLY D 218 -8.07 -16.53 -51.69
C GLY D 218 -7.89 -15.17 -51.06
N VAL D 219 -8.80 -14.79 -50.17
CA VAL D 219 -8.77 -13.47 -49.50
C VAL D 219 -8.30 -13.59 -48.04
N ILE D 220 -7.52 -12.59 -47.60
CA ILE D 220 -7.02 -12.49 -46.21
C ILE D 220 -8.18 -12.19 -45.25
N SER D 221 -8.22 -12.87 -44.12
CA SER D 221 -9.28 -12.68 -43.12
C SER D 221 -8.79 -12.06 -41.80
N ASP D 222 -7.65 -12.53 -41.28
CA ASP D 222 -7.07 -12.02 -40.03
C ASP D 222 -5.56 -11.86 -40.08
N VAL D 223 -5.05 -10.84 -39.39
CA VAL D 223 -3.65 -10.79 -38.96
C VAL D 223 -3.65 -11.26 -37.51
N VAL D 224 -2.94 -12.35 -37.24
CA VAL D 224 -2.84 -12.92 -35.89
C VAL D 224 -1.64 -12.31 -35.18
N THR D 225 -1.90 -11.70 -34.03
CA THR D 225 -0.85 -11.15 -33.17
C THR D 225 -0.75 -11.94 -31.87
N GLU D 226 0.30 -11.65 -31.08
CA GLU D 226 0.46 -12.21 -29.72
C GLU D 226 -0.63 -11.76 -28.73
N LYS D 227 -1.32 -10.66 -29.05
CA LYS D 227 -2.36 -10.08 -28.19
C LYS D 227 -3.79 -10.28 -28.71
N GLY D 228 -3.92 -10.88 -29.89
CA GLY D 228 -5.22 -11.20 -30.48
C GLY D 228 -5.27 -11.13 -31.99
N ALA D 229 -6.39 -11.56 -32.57
CA ALA D 229 -6.61 -11.49 -34.01
C ALA D 229 -7.30 -10.18 -34.40
N ILE D 230 -6.81 -9.57 -35.48
CA ILE D 230 -7.42 -8.37 -36.05
C ILE D 230 -7.97 -8.73 -37.42
N LYS D 231 -9.28 -8.51 -37.59
CA LYS D 231 -9.97 -8.76 -38.86
C LYS D 231 -9.56 -7.72 -39.90
N THR D 232 -9.04 -8.19 -41.03
CA THR D 232 -8.65 -7.35 -42.16
C THR D 232 -8.56 -8.16 -43.46
N SER D 233 -8.69 -7.47 -44.59
CA SER D 233 -8.44 -8.06 -45.91
C SER D 233 -7.11 -7.59 -46.50
N GLN D 234 -6.60 -6.48 -45.98
CA GLN D 234 -5.42 -5.79 -46.52
C GLN D 234 -4.30 -5.71 -45.49
N VAL D 235 -3.07 -6.03 -45.93
CA VAL D 235 -1.90 -6.13 -45.04
C VAL D 235 -0.68 -5.49 -45.72
N VAL D 236 0.02 -4.63 -44.98
CA VAL D 236 1.32 -4.12 -45.42
C VAL D 236 2.40 -4.70 -44.52
N VAL D 237 3.35 -5.42 -45.12
CA VAL D 237 4.53 -5.91 -44.40
C VAL D 237 5.66 -4.89 -44.55
N ALA D 238 6.02 -4.26 -43.44
CA ALA D 238 7.13 -3.33 -43.35
C ALA D 238 7.97 -3.70 -42.13
N GLY D 239 8.38 -4.97 -42.08
CA GLY D 239 9.04 -5.55 -40.91
C GLY D 239 10.53 -5.34 -40.81
N GLY D 240 11.09 -4.49 -41.69
CA GLY D 240 12.53 -4.21 -41.73
C GLY D 240 13.29 -5.45 -42.11
N VAL D 241 14.33 -5.76 -41.33
CA VAL D 241 15.17 -6.94 -41.57
C VAL D 241 14.40 -8.26 -41.40
N TRP D 242 13.28 -8.18 -40.67
CA TRP D 242 12.46 -9.35 -40.33
C TRP D 242 11.44 -9.73 -41.38
N SER D 243 11.36 -8.94 -42.46
CA SER D 243 10.33 -9.10 -43.48
C SER D 243 10.38 -10.45 -44.20
N ARG D 244 11.59 -10.89 -44.55
CA ARG D 244 11.81 -12.20 -45.19
C ARG D 244 11.26 -13.34 -44.33
N LEU D 245 11.58 -13.30 -43.04
CA LEU D 245 11.16 -14.30 -42.06
C LEU D 245 9.64 -14.44 -41.98
N PHE D 246 8.95 -13.31 -41.87
CA PHE D 246 7.48 -13.25 -41.87
C PHE D 246 6.88 -13.94 -43.11
N MET D 247 7.47 -13.68 -44.27
CA MET D 247 6.97 -14.22 -45.54
C MET D 247 7.32 -15.69 -45.79
N GLN D 248 8.41 -16.16 -45.17
CA GLN D 248 8.81 -17.58 -45.20
C GLN D 248 7.74 -18.51 -44.64
N ASN D 249 7.10 -18.08 -43.54
CA ASN D 249 6.01 -18.81 -42.91
C ASN D 249 4.74 -18.84 -43.78
N LEU D 250 4.66 -17.90 -44.74
CA LEU D 250 3.57 -17.86 -45.73
C LEU D 250 3.99 -18.50 -47.07
N ASN D 251 5.16 -19.15 -47.06
CA ASN D 251 5.77 -19.79 -48.24
C ASN D 251 6.04 -18.84 -49.42
N VAL D 252 6.46 -17.61 -49.09
CA VAL D 252 6.88 -16.63 -50.10
C VAL D 252 8.34 -16.24 -49.84
N ASP D 253 9.14 -16.31 -50.91
CA ASP D 253 10.57 -16.04 -50.83
C ASP D 253 10.90 -14.58 -51.12
N VAL D 254 11.35 -13.86 -50.09
CA VAL D 254 11.79 -12.47 -50.21
C VAL D 254 13.32 -12.47 -50.08
N PRO D 255 14.05 -12.36 -51.21
CA PRO D 255 15.52 -12.47 -51.15
C PRO D 255 16.22 -11.26 -50.52
N THR D 256 16.57 -11.41 -49.25
CA THR D 256 17.41 -10.44 -48.53
C THR D 256 18.61 -11.14 -47.89
N LEU D 257 19.64 -10.36 -47.61
CA LEU D 257 20.78 -10.78 -46.80
C LEU D 257 21.06 -9.74 -45.73
N PRO D 258 21.45 -10.18 -44.51
CA PRO D 258 21.87 -9.23 -43.47
C PRO D 258 23.13 -8.47 -43.85
N ALA D 259 23.22 -7.21 -43.42
CA ALA D 259 24.37 -6.35 -43.63
C ALA D 259 24.47 -5.34 -42.48
N TYR D 260 25.66 -5.19 -41.93
CA TYR D 260 25.88 -4.36 -40.75
C TYR D 260 26.87 -3.24 -41.01
N GLN D 261 26.58 -2.08 -40.42
CA GLN D 261 27.46 -0.93 -40.48
C GLN D 261 27.46 -0.21 -39.15
N SER D 262 28.65 -0.08 -38.56
CA SER D 262 28.81 0.64 -37.30
C SER D 262 28.70 2.15 -37.50
N GLN D 263 28.11 2.81 -36.50
CA GLN D 263 27.92 4.26 -36.49
C GLN D 263 28.33 4.85 -35.15
N GLN D 264 28.74 6.12 -35.16
CA GLN D 264 29.03 6.86 -33.94
C GLN D 264 28.63 8.34 -34.02
N LEU D 265 28.47 8.97 -32.86
CA LEU D 265 28.09 10.38 -32.75
C LEU D 265 29.07 11.13 -31.85
N ILE D 266 29.62 12.21 -32.37
CA ILE D 266 30.58 13.06 -31.64
C ILE D 266 30.10 14.51 -31.49
N SER D 267 30.63 15.20 -30.49
CA SER D 267 30.22 16.59 -30.17
C SER D 267 30.70 17.62 -31.21
N GLY D 268 30.04 18.78 -31.20
CA GLY D 268 30.35 19.87 -32.13
C GLY D 268 31.63 20.62 -31.83
N SER D 269 31.98 21.54 -32.73
CA SER D 269 33.18 22.37 -32.60
C SER D 269 32.99 23.73 -33.32
N PRO D 270 33.57 24.82 -32.77
CA PRO D 270 33.54 26.12 -33.46
C PRO D 270 34.39 26.14 -34.74
N THR D 271 35.46 25.36 -34.76
CA THR D 271 36.40 25.28 -35.89
C THR D 271 35.86 24.39 -37.02
N ALA D 272 34.93 23.50 -36.67
CA ALA D 272 34.32 22.51 -37.59
C ALA D 272 33.59 23.16 -38.78
N PRO D 273 33.76 22.57 -40.00
CA PRO D 273 33.22 23.18 -41.22
C PRO D 273 31.70 23.03 -41.42
N GLY D 274 31.10 22.08 -40.69
CA GLY D 274 29.66 21.79 -40.85
C GLY D 274 29.33 21.04 -42.13
N GLY D 275 28.04 20.91 -42.41
CA GLY D 275 27.54 20.29 -43.64
C GLY D 275 27.79 18.79 -43.76
N ASN D 276 27.62 18.29 -44.98
CA ASN D 276 27.87 16.88 -45.31
C ASN D 276 29.11 16.78 -46.19
N VAL D 277 30.09 15.98 -45.74
CA VAL D 277 31.38 15.84 -46.42
C VAL D 277 31.73 14.35 -46.60
N ALA D 278 32.14 14.00 -47.81
CA ALA D 278 32.65 12.66 -48.13
C ALA D 278 34.01 12.76 -48.81
N LEU D 279 35.02 12.12 -48.23
CA LEU D 279 36.41 12.21 -48.70
C LEU D 279 37.07 10.83 -48.84
N PRO D 280 38.07 10.70 -49.75
CA PRO D 280 38.89 9.47 -49.84
C PRO D 280 39.61 9.14 -48.52
N GLY D 281 39.78 7.84 -48.28
CA GLY D 281 40.34 7.35 -47.02
C GLY D 281 39.29 7.07 -45.95
N GLY D 282 38.03 7.03 -46.39
CA GLY D 282 36.88 6.77 -45.52
C GLY D 282 36.54 7.88 -44.54
N ILE D 283 36.51 9.12 -45.02
CA ILE D 283 36.13 10.27 -44.19
C ILE D 283 34.68 10.67 -44.50
N PHE D 284 33.79 10.40 -43.54
CA PHE D 284 32.36 10.71 -43.66
C PHE D 284 31.84 11.36 -42.38
N PHE D 285 31.32 12.58 -42.50
CA PHE D 285 30.70 13.28 -41.37
C PHE D 285 29.58 14.24 -41.78
N ARG D 286 28.54 14.29 -40.93
CA ARG D 286 27.36 15.11 -41.16
C ARG D 286 26.97 15.87 -39.89
N GLU D 287 26.77 17.18 -40.03
CA GLU D 287 26.30 18.04 -38.96
C GLU D 287 24.80 17.83 -38.72
N GLN D 288 24.43 17.72 -37.45
CA GLN D 288 23.04 17.56 -37.04
C GLN D 288 22.39 18.91 -36.74
N ALA D 289 21.08 18.88 -36.41
CA ALA D 289 20.31 20.08 -36.12
C ALA D 289 20.72 20.79 -34.81
N ASP D 290 21.25 20.01 -33.86
CA ASP D 290 21.71 20.53 -32.57
C ASP D 290 23.21 20.88 -32.54
N GLY D 291 23.88 20.72 -33.69
CA GLY D 291 25.30 21.07 -33.83
C GLY D 291 26.27 19.92 -33.64
N THR D 292 25.78 18.78 -33.17
CA THR D 292 26.59 17.56 -33.00
C THR D 292 26.83 16.87 -34.35
N TYR D 293 27.84 15.99 -34.40
CA TYR D 293 28.27 15.38 -35.66
C TYR D 293 28.12 13.86 -35.68
N ALA D 294 27.39 13.38 -36.68
CA ALA D 294 27.32 11.95 -36.99
C ALA D 294 28.47 11.59 -37.91
N THR D 295 29.15 10.49 -37.60
CA THR D 295 30.30 10.02 -38.38
C THR D 295 30.38 8.48 -38.42
N SER D 296 30.72 7.95 -39.59
CA SER D 296 30.76 6.50 -39.81
C SER D 296 31.90 6.06 -40.74
N PRO D 297 32.35 4.79 -40.61
CA PRO D 297 33.23 4.21 -41.63
C PRO D 297 32.42 3.74 -42.85
N ARG D 298 33.12 3.39 -43.92
CA ARG D 298 32.48 2.85 -45.13
C ARG D 298 32.32 1.32 -45.11
N VAL D 299 32.88 0.68 -44.08
CA VAL D 299 32.89 -0.79 -43.95
C VAL D 299 31.48 -1.37 -43.70
N ILE D 300 31.02 -2.20 -44.64
CA ILE D 300 29.79 -2.98 -44.49
C ILE D 300 30.15 -4.43 -44.19
N VAL D 301 29.67 -4.94 -43.06
CA VAL D 301 29.91 -6.33 -42.66
C VAL D 301 28.70 -7.17 -43.07
N ALA D 302 28.94 -8.13 -43.97
CA ALA D 302 27.92 -9.06 -44.43
C ALA D 302 28.19 -10.48 -43.91
N PRO D 303 27.51 -10.89 -42.81
CA PRO D 303 27.73 -12.20 -42.18
C PRO D 303 27.28 -13.36 -43.04
N VAL D 304 28.01 -14.47 -42.97
CA VAL D 304 27.65 -15.70 -43.69
C VAL D 304 26.40 -16.29 -43.03
N VAL D 305 25.36 -16.49 -43.83
CA VAL D 305 24.13 -17.17 -43.39
C VAL D 305 23.78 -18.29 -44.38
N LYS D 306 22.80 -19.13 -44.05
CA LYS D 306 22.37 -20.23 -44.93
C LYS D 306 21.92 -19.78 -46.32
N GLU D 307 21.40 -18.56 -46.41
CA GLU D 307 20.98 -17.95 -47.67
C GLU D 307 22.15 -17.56 -48.60
N SER D 308 23.33 -17.34 -48.01
CA SER D 308 24.55 -17.05 -48.77
C SER D 308 24.93 -18.18 -49.72
N PHE D 309 24.57 -19.41 -49.33
CA PHE D 309 24.80 -20.62 -50.13
C PHE D 309 23.63 -20.91 -51.08
N THR D 310 22.54 -20.18 -50.90
CA THR D 310 21.31 -20.37 -51.68
C THR D 310 21.24 -19.39 -52.86
N TYR D 311 21.19 -18.10 -52.55
CA TYR D 311 21.08 -17.05 -53.57
C TYR D 311 22.11 -15.92 -53.39
N GLY D 312 23.12 -16.19 -52.56
CA GLY D 312 24.22 -15.24 -52.31
C GLY D 312 24.98 -14.82 -53.57
N TYR D 313 25.13 -15.76 -54.51
CA TYR D 313 25.78 -15.52 -55.80
C TYR D 313 25.19 -14.35 -56.61
N LYS D 314 23.91 -14.07 -56.39
CA LYS D 314 23.22 -12.94 -57.04
C LYS D 314 23.71 -11.56 -56.56
N TYR D 315 24.48 -11.53 -55.47
CA TYR D 315 25.00 -10.30 -54.88
C TYR D 315 26.43 -9.98 -55.33
N LEU D 316 27.06 -10.90 -56.06
CA LEU D 316 28.47 -10.76 -56.46
C LEU D 316 28.88 -9.45 -57.17
N PRO D 317 28.02 -8.92 -58.10
CA PRO D 317 28.32 -7.60 -58.70
C PRO D 317 28.53 -6.45 -57.71
N LEU D 318 27.91 -6.53 -56.54
CA LEU D 318 28.03 -5.51 -55.49
C LEU D 318 29.40 -5.51 -54.80
N LEU D 319 30.14 -6.61 -54.91
CA LEU D 319 31.47 -6.74 -54.32
C LEU D 319 32.57 -6.01 -55.11
N ALA D 320 32.19 -5.44 -56.26
CA ALA D 320 33.10 -4.66 -57.11
C ALA D 320 32.85 -3.13 -57.02
N LEU D 321 32.64 -2.65 -55.80
CA LEU D 321 32.33 -1.23 -55.55
C LEU D 321 33.28 -0.57 -54.53
N PRO D 322 34.04 0.45 -54.98
CA PRO D 322 34.97 1.19 -54.10
C PRO D 322 34.29 2.07 -53.06
N ASP D 323 33.02 2.43 -53.33
CA ASP D 323 32.21 3.26 -52.45
C ASP D 323 31.90 2.56 -51.12
N PHE D 324 31.55 1.27 -51.19
CA PHE D 324 31.28 0.45 -50.01
C PHE D 324 32.07 -0.85 -50.03
N PRO D 325 33.22 -0.90 -49.31
CA PRO D 325 33.93 -2.17 -49.16
C PRO D 325 33.16 -3.13 -48.25
N VAL D 326 32.94 -4.35 -48.73
CA VAL D 326 32.13 -5.36 -48.03
C VAL D 326 33.05 -6.42 -47.42
N HIS D 327 32.82 -6.70 -46.13
CA HIS D 327 33.54 -7.75 -45.41
C HIS D 327 32.61 -8.93 -45.17
N ILE D 328 32.76 -9.98 -45.97
CA ILE D 328 32.09 -11.24 -45.73
C ILE D 328 32.81 -11.90 -44.56
N SER D 329 32.09 -12.15 -43.48
CA SER D 329 32.71 -12.68 -42.28
C SER D 329 31.93 -13.81 -41.62
N LEU D 330 32.67 -14.84 -41.23
CA LEU D 330 32.12 -16.00 -40.56
C LEU D 330 32.09 -15.78 -39.05
N ASN D 331 30.89 -15.90 -38.49
CA ASN D 331 30.67 -15.81 -37.05
C ASN D 331 29.48 -16.68 -36.61
N GLU D 332 28.94 -16.39 -35.42
CA GLU D 332 27.83 -17.14 -34.83
C GLU D 332 26.51 -17.09 -35.62
N GLN D 333 26.39 -16.12 -36.54
CA GLN D 333 25.18 -15.93 -37.34
C GLN D 333 24.93 -16.99 -38.41
N LEU D 334 25.95 -17.75 -38.81
CA LEU D 334 25.75 -18.89 -39.70
C LEU D 334 25.00 -20.01 -38.96
N ILE D 335 25.47 -20.30 -37.75
CA ILE D 335 24.84 -21.27 -36.86
C ILE D 335 23.41 -20.84 -36.55
N ASN D 336 23.24 -19.59 -36.10
CA ASN D 336 21.94 -19.02 -35.76
C ASN D 336 20.90 -19.10 -36.88
N SER D 337 21.31 -18.84 -38.12
CA SER D 337 20.39 -18.87 -39.26
C SER D 337 19.94 -20.30 -39.61
N PHE D 338 20.84 -21.28 -39.41
CA PHE D 338 20.49 -22.70 -39.53
C PHE D 338 19.58 -23.17 -38.39
N MET D 339 19.68 -22.48 -37.24
CA MET D 339 18.94 -22.81 -36.03
C MET D 339 17.57 -22.12 -35.94
N GLN D 340 17.43 -21.02 -36.68
CA GLN D 340 16.20 -20.23 -36.72
C GLN D 340 15.05 -20.98 -37.40
N SER D 341 13.87 -20.90 -36.80
CA SER D 341 12.66 -21.51 -37.33
C SER D 341 12.16 -20.76 -38.58
N THR D 342 11.67 -21.51 -39.56
CA THR D 342 11.15 -20.95 -40.82
C THR D 342 9.62 -20.98 -40.88
N HIS D 343 9.03 -21.98 -40.25
CA HIS D 343 7.58 -22.12 -40.12
C HIS D 343 7.17 -22.23 -38.66
N TRP D 344 5.99 -21.69 -38.34
CA TRP D 344 5.39 -21.74 -37.02
C TRP D 344 3.87 -21.56 -37.10
N ASN D 345 3.16 -22.28 -36.23
CA ASN D 345 1.71 -22.14 -36.11
C ASN D 345 1.36 -20.79 -35.46
N LEU D 346 0.19 -20.26 -35.81
CA LEU D 346 -0.18 -18.91 -35.38
C LEU D 346 -0.64 -18.83 -33.91
N ASP D 347 -0.91 -20.00 -33.30
CA ASP D 347 -1.28 -20.09 -31.89
C ASP D 347 -0.08 -20.42 -30.96
N GLU D 348 1.12 -20.49 -31.54
CA GLU D 348 2.35 -20.68 -30.78
C GLU D 348 3.27 -19.44 -30.83
N VAL D 349 4.30 -19.43 -29.98
CA VAL D 349 5.25 -18.31 -29.86
C VAL D 349 6.15 -18.22 -31.10
N SER D 350 6.10 -17.07 -31.78
CA SER D 350 6.86 -16.81 -33.01
C SER D 350 8.30 -16.32 -32.72
N PRO D 351 9.20 -16.37 -33.74
CA PRO D 351 10.57 -15.83 -33.58
C PRO D 351 10.61 -14.34 -33.23
N PHE D 352 9.57 -13.61 -33.63
CA PHE D 352 9.41 -12.19 -33.31
C PHE D 352 9.13 -11.92 -31.83
N GLU D 353 8.67 -12.95 -31.12
CA GLU D 353 8.43 -12.88 -29.67
C GLU D 353 9.65 -13.38 -28.90
N GLN D 354 10.14 -14.57 -29.27
CA GLN D 354 11.26 -15.22 -28.59
C GLN D 354 12.56 -14.44 -28.72
N PHE D 355 12.82 -13.92 -29.92
CA PHE D 355 14.01 -13.13 -30.20
C PHE D 355 13.62 -11.71 -30.61
N ARG D 356 12.73 -11.12 -29.81
CA ARG D 356 12.13 -9.80 -30.03
C ARG D 356 13.15 -8.67 -30.23
N ASN D 357 14.15 -8.64 -29.37
CA ASN D 357 15.14 -7.55 -29.36
C ASN D 357 16.51 -8.03 -29.81
N MET D 358 16.99 -7.44 -30.90
CA MET D 358 18.33 -7.73 -31.43
C MET D 358 19.35 -6.92 -30.65
N THR D 359 20.47 -7.56 -30.34
CA THR D 359 21.63 -6.86 -29.80
C THR D 359 22.83 -7.13 -30.70
N ALA D 360 23.08 -6.19 -31.60
CA ALA D 360 24.24 -6.20 -32.48
C ALA D 360 25.22 -5.14 -32.01
N LEU D 361 26.42 -5.59 -31.63
CA LEU D 361 27.44 -4.71 -31.05
C LEU D 361 28.32 -4.06 -32.13
N PRO D 362 28.61 -2.74 -32.00
CA PRO D 362 29.45 -2.03 -32.96
C PRO D 362 30.92 -2.47 -32.93
N ASP D 363 31.60 -2.31 -34.06
CA ASP D 363 33.03 -2.60 -34.16
C ASP D 363 33.82 -1.41 -33.57
N LEU D 364 34.20 -1.56 -32.31
CA LEU D 364 34.90 -0.50 -31.55
C LEU D 364 36.31 -0.14 -32.07
N PRO D 365 37.14 -1.14 -32.46
CA PRO D 365 38.43 -0.78 -33.09
C PRO D 365 38.30 -0.10 -34.46
N GLU D 366 37.29 -0.49 -35.24
CA GLU D 366 37.00 0.10 -36.56
C GLU D 366 36.51 1.54 -36.43
N LEU D 367 35.64 1.80 -35.46
CA LEU D 367 35.12 3.14 -35.18
C LEU D 367 36.20 4.07 -34.63
N ASN D 368 37.12 3.51 -33.84
CA ASN D 368 38.26 4.27 -33.30
C ASN D 368 39.26 4.67 -34.39
N ALA D 369 39.51 3.75 -35.32
CA ALA D 369 40.40 3.99 -36.47
C ALA D 369 39.81 5.00 -37.45
N SER D 370 38.48 4.97 -37.62
CA SER D 370 37.75 5.91 -38.46
C SER D 370 37.74 7.33 -37.88
N LEU D 371 37.65 7.41 -36.55
CA LEU D 371 37.63 8.68 -35.81
C LEU D 371 39.00 9.38 -35.82
N GLU D 372 40.07 8.59 -35.72
CA GLU D 372 41.45 9.11 -35.73
C GLU D 372 41.84 9.70 -37.09
N LYS D 373 41.32 9.10 -38.17
CA LYS D 373 41.52 9.61 -39.53
C LYS D 373 40.76 10.91 -39.76
N LEU D 374 39.57 11.01 -39.14
CA LEU D 374 38.76 12.23 -39.12
C LEU D 374 39.47 13.37 -38.37
N LYS D 375 40.06 13.02 -37.24
CA LYS D 375 40.81 13.97 -36.39
C LYS D 375 42.13 14.43 -37.03
N ALA D 376 42.72 13.58 -37.87
CA ALA D 376 43.92 13.90 -38.62
C ALA D 376 43.62 14.83 -39.80
N GLU D 377 42.53 14.55 -40.51
CA GLU D 377 42.08 15.37 -41.65
C GLU D 377 41.50 16.71 -41.18
N PHE D 378 40.68 16.66 -40.14
CA PHE D 378 40.10 17.87 -39.53
C PHE D 378 40.48 17.96 -38.04
N PRO D 379 41.54 18.76 -37.70
CA PRO D 379 41.93 19.02 -36.31
C PRO D 379 40.86 19.71 -35.46
N ALA D 380 39.77 20.12 -36.10
CA ALA D 380 38.60 20.69 -35.43
C ALA D 380 37.90 19.70 -34.50
N PHE D 381 37.84 18.44 -34.92
CA PHE D 381 37.18 17.36 -34.15
C PHE D 381 38.10 16.69 -33.12
N LYS D 382 39.36 17.13 -33.07
CA LYS D 382 40.36 16.58 -32.15
C LYS D 382 40.00 16.79 -30.68
N GLU D 383 39.36 17.92 -30.38
CA GLU D 383 38.89 18.23 -29.03
C GLU D 383 37.55 17.62 -28.69
N SER D 384 36.75 17.34 -29.73
CA SER D 384 35.40 16.76 -29.58
C SER D 384 35.38 15.48 -28.76
N LYS D 385 34.18 15.12 -28.27
CA LYS D 385 34.04 13.97 -27.41
C LYS D 385 32.98 13.00 -27.91
N LEU D 386 33.10 11.76 -27.49
CA LEU D 386 32.19 10.68 -27.87
C LEU D 386 30.88 10.82 -27.11
N ILE D 387 29.77 10.64 -27.83
CA ILE D 387 28.42 10.65 -27.25
C ILE D 387 27.79 9.26 -27.29
N ASP D 388 27.73 8.69 -28.50
CA ASP D 388 27.06 7.40 -28.72
C ASP D 388 27.79 6.57 -29.78
N GLN D 389 27.75 5.25 -29.61
CA GLN D 389 28.30 4.29 -30.57
C GLN D 389 27.36 3.09 -30.69
N TRP D 390 27.00 2.75 -31.93
CA TRP D 390 26.04 1.67 -32.21
C TRP D 390 26.27 0.95 -33.54
N SER D 391 25.56 -0.18 -33.72
CA SER D 391 25.56 -0.93 -34.97
C SER D 391 24.14 -0.97 -35.54
N GLY D 392 24.06 -0.87 -36.86
CA GLY D 392 22.77 -0.87 -37.56
C GLY D 392 22.62 -2.04 -38.51
N ALA D 393 21.58 -2.85 -38.26
CA ALA D 393 21.28 -4.01 -39.10
C ALA D 393 20.47 -3.61 -40.32
N MET D 394 20.89 -4.11 -41.50
CA MET D 394 20.16 -3.94 -42.75
C MET D 394 19.80 -5.29 -43.37
N ALA D 395 18.83 -5.27 -44.27
CA ALA D 395 18.50 -6.41 -45.12
C ALA D 395 18.48 -5.92 -46.56
N ILE D 396 19.44 -6.39 -47.34
CA ILE D 396 19.69 -5.87 -48.69
C ILE D 396 19.30 -6.92 -49.73
N ALA D 397 18.66 -6.46 -50.81
CA ALA D 397 18.30 -7.29 -51.96
C ALA D 397 19.50 -7.41 -52.93
N PRO D 398 19.52 -8.46 -53.79
CA PRO D 398 20.65 -8.71 -54.72
C PRO D 398 21.17 -7.50 -55.52
N ASP D 399 20.28 -6.70 -56.08
CA ASP D 399 20.66 -5.52 -56.88
C ASP D 399 20.67 -4.21 -56.06
N GLU D 400 20.64 -4.35 -54.73
CA GLU D 400 20.74 -3.24 -53.74
C GLU D 400 19.58 -2.23 -53.85
N ASN D 401 18.51 -2.62 -54.53
CA ASN D 401 17.33 -1.79 -54.74
C ASN D 401 16.15 -2.24 -53.86
N PRO D 402 15.28 -1.29 -53.44
CA PRO D 402 14.13 -1.62 -52.57
C PRO D 402 13.20 -2.70 -53.13
N ILE D 403 12.50 -3.38 -52.22
CA ILE D 403 11.38 -4.25 -52.59
C ILE D 403 10.09 -3.56 -52.16
N ILE D 404 9.42 -2.93 -53.13
CA ILE D 404 8.09 -2.36 -52.95
C ILE D 404 7.21 -3.05 -53.99
N SER D 405 6.46 -4.06 -53.54
CA SER D 405 5.82 -5.00 -54.45
C SER D 405 4.51 -5.60 -53.93
N GLU D 406 3.67 -6.01 -54.88
CA GLU D 406 2.55 -6.91 -54.64
C GLU D 406 3.07 -8.33 -54.41
N VAL D 407 2.27 -9.15 -53.73
CA VAL D 407 2.56 -10.58 -53.57
C VAL D 407 1.52 -11.37 -54.36
N LYS D 408 2.00 -12.16 -55.32
CA LYS D 408 1.15 -12.88 -56.28
C LYS D 408 0.25 -13.94 -55.66
N GLU D 409 0.73 -14.61 -54.62
CA GLU D 409 -0.02 -15.65 -53.91
C GLU D 409 -1.10 -15.09 -53.00
N TYR D 410 -0.91 -13.85 -52.54
CA TYR D 410 -1.83 -13.20 -51.59
C TYR D 410 -2.30 -11.81 -52.06
N PRO D 411 -3.49 -11.75 -52.70
CA PRO D 411 -4.11 -10.45 -53.00
C PRO D 411 -4.54 -9.75 -51.73
N GLY D 412 -4.25 -8.44 -51.64
CA GLY D 412 -4.46 -7.67 -50.41
C GLY D 412 -3.19 -7.52 -49.59
N LEU D 413 -2.18 -8.33 -49.89
CA LEU D 413 -0.87 -8.23 -49.26
C LEU D 413 0.10 -7.48 -50.17
N VAL D 414 0.78 -6.51 -49.58
CA VAL D 414 1.89 -5.79 -50.23
C VAL D 414 3.06 -5.69 -49.26
N ILE D 415 4.27 -5.56 -49.80
CA ILE D 415 5.48 -5.45 -48.97
C ILE D 415 6.24 -4.16 -49.27
N ASN D 416 6.74 -3.53 -48.21
CA ASN D 416 7.60 -2.35 -48.32
C ASN D 416 8.78 -2.49 -47.37
N THR D 417 9.91 -2.89 -47.93
CA THR D 417 11.08 -3.31 -47.15
C THR D 417 12.34 -3.37 -48.03
N ALA D 418 13.44 -3.84 -47.43
CA ALA D 418 14.70 -4.20 -48.13
C ALA D 418 15.41 -3.01 -48.77
N THR D 419 15.67 -1.99 -47.97
CA THR D 419 16.32 -0.76 -48.45
C THR D 419 17.32 -0.20 -47.47
N GLY D 420 18.45 0.25 -48.01
CA GLY D 420 19.46 0.97 -47.24
C GLY D 420 19.28 2.48 -47.32
N TRP D 421 18.17 2.92 -47.92
CA TRP D 421 17.85 4.34 -48.08
C TRP D 421 16.41 4.68 -47.64
N GLY D 422 15.86 3.85 -46.75
CA GLY D 422 14.47 3.94 -46.30
C GLY D 422 13.99 5.30 -45.84
N MET D 423 14.83 5.99 -45.06
CA MET D 423 14.53 7.34 -44.56
C MET D 423 14.26 8.35 -45.68
N THR D 424 15.14 8.37 -46.67
CA THR D 424 15.02 9.24 -47.86
C THR D 424 13.78 8.87 -48.69
N GLU D 425 13.57 7.57 -48.88
CA GLU D 425 12.60 7.03 -49.83
C GLU D 425 11.18 6.95 -49.30
N SER D 426 11.05 6.87 -47.97
CA SER D 426 9.77 6.65 -47.27
C SER D 426 8.57 7.55 -47.62
N PRO D 427 8.77 8.85 -47.95
CA PRO D 427 7.57 9.59 -48.38
C PRO D 427 7.00 9.11 -49.72
N VAL D 428 7.86 8.65 -50.62
CA VAL D 428 7.45 8.17 -51.94
C VAL D 428 7.15 6.66 -51.91
N SER D 429 7.94 5.92 -51.12
CA SER D 429 7.72 4.49 -50.85
C SER D 429 6.32 4.22 -50.30
N ALA D 430 5.89 5.07 -49.37
CA ALA D 430 4.57 5.01 -48.75
C ALA D 430 3.43 5.07 -49.77
N GLU D 431 3.49 6.09 -50.64
CA GLU D 431 2.46 6.32 -51.64
C GLU D 431 2.43 5.20 -52.69
N LEU D 432 3.61 4.69 -53.04
CA LEU D 432 3.75 3.60 -54.01
C LEU D 432 3.18 2.28 -53.47
N THR D 433 3.40 2.01 -52.18
CA THR D 433 2.86 0.83 -51.49
C THR D 433 1.34 0.88 -51.46
N ALA D 434 0.79 2.04 -51.13
CA ALA D 434 -0.65 2.28 -51.10
C ALA D 434 -1.29 2.18 -52.49
N ASP D 435 -0.56 2.62 -53.52
CA ASP D 435 -1.00 2.52 -54.92
C ASP D 435 -1.15 1.07 -55.39
N LEU D 436 -0.14 0.25 -55.08
CA LEU D 436 -0.15 -1.18 -55.41
C LEU D 436 -1.26 -1.93 -54.66
N LEU D 437 -1.42 -1.58 -53.38
CA LEU D 437 -2.42 -2.20 -52.50
C LEU D 437 -3.86 -1.98 -52.96
N LEU D 438 -4.17 -0.74 -53.36
CA LEU D 438 -5.53 -0.32 -53.69
C LEU D 438 -5.84 -0.37 -55.19
N GLY D 439 -4.90 -0.88 -55.98
CA GLY D 439 -5.05 -1.02 -57.43
C GLY D 439 -5.04 0.28 -58.22
N LYS D 440 -4.34 1.28 -57.69
CA LYS D 440 -4.16 2.58 -58.36
C LYS D 440 -2.90 2.55 -59.21
N LYS D 441 -2.93 3.32 -60.30
CA LYS D 441 -1.75 3.58 -61.14
C LYS D 441 -0.65 4.19 -60.28
N PRO D 442 0.51 3.48 -60.15
CA PRO D 442 1.59 3.87 -59.24
C PRO D 442 2.26 5.19 -59.64
N VAL D 443 2.81 5.89 -58.64
CA VAL D 443 3.51 7.17 -58.84
C VAL D 443 4.73 7.00 -59.74
N LEU D 444 5.54 5.98 -59.43
CA LEU D 444 6.72 5.64 -60.21
C LEU D 444 6.64 4.20 -60.70
N ASP D 445 7.47 3.87 -61.69
CA ASP D 445 7.57 2.53 -62.26
C ASP D 445 7.75 1.48 -61.15
N PRO D 446 6.77 0.55 -61.01
CA PRO D 446 6.86 -0.46 -59.94
C PRO D 446 7.80 -1.63 -60.23
N LYS D 447 8.05 -1.90 -61.52
CA LYS D 447 8.90 -3.01 -61.98
C LYS D 447 10.34 -3.07 -61.43
N PRO D 448 11.02 -1.90 -61.23
CA PRO D 448 12.32 -1.95 -60.55
C PRO D 448 12.29 -2.34 -59.07
N PHE D 449 11.10 -2.33 -58.48
CA PHE D 449 10.93 -2.63 -57.05
C PHE D 449 10.19 -3.95 -56.79
N SER D 450 9.92 -4.70 -57.85
CA SER D 450 9.15 -5.95 -57.77
C SER D 450 9.88 -7.08 -57.03
N LEU D 451 9.09 -7.96 -56.43
CA LEU D 451 9.57 -9.14 -55.71
C LEU D 451 10.01 -10.24 -56.68
N TYR D 452 9.60 -10.11 -57.94
CA TYR D 452 9.75 -11.17 -58.94
C TYR D 452 10.72 -10.80 -60.08
N ARG D 453 11.58 -9.80 -59.81
CA ARG D 453 12.54 -9.28 -60.78
C ARG D 453 13.87 -10.05 -60.83
N PHE D 454 14.14 -10.83 -59.77
CA PHE D 454 15.42 -11.52 -59.57
C PHE D 454 15.51 -12.85 -60.32
N GLY E 25 -11.70 28.86 -17.30
CA GLY E 25 -11.53 27.45 -17.75
C GLY E 25 -11.76 27.30 -19.23
N PHE E 26 -10.81 26.65 -19.91
CA PHE E 26 -10.82 26.44 -21.36
C PHE E 26 -9.92 25.27 -21.75
N VAL E 27 -10.38 24.46 -22.71
CA VAL E 27 -9.58 23.38 -23.32
C VAL E 27 -9.75 23.44 -24.84
N GLU E 28 -8.63 23.61 -25.54
CA GLU E 28 -8.61 23.65 -27.02
C GLU E 28 -8.95 22.28 -27.60
N GLY E 29 -9.69 22.29 -28.70
CA GLY E 29 -9.98 21.08 -29.47
C GLY E 29 -8.77 20.51 -30.18
N THR E 30 -8.96 19.33 -30.76
CA THR E 30 -7.94 18.67 -31.57
C THR E 30 -7.74 19.44 -32.88
N GLU E 31 -6.49 19.77 -33.17
CA GLU E 31 -6.13 20.59 -34.32
C GLU E 31 -6.17 19.80 -35.64
N GLY E 32 -6.35 20.53 -36.73
CA GLY E 32 -6.28 19.95 -38.07
C GLY E 32 -7.62 19.64 -38.69
N ALA E 33 -7.59 18.84 -39.76
CA ALA E 33 -8.77 18.47 -40.52
C ALA E 33 -9.65 17.46 -39.76
N LEU E 34 -10.92 17.39 -40.16
CA LEU E 34 -11.87 16.42 -39.63
C LEU E 34 -11.56 15.03 -40.20
N PRO E 35 -11.51 13.98 -39.33
CA PRO E 35 -11.22 12.62 -39.77
C PRO E 35 -12.29 12.06 -40.69
N LYS E 36 -11.88 11.28 -41.68
CA LYS E 36 -12.80 10.67 -42.65
C LYS E 36 -13.59 9.52 -42.03
N GLN E 37 -12.98 8.84 -41.04
CA GLN E 37 -13.63 7.74 -40.34
C GLN E 37 -13.36 7.75 -38.83
N ALA E 38 -14.25 7.08 -38.10
CA ALA E 38 -14.10 6.79 -36.67
C ALA E 38 -14.95 5.56 -36.34
N ASP E 39 -14.48 4.73 -35.41
CA ASP E 39 -15.23 3.55 -34.94
C ASP E 39 -16.60 3.93 -34.37
N VAL E 40 -16.62 5.01 -33.58
CA VAL E 40 -17.85 5.60 -33.04
C VAL E 40 -17.71 7.13 -32.86
N VAL E 41 -18.71 7.86 -33.35
CA VAL E 41 -18.75 9.33 -33.29
C VAL E 41 -19.69 9.79 -32.15
N VAL E 42 -19.13 10.53 -31.21
CA VAL E 42 -19.88 11.09 -30.08
C VAL E 42 -20.30 12.53 -30.39
N VAL E 43 -21.60 12.79 -30.28
CA VAL E 43 -22.16 14.13 -30.42
C VAL E 43 -22.19 14.76 -29.03
N GLY E 44 -21.37 15.79 -28.83
CA GLY E 44 -21.35 16.55 -27.58
C GLY E 44 -20.11 16.36 -26.71
N ALA E 45 -19.47 17.47 -26.36
CA ALA E 45 -18.28 17.46 -25.50
C ALA E 45 -18.55 17.99 -24.09
N GLY E 46 -19.65 17.51 -23.50
CA GLY E 46 -19.92 17.68 -22.08
C GLY E 46 -19.41 16.48 -21.33
N ILE E 47 -19.58 16.49 -20.01
CA ILE E 47 -19.09 15.42 -19.13
C ILE E 47 -19.52 14.02 -19.57
N LEU E 48 -20.77 13.87 -20.00
CA LEU E 48 -21.29 12.58 -20.48
C LEU E 48 -20.63 12.13 -21.79
N GLY E 49 -20.43 13.09 -22.71
CA GLY E 49 -19.77 12.83 -23.98
C GLY E 49 -18.30 12.48 -23.82
N ILE E 50 -17.62 13.22 -22.95
CA ILE E 50 -16.20 13.04 -22.65
C ILE E 50 -15.96 11.68 -21.96
N MET E 51 -16.79 11.37 -20.96
CA MET E 51 -16.63 10.12 -20.18
C MET E 51 -16.95 8.85 -20.97
N THR E 52 -18.00 8.90 -21.80
CA THR E 52 -18.39 7.80 -22.70
C THR E 52 -17.27 7.45 -23.69
N ALA E 53 -16.60 8.48 -24.20
CA ALA E 53 -15.48 8.33 -25.13
C ALA E 53 -14.26 7.68 -24.47
N ILE E 54 -13.92 8.14 -23.26
CA ILE E 54 -12.83 7.59 -22.43
C ILE E 54 -13.06 6.09 -22.17
N ASN E 55 -14.32 5.75 -21.86
CA ASN E 55 -14.74 4.36 -21.67
C ASN E 55 -14.62 3.52 -22.95
N LEU E 56 -14.94 4.13 -24.09
CA LEU E 56 -14.86 3.46 -25.39
C LEU E 56 -13.43 3.28 -25.92
N VAL E 57 -12.55 4.22 -25.58
CA VAL E 57 -11.12 4.16 -25.92
C VAL E 57 -10.40 2.96 -25.28
N GLU E 58 -10.77 2.68 -24.03
CA GLU E 58 -10.18 1.58 -23.25
C GLU E 58 -10.62 0.21 -23.77
N ARG E 59 -11.81 0.16 -24.36
CA ARG E 59 -12.36 -1.06 -24.96
C ARG E 59 -11.75 -1.38 -26.33
N GLY E 60 -11.08 -0.40 -26.93
CA GLY E 60 -10.31 -0.60 -28.16
C GLY E 60 -10.89 -0.01 -29.43
N LEU E 61 -11.63 1.10 -29.28
CA LEU E 61 -12.26 1.77 -30.42
C LEU E 61 -11.75 3.21 -30.57
N SER E 62 -11.65 3.65 -31.82
CA SER E 62 -11.29 5.03 -32.13
C SER E 62 -12.53 5.92 -31.99
N VAL E 63 -12.39 6.99 -31.22
CA VAL E 63 -13.52 7.87 -30.92
C VAL E 63 -13.26 9.33 -31.31
N VAL E 64 -14.19 9.89 -32.09
CA VAL E 64 -14.18 11.30 -32.44
C VAL E 64 -15.40 11.97 -31.80
N ILE E 65 -15.14 12.99 -30.97
CA ILE E 65 -16.20 13.84 -30.43
C ILE E 65 -16.34 15.08 -31.31
N VAL E 66 -17.57 15.35 -31.74
CA VAL E 66 -17.91 16.62 -32.38
C VAL E 66 -18.67 17.52 -31.40
N GLU E 67 -18.23 18.77 -31.31
CA GLU E 67 -18.81 19.77 -30.40
C GLU E 67 -19.08 21.07 -31.15
N LYS E 68 -20.31 21.55 -31.04
CA LYS E 68 -20.76 22.75 -31.76
C LYS E 68 -20.14 24.04 -31.24
N GLY E 69 -19.82 24.07 -29.95
CA GLY E 69 -19.19 25.23 -29.32
C GLY E 69 -17.81 24.87 -28.82
N ASN E 70 -17.52 25.30 -27.60
CA ASN E 70 -16.29 24.95 -26.91
C ASN E 70 -16.53 23.76 -26.00
N ILE E 71 -15.45 23.10 -25.59
CA ILE E 71 -15.51 21.97 -24.67
C ILE E 71 -16.16 22.39 -23.35
N ALA E 72 -17.19 21.64 -22.94
CA ALA E 72 -17.93 21.84 -21.69
C ALA E 72 -18.50 23.26 -21.51
N GLY E 73 -18.89 23.87 -22.62
CA GLY E 73 -19.37 25.25 -22.65
C GLY E 73 -20.72 25.47 -22.00
N GLU E 74 -21.50 24.40 -21.86
CA GLU E 74 -22.89 24.49 -21.39
C GLU E 74 -23.03 23.96 -19.95
N GLN E 75 -23.75 22.85 -19.74
CA GLN E 75 -24.08 22.34 -18.40
C GLN E 75 -22.87 21.99 -17.52
N SER E 76 -21.80 21.53 -18.16
CA SER E 76 -20.65 20.96 -17.46
C SER E 76 -19.59 21.97 -17.01
N SER E 77 -19.92 23.26 -17.10
CA SER E 77 -19.13 24.32 -16.46
C SER E 77 -20.06 25.28 -15.69
N ARG E 78 -21.34 24.95 -15.69
CA ARG E 78 -22.39 25.79 -15.11
C ARG E 78 -23.10 25.15 -13.91
N PHE E 79 -22.62 23.97 -13.52
CA PHE E 79 -23.19 23.19 -12.41
C PHE E 79 -22.89 23.77 -11.02
N TYR E 80 -23.57 23.23 -10.01
CA TYR E 80 -23.44 23.68 -8.62
C TYR E 80 -22.22 23.04 -7.95
N GLY E 81 -22.11 21.71 -8.06
CA GLY E 81 -20.87 21.02 -7.73
C GLY E 81 -20.85 19.99 -6.61
N GLN E 82 -21.99 19.36 -6.36
CA GLN E 82 -22.05 18.31 -5.32
C GLN E 82 -22.33 16.93 -5.88
N ALA E 83 -21.50 15.96 -5.50
CA ALA E 83 -21.72 14.56 -5.83
C ALA E 83 -22.36 13.89 -4.63
N ILE E 84 -23.68 13.68 -4.72
CA ILE E 84 -24.45 13.18 -3.59
C ILE E 84 -25.36 12.00 -3.92
N SER E 85 -25.74 11.27 -2.88
CA SER E 85 -26.62 10.11 -2.96
C SER E 85 -27.87 10.32 -2.11
N TYR E 86 -27.86 11.39 -1.31
CA TYR E 86 -28.91 11.74 -0.35
C TYR E 86 -30.29 11.85 -1.00
N LYS E 87 -31.26 11.15 -0.40
CA LYS E 87 -32.69 11.15 -0.82
C LYS E 87 -33.00 10.58 -2.22
N MET E 88 -31.99 10.01 -2.89
CA MET E 88 -32.15 9.46 -4.24
C MET E 88 -33.03 8.20 -4.24
N PRO E 89 -33.92 8.07 -5.25
CA PRO E 89 -34.77 6.87 -5.40
C PRO E 89 -33.97 5.61 -5.80
N ASP E 90 -34.65 4.46 -5.79
CA ASP E 90 -34.05 3.16 -6.14
C ASP E 90 -33.50 3.11 -7.57
N GLU E 91 -34.15 3.83 -8.48
CA GLU E 91 -33.75 3.89 -9.89
C GLU E 91 -32.33 4.44 -10.10
N THR E 92 -31.98 5.49 -9.36
CA THR E 92 -30.76 6.26 -9.60
C THR E 92 -29.64 6.12 -8.56
N PHE E 93 -29.99 5.73 -7.33
CA PHE E 93 -29.04 5.67 -6.19
C PHE E 93 -27.71 4.98 -6.51
N LEU E 94 -27.80 3.88 -7.25
CA LEU E 94 -26.64 3.05 -7.60
C LEU E 94 -25.64 3.79 -8.47
N LEU E 95 -26.15 4.50 -9.48
CA LEU E 95 -25.35 5.35 -10.37
C LEU E 95 -24.60 6.46 -9.61
N HIS E 96 -25.19 6.88 -8.49
CA HIS E 96 -24.64 7.93 -7.62
C HIS E 96 -23.63 7.39 -6.61
N HIS E 97 -23.95 6.23 -6.03
CA HIS E 97 -23.07 5.57 -5.06
C HIS E 97 -21.80 5.05 -5.74
N LEU E 98 -21.96 4.35 -6.87
CA LEU E 98 -20.85 3.90 -7.70
C LEU E 98 -20.10 5.07 -8.34
N GLY E 99 -20.85 6.12 -8.69
CA GLY E 99 -20.30 7.35 -9.27
C GLY E 99 -19.39 8.11 -8.34
N LYS E 100 -19.79 8.20 -7.07
CA LYS E 100 -18.97 8.82 -6.02
C LYS E 100 -17.67 8.05 -5.77
N HIS E 101 -17.76 6.71 -5.85
CA HIS E 101 -16.61 5.81 -5.69
C HIS E 101 -15.57 6.00 -6.80
N ARG E 102 -16.06 6.11 -8.04
CA ARG E 102 -15.19 6.26 -9.21
C ARG E 102 -14.56 7.64 -9.29
N TRP E 103 -15.28 8.65 -8.79
CA TRP E 103 -14.79 10.02 -8.69
C TRP E 103 -13.67 10.19 -7.65
N ARG E 104 -13.69 9.36 -6.61
CA ARG E 104 -12.65 9.36 -5.57
C ARG E 104 -11.31 8.77 -6.06
N GLU E 105 -11.39 8.01 -7.15
CA GLU E 105 -10.23 7.37 -7.79
C GLU E 105 -9.73 8.15 -8.99
N MET E 106 -10.41 9.26 -9.30
CA MET E 106 -10.17 10.04 -10.52
C MET E 106 -8.84 10.79 -10.54
N ASN E 107 -8.50 11.45 -9.43
CA ASN E 107 -7.26 12.21 -9.29
C ASN E 107 -6.00 11.35 -9.48
N ALA E 108 -6.07 10.11 -8.99
CA ALA E 108 -5.02 9.12 -9.17
C ALA E 108 -4.96 8.60 -10.61
N LYS E 109 -6.13 8.36 -11.20
CA LYS E 109 -6.26 7.83 -12.57
C LYS E 109 -5.80 8.85 -13.63
N VAL E 110 -6.18 10.11 -13.44
CA VAL E 110 -5.85 11.20 -14.38
C VAL E 110 -4.44 11.75 -14.12
N GLY E 111 -4.05 11.83 -12.84
CA GLY E 111 -2.76 12.38 -12.43
C GLY E 111 -2.79 13.87 -12.16
N ILE E 112 -3.84 14.53 -12.68
CA ILE E 112 -4.07 15.96 -12.53
C ILE E 112 -5.33 16.15 -11.67
N ASP E 113 -5.27 17.11 -10.74
CA ASP E 113 -6.35 17.40 -9.81
C ASP E 113 -7.62 17.92 -10.53
N THR E 114 -8.68 17.13 -10.44
CA THR E 114 -10.00 17.46 -11.02
C THR E 114 -10.79 18.40 -10.10
N THR E 115 -10.10 18.95 -9.09
CA THR E 115 -10.67 19.72 -7.95
C THR E 115 -11.72 18.94 -7.13
N TYR E 116 -11.75 17.61 -7.30
CA TYR E 116 -12.66 16.75 -6.55
C TYR E 116 -12.17 16.54 -5.13
N ARG E 117 -13.09 16.68 -4.18
CA ARG E 117 -12.81 16.46 -2.76
C ARG E 117 -13.87 15.54 -2.15
N THR E 118 -13.54 15.00 -0.98
CA THR E 118 -14.51 14.37 -0.10
C THR E 118 -14.76 15.37 1.03
N GLN E 119 -15.95 15.95 1.02
CA GLN E 119 -16.24 17.19 1.75
C GLN E 119 -17.11 17.00 3.00
N GLY E 120 -18.28 16.38 2.82
CA GLY E 120 -19.27 16.25 3.89
C GLY E 120 -20.43 17.21 3.67
N ARG E 121 -21.64 16.66 3.58
CA ARG E 121 -22.85 17.47 3.37
C ARG E 121 -23.89 17.28 4.47
N VAL E 122 -24.36 18.40 5.01
CA VAL E 122 -25.33 18.44 6.10
C VAL E 122 -26.67 18.99 5.60
N GLU E 123 -27.77 18.31 5.94
CA GLU E 123 -29.11 18.78 5.61
C GLU E 123 -30.13 18.63 6.75
N VAL E 124 -30.51 19.77 7.33
CA VAL E 124 -31.57 19.86 8.33
C VAL E 124 -32.93 19.68 7.61
N PRO E 125 -33.74 18.68 8.05
CA PRO E 125 -35.12 18.57 7.55
C PRO E 125 -36.00 19.71 8.06
N LEU E 126 -36.88 20.23 7.20
CA LEU E 126 -37.67 21.43 7.50
C LEU E 126 -38.70 21.27 8.63
N ASP E 127 -39.24 20.06 8.78
CA ASP E 127 -40.23 19.76 9.82
C ASP E 127 -40.11 18.33 10.37
N GLU E 128 -40.97 18.01 11.34
CA GLU E 128 -40.99 16.70 12.02
C GLU E 128 -41.34 15.54 11.08
N GLU E 129 -42.24 15.81 10.12
CA GLU E 129 -42.66 14.85 9.10
C GLU E 129 -41.51 14.49 8.15
N ASP E 130 -40.68 15.48 7.82
CA ASP E 130 -39.52 15.32 6.93
C ASP E 130 -38.39 14.50 7.55
N LEU E 131 -38.28 14.54 8.88
CA LEU E 131 -37.29 13.77 9.64
C LEU E 131 -37.60 12.27 9.63
N VAL E 132 -38.89 11.92 9.72
CA VAL E 132 -39.37 10.53 9.71
C VAL E 132 -39.11 9.88 8.34
N ASN E 133 -39.36 10.64 7.27
CA ASN E 133 -39.12 10.19 5.90
C ASN E 133 -37.64 10.01 5.56
N VAL E 134 -36.81 10.93 6.07
CA VAL E 134 -35.37 10.87 5.90
C VAL E 134 -34.73 9.71 6.68
N ARG E 135 -35.20 9.48 7.91
CA ARG E 135 -34.74 8.37 8.75
C ARG E 135 -35.12 6.99 8.19
N LYS E 136 -36.31 6.91 7.59
CA LYS E 136 -36.77 5.69 6.91
C LYS E 136 -35.93 5.37 5.67
N TRP E 137 -35.53 6.42 4.96
CA TRP E 137 -34.70 6.29 3.76
C TRP E 137 -33.29 5.78 4.06
N ILE E 138 -32.69 6.29 5.14
CA ILE E 138 -31.33 5.89 5.58
C ILE E 138 -31.33 4.43 6.09
N ASP E 139 -32.30 4.09 6.94
CA ASP E 139 -32.43 2.76 7.55
C ASP E 139 -32.61 1.63 6.52
N GLU E 140 -33.44 1.89 5.51
CA GLU E 140 -33.70 0.92 4.42
C GLU E 140 -32.48 0.74 3.51
N ARG E 141 -31.76 1.83 3.25
CA ARG E 141 -30.56 1.82 2.42
C ARG E 141 -29.34 1.21 3.12
N SER E 142 -29.29 1.36 4.45
CA SER E 142 -28.25 0.75 5.28
C SER E 142 -28.33 -0.78 5.25
N LYS E 143 -29.56 -1.30 5.43
CA LYS E 143 -29.83 -2.74 5.47
C LYS E 143 -29.63 -3.40 4.11
N ASN E 144 -30.16 -2.76 3.06
CA ASN E 144 -29.98 -3.21 1.69
C ASN E 144 -29.30 -2.12 0.86
N VAL E 145 -27.99 -2.27 0.67
CA VAL E 145 -27.13 -1.25 0.04
C VAL E 145 -26.89 -1.45 -1.45
N GLY E 146 -27.04 -2.68 -1.92
CA GLY E 146 -26.92 -3.00 -3.36
C GLY E 146 -25.51 -3.02 -3.94
N SER E 147 -24.53 -2.52 -3.18
CA SER E 147 -23.13 -2.49 -3.60
C SER E 147 -22.19 -2.86 -2.46
N ASP E 148 -21.04 -3.44 -2.83
CA ASP E 148 -19.93 -3.70 -1.91
C ASP E 148 -19.32 -2.40 -1.37
N ILE E 149 -19.56 -1.30 -2.10
CA ILE E 149 -19.21 0.06 -1.67
C ILE E 149 -19.99 0.45 -0.41
N PRO E 150 -19.27 0.83 0.67
CA PRO E 150 -19.88 1.07 1.99
C PRO E 150 -20.55 2.45 2.16
N PHE E 151 -21.81 2.42 2.60
CA PHE E 151 -22.63 3.62 2.87
C PHE E 151 -22.01 4.45 3.99
N LYS E 152 -22.10 5.76 3.86
CA LYS E 152 -21.51 6.70 4.84
C LYS E 152 -22.33 7.99 4.97
N THR E 153 -23.61 7.82 5.33
CA THR E 153 -24.51 8.94 5.61
C THR E 153 -25.30 8.61 6.88
N ARG E 154 -25.25 9.52 7.85
CA ARG E 154 -25.89 9.30 9.15
C ARG E 154 -26.46 10.59 9.73
N ILE E 155 -27.34 10.43 10.73
CA ILE E 155 -27.90 11.54 11.50
C ILE E 155 -26.82 12.06 12.44
N ILE E 156 -26.75 13.39 12.57
CA ILE E 156 -25.84 14.03 13.53
C ILE E 156 -26.55 15.07 14.40
N GLU E 157 -26.69 14.74 15.68
CA GLU E 157 -27.25 15.63 16.69
C GLU E 157 -26.20 15.90 17.77
N GLY E 158 -26.13 17.15 18.22
CA GLY E 158 -25.13 17.60 19.18
C GLY E 158 -23.95 18.29 18.51
N ALA E 159 -22.92 18.55 19.31
CA ALA E 159 -21.74 19.36 18.94
C ALA E 159 -21.01 18.99 17.62
N GLU E 160 -21.23 17.77 17.14
CA GLU E 160 -20.77 17.33 15.82
C GLU E 160 -21.38 18.17 14.69
N LEU E 161 -22.66 18.52 14.86
CA LEU E 161 -23.39 19.40 13.93
C LEU E 161 -22.97 20.86 14.05
N ASN E 162 -22.89 21.35 15.29
CA ASN E 162 -22.51 22.71 15.64
C ASN E 162 -21.12 23.07 15.12
N GLN E 163 -20.26 22.05 15.01
CA GLN E 163 -18.96 22.14 14.37
C GLN E 163 -19.08 22.50 12.89
N ARG E 164 -20.00 21.84 12.20
CA ARG E 164 -20.21 22.07 10.76
C ARG E 164 -21.02 23.33 10.48
N LEU E 165 -21.78 23.77 11.49
CA LEU E 165 -22.62 24.97 11.40
C LEU E 165 -22.13 26.07 12.35
N ARG E 166 -20.85 26.42 12.21
CA ARG E 166 -20.22 27.46 13.01
C ARG E 166 -20.65 28.85 12.54
N GLY E 167 -20.98 29.71 13.51
CA GLY E 167 -21.46 31.07 13.23
C GLY E 167 -22.86 31.11 12.65
N ALA E 168 -23.70 30.16 13.05
CA ALA E 168 -25.09 30.10 12.61
C ALA E 168 -25.97 30.94 13.54
N THR E 169 -26.82 31.77 12.93
CA THR E 169 -27.75 32.63 13.68
C THR E 169 -28.87 31.79 14.33
N THR E 170 -29.38 30.82 13.57
CA THR E 170 -30.38 29.88 14.06
C THR E 170 -29.69 28.66 14.67
N ASP E 171 -30.26 28.17 15.78
CA ASP E 171 -29.74 26.99 16.46
C ASP E 171 -30.42 25.74 15.91
N TRP E 172 -29.83 25.19 14.84
CA TRP E 172 -30.31 23.96 14.21
C TRP E 172 -29.98 22.75 15.09
N LYS E 173 -30.99 21.93 15.38
CA LYS E 173 -30.84 20.79 16.30
C LYS E 173 -30.38 19.50 15.61
N ILE E 174 -31.17 19.03 14.64
CA ILE E 174 -30.95 17.73 14.00
C ILE E 174 -30.78 17.87 12.49
N ALA E 175 -29.87 17.07 11.91
CA ALA E 175 -29.53 17.14 10.49
C ALA E 175 -29.12 15.78 9.90
N GLY E 176 -28.72 15.79 8.62
CA GLY E 176 -28.28 14.58 7.93
C GLY E 176 -26.91 14.74 7.29
N PHE E 177 -25.90 14.13 7.91
CA PHE E 177 -24.50 14.22 7.47
C PHE E 177 -24.17 13.12 6.47
N GLU E 178 -23.74 13.55 5.28
CA GLU E 178 -23.16 12.64 4.29
C GLU E 178 -21.64 12.83 4.26
N GLU E 179 -20.92 11.91 4.92
CA GLU E 179 -19.47 11.98 5.08
C GLU E 179 -18.68 11.86 3.78
N ASP E 180 -19.14 10.97 2.91
CA ASP E 180 -18.51 10.73 1.60
C ASP E 180 -19.10 11.60 0.47
N SER E 181 -19.49 12.83 0.81
CA SER E 181 -20.02 13.80 -0.14
C SER E 181 -18.93 14.36 -1.05
N GLY E 182 -19.18 14.29 -2.36
CA GLY E 182 -18.26 14.81 -3.36
C GLY E 182 -18.41 16.30 -3.62
N SER E 183 -17.31 16.93 -4.03
CA SER E 183 -17.25 18.36 -4.26
C SER E 183 -16.32 18.72 -5.42
N PHE E 184 -16.90 18.88 -6.61
CA PHE E 184 -16.15 19.36 -7.79
C PHE E 184 -16.47 20.82 -8.10
N ASP E 185 -15.48 21.53 -8.63
CA ASP E 185 -15.61 22.94 -9.00
C ASP E 185 -15.96 23.09 -10.48
N PRO E 186 -16.87 24.03 -10.83
CA PRO E 186 -17.40 24.13 -12.20
C PRO E 186 -16.37 24.51 -13.27
N GLU E 187 -15.44 25.40 -12.92
CA GLU E 187 -14.47 25.94 -13.88
C GLU E 187 -13.26 25.03 -14.15
N VAL E 188 -13.16 23.91 -13.40
CA VAL E 188 -12.00 23.02 -13.49
C VAL E 188 -12.36 21.57 -13.92
N ALA E 189 -13.33 20.96 -13.24
CA ALA E 189 -13.58 19.51 -13.26
C ALA E 189 -13.65 18.82 -14.64
N THR E 190 -14.56 19.29 -15.48
CA THR E 190 -14.82 18.72 -16.82
C THR E 190 -13.68 19.03 -17.80
N PHE E 191 -13.05 20.19 -17.60
CA PHE E 191 -11.92 20.65 -18.41
C PHE E 191 -10.69 19.74 -18.26
N VAL E 192 -10.45 19.27 -17.03
CA VAL E 192 -9.38 18.31 -16.74
C VAL E 192 -9.67 16.96 -17.40
N MET E 193 -10.92 16.51 -17.35
CA MET E 193 -11.34 15.26 -17.99
C MET E 193 -11.23 15.30 -19.51
N ALA E 194 -11.46 16.49 -20.08
CA ALA E 194 -11.27 16.75 -21.51
C ALA E 194 -9.80 16.65 -21.95
N GLU E 195 -8.89 17.12 -21.09
N GLU E 195 -8.90 17.13 -21.08
CA GLU E 195 -7.45 17.00 -21.32
CA GLU E 195 -7.44 17.01 -21.30
C GLU E 195 -6.97 15.55 -21.23
C GLU E 195 -6.99 15.55 -21.24
N TYR E 196 -7.60 14.77 -20.34
CA TYR E 196 -7.32 13.34 -20.19
C TYR E 196 -7.85 12.54 -21.38
N ALA E 197 -9.00 12.95 -21.91
CA ALA E 197 -9.58 12.36 -23.12
C ALA E 197 -8.63 12.48 -24.30
N LYS E 198 -8.10 13.69 -24.52
CA LYS E 198 -7.11 13.98 -25.55
C LYS E 198 -5.84 13.13 -25.42
N LYS E 199 -5.37 12.96 -24.18
CA LYS E 199 -4.22 12.10 -23.85
C LYS E 199 -4.45 10.63 -24.22
N MET E 200 -5.69 10.18 -24.04
CA MET E 200 -6.06 8.79 -24.32
C MET E 200 -6.42 8.53 -25.78
N GLY E 201 -6.39 9.59 -26.60
CA GLY E 201 -6.58 9.47 -28.04
C GLY E 201 -7.99 9.80 -28.51
N VAL E 202 -8.76 10.44 -27.65
CA VAL E 202 -10.07 10.97 -28.02
C VAL E 202 -9.84 12.29 -28.72
N ARG E 203 -10.25 12.36 -29.99
CA ARG E 203 -10.13 13.57 -30.78
C ARG E 203 -11.44 14.37 -30.72
N ILE E 204 -11.37 15.53 -30.08
CA ILE E 204 -12.52 16.40 -29.88
C ILE E 204 -12.42 17.63 -30.80
N TYR E 205 -13.43 17.83 -31.64
CA TYR E 205 -13.46 18.95 -32.58
C TYR E 205 -14.49 20.01 -32.19
N THR E 206 -13.98 21.12 -31.68
CA THR E 206 -14.79 22.25 -31.23
C THR E 206 -15.24 23.10 -32.43
N GLN E 207 -16.29 23.90 -32.20
CA GLN E 207 -16.93 24.74 -33.23
C GLN E 207 -17.37 23.94 -34.47
N CYS E 208 -17.93 22.76 -34.21
CA CYS E 208 -18.27 21.78 -35.25
C CYS E 208 -19.54 21.02 -34.87
N ALA E 209 -20.67 21.50 -35.36
CA ALA E 209 -21.97 20.94 -35.05
C ALA E 209 -22.28 19.70 -35.89
N ALA E 210 -22.74 18.65 -35.22
CA ALA E 210 -23.31 17.47 -35.89
C ALA E 210 -24.75 17.78 -36.27
N ARG E 211 -25.04 17.72 -37.57
CA ARG E 211 -26.36 18.06 -38.13
C ARG E 211 -27.34 16.89 -38.11
N GLY E 212 -26.84 15.70 -38.43
CA GLY E 212 -27.63 14.47 -38.46
C GLY E 212 -26.76 13.30 -38.85
N LEU E 213 -27.40 12.22 -39.31
CA LEU E 213 -26.68 11.01 -39.71
C LEU E 213 -27.35 10.25 -40.86
N GLU E 214 -26.51 9.72 -41.75
CA GLU E 214 -26.95 8.98 -42.93
C GLU E 214 -27.11 7.50 -42.61
N THR E 215 -28.17 6.91 -43.16
CA THR E 215 -28.46 5.48 -42.98
C THR E 215 -28.75 4.74 -44.30
N GLN E 216 -28.25 3.51 -44.39
CA GLN E 216 -28.44 2.66 -45.57
C GLN E 216 -28.84 1.23 -45.18
N ALA E 217 -30.11 0.90 -45.47
CA ALA E 217 -30.70 -0.44 -45.27
C ALA E 217 -30.70 -0.96 -43.82
N GLY E 218 -30.79 -0.03 -42.85
CA GLY E 218 -30.86 -0.38 -41.43
C GLY E 218 -29.59 -0.15 -40.62
N VAL E 219 -28.51 0.22 -41.30
CA VAL E 219 -27.22 0.52 -40.65
C VAL E 219 -26.79 1.97 -40.93
N ILE E 220 -26.23 2.62 -39.91
CA ILE E 220 -25.70 3.99 -40.02
C ILE E 220 -24.43 3.99 -40.86
N SER E 221 -24.37 4.89 -41.85
CA SER E 221 -23.21 4.99 -42.75
C SER E 221 -22.30 6.18 -42.44
N ASP E 222 -22.91 7.36 -42.24
CA ASP E 222 -22.17 8.60 -41.98
C ASP E 222 -22.81 9.45 -40.88
N VAL E 223 -22.00 10.26 -40.22
CA VAL E 223 -22.48 11.38 -39.40
C VAL E 223 -22.07 12.67 -40.12
N VAL E 224 -23.07 13.46 -40.51
CA VAL E 224 -22.85 14.72 -41.22
C VAL E 224 -22.71 15.87 -40.22
N THR E 225 -21.55 16.54 -40.29
CA THR E 225 -21.26 17.72 -39.49
C THR E 225 -21.14 18.95 -40.42
N GLU E 226 -21.06 20.14 -39.83
CA GLU E 226 -20.86 21.39 -40.60
C GLU E 226 -19.51 21.45 -41.36
N LYS E 227 -18.53 20.70 -40.88
CA LYS E 227 -17.20 20.64 -41.49
C LYS E 227 -17.01 19.44 -42.44
N GLY E 228 -17.99 18.53 -42.48
CA GLY E 228 -17.96 17.37 -43.37
C GLY E 228 -18.58 16.12 -42.76
N ALA E 229 -18.58 15.04 -43.55
CA ALA E 229 -19.11 13.75 -43.12
C ALA E 229 -18.02 12.82 -42.59
N ILE E 230 -18.33 12.12 -41.50
CA ILE E 230 -17.42 11.11 -40.93
C ILE E 230 -18.07 9.73 -41.08
N LYS E 231 -17.32 8.79 -41.68
CA LYS E 231 -17.76 7.39 -41.80
C LYS E 231 -17.78 6.72 -40.43
N THR E 232 -18.94 6.17 -40.08
CA THR E 232 -19.13 5.39 -38.85
C THR E 232 -20.43 4.59 -38.91
N SER E 233 -20.45 3.47 -38.19
CA SER E 233 -21.67 2.68 -38.00
C SER E 233 -22.28 2.89 -36.61
N GLN E 234 -21.50 3.50 -35.72
CA GLN E 234 -21.88 3.67 -34.31
C GLN E 234 -21.87 5.14 -33.88
N VAL E 235 -22.92 5.55 -33.18
CA VAL E 235 -23.14 6.95 -32.78
C VAL E 235 -23.60 7.03 -31.32
N VAL E 236 -23.02 7.97 -30.58
CA VAL E 236 -23.47 8.30 -29.22
C VAL E 236 -24.02 9.74 -29.24
N VAL E 237 -25.28 9.89 -28.84
CA VAL E 237 -25.89 11.21 -28.67
C VAL E 237 -25.81 11.62 -27.21
N ALA E 238 -24.92 12.58 -26.94
CA ALA E 238 -24.74 13.16 -25.60
C ALA E 238 -24.72 14.68 -25.72
N GLY E 239 -25.82 15.23 -26.24
CA GLY E 239 -25.91 16.63 -26.60
C GLY E 239 -26.64 17.55 -25.64
N GLY E 240 -26.79 17.10 -24.38
CA GLY E 240 -27.41 17.89 -23.32
C GLY E 240 -28.83 18.28 -23.64
N VAL E 241 -29.13 19.58 -23.51
CA VAL E 241 -30.47 20.12 -23.75
C VAL E 241 -30.89 20.05 -25.23
N TRP E 242 -29.91 19.76 -26.10
CA TRP E 242 -30.09 19.72 -27.54
C TRP E 242 -30.40 18.31 -28.08
N SER E 243 -30.46 17.34 -27.18
CA SER E 243 -30.61 15.94 -27.57
C SER E 243 -31.94 15.63 -28.26
N ARG E 244 -33.04 16.11 -27.67
CA ARG E 244 -34.37 15.96 -28.26
C ARG E 244 -34.42 16.47 -29.71
N LEU E 245 -33.94 17.69 -29.90
CA LEU E 245 -33.93 18.35 -31.21
C LEU E 245 -33.18 17.54 -32.26
N PHE E 246 -32.01 17.00 -31.89
CA PHE E 246 -31.23 16.14 -32.78
C PHE E 246 -32.01 14.90 -33.20
N MET E 247 -32.65 14.24 -32.24
CA MET E 247 -33.43 13.02 -32.50
C MET E 247 -34.75 13.26 -33.25
N GLN E 248 -35.32 14.46 -33.09
CA GLN E 248 -36.52 14.88 -33.82
C GLN E 248 -36.36 14.85 -35.34
N ASN E 249 -35.19 15.26 -35.81
CA ASN E 249 -34.83 15.18 -37.22
C ASN E 249 -34.78 13.74 -37.75
N LEU E 250 -34.53 12.79 -36.85
CA LEU E 250 -34.52 11.37 -37.17
C LEU E 250 -35.83 10.64 -36.82
N ASN E 251 -36.86 11.42 -36.47
CA ASN E 251 -38.22 10.95 -36.14
C ASN E 251 -38.32 10.04 -34.91
N VAL E 252 -37.40 10.23 -33.97
CA VAL E 252 -37.42 9.55 -32.68
C VAL E 252 -37.72 10.59 -31.61
N ASP E 253 -38.74 10.32 -30.81
CA ASP E 253 -39.22 11.28 -29.81
C ASP E 253 -38.54 11.13 -28.45
N VAL E 254 -37.83 12.17 -28.02
CA VAL E 254 -37.14 12.21 -26.73
C VAL E 254 -37.83 13.23 -25.82
N PRO E 255 -38.74 12.76 -24.93
CA PRO E 255 -39.52 13.70 -24.12
C PRO E 255 -38.71 14.41 -23.02
N THR E 256 -38.35 15.66 -23.29
CA THR E 256 -37.70 16.55 -22.33
C THR E 256 -38.36 17.93 -22.34
N LEU E 257 -38.28 18.63 -21.21
CA LEU E 257 -38.66 20.04 -21.12
C LEU E 257 -37.51 20.87 -20.53
N PRO E 258 -37.29 22.08 -21.08
CA PRO E 258 -36.23 22.96 -20.57
C PRO E 258 -36.50 23.45 -19.14
N ALA E 259 -35.44 23.62 -18.36
CA ALA E 259 -35.51 24.15 -17.00
C ALA E 259 -34.22 24.90 -16.66
N TYR E 260 -34.34 26.00 -15.93
CA TYR E 260 -33.20 26.86 -15.60
C TYR E 260 -33.03 27.07 -14.11
N GLN E 261 -31.78 27.17 -13.68
CA GLN E 261 -31.42 27.47 -12.30
C GLN E 261 -30.28 28.48 -12.28
N SER E 262 -30.47 29.57 -11.52
CA SER E 262 -29.45 30.59 -11.33
C SER E 262 -28.39 30.09 -10.34
N GLN E 263 -27.13 30.46 -10.60
CA GLN E 263 -26.01 30.09 -9.75
C GLN E 263 -25.06 31.27 -9.55
N GLN E 264 -24.50 31.38 -8.35
CA GLN E 264 -23.48 32.41 -8.05
C GLN E 264 -22.26 31.86 -7.29
N LEU E 265 -21.20 32.65 -7.28
CA LEU E 265 -19.94 32.29 -6.63
C LEU E 265 -19.36 33.48 -5.85
N ILE E 266 -19.13 33.28 -4.56
CA ILE E 266 -18.57 34.32 -3.68
C ILE E 266 -17.21 33.96 -3.11
N SER E 267 -16.46 34.99 -2.72
CA SER E 267 -15.13 34.86 -2.12
C SER E 267 -15.18 34.23 -0.72
N GLY E 268 -14.06 33.64 -0.30
CA GLY E 268 -13.95 32.95 0.98
C GLY E 268 -13.94 33.83 2.20
N SER E 269 -13.95 33.18 3.37
CA SER E 269 -13.90 33.84 4.68
C SER E 269 -13.24 32.93 5.71
N PRO E 270 -12.41 33.50 6.61
CA PRO E 270 -11.80 32.72 7.70
C PRO E 270 -12.81 32.26 8.76
N THR E 271 -13.88 33.03 8.94
CA THR E 271 -14.95 32.72 9.90
C THR E 271 -15.92 31.65 9.36
N ALA E 272 -15.99 31.54 8.03
CA ALA E 272 -16.91 30.62 7.33
C ALA E 272 -16.77 29.15 7.76
N PRO E 273 -17.91 28.48 8.06
CA PRO E 273 -17.92 27.12 8.65
C PRO E 273 -17.35 26.01 7.76
N GLY E 274 -17.35 26.21 6.45
CA GLY E 274 -16.81 25.24 5.51
C GLY E 274 -17.74 24.08 5.18
N GLY E 275 -17.30 23.25 4.24
CA GLY E 275 -18.06 22.07 3.80
C GLY E 275 -19.29 22.39 2.97
N ASN E 276 -20.16 21.40 2.85
CA ASN E 276 -21.43 21.53 2.14
C ASN E 276 -22.59 21.61 3.14
N VAL E 277 -23.45 22.61 2.94
CA VAL E 277 -24.58 22.87 3.85
C VAL E 277 -25.87 23.07 3.05
N ALA E 278 -26.95 22.44 3.51
CA ALA E 278 -28.29 22.59 2.94
C ALA E 278 -29.33 22.77 4.04
N LEU E 279 -29.74 24.03 4.25
CA LEU E 279 -30.70 24.38 5.31
C LEU E 279 -32.11 24.70 4.76
N PRO E 280 -33.16 24.57 5.61
CA PRO E 280 -34.50 25.06 5.25
C PRO E 280 -34.53 26.58 5.16
N GLY E 281 -35.23 27.09 4.13
CA GLY E 281 -35.32 28.53 3.87
C GLY E 281 -34.35 29.02 2.81
N GLY E 282 -34.03 28.14 1.86
CA GLY E 282 -33.20 28.48 0.70
C GLY E 282 -31.70 28.60 0.91
N ILE E 283 -31.22 28.22 2.10
CA ILE E 283 -29.79 28.32 2.42
C ILE E 283 -29.02 27.10 1.89
N PHE E 284 -28.22 27.35 0.85
CA PHE E 284 -27.38 26.31 0.24
C PHE E 284 -26.02 26.91 -0.13
N PHE E 285 -24.96 26.35 0.44
CA PHE E 285 -23.59 26.72 0.06
C PHE E 285 -22.61 25.55 0.07
N ARG E 286 -21.58 25.67 -0.76
CA ARG E 286 -20.51 24.68 -0.86
C ARG E 286 -19.15 25.36 -1.04
N GLU E 287 -18.18 24.94 -0.22
CA GLU E 287 -16.80 25.39 -0.33
C GLU E 287 -16.12 24.77 -1.56
N GLN E 288 -15.45 25.62 -2.33
CA GLN E 288 -14.63 25.21 -3.47
C GLN E 288 -13.26 24.72 -2.96
N ALA E 289 -12.45 24.15 -3.86
CA ALA E 289 -11.11 23.68 -3.52
C ALA E 289 -10.15 24.80 -3.11
N ASP E 290 -10.34 25.98 -3.72
CA ASP E 290 -9.47 27.13 -3.47
C ASP E 290 -9.96 28.07 -2.35
N GLY E 291 -10.94 27.61 -1.56
CA GLY E 291 -11.44 28.37 -0.41
C GLY E 291 -12.69 29.23 -0.67
N THR E 292 -12.99 29.48 -1.94
CA THR E 292 -14.19 30.26 -2.33
C THR E 292 -15.48 29.45 -2.16
N TYR E 293 -16.63 30.10 -2.34
CA TYR E 293 -17.93 29.48 -2.05
C TYR E 293 -18.95 29.58 -3.18
N ALA E 294 -19.49 28.42 -3.54
CA ALA E 294 -20.58 28.31 -4.52
C ALA E 294 -21.91 28.23 -3.79
N THR E 295 -22.81 29.16 -4.10
CA THR E 295 -24.13 29.24 -3.46
C THR E 295 -25.25 29.46 -4.50
N SER E 296 -26.43 28.90 -4.20
CA SER E 296 -27.55 28.89 -5.15
C SER E 296 -28.94 29.03 -4.50
N PRO E 297 -29.92 29.57 -5.27
CA PRO E 297 -31.33 29.45 -4.89
C PRO E 297 -31.87 28.07 -5.26
N ARG E 298 -33.05 27.74 -4.75
CA ARG E 298 -33.71 26.46 -5.02
C ARG E 298 -34.78 26.57 -6.12
N VAL E 299 -34.99 27.79 -6.61
CA VAL E 299 -36.01 28.10 -7.61
C VAL E 299 -35.59 27.60 -9.00
N ILE E 300 -36.52 26.88 -9.65
CA ILE E 300 -36.35 26.37 -11.01
C ILE E 300 -37.32 27.10 -11.95
N VAL E 301 -36.79 27.74 -12.98
CA VAL E 301 -37.63 28.43 -13.97
C VAL E 301 -37.86 27.51 -15.17
N ALA E 302 -39.13 27.25 -15.49
CA ALA E 302 -39.50 26.41 -16.62
C ALA E 302 -40.30 27.20 -17.67
N PRO E 303 -39.67 27.52 -18.82
CA PRO E 303 -40.38 28.26 -19.87
C PRO E 303 -41.39 27.42 -20.64
N VAL E 304 -42.50 28.04 -21.06
CA VAL E 304 -43.49 27.38 -21.89
C VAL E 304 -42.93 27.24 -23.31
N VAL E 305 -42.85 26.00 -23.79
CA VAL E 305 -42.45 25.69 -25.18
C VAL E 305 -43.60 24.94 -25.86
N LYS E 306 -43.47 24.66 -27.16
CA LYS E 306 -44.52 23.94 -27.90
C LYS E 306 -44.82 22.54 -27.34
N GLU E 307 -43.78 21.91 -26.78
CA GLU E 307 -43.85 20.60 -26.15
C GLU E 307 -44.74 20.58 -24.91
N SER E 308 -44.78 21.71 -24.19
CA SER E 308 -45.67 21.88 -23.03
C SER E 308 -47.13 21.54 -23.35
N PHE E 309 -47.56 21.90 -24.57
CA PHE E 309 -48.91 21.61 -25.02
C PHE E 309 -49.13 20.13 -25.36
N THR E 310 -48.04 19.43 -25.70
CA THR E 310 -48.11 18.03 -26.10
C THR E 310 -48.08 17.08 -24.90
N TYR E 311 -47.03 17.18 -24.09
CA TYR E 311 -46.81 16.25 -22.98
C TYR E 311 -46.45 16.93 -21.66
N GLY E 312 -46.77 18.23 -21.57
CA GLY E 312 -46.62 18.99 -20.32
C GLY E 312 -47.37 18.37 -19.15
N TYR E 313 -48.61 17.92 -19.40
CA TYR E 313 -49.44 17.28 -18.37
C TYR E 313 -48.76 16.13 -17.60
N LYS E 314 -47.78 15.49 -18.23
CA LYS E 314 -47.00 14.41 -17.61
C LYS E 314 -46.06 14.90 -16.49
N TYR E 315 -45.82 16.21 -16.47
CA TYR E 315 -44.86 16.82 -15.54
C TYR E 315 -45.51 17.39 -14.27
N LEU E 316 -46.82 17.20 -14.13
CA LEU E 316 -47.58 17.72 -12.97
C LEU E 316 -47.04 17.32 -11.58
N PRO E 317 -46.58 16.05 -11.39
CA PRO E 317 -45.94 15.72 -10.11
C PRO E 317 -44.65 16.51 -9.79
N LEU E 318 -43.97 17.01 -10.83
CA LEU E 318 -42.74 17.78 -10.64
C LEU E 318 -42.97 19.22 -10.15
N LEU E 319 -44.24 19.66 -10.17
CA LEU E 319 -44.64 20.96 -9.65
C LEU E 319 -45.02 20.88 -8.16
N ALA E 320 -44.89 19.68 -7.58
CA ALA E 320 -45.30 19.40 -6.20
C ALA E 320 -44.12 18.91 -5.34
N LEU E 321 -42.93 19.40 -5.67
CA LEU E 321 -41.70 19.04 -4.96
C LEU E 321 -41.28 20.16 -4.01
N PRO E 322 -41.42 19.94 -2.67
CA PRO E 322 -41.03 20.96 -1.67
C PRO E 322 -39.61 21.50 -1.81
N ASP E 323 -38.66 20.64 -2.21
CA ASP E 323 -37.26 21.02 -2.41
C ASP E 323 -37.03 21.98 -3.57
N PHE E 324 -37.78 21.79 -4.66
CA PHE E 324 -37.62 22.60 -5.88
C PHE E 324 -38.95 23.22 -6.33
N PRO E 325 -39.23 24.47 -5.88
CA PRO E 325 -40.39 25.20 -6.41
C PRO E 325 -40.17 25.63 -7.87
N VAL E 326 -41.13 25.30 -8.72
CA VAL E 326 -41.02 25.56 -10.16
C VAL E 326 -41.80 26.83 -10.51
N HIS E 327 -41.12 27.76 -11.19
CA HIS E 327 -41.74 28.99 -11.70
C HIS E 327 -41.92 28.85 -13.20
N ILE E 328 -43.17 28.95 -13.65
CA ILE E 328 -43.49 28.92 -15.07
C ILE E 328 -43.30 30.32 -15.64
N SER E 329 -42.43 30.45 -16.63
CA SER E 329 -42.29 31.71 -17.36
C SER E 329 -42.90 31.60 -18.75
N LEU E 330 -43.51 32.69 -19.20
CA LEU E 330 -44.15 32.78 -20.50
C LEU E 330 -43.63 34.01 -21.20
N ASN E 331 -42.79 33.79 -22.23
CA ASN E 331 -42.07 34.87 -22.91
C ASN E 331 -41.66 34.49 -24.33
N GLU E 332 -40.62 35.17 -24.83
CA GLU E 332 -40.09 35.00 -26.19
C GLU E 332 -39.66 33.56 -26.53
N GLN E 333 -39.43 32.76 -25.49
CA GLN E 333 -39.02 31.36 -25.64
C GLN E 333 -40.12 30.46 -26.22
N LEU E 334 -41.38 30.82 -26.00
CA LEU E 334 -42.50 30.13 -26.65
C LEU E 334 -42.49 30.40 -28.15
N ILE E 335 -42.26 31.66 -28.52
CA ILE E 335 -42.21 32.08 -29.92
C ILE E 335 -41.13 31.34 -30.70
N ASN E 336 -39.92 31.31 -30.15
CA ASN E 336 -38.78 30.62 -30.77
C ASN E 336 -39.01 29.13 -30.96
N SER E 337 -39.60 28.51 -29.94
CA SER E 337 -39.99 27.10 -29.94
C SER E 337 -40.92 26.76 -31.11
N PHE E 338 -41.96 27.58 -31.30
CA PHE E 338 -42.90 27.44 -32.41
C PHE E 338 -42.28 27.73 -33.76
N MET E 339 -41.29 28.62 -33.77
CA MET E 339 -40.59 29.05 -34.98
C MET E 339 -39.60 28.00 -35.50
N GLN E 340 -39.12 27.16 -34.59
CA GLN E 340 -38.07 26.17 -34.88
CA GLN E 340 -38.07 26.17 -34.87
C GLN E 340 -38.56 24.98 -35.69
N SER E 341 -37.74 24.58 -36.67
CA SER E 341 -37.98 23.40 -37.50
C SER E 341 -37.87 22.11 -36.69
N THR E 342 -38.67 21.12 -37.09
CA THR E 342 -38.55 19.76 -36.57
C THR E 342 -37.61 18.94 -37.45
N HIS E 343 -37.55 19.29 -38.74
CA HIS E 343 -36.69 18.63 -39.71
C HIS E 343 -35.83 19.63 -40.48
N TRP E 344 -34.62 19.19 -40.85
CA TRP E 344 -33.70 19.96 -41.68
C TRP E 344 -32.82 19.02 -42.49
N ASN E 345 -32.48 19.46 -43.70
CA ASN E 345 -31.55 18.72 -44.56
C ASN E 345 -30.12 18.81 -44.01
N LEU E 346 -29.32 17.82 -44.35
CA LEU E 346 -27.97 17.69 -43.78
C LEU E 346 -26.94 18.58 -44.47
N ASP E 347 -27.29 19.08 -45.65
CA ASP E 347 -26.43 19.98 -46.43
C ASP E 347 -26.74 21.48 -46.20
N GLU E 348 -27.64 21.76 -45.26
CA GLU E 348 -28.00 23.14 -44.90
C GLU E 348 -27.72 23.43 -43.42
N VAL E 349 -27.81 24.71 -43.05
CA VAL E 349 -27.44 25.20 -41.71
C VAL E 349 -28.48 24.74 -40.67
N SER E 350 -28.00 23.91 -39.74
CA SER E 350 -28.83 23.33 -38.70
C SER E 350 -29.13 24.34 -37.57
N PRO E 351 -30.10 24.02 -36.67
CA PRO E 351 -30.37 24.89 -35.51
C PRO E 351 -29.20 24.95 -34.51
N PHE E 352 -28.36 23.91 -34.53
CA PHE E 352 -27.16 23.83 -33.68
C PHE E 352 -26.10 24.85 -34.07
N GLU E 353 -26.12 25.28 -35.33
CA GLU E 353 -25.21 26.32 -35.83
C GLU E 353 -25.83 27.70 -35.62
N GLN E 354 -27.11 27.81 -35.94
CA GLN E 354 -27.86 29.06 -35.90
C GLN E 354 -28.04 29.61 -34.47
N PHE E 355 -28.30 28.69 -33.53
CA PHE E 355 -28.45 29.05 -32.11
C PHE E 355 -27.34 28.44 -31.27
N ARG E 356 -26.12 28.47 -31.82
CA ARG E 356 -24.93 27.82 -31.26
C ARG E 356 -24.71 28.10 -29.77
N ASN E 357 -24.73 29.39 -29.39
CA ASN E 357 -24.45 29.81 -28.02
C ASN E 357 -25.72 30.26 -27.30
N MET E 358 -26.01 29.60 -26.18
CA MET E 358 -27.17 29.93 -25.34
C MET E 358 -26.91 31.24 -24.61
N THR E 359 -27.94 32.08 -24.59
CA THR E 359 -27.83 33.45 -24.10
C THR E 359 -28.67 33.70 -22.85
N ALA E 360 -28.96 32.61 -22.12
CA ALA E 360 -29.75 32.68 -20.89
C ALA E 360 -28.97 33.39 -19.78
N LEU E 361 -29.65 34.32 -19.12
CA LEU E 361 -29.05 35.15 -18.09
C LEU E 361 -29.63 34.86 -16.71
N PRO E 362 -28.79 34.93 -15.65
CA PRO E 362 -29.24 34.66 -14.28
C PRO E 362 -30.28 35.67 -13.76
N ASP E 363 -31.15 35.19 -12.87
CA ASP E 363 -32.13 36.03 -12.18
C ASP E 363 -31.40 36.75 -11.03
N LEU E 364 -31.02 38.02 -11.27
CA LEU E 364 -30.24 38.82 -10.31
C LEU E 364 -30.98 39.19 -8.99
N PRO E 365 -32.29 39.56 -9.05
CA PRO E 365 -32.99 39.78 -7.78
C PRO E 365 -33.15 38.51 -6.93
N GLU E 366 -33.34 37.37 -7.59
CA GLU E 366 -33.42 36.06 -6.94
C GLU E 366 -32.09 35.69 -6.27
N LEU E 367 -30.99 35.89 -6.99
CA LEU E 367 -29.63 35.63 -6.49
C LEU E 367 -29.24 36.53 -5.31
N ASN E 368 -29.62 37.80 -5.40
CA ASN E 368 -29.38 38.78 -4.33
C ASN E 368 -30.16 38.44 -3.05
N ALA E 369 -31.40 38.01 -3.22
CA ALA E 369 -32.28 37.63 -2.10
C ALA E 369 -31.80 36.35 -1.41
N SER E 370 -31.26 35.43 -2.21
CA SER E 370 -30.71 34.17 -1.71
C SER E 370 -29.39 34.41 -0.95
N LEU E 371 -28.59 35.36 -1.45
CA LEU E 371 -27.32 35.76 -0.84
C LEU E 371 -27.53 36.52 0.48
N GLU E 372 -28.54 37.38 0.52
CA GLU E 372 -28.88 38.14 1.73
C GLU E 372 -29.39 37.24 2.85
N LYS E 373 -30.07 36.15 2.47
CA LYS E 373 -30.48 35.10 3.41
C LYS E 373 -29.29 34.34 3.97
N LEU E 374 -28.29 34.10 3.12
CA LEU E 374 -27.04 33.44 3.50
C LEU E 374 -26.23 34.28 4.50
N LYS E 375 -26.18 35.59 4.24
CA LYS E 375 -25.48 36.55 5.10
C LYS E 375 -26.21 36.76 6.43
N ALA E 376 -27.54 36.67 6.41
CA ALA E 376 -28.37 36.75 7.62
C ALA E 376 -28.16 35.53 8.53
N GLU E 377 -28.03 34.35 7.91
CA GLU E 377 -27.83 33.10 8.63
C GLU E 377 -26.37 32.90 9.06
N PHE E 378 -25.44 33.23 8.18
CA PHE E 378 -24.00 33.18 8.49
C PHE E 378 -23.34 34.54 8.25
N PRO E 379 -23.23 35.38 9.32
CA PRO E 379 -22.55 36.69 9.26
C PRO E 379 -21.08 36.61 8.82
N ALA E 380 -20.55 35.39 8.71
CA ALA E 380 -19.23 35.09 8.16
C ALA E 380 -19.09 35.51 6.69
N PHE E 381 -20.19 35.36 5.94
CA PHE E 381 -20.21 35.67 4.51
C PHE E 381 -20.58 37.14 4.20
N LYS E 382 -20.77 37.94 5.24
CA LYS E 382 -21.17 39.35 5.10
C LYS E 382 -20.13 40.19 4.37
N GLU E 383 -18.85 39.89 4.62
CA GLU E 383 -17.72 40.60 4.00
C GLU E 383 -17.26 39.98 2.69
N SER E 384 -17.87 38.85 2.31
CA SER E 384 -17.56 38.14 1.05
C SER E 384 -18.06 38.93 -0.14
N LYS E 385 -17.21 39.03 -1.17
CA LYS E 385 -17.54 39.71 -2.41
C LYS E 385 -17.88 38.75 -3.54
N LEU E 386 -18.65 39.25 -4.51
CA LEU E 386 -19.19 38.47 -5.61
C LEU E 386 -18.15 38.26 -6.71
N ILE E 387 -17.93 37.00 -7.10
CA ILE E 387 -16.99 36.65 -8.18
C ILE E 387 -17.70 36.49 -9.53
N ASP E 388 -18.70 35.60 -9.59
CA ASP E 388 -19.36 35.23 -10.85
C ASP E 388 -20.81 34.78 -10.66
N GLN E 389 -21.68 35.17 -11.60
CA GLN E 389 -23.09 34.80 -11.62
C GLN E 389 -23.48 34.30 -13.01
N TRP E 390 -24.28 33.23 -13.06
CA TRP E 390 -24.73 32.62 -14.33
C TRP E 390 -26.03 31.83 -14.20
N SER E 391 -26.64 31.53 -15.35
CA SER E 391 -27.76 30.60 -15.44
C SER E 391 -27.28 29.23 -15.94
N GLY E 392 -28.05 28.19 -15.62
CA GLY E 392 -27.76 26.83 -16.08
C GLY E 392 -28.98 26.17 -16.68
N ALA E 393 -28.91 25.92 -17.99
CA ALA E 393 -29.96 25.23 -18.73
C ALA E 393 -29.94 23.73 -18.45
N MET E 394 -31.12 23.16 -18.22
CA MET E 394 -31.30 21.72 -18.02
C MET E 394 -32.40 21.21 -18.93
N ALA E 395 -32.47 19.89 -19.09
CA ALA E 395 -33.55 19.23 -19.81
C ALA E 395 -34.00 18.00 -19.03
N ILE E 396 -35.27 17.98 -18.64
CA ILE E 396 -35.80 17.01 -17.70
C ILE E 396 -36.82 16.09 -18.38
N ALA E 397 -36.61 14.78 -18.23
CA ALA E 397 -37.60 13.77 -18.60
C ALA E 397 -38.76 13.81 -17.58
N PRO E 398 -40.00 13.40 -17.98
CA PRO E 398 -41.18 13.46 -17.10
C PRO E 398 -41.00 12.96 -15.67
N ASP E 399 -40.25 11.87 -15.49
CA ASP E 399 -40.01 11.28 -14.17
C ASP E 399 -38.73 11.75 -13.48
N GLU E 400 -38.09 12.78 -14.05
CA GLU E 400 -36.84 13.41 -13.54
C GLU E 400 -35.63 12.44 -13.55
N ASN E 401 -35.80 11.28 -14.17
CA ASN E 401 -34.76 10.26 -14.31
C ASN E 401 -34.03 10.36 -15.66
N PRO E 402 -32.75 9.92 -15.73
CA PRO E 402 -31.96 10.02 -16.97
C PRO E 402 -32.49 9.18 -18.13
N ILE E 403 -32.07 9.54 -19.35
CA ILE E 403 -32.29 8.73 -20.54
C ILE E 403 -30.92 8.18 -21.00
N ILE E 404 -30.64 6.95 -20.56
CA ILE E 404 -29.46 6.19 -20.97
C ILE E 404 -29.99 4.92 -21.63
N SER E 405 -30.06 4.94 -22.95
CA SER E 405 -30.85 3.95 -23.70
C SER E 405 -30.36 3.69 -25.12
N GLU E 406 -30.73 2.51 -25.64
CA GLU E 406 -30.64 2.18 -27.05
C GLU E 406 -31.76 2.89 -27.81
N VAL E 407 -31.55 3.08 -29.11
CA VAL E 407 -32.59 3.62 -29.99
C VAL E 407 -32.98 2.53 -31.00
N LYS E 408 -34.14 1.91 -30.76
CA LYS E 408 -34.66 0.79 -31.57
C LYS E 408 -34.75 1.05 -33.08
N GLU E 409 -35.02 2.30 -33.44
CA GLU E 409 -35.14 2.73 -34.84
C GLU E 409 -33.82 2.77 -35.59
N TYR E 410 -32.72 2.96 -34.84
CA TYR E 410 -31.38 3.04 -35.42
C TYR E 410 -30.38 2.17 -34.64
N PRO E 411 -30.15 0.91 -35.09
CA PRO E 411 -29.11 0.06 -34.48
C PRO E 411 -27.71 0.66 -34.66
N GLY E 412 -26.97 0.74 -33.55
CA GLY E 412 -25.69 1.43 -33.53
C GLY E 412 -25.76 2.83 -32.95
N LEU E 413 -26.98 3.30 -32.68
CA LEU E 413 -27.20 4.59 -32.02
C LEU E 413 -27.61 4.37 -30.57
N VAL E 414 -26.91 5.04 -29.68
CA VAL E 414 -27.26 5.10 -28.26
C VAL E 414 -27.38 6.54 -27.77
N ILE E 415 -28.26 6.75 -26.79
CA ILE E 415 -28.49 8.07 -26.22
C ILE E 415 -28.12 8.09 -24.73
N ASN E 416 -27.37 9.13 -24.34
CA ASN E 416 -27.01 9.37 -22.95
C ASN E 416 -27.19 10.85 -22.65
N THR E 417 -28.32 11.18 -22.02
CA THR E 417 -28.78 12.57 -21.87
C THR E 417 -29.84 12.73 -20.77
N ALA E 418 -30.25 13.98 -20.55
CA ALA E 418 -31.43 14.36 -19.74
C ALA E 418 -31.31 13.99 -18.27
N THR E 419 -30.31 14.57 -17.61
CA THR E 419 -30.02 14.32 -16.20
C THR E 419 -29.64 15.60 -15.48
N GLY E 420 -30.15 15.76 -14.25
CA GLY E 420 -29.81 16.89 -13.40
C GLY E 420 -28.66 16.57 -12.45
N TRP E 421 -28.06 15.39 -12.63
CA TRP E 421 -26.97 14.91 -11.77
C TRP E 421 -25.81 14.30 -12.57
N GLY E 422 -25.74 14.65 -13.85
CA GLY E 422 -24.80 14.07 -14.82
C GLY E 422 -23.31 14.14 -14.52
N MET E 423 -22.92 15.09 -13.68
CA MET E 423 -21.55 15.18 -13.17
C MET E 423 -21.24 14.00 -12.24
N THR E 424 -22.14 13.74 -11.30
CA THR E 424 -22.02 12.64 -10.32
C THR E 424 -22.02 11.26 -11.01
N GLU E 425 -22.96 11.08 -11.94
CA GLU E 425 -23.24 9.76 -12.52
C GLU E 425 -22.50 9.45 -13.82
N SER E 426 -21.70 10.40 -14.31
CA SER E 426 -20.94 10.26 -15.56
C SER E 426 -20.01 9.03 -15.69
N PRO E 427 -19.27 8.65 -14.62
CA PRO E 427 -18.42 7.45 -14.80
C PRO E 427 -19.20 6.15 -14.96
N VAL E 428 -20.42 6.09 -14.41
CA VAL E 428 -21.28 4.91 -14.51
C VAL E 428 -22.18 4.95 -15.76
N SER E 429 -22.64 6.15 -16.13
CA SER E 429 -23.39 6.38 -17.37
C SER E 429 -22.58 6.01 -18.59
N ALA E 430 -21.30 6.40 -18.57
CA ALA E 430 -20.33 6.11 -19.65
C ALA E 430 -20.26 4.63 -19.98
N GLU E 431 -20.05 3.80 -18.95
CA GLU E 431 -19.98 2.35 -19.10
C GLU E 431 -21.31 1.78 -19.59
N LEU E 432 -22.41 2.20 -18.95
CA LEU E 432 -23.77 1.77 -19.31
C LEU E 432 -24.12 2.06 -20.77
N THR E 433 -23.75 3.25 -21.25
CA THR E 433 -23.94 3.68 -22.64
C THR E 433 -23.11 2.81 -23.61
N ALA E 434 -21.85 2.56 -23.24
CA ALA E 434 -20.95 1.73 -24.03
C ALA E 434 -21.40 0.26 -24.06
N ASP E 435 -21.95 -0.23 -22.95
CA ASP E 435 -22.48 -1.59 -22.85
C ASP E 435 -23.67 -1.82 -23.78
N LEU E 436 -24.60 -0.87 -23.79
CA LEU E 436 -25.78 -0.92 -24.64
C LEU E 436 -25.43 -0.81 -26.13
N LEU E 437 -24.44 0.04 -26.42
CA LEU E 437 -23.92 0.22 -27.79
C LEU E 437 -23.33 -1.07 -28.38
N LEU E 438 -22.53 -1.76 -27.57
CA LEU E 438 -21.73 -2.90 -28.03
C LEU E 438 -22.36 -4.27 -27.73
N GLY E 439 -23.58 -4.27 -27.20
CA GLY E 439 -24.35 -5.48 -26.89
C GLY E 439 -23.81 -6.30 -25.72
N LYS E 440 -23.18 -5.61 -24.77
CA LYS E 440 -22.66 -6.23 -23.55
C LYS E 440 -23.70 -6.15 -22.44
N LYS E 441 -23.64 -7.10 -21.50
CA LYS E 441 -24.46 -7.08 -20.29
C LYS E 441 -24.14 -5.82 -19.47
N PRO E 442 -25.15 -4.95 -19.27
CA PRO E 442 -24.98 -3.64 -18.62
C PRO E 442 -24.63 -3.76 -17.14
N VAL E 443 -23.95 -2.73 -16.61
CA VAL E 443 -23.52 -2.67 -15.21
C VAL E 443 -24.73 -2.64 -14.29
N LEU E 444 -25.70 -1.79 -14.63
CA LEU E 444 -26.91 -1.58 -13.87
C LEU E 444 -28.12 -1.88 -14.73
N ASP E 445 -29.30 -1.98 -14.09
CA ASP E 445 -30.58 -2.19 -14.77
C ASP E 445 -30.85 -1.07 -15.79
N PRO E 446 -30.99 -1.41 -17.09
CA PRO E 446 -31.18 -0.38 -18.12
C PRO E 446 -32.62 0.16 -18.24
N LYS E 447 -33.60 -0.64 -17.81
CA LYS E 447 -35.04 -0.29 -17.91
C LYS E 447 -35.49 1.04 -17.26
N PRO E 448 -34.95 1.41 -16.06
CA PRO E 448 -35.30 2.74 -15.52
C PRO E 448 -34.74 3.92 -16.33
N PHE E 449 -33.73 3.65 -17.17
CA PHE E 449 -33.09 4.68 -17.99
C PHE E 449 -33.52 4.59 -19.47
N SER E 450 -34.47 3.71 -19.76
CA SER E 450 -34.96 3.48 -21.12
C SER E 450 -35.73 4.67 -21.68
N LEU E 451 -35.57 4.89 -22.98
CA LEU E 451 -36.27 5.93 -23.72
C LEU E 451 -37.76 5.61 -23.90
N TYR E 452 -38.08 4.32 -23.85
CA TYR E 452 -39.43 3.81 -24.16
C TYR E 452 -40.30 3.55 -22.92
N ARG E 453 -39.88 4.11 -21.79
CA ARG E 453 -40.60 3.98 -20.51
C ARG E 453 -41.79 4.94 -20.37
N PHE E 454 -41.93 5.86 -21.32
CA PHE E 454 -42.95 6.92 -21.27
C PHE E 454 -44.18 6.59 -22.11
N GLY F 25 8.21 -2.34 20.60
CA GLY F 25 6.78 -2.13 20.96
C GLY F 25 6.26 -0.78 20.47
N PHE F 26 5.23 -0.83 19.62
CA PHE F 26 4.61 0.37 19.05
C PHE F 26 3.12 0.15 18.75
N VAL F 27 2.30 1.13 19.12
CA VAL F 27 0.87 1.16 18.81
C VAL F 27 0.54 2.47 18.08
N GLU F 28 -0.10 2.33 16.92
CA GLU F 28 -0.51 3.46 16.09
C GLU F 28 -1.69 4.21 16.70
N GLY F 29 -1.63 5.54 16.62
CA GLY F 29 -2.74 6.41 17.00
C GLY F 29 -3.89 6.34 16.01
N THR F 30 -5.07 6.80 16.45
CA THR F 30 -6.28 6.79 15.64
C THR F 30 -6.16 7.77 14.46
N GLU F 31 -6.38 7.24 13.26
CA GLU F 31 -6.25 8.00 12.01
C GLU F 31 -7.37 9.01 11.80
N GLY F 32 -7.10 10.03 11.00
CA GLY F 32 -8.09 11.03 10.59
C GLY F 32 -7.94 12.38 11.28
N ALA F 33 -9.07 13.06 11.46
CA ALA F 33 -9.12 14.38 12.10
C ALA F 33 -9.59 14.26 13.56
N LEU F 34 -9.29 15.30 14.34
CA LEU F 34 -9.64 15.35 15.77
C LEU F 34 -11.15 15.51 15.99
N PRO F 35 -11.74 14.70 16.90
CA PRO F 35 -13.17 14.77 17.20
C PRO F 35 -13.55 16.07 17.89
N LYS F 36 -14.77 16.53 17.66
CA LYS F 36 -15.22 17.84 18.12
C LYS F 36 -15.70 17.82 19.58
N GLN F 37 -16.22 16.67 20.02
CA GLN F 37 -16.65 16.49 21.41
C GLN F 37 -16.35 15.10 21.97
N ALA F 38 -16.31 15.04 23.30
CA ALA F 38 -16.24 13.79 24.07
C ALA F 38 -16.89 14.01 25.44
N ASP F 39 -17.47 12.95 26.01
CA ASP F 39 -18.05 13.01 27.35
C ASP F 39 -16.99 13.20 28.43
N VAL F 40 -15.83 12.59 28.23
CA VAL F 40 -14.67 12.74 29.10
C VAL F 40 -13.38 12.68 28.28
N VAL F 41 -12.52 13.68 28.46
CA VAL F 41 -11.23 13.76 27.75
C VAL F 41 -10.07 13.45 28.70
N VAL F 42 -9.27 12.45 28.32
CA VAL F 42 -8.11 12.03 29.12
C VAL F 42 -6.81 12.57 28.51
N VAL F 43 -6.12 13.41 29.27
CA VAL F 43 -4.83 13.99 28.86
C VAL F 43 -3.71 13.01 29.24
N GLY F 44 -3.09 12.41 28.23
CA GLY F 44 -1.98 11.47 28.43
C GLY F 44 -2.33 10.03 28.12
N ALA F 45 -1.45 9.37 27.37
CA ALA F 45 -1.66 7.98 26.93
C ALA F 45 -0.65 6.99 27.53
N GLY F 46 -0.41 7.11 28.84
CA GLY F 46 0.33 6.11 29.60
C GLY F 46 -0.60 5.01 30.07
N ILE F 47 -0.18 4.27 31.09
CA ILE F 47 -1.00 3.19 31.65
C ILE F 47 -2.22 3.73 32.39
N LEU F 48 -2.04 4.79 33.18
CA LEU F 48 -3.12 5.42 33.93
C LEU F 48 -4.12 6.11 33.00
N GLY F 49 -3.62 6.69 31.91
CA GLY F 49 -4.46 7.30 30.88
C GLY F 49 -5.29 6.30 30.10
N ILE F 50 -4.66 5.19 29.72
CA ILE F 50 -5.32 4.13 28.96
C ILE F 50 -6.34 3.33 29.77
N MET F 51 -5.98 2.98 31.01
CA MET F 51 -6.84 2.16 31.88
C MET F 51 -8.11 2.87 32.36
N THR F 52 -7.98 4.17 32.66
CA THR F 52 -9.14 5.01 33.05
C THR F 52 -10.13 5.15 31.90
N ALA F 53 -9.60 5.28 30.67
CA ALA F 53 -10.40 5.33 29.45
C ALA F 53 -11.14 4.01 29.16
N ILE F 54 -10.54 2.89 29.58
CA ILE F 54 -11.18 1.56 29.52
C ILE F 54 -12.37 1.51 30.50
N ASN F 55 -12.14 2.00 31.72
CA ASN F 55 -13.14 2.02 32.80
C ASN F 55 -14.35 2.89 32.49
N LEU F 56 -14.12 4.00 31.80
CA LEU F 56 -15.19 4.96 31.44
C LEU F 56 -16.08 4.47 30.29
N VAL F 57 -15.49 3.75 29.33
CA VAL F 57 -16.23 3.11 28.22
C VAL F 57 -17.15 2.01 28.77
N GLU F 58 -16.64 1.24 29.73
CA GLU F 58 -17.40 0.20 30.44
C GLU F 58 -18.65 0.73 31.14
N ARG F 59 -18.60 1.99 31.57
CA ARG F 59 -19.72 2.70 32.18
C ARG F 59 -20.72 3.25 31.16
N GLY F 60 -20.22 3.53 29.95
CA GLY F 60 -21.06 3.95 28.83
C GLY F 60 -20.73 5.31 28.22
N LEU F 61 -19.57 5.86 28.57
CA LEU F 61 -19.13 7.17 28.10
C LEU F 61 -18.10 7.05 26.97
N SER F 62 -18.20 7.96 26.01
CA SER F 62 -17.23 8.06 24.91
C SER F 62 -16.03 8.88 25.36
N VAL F 63 -14.84 8.33 25.16
CA VAL F 63 -13.58 8.98 25.58
C VAL F 63 -12.58 9.19 24.44
N VAL F 64 -11.91 10.34 24.47
CA VAL F 64 -10.83 10.66 23.53
C VAL F 64 -9.55 10.96 24.33
N ILE F 65 -8.50 10.21 24.05
CA ILE F 65 -7.20 10.44 24.66
C ILE F 65 -6.33 11.32 23.76
N VAL F 66 -5.78 12.39 24.34
CA VAL F 66 -4.76 13.22 23.69
C VAL F 66 -3.37 12.87 24.22
N GLU F 67 -2.43 12.70 23.29
CA GLU F 67 -1.05 12.32 23.61
C GLU F 67 -0.08 13.17 22.79
N LYS F 68 0.81 13.88 23.49
CA LYS F 68 1.79 14.79 22.86
C LYS F 68 2.80 14.08 21.95
N GLY F 69 3.23 12.89 22.37
CA GLY F 69 4.16 12.07 21.60
C GLY F 69 3.48 10.80 21.13
N ASN F 70 4.06 9.66 21.47
CA ASN F 70 3.52 8.35 21.10
C ASN F 70 2.89 7.65 22.29
N ILE F 71 2.02 6.67 22.00
CA ILE F 71 1.34 5.86 23.02
C ILE F 71 2.36 5.11 23.88
N ALA F 72 2.26 5.31 25.19
CA ALA F 72 3.15 4.74 26.22
C ALA F 72 4.64 5.06 25.99
N GLY F 73 4.90 6.27 25.51
CA GLY F 73 6.26 6.71 25.15
C GLY F 73 7.20 6.94 26.31
N GLU F 74 6.63 7.24 27.49
CA GLU F 74 7.43 7.64 28.66
C GLU F 74 7.50 6.55 29.73
N GLN F 75 6.91 6.79 30.91
CA GLN F 75 6.98 5.90 32.07
C GLN F 75 6.43 4.49 31.85
N SER F 76 5.42 4.37 30.99
CA SER F 76 4.67 3.13 30.79
C SER F 76 5.34 2.10 29.86
N SER F 77 6.53 2.41 29.37
CA SER F 77 7.37 1.44 28.65
C SER F 77 8.82 1.48 29.15
N ARG F 78 9.01 2.11 30.30
CA ARG F 78 10.34 2.30 30.89
C ARG F 78 10.45 1.77 32.33
N PHE F 79 9.47 0.98 32.73
CA PHE F 79 9.37 0.45 34.11
C PHE F 79 10.18 -0.83 34.35
N TYR F 80 10.40 -1.15 35.63
CA TYR F 80 11.14 -2.34 36.04
C TYR F 80 10.35 -3.63 35.78
N GLY F 81 9.10 -3.68 36.24
CA GLY F 81 8.17 -4.74 35.85
C GLY F 81 7.60 -5.68 36.91
N GLN F 82 7.58 -5.24 38.17
CA GLN F 82 7.05 -6.05 39.26
C GLN F 82 5.73 -5.52 39.84
N ALA F 83 4.77 -6.43 40.03
CA ALA F 83 3.51 -6.14 40.68
C ALA F 83 3.52 -6.70 42.10
N ILE F 84 3.89 -5.86 43.06
CA ILE F 84 4.08 -6.30 44.45
C ILE F 84 3.25 -5.52 45.48
N SER F 85 2.97 -6.18 46.59
CA SER F 85 2.32 -5.56 47.75
C SER F 85 3.25 -5.51 48.97
N TYR F 86 4.45 -6.08 48.81
CA TYR F 86 5.45 -6.21 49.88
C TYR F 86 5.88 -4.87 50.48
N LYS F 87 5.97 -4.84 51.81
CA LYS F 87 6.36 -3.64 52.60
C LYS F 87 5.43 -2.42 52.49
N MET F 88 4.43 -2.49 51.60
CA MET F 88 3.55 -1.35 51.28
C MET F 88 2.73 -0.88 52.50
N PRO F 89 2.66 0.45 52.73
CA PRO F 89 1.91 1.02 53.85
C PRO F 89 0.40 0.81 53.71
N ASP F 90 -0.32 0.93 54.82
CA ASP F 90 -1.79 0.76 54.86
C ASP F 90 -2.53 1.64 53.84
N GLU F 91 -2.02 2.86 53.64
CA GLU F 91 -2.55 3.82 52.68
C GLU F 91 -2.71 3.25 51.27
N THR F 92 -1.73 2.45 50.83
CA THR F 92 -1.65 1.95 49.45
C THR F 92 -1.79 0.43 49.29
N PHE F 93 -1.72 -0.32 50.40
CA PHE F 93 -1.73 -1.80 50.40
C PHE F 93 -2.90 -2.41 49.62
N LEU F 94 -4.10 -1.86 49.83
CA LEU F 94 -5.31 -2.34 49.17
C LEU F 94 -5.36 -2.01 47.67
N LEU F 95 -4.67 -0.96 47.26
CA LEU F 95 -4.55 -0.59 45.84
C LEU F 95 -3.69 -1.58 45.06
N HIS F 96 -2.65 -2.09 45.71
CA HIS F 96 -1.73 -3.06 45.12
C HIS F 96 -2.29 -4.48 45.07
N HIS F 97 -2.94 -4.90 46.15
CA HIS F 97 -3.50 -6.26 46.29
C HIS F 97 -4.67 -6.51 45.33
N LEU F 98 -5.55 -5.51 45.21
CA LEU F 98 -6.66 -5.53 44.26
C LEU F 98 -6.18 -5.36 42.81
N GLY F 99 -5.05 -4.67 42.65
CA GLY F 99 -4.38 -4.50 41.35
C GLY F 99 -3.85 -5.82 40.82
N LYS F 100 -3.22 -6.59 41.70
CA LYS F 100 -2.69 -7.93 41.40
C LYS F 100 -3.76 -8.92 40.96
N HIS F 101 -4.95 -8.83 41.57
CA HIS F 101 -6.09 -9.70 41.25
C HIS F 101 -6.69 -9.40 39.87
N ARG F 102 -6.77 -8.12 39.52
CA ARG F 102 -7.30 -7.68 38.22
C ARG F 102 -6.31 -7.93 37.08
N TRP F 103 -5.02 -7.88 37.39
CA TRP F 103 -3.94 -8.16 36.43
C TRP F 103 -3.85 -9.64 36.05
N ARG F 104 -4.18 -10.53 37.00
CA ARG F 104 -4.22 -11.98 36.76
C ARG F 104 -5.33 -12.38 35.80
N GLU F 105 -6.39 -11.59 35.78
CA GLU F 105 -7.57 -11.84 34.97
C GLU F 105 -7.55 -11.00 33.67
N MET F 106 -6.50 -10.20 33.51
CA MET F 106 -6.32 -9.30 32.36
C MET F 106 -6.05 -10.06 31.05
N ASN F 107 -5.31 -11.16 31.16
CA ASN F 107 -5.07 -12.06 30.03
C ASN F 107 -6.36 -12.72 29.55
N ALA F 108 -7.22 -13.09 30.50
CA ALA F 108 -8.54 -13.66 30.21
C ALA F 108 -9.53 -12.60 29.68
N LYS F 109 -9.34 -11.35 30.11
CA LYS F 109 -10.20 -10.24 29.70
C LYS F 109 -9.91 -9.73 28.29
N VAL F 110 -8.62 -9.59 27.97
CA VAL F 110 -8.17 -9.05 26.68
C VAL F 110 -8.25 -10.12 25.57
N GLY F 111 -7.62 -11.28 25.82
CA GLY F 111 -7.49 -12.33 24.82
C GLY F 111 -6.06 -12.41 24.29
N ILE F 112 -5.41 -11.26 24.18
CA ILE F 112 -4.01 -11.13 23.82
C ILE F 112 -3.17 -11.14 25.10
N ASP F 113 -2.03 -11.83 25.06
CA ASP F 113 -1.10 -11.92 26.18
C ASP F 113 -0.49 -10.56 26.53
N THR F 114 -0.71 -10.14 27.79
CA THR F 114 -0.18 -8.88 28.31
C THR F 114 1.17 -9.09 29.02
N THR F 115 1.80 -10.23 28.75
CA THR F 115 3.05 -10.72 29.39
C THR F 115 3.01 -10.85 30.92
N TYR F 116 1.81 -10.77 31.51
CA TYR F 116 1.64 -10.89 32.96
C TYR F 116 1.75 -12.35 33.43
N ARG F 117 2.69 -12.58 34.33
CA ARG F 117 2.90 -13.90 34.94
C ARG F 117 2.91 -13.77 36.45
N THR F 118 2.20 -14.67 37.13
CA THR F 118 2.27 -14.80 38.58
C THR F 118 3.62 -15.49 38.88
N GLN F 119 4.57 -14.69 39.35
CA GLN F 119 5.98 -15.07 39.38
C GLN F 119 6.51 -15.57 40.73
N GLY F 120 6.32 -14.78 41.78
CA GLY F 120 6.89 -15.06 43.09
C GLY F 120 8.13 -14.21 43.34
N ARG F 121 8.20 -13.61 44.52
CA ARG F 121 9.30 -12.71 44.89
C ARG F 121 9.91 -13.08 46.24
N VAL F 122 11.24 -13.17 46.26
CA VAL F 122 12.00 -13.36 47.49
C VAL F 122 12.80 -12.11 47.82
N GLU F 123 12.70 -11.66 49.08
CA GLU F 123 13.44 -10.50 49.57
C GLU F 123 14.18 -10.85 50.86
N VAL F 124 15.50 -10.98 50.74
CA VAL F 124 16.38 -11.25 51.88
C VAL F 124 16.58 -9.93 52.64
N PRO F 125 16.12 -9.86 53.91
CA PRO F 125 16.30 -8.64 54.72
C PRO F 125 17.77 -8.35 55.04
N LEU F 126 18.13 -7.07 55.05
CA LEU F 126 19.53 -6.63 55.11
C LEU F 126 20.23 -6.88 56.46
N ASP F 127 19.50 -6.79 57.56
CA ASP F 127 20.01 -7.10 58.91
C ASP F 127 18.93 -7.71 59.81
N GLU F 128 19.33 -8.08 61.04
CA GLU F 128 18.44 -8.68 62.03
C GLU F 128 17.29 -7.76 62.46
N GLU F 129 17.56 -6.46 62.48
CA GLU F 129 16.55 -5.42 62.79
C GLU F 129 15.45 -5.37 61.73
N ASP F 130 15.83 -5.50 60.45
CA ASP F 130 14.90 -5.51 59.32
C ASP F 130 13.99 -6.73 59.33
N LEU F 131 14.56 -7.88 59.71
CA LEU F 131 13.85 -9.16 59.81
C LEU F 131 12.71 -9.13 60.82
N VAL F 132 12.89 -8.39 61.91
CA VAL F 132 11.86 -8.14 62.91
C VAL F 132 10.70 -7.36 62.28
N ASN F 133 11.03 -6.25 61.62
CA ASN F 133 10.06 -5.39 60.95
C ASN F 133 9.32 -6.08 59.79
N VAL F 134 10.02 -6.97 59.10
CA VAL F 134 9.45 -7.83 58.06
C VAL F 134 8.40 -8.78 58.64
N ARG F 135 8.74 -9.45 59.75
CA ARG F 135 7.84 -10.37 60.45
C ARG F 135 6.65 -9.66 61.09
N LYS F 136 6.87 -8.46 61.59
CA LYS F 136 5.82 -7.62 62.18
C LYS F 136 4.82 -7.14 61.11
N TRP F 137 5.34 -6.77 59.94
CA TRP F 137 4.52 -6.30 58.81
C TRP F 137 3.61 -7.41 58.26
N ILE F 138 4.14 -8.62 58.16
CA ILE F 138 3.42 -9.78 57.62
C ILE F 138 2.35 -10.32 58.57
N ASP F 139 2.69 -10.41 59.86
CA ASP F 139 1.78 -10.90 60.91
C ASP F 139 0.59 -9.96 61.17
N GLU F 140 0.84 -8.66 61.10
CA GLU F 140 -0.20 -7.64 61.28
C GLU F 140 -1.10 -7.51 60.04
N ARG F 141 -0.58 -7.86 58.88
CA ARG F 141 -1.35 -7.86 57.62
C ARG F 141 -2.16 -9.15 57.42
N SER F 142 -1.72 -10.24 58.05
CA SER F 142 -2.40 -11.54 57.98
C SER F 142 -3.74 -11.58 58.71
N LYS F 143 -3.76 -10.99 59.91
CA LYS F 143 -4.95 -10.97 60.77
C LYS F 143 -6.05 -10.05 60.26
N ASN F 144 -5.68 -8.82 59.90
CA ASN F 144 -6.60 -7.85 59.30
C ASN F 144 -6.14 -7.44 57.90
N VAL F 145 -6.67 -8.14 56.89
CA VAL F 145 -6.28 -7.93 55.49
C VAL F 145 -6.96 -6.69 54.90
N GLY F 146 -8.28 -6.61 55.06
CA GLY F 146 -9.09 -5.54 54.46
C GLY F 146 -9.72 -5.93 53.14
N SER F 147 -9.60 -7.22 52.80
CA SER F 147 -10.14 -7.80 51.57
C SER F 147 -10.34 -9.31 51.75
N ASP F 148 -11.29 -9.87 51.00
N ASP F 148 -11.30 -9.87 51.00
CA ASP F 148 -11.57 -11.31 51.03
CA ASP F 148 -11.56 -11.32 51.01
C ASP F 148 -10.70 -12.11 50.03
C ASP F 148 -10.69 -12.11 50.04
N ILE F 149 -9.85 -11.42 49.29
CA ILE F 149 -8.89 -12.03 48.36
C ILE F 149 -7.71 -12.57 49.18
N PRO F 150 -7.49 -13.91 49.17
CA PRO F 150 -6.49 -14.55 50.04
C PRO F 150 -5.06 -14.07 49.79
N PHE F 151 -4.46 -13.47 50.82
CA PHE F 151 -3.08 -12.98 50.77
C PHE F 151 -2.09 -14.14 50.88
N LYS F 152 -1.09 -14.13 50.00
CA LYS F 152 -0.11 -15.21 49.93
C LYS F 152 1.33 -14.69 50.12
N THR F 153 1.60 -14.18 51.32
CA THR F 153 2.92 -13.66 51.68
C THR F 153 3.37 -14.25 53.02
N ARG F 154 4.55 -14.88 53.01
CA ARG F 154 5.09 -15.59 54.17
C ARG F 154 6.63 -15.59 54.19
N ILE F 155 7.19 -15.77 55.38
CA ILE F 155 8.64 -15.92 55.57
C ILE F 155 9.01 -17.38 55.29
N ILE F 156 10.04 -17.57 54.45
CA ILE F 156 10.49 -18.91 54.04
C ILE F 156 11.92 -19.26 54.46
N GLU F 157 12.13 -20.54 54.74
CA GLU F 157 13.43 -21.09 55.15
C GLU F 157 13.73 -22.39 54.39
N GLY F 158 14.89 -22.99 54.71
CA GLY F 158 15.25 -24.33 54.24
C GLY F 158 15.51 -24.45 52.74
N ALA F 159 15.10 -25.59 52.18
CA ALA F 159 15.29 -25.90 50.76
C ALA F 159 14.37 -25.10 49.82
N GLU F 160 13.31 -24.51 50.37
CA GLU F 160 12.34 -23.71 49.61
C GLU F 160 12.96 -22.45 48.99
N LEU F 161 13.80 -21.77 49.76
CA LEU F 161 14.53 -20.58 49.30
C LEU F 161 15.69 -20.94 48.37
N ASN F 162 16.28 -22.11 48.60
CA ASN F 162 17.41 -22.63 47.80
C ASN F 162 17.07 -22.90 46.34
N GLN F 163 15.86 -23.40 46.09
CA GLN F 163 15.35 -23.67 44.75
C GLN F 163 15.09 -22.38 43.95
N ARG F 164 14.66 -21.33 44.66
CA ARG F 164 14.38 -20.02 44.06
C ARG F 164 15.65 -19.14 43.93
N LEU F 165 16.73 -19.58 44.57
CA LEU F 165 18.03 -18.91 44.47
C LEU F 165 19.10 -19.90 43.99
N ARG F 166 18.90 -20.41 42.77
CA ARG F 166 19.81 -21.39 42.15
C ARG F 166 21.08 -20.72 41.64
N GLY F 167 22.22 -21.30 42.02
CA GLY F 167 23.54 -20.81 41.59
C GLY F 167 23.98 -19.52 42.25
N ALA F 168 23.56 -19.32 43.50
CA ALA F 168 23.96 -18.14 44.29
C ALA F 168 25.29 -18.37 44.98
N THR F 169 26.13 -17.33 45.00
CA THR F 169 27.47 -17.39 45.59
C THR F 169 27.40 -17.35 47.12
N THR F 170 26.57 -16.46 47.65
CA THR F 170 26.39 -16.30 49.10
C THR F 170 25.31 -17.27 49.61
N ASP F 171 25.56 -17.85 50.77
CA ASP F 171 24.64 -18.77 51.43
C ASP F 171 23.51 -18.00 52.11
N TRP F 172 22.49 -17.63 51.33
CA TRP F 172 21.33 -16.89 51.82
C TRP F 172 20.41 -17.80 52.63
N LYS F 173 20.05 -17.35 53.84
CA LYS F 173 19.32 -18.17 54.80
C LYS F 173 17.80 -17.96 54.77
N ILE F 174 17.35 -16.80 55.24
CA ILE F 174 15.91 -16.51 55.41
C ILE F 174 15.50 -15.32 54.53
N ALA F 175 14.32 -15.43 53.91
CA ALA F 175 13.77 -14.37 53.06
C ALA F 175 12.24 -14.27 53.18
N GLY F 176 11.73 -13.07 52.93
CA GLY F 176 10.28 -12.82 52.83
C GLY F 176 9.80 -13.13 51.43
N PHE F 177 8.82 -14.02 51.33
CA PHE F 177 8.33 -14.54 50.05
C PHE F 177 6.89 -14.14 49.77
N GLU F 178 6.70 -13.36 48.71
CA GLU F 178 5.37 -13.02 48.18
C GLU F 178 5.06 -13.93 47.00
N GLU F 179 4.15 -14.88 47.22
CA GLU F 179 3.82 -15.94 46.26
C GLU F 179 3.07 -15.44 45.03
N ASP F 180 2.09 -14.56 45.26
CA ASP F 180 1.19 -14.09 44.20
C ASP F 180 1.68 -12.85 43.45
N SER F 181 2.94 -12.45 43.67
CA SER F 181 3.54 -11.28 43.04
C SER F 181 3.67 -11.44 41.53
N GLY F 182 3.32 -10.37 40.80
CA GLY F 182 3.26 -10.39 39.34
C GLY F 182 4.50 -9.91 38.62
N SER F 183 4.45 -9.99 37.29
CA SER F 183 5.56 -9.66 36.41
C SER F 183 5.06 -9.30 35.00
N PHE F 184 5.16 -8.02 34.65
CA PHE F 184 4.81 -7.51 33.31
C PHE F 184 5.99 -6.90 32.56
N ASP F 185 6.04 -7.12 31.24
CA ASP F 185 7.17 -6.70 30.40
C ASP F 185 6.96 -5.30 29.77
N PRO F 186 7.91 -4.36 29.98
CA PRO F 186 7.80 -2.95 29.54
C PRO F 186 7.49 -2.70 28.05
N GLU F 187 8.10 -3.49 27.17
CA GLU F 187 7.95 -3.30 25.72
C GLU F 187 6.68 -3.96 25.15
N VAL F 188 5.90 -4.62 26.01
CA VAL F 188 4.67 -5.32 25.60
C VAL F 188 3.43 -4.82 26.37
N ALA F 189 3.51 -4.85 27.71
CA ALA F 189 2.36 -4.75 28.62
C ALA F 189 1.35 -3.61 28.40
N THR F 190 1.83 -2.36 28.37
CA THR F 190 0.97 -1.18 28.19
C THR F 190 0.43 -1.09 26.76
N PHE F 191 1.25 -1.52 25.80
CA PHE F 191 0.91 -1.50 24.38
C PHE F 191 -0.29 -2.40 24.04
N VAL F 192 -0.40 -3.54 24.72
CA VAL F 192 -1.53 -4.47 24.56
C VAL F 192 -2.83 -3.83 25.05
N MET F 193 -2.75 -3.12 26.18
CA MET F 193 -3.90 -2.44 26.79
C MET F 193 -4.43 -1.26 25.94
N ALA F 194 -3.53 -0.64 25.17
CA ALA F 194 -3.90 0.41 24.22
C ALA F 194 -4.70 -0.14 23.03
N GLU F 195 -4.29 -1.32 22.55
CA GLU F 195 -4.97 -2.03 21.45
C GLU F 195 -6.36 -2.53 21.89
N TYR F 196 -6.45 -2.97 23.15
CA TYR F 196 -7.71 -3.38 23.77
C TYR F 196 -8.66 -2.21 23.97
N ALA F 197 -8.09 -1.04 24.29
CA ALA F 197 -8.84 0.21 24.42
C ALA F 197 -9.41 0.68 23.09
N LYS F 198 -8.56 0.62 22.04
CA LYS F 198 -8.95 0.97 20.67
C LYS F 198 -10.08 0.08 20.13
N LYS F 199 -10.04 -1.21 20.48
CA LYS F 199 -11.07 -2.18 20.09
C LYS F 199 -12.39 -1.96 20.82
N MET F 200 -12.32 -1.45 22.05
CA MET F 200 -13.50 -1.17 22.88
C MET F 200 -14.15 0.19 22.61
N GLY F 201 -13.44 1.05 21.88
CA GLY F 201 -13.98 2.36 21.46
C GLY F 201 -13.30 3.57 22.04
N VAL F 202 -12.02 3.43 22.42
CA VAL F 202 -11.20 4.55 22.88
C VAL F 202 -10.36 5.05 21.71
N ARG F 203 -10.48 6.34 21.40
CA ARG F 203 -9.71 6.98 20.34
C ARG F 203 -8.54 7.75 20.94
N ILE F 204 -7.33 7.29 20.59
CA ILE F 204 -6.09 7.89 21.09
C ILE F 204 -5.38 8.59 19.92
N TYR F 205 -5.08 9.87 20.11
CA TYR F 205 -4.45 10.68 19.06
C TYR F 205 -3.00 11.05 19.39
N THR F 206 -2.08 10.38 18.71
CA THR F 206 -0.63 10.63 18.85
C THR F 206 -0.23 11.96 18.21
N GLN F 207 0.88 12.51 18.70
CA GLN F 207 1.46 13.80 18.25
C GLN F 207 0.53 15.01 18.43
N CYS F 208 -0.35 14.93 19.44
CA CYS F 208 -1.36 15.95 19.72
C CYS F 208 -1.37 16.34 21.20
N ALA F 209 -0.69 17.45 21.52
CA ALA F 209 -0.51 17.92 22.89
C ALA F 209 -1.68 18.76 23.39
N ALA F 210 -2.11 18.49 24.63
CA ALA F 210 -3.11 19.31 25.31
C ALA F 210 -2.43 20.44 26.08
N ARG F 211 -2.76 21.67 25.70
CA ARG F 211 -2.12 22.87 26.24
C ARG F 211 -2.75 23.30 27.56
N GLY F 212 -4.07 23.51 27.53
CA GLY F 212 -4.86 23.87 28.70
C GLY F 212 -6.33 23.66 28.43
N LEU F 213 -7.17 24.07 29.39
CA LEU F 213 -8.61 23.94 29.24
C LEU F 213 -9.39 25.22 29.52
N GLU F 214 -10.54 25.34 28.89
CA GLU F 214 -11.36 26.54 28.96
C GLU F 214 -12.40 26.44 30.07
N THR F 215 -12.35 27.41 30.98
CA THR F 215 -13.41 27.64 31.96
C THR F 215 -14.47 28.54 31.33
N GLN F 216 -15.67 28.57 31.93
CA GLN F 216 -16.74 29.48 31.50
C GLN F 216 -17.56 29.97 32.68
N ALA F 217 -18.62 29.23 32.99
CA ALA F 217 -19.48 29.50 34.14
C ALA F 217 -19.09 28.55 35.28
N GLY F 218 -17.79 28.54 35.60
CA GLY F 218 -17.21 27.58 36.55
C GLY F 218 -17.49 26.15 36.12
N VAL F 219 -17.25 25.88 34.82
CA VAL F 219 -17.53 24.58 34.22
C VAL F 219 -16.66 24.42 32.99
N ILE F 220 -16.01 23.26 32.88
CA ILE F 220 -15.17 22.94 31.73
C ILE F 220 -16.02 22.97 30.46
N SER F 221 -15.56 23.72 29.47
CA SER F 221 -16.23 23.83 28.18
C SER F 221 -15.41 23.20 27.07
N ASP F 222 -14.14 23.58 26.99
CA ASP F 222 -13.23 23.10 25.95
C ASP F 222 -11.87 22.65 26.50
N VAL F 223 -11.22 21.75 25.75
CA VAL F 223 -9.81 21.41 25.97
C VAL F 223 -9.06 21.80 24.68
N VAL F 224 -8.24 22.83 24.79
CA VAL F 224 -7.50 23.37 23.64
C VAL F 224 -6.24 22.54 23.43
N THR F 225 -6.15 21.93 22.25
CA THR F 225 -4.97 21.14 21.86
C THR F 225 -4.24 21.82 20.69
N GLU F 226 -3.09 21.25 20.30
CA GLU F 226 -2.30 21.77 19.17
C GLU F 226 -2.98 21.58 17.81
N LYS F 227 -3.92 20.63 17.75
CA LYS F 227 -4.68 20.33 16.53
C LYS F 227 -6.09 20.92 16.50
N GLY F 228 -6.71 21.08 17.67
CA GLY F 228 -8.04 21.68 17.79
C GLY F 228 -8.73 21.49 19.13
N ALA F 229 -9.64 22.41 19.44
CA ALA F 229 -10.40 22.38 20.69
C ALA F 229 -11.45 21.26 20.70
N ILE F 230 -11.60 20.62 21.86
CA ILE F 230 -12.58 19.54 22.05
C ILE F 230 -13.57 19.88 23.16
N LYS F 231 -14.87 19.85 22.82
CA LYS F 231 -15.95 20.19 23.74
C LYS F 231 -16.20 19.09 24.77
N THR F 232 -15.97 19.42 26.04
CA THR F 232 -16.19 18.49 27.17
C THR F 232 -16.48 19.24 28.47
N SER F 233 -17.15 18.56 29.40
CA SER F 233 -17.36 19.07 30.76
C SER F 233 -16.47 18.33 31.78
N GLN F 234 -15.96 17.18 31.38
CA GLN F 234 -15.20 16.28 32.26
C GLN F 234 -13.80 15.98 31.70
N VAL F 235 -12.78 16.18 32.55
CA VAL F 235 -11.37 16.04 32.13
C VAL F 235 -10.57 15.20 33.13
N VAL F 236 -9.85 14.20 32.62
CA VAL F 236 -8.90 13.41 33.40
C VAL F 236 -7.48 13.84 33.02
N VAL F 237 -6.70 14.26 34.01
CA VAL F 237 -5.29 14.61 33.81
C VAL F 237 -4.41 13.42 34.23
N ALA F 238 -3.80 12.79 33.23
CA ALA F 238 -2.92 11.64 33.44
C ALA F 238 -1.61 11.81 32.65
N GLY F 239 -1.01 13.00 32.80
CA GLY F 239 0.17 13.39 32.03
C GLY F 239 1.52 12.95 32.58
N GLY F 240 1.50 12.07 33.58
CA GLY F 240 2.71 11.54 34.20
C GLY F 240 3.51 12.61 34.92
N VAL F 241 4.75 12.79 34.49
CA VAL F 241 5.67 13.76 35.10
C VAL F 241 5.30 15.22 34.76
N TRP F 242 4.53 15.38 33.67
CA TRP F 242 4.11 16.68 33.16
C TRP F 242 2.85 17.22 33.84
N SER F 243 2.23 16.38 34.67
CA SER F 243 0.93 16.67 35.33
C SER F 243 0.93 17.96 36.17
N ARG F 244 2.02 18.19 36.92
CA ARG F 244 2.20 19.41 37.70
C ARG F 244 2.14 20.66 36.81
N LEU F 245 2.91 20.64 35.72
CA LEU F 245 3.08 21.78 34.83
C LEU F 245 1.77 22.18 34.16
N PHE F 246 1.02 21.18 33.71
CA PHE F 246 -0.33 21.34 33.15
C PHE F 246 -1.27 22.04 34.13
N MET F 247 -1.21 21.63 35.40
CA MET F 247 -2.06 22.17 36.46
C MET F 247 -1.59 23.52 37.01
N GLN F 248 -0.31 23.82 36.84
CA GLN F 248 0.28 25.08 37.30
C GLN F 248 -0.21 26.27 36.47
N ASN F 249 -0.41 26.04 35.18
CA ASN F 249 -1.02 26.99 34.24
C ASN F 249 -2.48 27.28 34.60
N LEU F 250 -3.13 26.30 35.23
CA LEU F 250 -4.51 26.44 35.73
C LEU F 250 -4.57 26.91 37.20
N ASN F 251 -3.40 27.31 37.73
CA ASN F 251 -3.23 27.83 39.10
C ASN F 251 -3.54 26.82 40.23
N VAL F 252 -3.30 25.55 39.94
CA VAL F 252 -3.45 24.47 40.92
C VAL F 252 -2.06 23.86 41.18
N ASP F 253 -1.67 23.84 42.46
CA ASP F 253 -0.37 23.34 42.90
C ASP F 253 -0.38 21.82 43.15
N VAL F 254 0.30 21.07 42.28
CA VAL F 254 0.45 19.62 42.42
C VAL F 254 1.88 19.32 42.89
N PRO F 255 2.05 18.97 44.19
CA PRO F 255 3.40 18.81 44.74
C PRO F 255 4.08 17.53 44.27
N THR F 256 4.95 17.67 43.26
CA THR F 256 5.78 16.58 42.75
C THR F 256 7.22 17.03 42.58
N LEU F 257 8.15 16.09 42.71
CA LEU F 257 9.55 16.31 42.38
C LEU F 257 10.04 15.23 41.42
N PRO F 258 10.94 15.60 40.46
CA PRO F 258 11.50 14.60 39.55
C PRO F 258 12.42 13.59 40.26
N ALA F 259 12.36 12.34 39.81
CA ALA F 259 13.20 11.25 40.31
C ALA F 259 13.59 10.31 39.17
N TYR F 260 14.86 9.94 39.12
CA TYR F 260 15.40 9.13 38.04
C TYR F 260 15.99 7.81 38.52
N GLN F 261 15.70 6.75 37.77
CA GLN F 261 16.27 5.43 38.03
C GLN F 261 16.66 4.76 36.70
N SER F 262 17.91 4.33 36.62
CA SER F 262 18.44 3.64 35.44
C SER F 262 17.95 2.19 35.36
N GLN F 263 17.69 1.73 34.14
CA GLN F 263 17.22 0.36 33.90
C GLN F 263 17.96 -0.27 32.72
N GLN F 264 18.13 -1.59 32.79
CA GLN F 264 18.75 -2.38 31.71
C GLN F 264 18.11 -3.75 31.56
N LEU F 265 18.26 -4.33 30.36
CA LEU F 265 17.73 -5.66 30.04
C LEU F 265 18.82 -6.58 29.50
N ILE F 266 18.85 -7.81 30.01
CA ILE F 266 19.84 -8.81 29.59
C ILE F 266 19.22 -10.13 29.11
N SER F 267 19.97 -10.86 28.28
CA SER F 267 19.56 -12.17 27.78
C SER F 267 19.62 -13.23 28.88
N GLY F 268 18.71 -14.18 28.83
CA GLY F 268 18.64 -15.26 29.81
C GLY F 268 19.63 -16.37 29.53
N SER F 269 20.09 -17.03 30.60
CA SER F 269 20.89 -18.24 30.50
C SER F 269 20.07 -19.40 31.04
N PRO F 270 20.25 -20.64 30.49
CA PRO F 270 19.49 -21.79 31.02
C PRO F 270 19.59 -22.00 32.53
N THR F 271 20.77 -21.73 33.11
CA THR F 271 20.98 -21.82 34.56
C THR F 271 20.33 -20.64 35.31
N ALA F 272 19.36 -20.00 34.66
CA ALA F 272 18.58 -18.90 35.24
C ALA F 272 17.80 -19.38 36.46
N PRO F 273 17.93 -18.66 37.60
CA PRO F 273 17.22 -19.07 38.82
C PRO F 273 15.71 -18.88 38.72
N GLY F 274 15.28 -17.95 37.87
CA GLY F 274 13.86 -17.66 37.67
C GLY F 274 13.26 -16.85 38.79
N GLY F 275 12.10 -16.26 38.51
CA GLY F 275 11.36 -15.47 39.49
C GLY F 275 11.93 -14.10 39.77
N ASN F 276 11.52 -13.52 40.90
CA ASN F 276 11.94 -12.19 41.31
C ASN F 276 12.80 -12.27 42.56
N VAL F 277 13.98 -11.65 42.50
CA VAL F 277 14.92 -11.66 43.61
C VAL F 277 15.30 -10.24 44.05
N ALA F 278 15.47 -10.08 45.37
CA ALA F 278 15.92 -8.82 45.96
C ALA F 278 16.84 -9.11 47.15
N LEU F 279 18.13 -8.81 46.95
CA LEU F 279 19.17 -9.20 47.90
C LEU F 279 19.99 -8.00 48.43
N PRO F 280 20.60 -8.13 49.63
CA PRO F 280 21.56 -7.13 50.10
C PRO F 280 22.78 -7.05 49.20
N GLY F 281 23.30 -5.83 49.02
CA GLY F 281 24.34 -5.56 48.03
C GLY F 281 23.77 -5.01 46.73
N GLY F 282 22.48 -4.67 46.76
CA GLY F 282 21.76 -4.09 45.61
C GLY F 282 21.50 -5.03 44.44
N ILE F 283 21.28 -6.31 44.74
CA ILE F 283 21.02 -7.34 43.71
C ILE F 283 19.51 -7.42 43.44
N PHE F 284 19.11 -7.01 42.25
CA PHE F 284 17.70 -7.00 41.82
C PHE F 284 17.59 -7.53 40.38
N PHE F 285 16.84 -8.62 40.21
CA PHE F 285 16.52 -9.14 38.87
C PHE F 285 15.16 -9.84 38.79
N ARG F 286 14.61 -9.86 37.58
CA ARG F 286 13.27 -10.40 37.33
C ARG F 286 13.20 -11.02 35.93
N GLU F 287 12.63 -12.22 35.85
CA GLU F 287 12.44 -12.94 34.59
C GLU F 287 11.23 -12.44 33.82
N GLN F 288 11.44 -12.10 32.55
CA GLN F 288 10.37 -11.70 31.63
C GLN F 288 9.68 -12.94 31.05
N ALA F 289 8.57 -12.73 30.33
CA ALA F 289 7.77 -13.80 29.73
C ALA F 289 8.47 -14.55 28.57
N ASP F 290 9.56 -13.97 28.06
CA ASP F 290 10.32 -14.53 26.94
C ASP F 290 11.71 -15.08 27.34
N GLY F 291 11.96 -15.19 28.64
CA GLY F 291 13.22 -15.74 29.16
C GLY F 291 14.29 -14.72 29.52
N THR F 292 14.16 -13.52 28.98
CA THR F 292 15.11 -12.41 29.22
C THR F 292 14.94 -11.82 30.61
N TYR F 293 15.94 -11.06 31.06
CA TYR F 293 15.97 -10.53 32.44
C TYR F 293 16.07 -9.02 32.55
N ALA F 294 15.19 -8.45 33.37
CA ALA F 294 15.23 -7.04 33.73
C ALA F 294 15.96 -6.87 35.07
N THR F 295 16.92 -5.96 35.09
CA THR F 295 17.75 -5.70 36.28
C THR F 295 18.04 -4.21 36.46
N SER F 296 18.03 -3.76 37.71
CA SER F 296 18.24 -2.34 38.04
C SER F 296 19.06 -2.13 39.32
N PRO F 297 19.74 -0.96 39.44
CA PRO F 297 20.28 -0.56 40.74
C PRO F 297 19.19 0.02 41.63
N ARG F 298 19.45 0.06 42.93
CA ARG F 298 18.51 0.64 43.90
C ARG F 298 18.65 2.18 44.06
N VAL F 299 19.54 2.77 43.25
CA VAL F 299 19.85 4.20 43.32
C VAL F 299 18.77 5.04 42.63
N ILE F 300 18.21 5.99 43.37
CA ILE F 300 17.30 7.00 42.84
C ILE F 300 18.04 8.35 42.79
N VAL F 301 18.08 8.95 41.60
CA VAL F 301 18.65 10.29 41.43
C VAL F 301 17.49 11.28 41.44
N ALA F 302 17.58 12.25 42.35
CA ALA F 302 16.61 13.33 42.44
C ALA F 302 17.30 14.67 42.18
N PRO F 303 17.23 15.18 40.92
CA PRO F 303 17.86 16.45 40.55
C PRO F 303 17.26 17.67 41.25
N VAL F 304 18.13 18.61 41.61
CA VAL F 304 17.72 19.87 42.25
C VAL F 304 16.93 20.69 41.23
N VAL F 305 15.70 21.04 41.57
CA VAL F 305 14.86 21.94 40.76
C VAL F 305 14.39 23.12 41.61
N LYS F 306 13.57 24.02 41.05
CA LYS F 306 13.08 25.19 41.81
C LYS F 306 12.13 24.76 42.93
N GLU F 307 11.34 23.72 42.67
CA GLU F 307 10.43 23.12 43.64
C GLU F 307 11.15 22.47 44.83
N SER F 308 12.41 22.08 44.62
CA SER F 308 13.28 21.55 45.69
C SER F 308 13.42 22.57 46.83
N PHE F 309 13.44 23.85 46.47
CA PHE F 309 13.50 24.96 47.42
C PHE F 309 12.11 25.40 47.91
N THR F 310 11.07 25.04 47.16
CA THR F 310 9.71 25.42 47.50
C THR F 310 9.12 24.46 48.55
N TYR F 311 9.01 23.18 48.21
CA TYR F 311 8.39 22.20 49.09
C TYR F 311 9.24 20.93 49.28
N GLY F 312 10.52 21.02 48.94
CA GLY F 312 11.46 19.89 49.07
C GLY F 312 11.66 19.40 50.49
N TYR F 313 11.52 20.31 51.46
CA TYR F 313 11.62 20.00 52.90
C TYR F 313 10.59 18.96 53.37
N LYS F 314 9.45 18.90 52.69
CA LYS F 314 8.39 17.93 52.98
C LYS F 314 8.79 16.49 52.62
N TYR F 315 9.84 16.37 51.81
CA TYR F 315 10.34 15.08 51.33
C TYR F 315 11.41 14.46 52.24
N LEU F 316 11.92 15.25 53.18
CA LEU F 316 13.02 14.85 54.09
C LEU F 316 12.88 13.49 54.83
N PRO F 317 11.64 13.08 55.20
CA PRO F 317 11.48 11.69 55.70
C PRO F 317 11.85 10.58 54.71
N LEU F 318 11.71 10.83 53.41
CA LEU F 318 12.04 9.84 52.36
C LEU F 318 13.55 9.63 52.15
N LEU F 319 14.37 10.36 52.91
CA LEU F 319 15.83 10.22 52.86
C LEU F 319 16.38 9.26 53.91
N ALA F 320 15.55 8.86 54.86
CA ALA F 320 15.93 7.94 55.94
C ALA F 320 15.51 6.48 55.66
N LEU F 321 15.37 6.14 54.37
CA LEU F 321 15.00 4.80 53.93
C LEU F 321 16.24 4.01 53.49
N PRO F 322 16.59 2.93 54.23
CA PRO F 322 17.74 2.08 53.88
C PRO F 322 17.53 1.24 52.61
N ASP F 323 16.27 1.10 52.20
CA ASP F 323 15.87 0.34 51.02
C ASP F 323 16.29 1.03 49.71
N PHE F 324 15.84 2.28 49.52
CA PHE F 324 16.17 3.07 48.33
C PHE F 324 17.03 4.29 48.67
N PRO F 325 18.36 4.21 48.44
CA PRO F 325 19.24 5.37 48.66
C PRO F 325 19.02 6.44 47.60
N VAL F 326 18.88 7.69 48.06
CA VAL F 326 18.57 8.83 47.18
C VAL F 326 19.77 9.76 47.07
N HIS F 327 20.20 10.01 45.83
CA HIS F 327 21.23 11.02 45.55
C HIS F 327 20.57 12.30 45.03
N ILE F 328 20.73 13.38 45.81
CA ILE F 328 20.34 14.72 45.36
C ILE F 328 21.52 15.26 44.57
N SER F 329 21.32 15.49 43.28
CA SER F 329 22.39 15.97 42.41
C SER F 329 22.04 17.26 41.67
N LEU F 330 23.03 18.15 41.62
CA LEU F 330 22.91 19.42 40.93
C LEU F 330 23.45 19.30 39.51
N ASN F 331 22.61 19.66 38.54
CA ASN F 331 22.97 19.66 37.11
C ASN F 331 22.19 20.73 36.33
N GLU F 332 22.03 20.50 35.01
CA GLU F 332 21.32 21.43 34.11
C GLU F 332 19.84 21.59 34.43
N GLN F 333 19.26 20.63 35.14
CA GLN F 333 17.83 20.61 35.46
C GLN F 333 17.38 21.75 36.38
N LEU F 334 18.28 22.24 37.23
CA LEU F 334 17.99 23.45 38.01
C LEU F 334 17.89 24.69 37.12
N ILE F 335 18.79 24.81 36.14
CA ILE F 335 18.80 25.93 35.18
C ILE F 335 17.51 25.95 34.36
N ASN F 336 17.21 24.79 33.74
CA ASN F 336 16.02 24.62 32.90
C ASN F 336 14.73 24.82 33.67
N SER F 337 14.73 24.42 34.94
CA SER F 337 13.61 24.61 35.87
C SER F 337 13.26 26.09 36.06
N PHE F 338 14.28 26.92 36.30
CA PHE F 338 14.10 28.37 36.46
C PHE F 338 13.73 29.10 35.17
N MET F 339 14.19 28.58 34.04
CA MET F 339 13.94 29.17 32.73
C MET F 339 12.58 28.76 32.12
N GLN F 340 11.95 27.75 32.72
CA GLN F 340 10.66 27.25 32.25
C GLN F 340 9.52 28.13 32.72
N SER F 341 8.68 28.56 31.77
CA SER F 341 7.48 29.36 32.07
C SER F 341 6.44 28.53 32.82
N THR F 342 5.77 29.18 33.76
CA THR F 342 4.70 28.57 34.56
C THR F 342 3.34 28.71 33.85
N HIS F 343 3.17 29.80 33.12
CA HIS F 343 1.95 30.11 32.39
C HIS F 343 2.20 30.34 30.91
N TRP F 344 1.21 29.94 30.10
CA TRP F 344 1.25 30.12 28.64
C TRP F 344 -0.17 30.28 28.11
N ASN F 345 -0.32 31.12 27.09
CA ASN F 345 -1.60 31.29 26.39
C ASN F 345 -1.98 30.03 25.60
N LEU F 346 -3.27 29.76 25.54
CA LEU F 346 -3.79 28.51 24.96
C LEU F 346 -3.75 28.47 23.42
N ASP F 347 -3.58 29.64 22.80
CA ASP F 347 -3.47 29.76 21.35
C ASP F 347 -2.03 29.64 20.82
N GLU F 348 -1.06 29.88 21.70
CA GLU F 348 0.37 29.77 21.35
C GLU F 348 0.98 28.41 21.76
N VAL F 349 2.19 28.15 21.28
CA VAL F 349 2.90 26.88 21.48
C VAL F 349 3.28 26.65 22.95
N SER F 350 2.81 25.54 23.50
CA SER F 350 3.03 25.16 24.90
C SER F 350 4.40 24.47 25.12
N PRO F 351 4.83 24.31 26.40
CA PRO F 351 6.05 23.54 26.69
C PRO F 351 5.95 22.06 26.31
N PHE F 352 4.73 21.54 26.21
CA PHE F 352 4.47 20.15 25.84
C PHE F 352 4.76 19.85 24.36
N GLU F 353 4.74 20.89 23.53
CA GLU F 353 5.11 20.78 22.11
C GLU F 353 6.59 21.13 21.92
N GLN F 354 7.06 22.14 22.66
CA GLN F 354 8.42 22.65 22.59
C GLN F 354 9.45 21.64 23.10
N PHE F 355 9.18 21.05 24.27
CA PHE F 355 10.03 20.02 24.85
C PHE F 355 9.33 18.65 24.83
N ARG F 356 8.73 18.34 23.67
CA ARG F 356 7.84 17.21 23.47
C ARG F 356 8.41 15.85 23.91
N ASN F 357 9.67 15.58 23.53
CA ASN F 357 10.33 14.32 23.86
C ASN F 357 11.45 14.49 24.88
N MET F 358 11.33 13.75 25.98
CA MET F 358 12.32 13.77 27.07
C MET F 358 13.58 13.02 26.66
N THR F 359 14.73 13.67 26.84
CA THR F 359 16.02 13.09 26.47
C THR F 359 16.87 12.77 27.71
N ALA F 360 16.35 11.86 28.53
CA ALA F 360 17.05 11.36 29.72
C ALA F 360 17.86 10.12 29.39
N LEU F 361 19.15 10.16 29.71
CA LEU F 361 20.07 9.06 29.42
C LEU F 361 20.42 8.24 30.67
N PRO F 362 20.57 6.90 30.51
CA PRO F 362 20.93 6.03 31.64
C PRO F 362 22.35 6.26 32.15
N ASP F 363 22.55 6.04 33.45
CA ASP F 363 23.85 6.13 34.09
C ASP F 363 24.63 4.85 33.78
N LEU F 364 25.43 4.90 32.72
CA LEU F 364 26.17 3.73 32.21
C LEU F 364 27.18 3.11 33.21
N PRO F 365 27.98 3.94 33.93
CA PRO F 365 28.84 3.35 34.98
C PRO F 365 28.10 2.75 36.18
N GLU F 366 26.90 3.27 36.49
CA GLU F 366 26.05 2.75 37.57
C GLU F 366 25.46 1.38 37.20
N LEU F 367 24.96 1.27 35.97
CA LEU F 367 24.40 0.03 35.44
C LEU F 367 25.45 -1.07 35.26
N ASN F 368 26.67 -0.66 34.90
CA ASN F 368 27.80 -1.57 34.70
C ASN F 368 28.26 -2.20 36.01
N ALA F 369 28.45 -1.38 37.04
CA ALA F 369 28.83 -1.83 38.39
C ALA F 369 27.74 -2.70 39.04
N SER F 370 26.48 -2.39 38.74
CA SER F 370 25.32 -3.17 39.19
C SER F 370 25.25 -4.54 38.53
N LEU F 371 25.56 -4.60 37.23
CA LEU F 371 25.58 -5.84 36.46
C LEU F 371 26.72 -6.75 36.91
N GLU F 372 27.86 -6.16 37.27
CA GLU F 372 29.02 -6.88 37.78
C GLU F 372 28.78 -7.54 39.15
N LYS F 373 27.94 -6.89 39.96
CA LYS F 373 27.52 -7.45 41.26
C LYS F 373 26.54 -8.62 41.08
N LEU F 374 25.64 -8.48 40.09
CA LEU F 374 24.70 -9.53 39.69
C LEU F 374 25.43 -10.78 39.21
N LYS F 375 26.49 -10.58 38.44
CA LYS F 375 27.32 -11.67 37.89
C LYS F 375 28.22 -12.32 38.95
N ALA F 376 28.69 -11.54 39.92
CA ALA F 376 29.49 -12.04 41.04
C ALA F 376 28.68 -12.83 42.06
N GLU F 377 27.38 -12.52 42.16
CA GLU F 377 26.45 -13.26 43.02
C GLU F 377 25.87 -14.48 42.29
N PHE F 378 25.50 -14.27 41.02
CA PHE F 378 25.01 -15.35 40.16
C PHE F 378 25.91 -15.53 38.93
N PRO F 379 26.85 -16.50 38.99
CA PRO F 379 27.71 -16.87 37.85
C PRO F 379 26.94 -17.32 36.60
N ALA F 380 25.65 -17.64 36.76
CA ALA F 380 24.76 -17.99 35.65
C ALA F 380 24.56 -16.83 34.66
N PHE F 381 24.59 -15.61 35.17
CA PHE F 381 24.43 -14.39 34.35
C PHE F 381 25.73 -13.87 33.72
N LYS F 382 26.84 -14.56 33.95
CA LYS F 382 28.16 -14.14 33.47
C LYS F 382 28.28 -14.21 31.93
N GLU F 383 27.64 -15.21 31.34
CA GLU F 383 27.63 -15.40 29.89
C GLU F 383 26.57 -14.56 29.15
N SER F 384 25.74 -13.85 29.90
CA SER F 384 24.62 -13.06 29.37
C SER F 384 25.07 -11.85 28.55
N LYS F 385 24.26 -11.50 27.56
CA LYS F 385 24.50 -10.35 26.68
C LYS F 385 23.53 -9.20 26.95
N LEU F 386 24.01 -7.98 26.71
CA LEU F 386 23.24 -6.76 26.92
C LEU F 386 22.24 -6.53 25.78
N ILE F 387 21.01 -6.17 26.14
CA ILE F 387 19.95 -5.94 25.15
C ILE F 387 19.59 -4.44 25.03
N ASP F 388 19.19 -3.84 26.14
CA ASP F 388 18.71 -2.45 26.14
C ASP F 388 19.09 -1.75 27.45
N GLN F 389 19.34 -0.45 27.35
CA GLN F 389 19.65 0.41 28.50
C GLN F 389 18.92 1.74 28.37
N TRP F 390 18.20 2.13 29.42
CA TRP F 390 17.42 3.38 29.42
C TRP F 390 17.31 4.02 30.80
N SER F 391 16.88 5.28 30.81
CA SER F 391 16.54 6.00 32.05
C SER F 391 15.02 6.15 32.18
N GLY F 392 14.55 6.22 33.43
CA GLY F 392 13.13 6.40 33.71
C GLY F 392 12.86 7.59 34.61
N ALA F 393 12.07 8.54 34.10
CA ALA F 393 11.69 9.76 34.82
C ALA F 393 10.40 9.55 35.61
N MET F 394 10.45 9.87 36.91
CA MET F 394 9.29 9.82 37.80
C MET F 394 8.99 11.19 38.37
N ALA F 395 7.72 11.39 38.76
CA ALA F 395 7.32 12.53 39.58
C ALA F 395 6.65 11.97 40.85
N ILE F 396 7.21 12.31 42.00
CA ILE F 396 6.83 11.71 43.28
C ILE F 396 6.30 12.77 44.25
N ALA F 397 5.18 12.45 44.91
CA ALA F 397 4.58 13.28 45.97
C ALA F 397 5.42 13.24 47.27
N PRO F 398 5.27 14.25 48.16
CA PRO F 398 6.02 14.28 49.43
C PRO F 398 6.00 12.99 50.26
N ASP F 399 4.86 12.31 50.33
CA ASP F 399 4.73 11.08 51.12
C ASP F 399 4.93 9.78 50.34
N GLU F 400 5.35 9.92 49.08
CA GLU F 400 5.61 8.79 48.15
C GLU F 400 4.35 7.99 47.78
N ASN F 401 3.18 8.56 48.07
CA ASN F 401 1.88 7.97 47.77
C ASN F 401 1.21 8.65 46.57
N PRO F 402 0.38 7.91 45.80
CA PRO F 402 -0.26 8.47 44.59
C PRO F 402 -1.16 9.69 44.85
N ILE F 403 -1.33 10.49 43.80
CA ILE F 403 -2.37 11.53 43.79
C ILE F 403 -3.48 11.08 42.84
N ILE F 404 -4.55 10.55 43.43
CA ILE F 404 -5.79 10.22 42.73
C ILE F 404 -6.85 11.08 43.40
N SER F 405 -7.13 12.23 42.81
CA SER F 405 -7.89 13.28 43.48
C SER F 405 -8.81 14.09 42.57
N GLU F 406 -9.88 14.61 43.17
CA GLU F 406 -10.69 15.69 42.61
C GLU F 406 -9.93 17.01 42.72
N VAL F 407 -10.30 17.98 41.90
CA VAL F 407 -9.72 19.33 41.97
C VAL F 407 -10.83 20.34 42.28
N LYS F 408 -10.72 20.94 43.47
CA LYS F 408 -11.75 21.83 44.02
C LYS F 408 -12.05 23.05 43.15
N GLU F 409 -10.99 23.60 42.55
CA GLU F 409 -11.04 24.83 41.76
C GLU F 409 -11.82 24.62 40.46
N TYR F 410 -11.77 23.40 39.94
CA TYR F 410 -12.41 23.06 38.67
C TYR F 410 -13.36 21.86 38.82
N PRO F 411 -14.67 22.13 39.01
CA PRO F 411 -15.67 21.06 39.06
C PRO F 411 -15.77 20.35 37.71
N GLY F 412 -15.61 19.02 37.75
CA GLY F 412 -15.57 18.20 36.53
C GLY F 412 -14.19 17.68 36.19
N LEU F 413 -13.15 18.26 36.81
CA LEU F 413 -11.76 17.87 36.59
C LEU F 413 -11.27 16.93 37.69
N VAL F 414 -10.60 15.86 37.27
CA VAL F 414 -9.91 14.94 38.18
C VAL F 414 -8.49 14.64 37.71
N ILE F 415 -7.63 14.25 38.65
CA ILE F 415 -6.23 13.96 38.37
C ILE F 415 -5.83 12.57 38.88
N ASN F 416 -5.11 11.82 38.02
CA ASN F 416 -4.54 10.53 38.37
C ASN F 416 -3.06 10.49 37.95
N THR F 417 -2.19 10.70 38.93
CA THR F 417 -0.74 10.89 38.69
C THR F 417 0.13 10.61 39.94
N ALA F 418 1.42 10.90 39.83
CA ALA F 418 2.37 10.95 40.95
C ALA F 418 2.61 9.63 41.68
N THR F 419 2.80 8.56 40.91
CA THR F 419 3.00 7.22 41.46
C THR F 419 4.26 6.54 40.90
N GLY F 420 4.98 5.86 41.78
CA GLY F 420 6.11 5.03 41.40
C GLY F 420 5.69 3.58 41.18
N TRP F 421 4.38 3.34 41.31
CA TRP F 421 3.80 2.00 41.17
C TRP F 421 2.57 2.02 40.25
N GLY F 422 2.64 2.83 39.20
CA GLY F 422 1.51 3.06 38.30
C GLY F 422 1.01 1.87 37.52
N MET F 423 1.92 0.92 37.23
CA MET F 423 1.58 -0.31 36.53
C MET F 423 0.72 -1.25 37.38
N THR F 424 1.12 -1.42 38.64
CA THR F 424 0.42 -2.28 39.61
C THR F 424 -0.95 -1.70 39.99
N GLU F 425 -0.98 -0.38 40.21
CA GLU F 425 -2.17 0.31 40.73
C GLU F 425 -3.21 0.65 39.66
N SER F 426 -2.81 0.65 38.38
CA SER F 426 -3.64 1.12 37.26
C SER F 426 -5.08 0.60 37.12
N PRO F 427 -5.34 -0.72 37.32
CA PRO F 427 -6.73 -1.16 37.18
C PRO F 427 -7.67 -0.65 38.29
N VAL F 428 -7.12 -0.45 39.50
CA VAL F 428 -7.88 0.07 40.65
C VAL F 428 -7.94 1.60 40.62
N SER F 429 -6.81 2.23 40.24
CA SER F 429 -6.72 3.69 40.06
C SER F 429 -7.68 4.19 38.99
N ALA F 430 -7.88 3.38 37.94
CA ALA F 430 -8.82 3.66 36.86
C ALA F 430 -10.26 3.82 37.36
N GLU F 431 -10.70 2.86 38.16
CA GLU F 431 -12.06 2.86 38.72
C GLU F 431 -12.23 3.93 39.79
N LEU F 432 -11.16 4.19 40.55
CA LEU F 432 -11.17 5.20 41.61
C LEU F 432 -11.25 6.62 41.04
N THR F 433 -10.55 6.87 39.93
CA THR F 433 -10.59 8.14 39.20
C THR F 433 -11.99 8.37 38.60
N ALA F 434 -12.58 7.30 38.08
CA ALA F 434 -13.94 7.31 37.53
C ALA F 434 -15.01 7.56 38.59
N ASP F 435 -14.82 6.97 39.77
CA ASP F 435 -15.72 7.15 40.93
C ASP F 435 -15.70 8.58 41.48
N LEU F 436 -14.52 9.21 41.46
CA LEU F 436 -14.34 10.60 41.88
C LEU F 436 -14.91 11.58 40.85
N LEU F 437 -14.75 11.24 39.56
CA LEU F 437 -15.22 12.06 38.45
C LEU F 437 -16.74 12.10 38.35
N LEU F 438 -17.37 10.93 38.41
CA LEU F 438 -18.81 10.80 38.17
C LEU F 438 -19.68 10.86 39.43
N GLY F 439 -19.02 11.02 40.59
CA GLY F 439 -19.71 11.18 41.87
C GLY F 439 -20.28 9.89 42.44
N LYS F 440 -19.53 8.81 42.30
CA LYS F 440 -19.88 7.52 42.90
C LYS F 440 -19.09 7.31 44.19
N LYS F 441 -19.61 6.46 45.07
CA LYS F 441 -18.92 6.05 46.30
C LYS F 441 -17.61 5.34 45.94
N PRO F 442 -16.45 5.94 46.30
CA PRO F 442 -15.13 5.49 45.84
C PRO F 442 -14.79 4.06 46.26
N VAL F 443 -14.05 3.35 45.39
CA VAL F 443 -13.70 1.93 45.57
C VAL F 443 -12.84 1.73 46.83
N LEU F 444 -11.84 2.60 46.99
CA LEU F 444 -11.00 2.65 48.18
C LEU F 444 -11.15 4.01 48.86
N ASP F 445 -10.59 4.12 50.07
CA ASP F 445 -10.53 5.39 50.79
C ASP F 445 -9.66 6.38 50.01
N PRO F 446 -10.25 7.51 49.56
CA PRO F 446 -9.53 8.47 48.71
C PRO F 446 -8.75 9.56 49.47
N LYS F 447 -8.91 9.61 50.80
CA LYS F 447 -8.21 10.58 51.66
C LYS F 447 -6.67 10.45 51.68
N PRO F 448 -6.11 9.21 51.59
CA PRO F 448 -4.65 9.11 51.41
C PRO F 448 -4.14 9.47 50.00
N PHE F 449 -5.05 9.65 49.04
CA PHE F 449 -4.69 9.98 47.66
C PHE F 449 -5.09 11.40 47.25
N SER F 450 -5.59 12.17 48.21
CA SER F 450 -6.06 13.54 48.00
C SER F 450 -4.93 14.51 47.67
N LEU F 451 -5.25 15.50 46.85
CA LEU F 451 -4.34 16.57 46.45
C LEU F 451 -4.09 17.55 47.60
N TYR F 452 -4.97 17.49 48.61
CA TYR F 452 -5.02 18.48 49.69
C TYR F 452 -4.61 17.90 51.06
N ARG F 453 -3.84 16.81 51.01
CA ARG F 453 -3.35 16.12 52.21
C ARG F 453 -2.01 16.67 52.73
N PHE F 454 -1.38 17.55 51.94
CA PHE F 454 -0.03 18.04 52.21
C PHE F 454 0.00 19.31 53.03
PA FAD G . 19.00 -16.95 -9.69
O1A FAD G . 18.91 -17.41 -11.12
O2A FAD G . 17.74 -16.56 -8.96
O5B FAD G . 20.02 -15.70 -9.61
C5B FAD G . 21.23 -15.71 -10.34
C4B FAD G . 21.40 -14.34 -10.96
O4B FAD G . 22.77 -14.10 -11.26
C3B FAD G . 20.64 -14.22 -12.28
O3B FAD G . 19.72 -13.13 -12.13
C2B FAD G . 21.70 -13.93 -13.31
O2B FAD G . 21.28 -12.98 -14.29
C1B FAD G . 22.85 -13.39 -12.49
N9A FAD G . 24.20 -13.59 -13.09
C8A FAD G . 24.72 -14.76 -13.51
N7A FAD G . 25.97 -14.59 -13.98
C5A FAD G . 26.28 -13.28 -13.86
C6A FAD G . 27.44 -12.43 -14.16
N6A FAD G . 28.55 -12.97 -14.71
N1A FAD G . 27.36 -11.10 -13.87
C2A FAD G . 26.25 -10.55 -13.32
N3A FAD G . 25.14 -11.28 -13.02
C4A FAD G . 25.10 -12.62 -13.25
N1 FAD G . 12.79 -23.36 -4.74
C2 FAD G . 12.02 -23.57 -3.65
O2 FAD G . 12.52 -23.34 -2.53
N3 FAD G . 10.75 -24.02 -3.75
C4 FAD G . 10.16 -24.28 -4.93
O4 FAD G . 8.98 -24.69 -4.98
C4X FAD G . 10.95 -24.08 -6.18
N5 FAD G . 10.45 -24.32 -7.41
C5X FAD G . 11.20 -24.14 -8.54
C6 FAD G . 10.66 -24.40 -9.81
C7 FAD G . 11.41 -24.19 -10.96
C7M FAD G . 10.81 -24.48 -12.31
C8 FAD G . 12.82 -23.71 -10.84
C8M FAD G . 13.72 -23.45 -12.01
C9 FAD G . 13.36 -23.46 -9.58
C9A FAD G . 12.61 -23.65 -8.42
N10 FAD G . 13.15 -23.37 -7.15
C10 FAD G . 12.35 -23.60 -6.00
C1' FAD G . 14.55 -22.93 -7.01
C2' FAD G . 14.83 -21.45 -6.85
O2' FAD G . 14.22 -20.72 -7.91
C3' FAD G . 16.36 -21.30 -6.96
O3' FAD G . 17.06 -22.35 -6.27
C4' FAD G . 16.83 -19.93 -6.47
O4' FAD G . 16.18 -18.87 -7.18
C5' FAD G . 18.34 -19.84 -6.66
O5' FAD G . 18.71 -18.48 -6.53
P FAD G . 20.03 -17.93 -7.23
O1P FAD G . 20.16 -16.49 -6.81
O2P FAD G . 21.16 -18.87 -6.93
O3P FAD G . 19.76 -18.07 -8.81
C1 16A H . 26.81 -33.57 -40.68
C2 16A H . 26.58 -33.04 -39.28
C3 16A H . 27.30 -31.72 -39.07
C4 16A H . 26.82 -31.02 -37.80
C5 16A H . 27.84 -29.98 -37.34
C6 16A H . 27.17 -28.74 -36.76
C7 16A H . 27.90 -28.27 -35.52
C8 16A H . 27.81 -26.75 -35.37
C9 16A H . 27.89 -26.37 -33.89
C10 16A H . 28.68 -25.08 -33.70
C11 16A H . 30.08 -25.35 -33.17
C12 16A H . 30.49 -24.27 -32.17
C13 16A H . 31.47 -23.28 -32.79
C14 16A H . 32.81 -23.37 -32.09
C15 16A H . 33.31 -22.00 -31.63
C16 16A H . 33.33 -21.90 -30.10
N1 16A H . 34.65 -21.91 -29.41
C17 16A H . 35.41 -23.15 -29.63
C18 16A H . 35.48 -20.76 -29.80
C19 16A H . 34.40 -21.82 -27.97
C1 16A I . 25.82 -40.52 -31.90
C2 16A I . 27.17 -39.90 -31.61
C3 16A I . 27.44 -38.70 -32.51
C4 16A I . 28.70 -37.98 -32.07
C5 16A I . 28.59 -36.48 -32.30
C6 16A I . 28.61 -35.70 -30.97
C7 16A I . 28.86 -34.21 -31.20
C8 16A I . 27.57 -33.44 -31.52
C9 16A I . 27.54 -33.00 -32.99
C10 16A I . 26.46 -31.96 -33.25
C11 16A I . 25.10 -32.59 -33.57
C12 16A I . 24.05 -31.53 -33.83
C13 16A I . 22.88 -31.63 -32.85
C14 16A I . 21.90 -30.50 -33.08
C15 16A I . 20.77 -30.49 -32.05
C16 16A I . 20.04 -29.13 -32.03
N1 16A I . 18.60 -29.12 -32.43
C17 16A I . 18.48 -29.25 -33.88
C18 16A I . 17.82 -30.19 -31.80
C19 16A I . 17.99 -27.82 -32.08
C1 16A J . 23.56 -39.26 -18.94
C2 16A J . 23.35 -37.78 -18.66
C3 16A J . 22.56 -37.59 -17.36
C4 16A J . 22.19 -36.12 -17.17
C5 16A J . 21.00 -35.98 -16.23
C6 16A J . 21.09 -34.68 -15.44
C7 16A J . 20.04 -34.63 -14.34
C8 16A J . 19.60 -33.20 -14.07
C9 16A J . 19.29 -33.00 -12.60
C10 16A J . 17.80 -32.71 -12.39
C11 16A J . 17.27 -33.38 -11.13
C12 16A J . 17.08 -32.37 -10.01
C13 16A J . 15.62 -32.30 -9.56
C14 16A J . 15.38 -31.06 -8.71
C15 16A J . 14.05 -30.39 -9.07
C16 16A J . 13.42 -29.74 -7.82
N1 16A J . 12.58 -28.55 -8.04
C17 16A J . 11.98 -28.17 -6.75
C18 16A J . 13.35 -27.38 -8.50
C19 16A J . 11.46 -28.79 -8.97
PA FAD K . -32.66 -31.83 31.33
O1A FAD K . -33.81 -32.81 31.29
O2A FAD K . -31.36 -32.21 30.68
O5B FAD K . -32.36 -31.44 32.85
C5B FAD K . -33.39 -31.16 33.78
C4B FAD K . -33.04 -31.88 35.08
O4B FAD K . -33.74 -31.28 36.17
C3B FAD K . -33.44 -33.35 35.05
O3B FAD K . -32.26 -34.14 35.23
C2B FAD K . -34.42 -33.51 36.20
O2B FAD K . -34.19 -34.72 36.92
C1B FAD K . -34.17 -32.29 37.07
N9A FAD K . -35.35 -31.81 37.84
C8A FAD K . -36.59 -31.57 37.34
N7A FAD K . -37.42 -31.12 38.31
C5A FAD K . -36.72 -31.06 39.45
C6A FAD K . -37.00 -30.66 40.86
N6A FAD K . -38.23 -30.24 41.24
N1A FAD K . -35.98 -30.76 41.75
C2A FAD K . -34.75 -31.18 41.39
N3A FAD K . -34.43 -31.55 40.13
C4A FAD K . -35.35 -31.51 39.13
N1 FAD K . -30.18 -30.47 21.37
C2 FAD K . -29.20 -30.14 20.49
O2 FAD K . -28.61 -29.05 20.65
N3 FAD K . -28.83 -30.95 19.48
C4 FAD K . -29.43 -32.13 19.27
O4 FAD K . -29.06 -32.85 18.31
C4X FAD K . -30.53 -32.57 20.18
N5 FAD K . -31.18 -33.74 20.04
C5X FAD K . -32.19 -34.11 20.88
C6 FAD K . -32.84 -35.34 20.71
C7 FAD K . -33.86 -35.74 21.57
C7M FAD K . -34.53 -37.06 21.35
C8 FAD K . -34.25 -34.84 22.70
C8M FAD K . -35.34 -35.21 23.66
C9 FAD K . -33.60 -33.61 22.88
C9A FAD K . -32.58 -33.21 22.02
N10 FAD K . -31.91 -31.98 22.20
C10 FAD K . -30.88 -31.63 21.28
C1' FAD K . -32.28 -31.06 23.28
C2' FAD K . -31.44 -31.12 24.54
O2' FAD K . -31.13 -32.47 24.88
C3' FAD K . -32.21 -30.46 25.68
O3' FAD K . -32.89 -29.28 25.21
C4' FAD K . -31.32 -30.11 26.87
O4' FAD K . -30.74 -31.31 27.41
C5' FAD K . -32.12 -29.38 27.96
O5' FAD K . -31.43 -29.35 29.20
P FAD K . -32.23 -29.11 30.57
O1P FAD K . -31.22 -29.03 31.68
O2P FAD K . -33.20 -27.96 30.37
O3P FAD K . -33.15 -30.43 30.70
C1 16A L . -50.61 -50.82 29.91
C2 16A L . -50.67 -50.36 28.47
C3 16A L . -51.95 -49.58 28.19
C4 16A L . -52.83 -50.29 27.16
C5 16A L . -53.37 -49.32 26.12
C6 16A L . -54.77 -48.83 26.46
C7 16A L . -54.98 -47.42 25.95
C8 16A L . -55.31 -46.45 27.08
C9 16A L . -56.77 -46.03 27.01
C10 16A L . -56.91 -44.56 26.60
C11 16A L . -57.26 -43.71 27.81
C12 16A L . -58.48 -42.86 27.54
C13 16A L . -58.43 -41.56 28.33
C14 16A L . -59.74 -41.33 29.06
C15 16A L . -59.68 -40.05 29.86
C16 16A L . -60.52 -40.17 31.15
N1 16A L . -60.33 -39.10 32.15
C17 16A L . -61.10 -39.44 33.35
C18 16A L . -58.91 -38.95 32.57
C19 16A L . -60.85 -37.79 31.69
C1 16A M . -52.77 -49.15 19.34
C2 16A M . -53.84 -49.27 20.40
C3 16A M . -53.60 -48.30 21.56
C4 16A M . -54.54 -47.10 21.50
C5 16A M . -55.78 -47.32 22.34
C6 16A M . -56.43 -46.00 22.74
C7 16A M . -57.93 -46.09 22.50
C8 16A M . -58.52 -44.70 22.30
C9 16A M . -59.83 -44.59 23.08
C10 16A M . -60.33 -43.16 23.11
C11 16A M . -60.68 -42.76 24.54
C12 16A M . -61.60 -41.56 24.53
C13 16A M . -60.91 -40.36 25.18
C14 16A M . -61.77 -39.83 26.32
C15 16A M . -61.46 -38.35 26.52
C16 16A M . -61.90 -37.88 27.92
N1 16A M . -62.27 -36.44 27.97
C17 16A M . -62.90 -36.12 29.26
C18 16A M . -61.07 -35.58 27.86
C19 16A M . -63.24 -36.15 26.92
C1 16A N . -50.50 -39.22 42.16
C2 16A N . -51.53 -38.56 43.12
C3 16A N . -52.94 -38.62 42.55
C4 16A N . -53.77 -39.70 43.23
C5 16A N . -55.25 -39.35 43.22
C6 16A N . -56.09 -40.58 43.55
C7 16A N . -57.07 -40.88 42.43
C8 16A N . -57.97 -42.03 42.82
C9 16A N . -58.68 -42.62 41.61
C10 16A N . -60.02 -43.22 42.03
C11 16A N . -60.03 -44.74 41.97
C12 16A N . -60.17 -45.23 40.53
C13 16A N . -61.51 -45.90 40.31
C14 16A N . -61.37 -46.92 39.21
C15 16A N . -62.24 -46.57 38.02
C16 16A N . -62.71 -47.84 37.31
N1 16A N . -62.34 -48.00 35.88
C17 16A N . -62.95 -49.24 35.40
C18 16A N . -62.84 -46.91 35.03
C19 16A N . -60.88 -48.13 35.69
C1 16A O . -35.03 -32.29 18.55
C2 16A O . -35.59 -31.42 17.43
C3 16A O . -36.77 -30.61 17.92
C4 16A O . -37.91 -30.62 16.91
C5 16A O . -39.25 -30.54 17.63
C6 16A O . -40.40 -30.29 16.65
C7 16A O . -41.60 -29.70 17.36
C8 16A O . -42.60 -30.79 17.78
C9 16A O . -43.98 -30.19 18.04
C10 16A O . -44.56 -30.68 19.36
C11 16A O . -46.02 -31.04 19.18
C12 16A O . -46.90 -30.36 20.23
C13 16A O . -48.26 -31.03 20.33
C14 16A O . -49.31 -30.33 19.47
C15 16A O . -50.64 -30.29 20.21
C16 16A O . -51.79 -29.87 19.29
N1 16A O . -53.12 -30.48 19.56
C17 16A O . -54.11 -29.73 18.76
C18 16A O . -53.18 -31.88 19.14
C19 16A O . -53.53 -30.39 20.97
C1 16A P . -60.72 -45.68 32.06
C2 16A P . -60.92 -44.31 32.68
C3 16A P . -60.31 -44.27 34.07
C4 16A P . -60.33 -42.87 34.65
C5 16A P . -61.45 -42.71 35.67
C6 16A P . -61.08 -41.67 36.73
C7 16A P . -61.48 -42.16 38.11
C8 16A P . -62.48 -41.21 38.77
C9 16A P . -62.06 -40.86 40.18
C10 16A P . -61.57 -39.43 40.26
C11 16A P . -61.86 -38.82 41.64
C12 16A P . -60.57 -38.45 42.39
C13 16A P . -59.86 -37.26 41.74
C14 16A P . -58.35 -37.37 41.93
C15 16A P . -57.61 -36.28 41.16
C16 16A P . -57.65 -34.94 41.91
N1 16A P . -56.56 -33.98 41.67
C17 16A P . -55.30 -34.42 42.32
C18 16A P . -56.33 -33.70 40.24
C19 16A P . -56.95 -32.70 42.31
PA FAD Q . 21.50 22.57 7.56
O1A FAD Q . 21.17 23.11 8.94
O2A FAD Q . 20.42 22.56 6.51
O5B FAD Q . 22.06 21.08 7.70
C5B FAD Q . 22.96 20.73 8.74
C4B FAD Q . 22.57 19.38 9.31
O4B FAD Q . 23.69 18.77 9.97
C3B FAD Q . 21.46 19.49 10.35
O3B FAD Q . 20.38 18.65 9.93
C2B FAD Q . 22.09 19.01 11.65
O2B FAD Q . 21.20 18.22 12.42
C1B FAD Q . 23.26 18.16 11.18
N9A FAD Q . 24.42 18.09 12.12
C8A FAD Q . 25.08 19.12 12.65
N7A FAD Q . 26.09 18.71 13.45
C5A FAD Q . 26.10 17.37 13.43
C6A FAD Q . 26.92 16.31 14.06
N6A FAD Q . 27.94 16.62 14.89
N1A FAD Q . 26.60 15.02 13.79
C2A FAD Q . 25.58 14.70 12.96
N3A FAD Q . 24.79 15.62 12.36
C4A FAD Q . 25.00 16.95 12.55
N1 FAD Q . 18.72 30.26 1.24
C2 FAD Q . 18.35 30.59 -0.02
O2 FAD Q . 19.09 30.24 -0.95
N3 FAD Q . 17.21 31.26 -0.28
C4 FAD Q . 16.36 31.65 0.70
O4 FAD Q . 15.31 32.28 0.42
C4X FAD Q . 16.71 31.33 2.11
N5 FAD Q . 15.92 31.69 3.15
C5X FAD Q . 16.27 31.39 4.44
C6 FAD Q . 15.43 31.76 5.49
C7 FAD Q . 15.76 31.44 6.80
C7M FAD Q . 14.84 31.87 7.92
C8 FAD Q . 17.03 30.69 7.09
C8M FAD Q . 17.45 30.32 8.48
C9 FAD Q . 17.86 30.31 6.03
C9A FAD Q . 17.52 30.62 4.71
N10 FAD Q . 18.36 30.24 3.64
C10 FAD Q . 17.98 30.59 2.33
C1' FAD Q . 19.63 29.53 3.88
C2' FAD Q . 19.62 28.02 3.74
O2' FAD Q . 18.46 27.48 4.38
C3' FAD Q . 20.87 27.47 4.41
O3' FAD Q . 22.02 28.28 4.12
C4' FAD Q . 21.15 26.02 4.00
O4' FAD Q . 20.03 25.19 4.32
C5' FAD Q . 22.37 25.50 4.73
O5' FAD Q . 22.42 24.10 4.57
P FAD Q . 23.37 23.21 5.52
O1P FAD Q . 23.19 21.78 5.07
O2P FAD Q . 24.73 23.84 5.51
O3P FAD Q . 22.76 23.41 6.99
C1 16A R . 27.10 47.66 20.50
C2 16A R . 27.04 47.09 21.90
C3 16A R . 26.14 45.85 21.94
C4 16A R . 25.22 45.89 23.16
C5 16A R . 24.25 44.72 23.12
C6 16A R . 24.46 43.73 24.25
C7 16A R . 25.33 42.55 23.84
C8 16A R . 26.72 42.66 24.45
C9 16A R . 27.59 41.44 24.15
C10 16A R . 28.44 41.61 22.90
C11 16A R . 29.85 42.08 23.22
C12 16A R . 30.45 42.83 22.05
C13 16A R . 30.96 44.20 22.49
C14 16A R . 31.95 44.76 21.48
C15 16A R . 31.68 46.24 21.20
C16 16A R . 32.97 46.99 20.85
N1 16A R . 32.96 48.47 20.98
C17 16A R . 34.26 48.96 20.53
C18 16A R . 31.93 49.12 20.15
C19 16A R . 32.77 48.90 22.37
PA FAD S . 12.81 -0.64 -39.48
O1A FAD S . 13.81 -1.62 -38.92
O2A FAD S . 12.99 0.83 -39.19
O5B FAD S . 11.35 -1.08 -38.99
C5B FAD S . 10.98 -2.44 -38.85
C4B FAD S . 10.14 -2.56 -37.59
O4B FAD S . 9.23 -3.65 -37.74
C3B FAD S . 11.00 -2.86 -36.38
O3B FAD S . 10.76 -1.86 -35.37
C2B FAD S . 10.58 -4.25 -35.92
O2B FAD S . 10.52 -4.35 -34.50
C1B FAD S . 9.19 -4.41 -36.54
N9A FAD S . 8.78 -5.81 -36.85
C8A FAD S . 9.46 -6.73 -37.55
N7A FAD S . 8.77 -7.89 -37.68
C5A FAD S . 7.61 -7.73 -37.04
C6A FAD S . 6.41 -8.56 -36.78
N6A FAD S . 6.33 -9.82 -37.24
N1A FAD S . 5.39 -7.99 -36.07
C2A FAD S . 5.44 -6.73 -35.61
N3A FAD S . 6.50 -5.93 -35.81
C4A FAD S . 7.60 -6.35 -36.51
N1 FAD S . 18.81 5.79 -44.98
C2 FAD S . 18.97 7.03 -45.51
O2 FAD S . 18.07 7.47 -46.26
N3 FAD S . 20.06 7.79 -45.25
C4 FAD S . 21.06 7.36 -44.45
O4 FAD S . 22.06 8.09 -44.23
C4X FAD S . 20.96 6.00 -43.84
N5 FAD S . 21.92 5.50 -43.03
C5X FAD S . 21.80 4.26 -42.49
C6 FAD S . 22.80 3.75 -41.66
C7 FAD S . 22.68 2.48 -41.09
C7M FAD S . 23.78 1.97 -40.19
C8 FAD S . 21.47 1.66 -41.38
C8M FAD S . 21.28 0.28 -40.79
C9 FAD S . 20.47 2.15 -42.21
C9A FAD S . 20.58 3.42 -42.79
N10 FAD S . 19.56 3.94 -43.61
C10 FAD S . 19.73 5.23 -44.18
C1' FAD S . 18.37 3.15 -43.95
C2' FAD S . 17.11 3.40 -43.14
O2' FAD S . 17.43 3.64 -41.76
C3' FAD S . 16.23 2.15 -43.27
O3' FAD S . 16.21 1.69 -44.64
C4' FAD S . 14.81 2.37 -42.78
O4' FAD S . 14.82 2.71 -41.39
C5' FAD S . 14.00 1.10 -42.99
O5' FAD S . 12.69 1.29 -42.46
P FAD S . 11.80 0.03 -42.06
O1P FAD S . 10.61 0.59 -41.31
O2P FAD S . 11.55 -0.83 -43.28
O3P FAD S . 12.73 -0.86 -41.07
C1 16A T . 27.55 -24.88 -46.12
C2 16A T . 26.94 -25.59 -44.93
C3 16A T . 27.91 -25.60 -43.76
C4 16A T . 27.32 -24.89 -42.55
C5 16A T . 27.47 -25.73 -41.29
C6 16A T . 26.75 -25.08 -40.11
C7 16A T . 25.42 -25.76 -39.81
C8 16A T . 25.14 -25.74 -38.31
C9 16A T . 24.13 -26.81 -37.92
C10 16A T . 23.24 -26.32 -36.78
C11 16A T . 22.42 -27.42 -36.14
C12 16A T . 21.15 -27.75 -36.92
C13 16A T . 19.92 -27.00 -36.42
C14 16A T . 18.67 -27.73 -36.86
C15 16A T . 17.65 -26.80 -37.51
C16 16A T . 16.44 -26.54 -36.60
N1 16A T . 15.20 -26.08 -37.28
C17 16A T . 14.31 -25.55 -36.24
C18 16A T . 15.41 -25.00 -38.26
C19 16A T . 14.50 -27.20 -37.94
C1 16A U . 35.01 -12.72 -55.92
C2 16A U . 35.43 -14.16 -55.75
C3 16A U . 34.65 -15.07 -56.69
C4 16A U . 35.10 -16.53 -56.56
C5 16A U . 33.97 -17.50 -56.91
C6 16A U . 33.22 -18.00 -55.68
C7 16A U . 31.76 -17.58 -55.72
C8 16A U . 30.83 -18.78 -55.88
C9 16A U . 29.70 -18.50 -56.86
C10 16A U . 28.54 -19.48 -56.64
C11 16A U . 27.73 -19.71 -57.90
C12 16A U . 26.44 -20.45 -57.56
C13 16A U . 25.44 -20.46 -58.71
C14 16A U . 24.25 -21.34 -58.38
C15 16A U . 23.22 -21.35 -59.52
C16 16A U . 21.80 -21.59 -58.98
N1 16A U . 20.73 -21.95 -59.95
C17 16A U . 19.45 -21.85 -59.23
C18 16A U . 20.66 -21.03 -61.10
C19 16A U . 20.86 -23.33 -60.41
C1 16A V . 23.63 2.75 -45.64
C2 16A V . 24.62 2.40 -46.73
C3 16A V . 23.98 1.59 -47.85
C4 16A V . 24.19 0.09 -47.65
C5 16A V . 24.93 -0.53 -48.83
C6 16A V . 25.56 -1.86 -48.42
C7 16A V . 25.31 -2.96 -49.45
C8 16A V . 26.10 -4.19 -49.03
C9 16A V . 25.67 -5.45 -49.77
C10 16A V . 26.59 -6.59 -49.33
C11 16A V . 25.93 -7.95 -49.58
C12 16A V . 26.82 -8.77 -50.51
C13 16A V . 26.87 -10.22 -50.07
C14 16A V . 27.76 -10.98 -51.04
C15 16A V . 27.77 -12.45 -50.67
C16 16A V . 27.96 -13.28 -51.94
N1 16A V . 28.53 -14.63 -51.74
C17 16A V . 28.45 -15.37 -53.00
C18 16A V . 29.95 -14.52 -51.37
C19 16A V . 27.77 -15.37 -50.71
PA FAD W . -23.70 19.29 -21.45
O1A FAD W . -24.56 20.50 -21.70
O2A FAD W . -22.74 19.31 -20.30
O5B FAD W . -22.90 19.01 -22.80
C5B FAD W . -23.58 18.82 -24.04
C4B FAD W . -22.74 19.42 -25.15
O4B FAD W . -23.22 18.93 -26.40
C3B FAD W . -22.86 20.93 -25.20
O3B FAD W . -21.56 21.50 -24.98
C2B FAD W . -23.40 21.24 -26.58
O2B FAD W . -22.75 22.38 -27.15
C1B FAD W . -23.13 19.97 -27.37
N9A FAD W . -24.06 19.69 -28.49
C8A FAD W . -25.40 19.63 -28.43
N7A FAD W . -25.95 19.34 -29.64
C5A FAD W . -24.94 19.20 -30.50
C6A FAD W . -24.80 18.89 -31.96
N6A FAD W . -25.88 18.66 -32.73
N1A FAD W . -23.55 18.83 -32.47
C2A FAD W . -22.44 19.05 -31.72
N3A FAD W . -22.50 19.34 -30.40
C4A FAD W . -23.69 19.42 -29.75
N1 FAD W . -24.88 17.58 -11.42
C2 FAD W . -24.32 17.06 -10.29
O2 FAD W . -23.95 15.87 -10.32
N3 FAD W . -24.14 17.79 -9.16
C4 FAD W . -24.51 19.07 -9.08
O4 FAD W . -24.34 19.71 -8.02
C4X FAD W . -25.14 19.71 -10.28
N5 FAD W . -25.55 21.00 -10.28
C5X FAD W . -26.13 21.56 -11.38
C6 FAD W . -26.54 22.90 -11.35
C7 FAD W . -27.11 23.48 -12.47
C7M FAD W . -27.55 24.93 -12.39
C8 FAD W . -27.31 22.68 -13.72
C8M FAD W . -27.91 23.25 -14.96
C9 FAD W . -26.91 21.34 -13.76
C9A FAD W . -26.31 20.75 -12.64
N10 FAD W . -25.89 19.40 -12.67
C10 FAD W . -25.31 18.85 -11.49
C1' FAD W . -26.09 18.59 -13.88
C2' FAD W . -24.87 18.33 -14.76
O2' FAD W . -24.10 19.53 -14.91
C3' FAD W . -25.38 17.81 -16.12
O3' FAD W . -26.26 16.69 -15.90
C4' FAD W . -24.26 17.38 -17.08
O4' FAD W . -23.30 18.42 -17.25
C5' FAD W . -24.87 17.06 -18.44
O5' FAD W . -23.83 16.63 -19.32
P FAD W . -24.12 16.50 -20.90
O1P FAD W . -22.79 16.18 -21.54
O2P FAD W . -25.27 15.55 -21.10
O3P FAD W . -24.64 17.98 -21.33
C1 16A X . -30.17 20.78 -9.62
C2 16A X . -30.63 19.44 -10.16
C3 16A X . -32.03 19.10 -9.66
C4 16A X . -33.04 19.18 -10.80
C5 16A X . -34.24 20.02 -10.38
C6 16A X . -35.54 19.25 -10.59
C7 16A X . -36.74 20.18 -10.68
C8 16A X . -37.04 20.54 -12.13
C9 16A X . -38.51 20.39 -12.45
C10 16A X . -38.90 21.28 -13.62
C11 16A X . -39.92 20.58 -14.50
C12 16A X . -40.38 21.52 -15.61
C13 16A X . -41.70 21.05 -16.20
C14 16A X . -42.86 21.93 -15.73
C15 16A X . -43.88 22.07 -16.85
C16 16A X . -45.18 22.69 -16.30
N1 16A X . -46.43 22.38 -17.02
C17 16A X . -46.48 22.97 -18.37
C18 16A X . -46.62 20.93 -17.10
C19 16A X . -47.58 22.90 -16.24
PA FAD Y . 3.28 8.12 31.76
O1A FAD Y . 4.51 8.99 31.69
O2A FAD Y . 3.41 6.63 31.51
O5B FAD Y . 2.21 8.67 30.72
C5B FAD Y . 1.95 10.07 30.60
C4B FAD Y . 1.81 10.39 29.12
O4B FAD Y . 1.14 11.64 28.97
C3B FAD Y . 3.16 10.53 28.44
O3B FAD Y . 3.24 9.56 27.38
C2B FAD Y . 3.20 11.95 27.90
O2B FAD Y . 3.76 12.00 26.58
C1B FAD Y . 1.74 12.39 27.93
N9A FAD Y . 1.50 13.83 28.24
C8A FAD Y . 2.05 14.55 29.23
N7A FAD Y . 1.60 15.83 29.24
C5A FAD Y . 0.74 15.94 28.21
C6A FAD Y . -0.11 17.02 27.65
N6A FAD Y . -0.10 18.25 28.19
N1A FAD Y . -0.88 16.73 26.57
C2A FAD Y . -0.90 15.50 26.02
N3A FAD Y . -0.16 14.47 26.49
C4A FAD Y . 0.67 14.62 27.56
N1 FAD Y . 5.57 0.50 38.68
C2 FAD Y . 5.34 -0.74 39.19
O2 FAD Y . 4.19 -1.04 39.54
N3 FAD Y . 6.33 -1.65 39.34
C4 FAD Y . 7.61 -1.40 38.99
O4 FAD Y . 8.49 -2.26 39.14
C4X FAD Y . 7.92 -0.05 38.42
N5 FAD Y . 9.18 0.29 38.04
C5X FAD Y . 9.46 1.51 37.53
C6 FAD Y . 10.76 1.82 37.15
C7 FAD Y . 11.07 3.07 36.61
C7M FAD Y . 12.50 3.37 36.22
C8 FAD Y . 9.99 4.09 36.44
C8M FAD Y . 10.23 5.46 35.86
C9 FAD Y . 8.69 3.78 36.82
C9A FAD Y . 8.37 2.54 37.36
N10 FAD Y . 7.03 2.19 37.73
C10 FAD Y . 6.80 0.90 38.28
C1' FAD Y . 5.93 3.16 37.62
C2' FAD Y . 5.11 3.19 36.33
O2' FAD Y . 5.96 2.99 35.21
C3' FAD Y . 4.43 4.55 36.22
O3' FAD Y . 3.96 5.00 37.51
C4' FAD Y . 3.26 4.58 35.24
O4' FAD Y . 3.68 4.16 33.93
C5' FAD Y . 2.68 5.99 35.16
O5' FAD Y . 1.76 6.12 34.07
P FAD Y . 1.22 7.60 33.68
O1P FAD Y . 0.22 7.43 32.56
O2P FAD Y . 0.80 8.29 34.94
O3P FAD Y . 2.55 8.37 33.17
C1 16A Z . 19.06 32.46 34.52
C2 16A Z . 18.36 31.18 34.95
C3 16A Z . 19.32 30.26 35.70
C4 16A Z . 19.17 30.41 37.22
C5 16A Z . 19.72 29.19 37.94
C6 16A Z . 20.95 29.56 38.79
C7 16A Z . 21.47 28.38 39.59
C8 16A Z . 22.18 27.34 38.72
C9 16A Z . 23.57 26.98 39.25
C10 16A Z . 24.36 26.18 38.23
C11 16A Z . 24.43 24.69 38.60
C12 16A Z . 25.16 23.87 37.55
C13 16A Z . 26.32 23.12 38.19
C14 16A Z . 26.71 21.85 37.43
C15 16A Z . 27.53 20.91 38.31
C16 16A Z . 27.53 19.50 37.72
N1 16A Z . 28.38 18.46 38.35
C17 16A Z . 29.82 18.81 38.26
C18 16A Z . 28.01 18.17 39.75
C19 16A Z . 28.20 17.21 37.58
C1 16A AA . 15.29 19.45 50.00
C2 16A AA . 15.24 17.93 50.05
C3 16A AA . 14.66 17.35 48.77
C4 16A AA . 14.49 15.85 48.93
C5 16A AA . 13.99 15.19 47.64
C6 16A AA . 14.16 13.68 47.71
C7 16A AA . 12.87 12.96 47.34
C8 16A AA . 13.00 12.29 45.99
C9 16A AA . 12.07 11.08 45.90
C10 16A AA . 12.83 9.78 46.16
C11 16A AA . 11.87 8.63 46.45
C12 16A AA . 11.64 7.80 45.18
C13 16A AA . 11.67 6.31 45.49
C14 16A AA . 10.47 5.61 44.87
C15 16A AA . 10.88 4.80 43.64
C16 16A AA . 9.79 3.80 43.22
N1 16A AA . 10.25 2.59 42.49
C17 16A AA . 9.12 1.66 42.41
C18 16A AA . 10.68 2.88 41.11
C19 16A AA . 11.33 1.88 43.18
#